data_8QSZ
#
_entry.id   8QSZ
#
_cell.length_a   1.00
_cell.length_b   1.00
_cell.length_c   1.00
_cell.angle_alpha   90.00
_cell.angle_beta   90.00
_cell.angle_gamma   90.00
#
_symmetry.space_group_name_H-M   'P 1'
#
loop_
_entity.id
_entity.type
_entity.pdbx_description
1 polymer 'DNA-directed RNA polymerase II subunit rpb1'
2 polymer 'DNA-directed RNA polymerase II subunit RPB2'
3 polymer 'DNA-directed RNA polymerase II subunit RPB3'
4 polymer 'DNA-directed RNA polymerases I, II, and III subunit RPABC1'
5 polymer 'DNA-directed RNA polymerases I, II, and III subunit RPABC2'
6 polymer 'DNA-directed RNA polymerase II subunit rpb7'
7 polymer 'DNA-directed RNA polymerases I, II, and III subunit RPABC3'
8 polymer 'DNA-directed RNA polymerase II subunit RPB9,RBP9'
9 polymer 'DNA-directed RNA polymerases I, II, and III subunit RPABC5'
10 polymer 'DNA-directed RNA polymerase II subunit RPB11'
11 polymer 'DNA-directed RNA polymerases I, II, and III subunit RPABC4'
12 polymer 'Transcription elongation factor spt5'
13 polymer 'DNA none template (34-MER)'
14 polymer "RNA (5'-R(P*AP*UP*CP*GP*AP*GP*AP*GP*GP*U)-3')"
15 polymer 'DNA template (40-MER)'
16 polymer "5'-3' exoribonuclease 2"
17 non-polymer 'ZINC ION'
#
loop_
_entity_poly.entity_id
_entity_poly.type
_entity_poly.pdbx_seq_one_letter_code
_entity_poly.pdbx_strand_id
1 'polypeptide(L)'
;MSGIQFSPSSVPLRRVEEVQFGILSPEEIRSMSVAKIEFPETMDESGQRPRVGGLLDPRLGTIDRQFKCQTCGETMADCP
GHFGHIELAKPVFHIGFLSKIKKILECVCWNCGKLKIDSSNPKFNDTQRYRDPKNRLNAVWNVCKTKMVCDTGLSAGSDN
FDLSNPSANMGHGGCGAAQPTIRKDGLRLWGSWKRGKDESDLPEKRLLSPLEVHTIFTHISSEDLAHLGLNEQYARPDWM
IITVLPVPPPSVRPSISVDGTSRGEDDLTHKLSDIIKANANVRRCEQEGAPAHIVSEYEQLLQFHVATYMDNEIAGQPQA
LQKSGRPLKSIRARLKGKEGRLRGNLMGKRVDFSARTVITGDPNLSLDELGVPRSIAKTLTYPETVTPYNIYQLQELVRN
GPDEHPGAKYIIRDTGERIDLRYHKRAGDIPLRYGWRVERHIRDGDVVIFNRQPSLHKMSMMGHRIRVMPYSTFRLNLSV
TSPYNADFDGDEMNMHVPQSEETRAEIQEITMVPKQIVSPQSNKPVMGIVQDTLAGVRKFSLRDNFLTRNAVMNIMLWVP
DWDGILPPPVILKPKVLWTGKQILSLIIPKGINLIRDDDKQSLSNPTDSGMLIENGEIIYGVVDKKTVGASQGGLVHTIW
KEKGPEICKGFFNGIQRVVNYWLLHNGFSIGIGDTIADADTMKEVTRTVKEARRQVAECIQDAQHNRLKPEPGMTLRESF
EAKVSRILNQARDNAGRSAEHSLKDSNNVKQMVAAGSKGSFINISQMSACVGQQIVEGKRIPFGFKYRTLPHFPKDDDSP
ESRGFIENSYLRGLTPQEFFFHAMAGREGLIDTAVKTAETGYIQRRLVKAMEDVMVRYDGTVRNAMGDIIQFAYGEDGLD
ATLVEYQVFDSLRLSTKQFEKKYRIDLMEDRSLSLYMENSIENDSSVQDLLDEEYTQLVADRELLCKFIFPKGDARWPLP
VNVQRIIQNALQIFHLEAKKPTDLLPSDIINGLNELIAKLTIFRGSDRITRDVQNNATLLFQILLRSKFAVKRVIMEYRL
NKVAFEWIMGEVEARFQQAVVSPGEMVGTLAAQSIGEPATQMTLNTFHYAGVSSKNVTLGVPRLKEILNVAKNIKTPSLT
IYLMPWIAANMDLAKNVQTQIEHTTLSTVTSATEIHYDPDPQDTVIEEDKDFVEAFFAIPDEEVEENLYKQSPWLLRLEL
DRAKMLDKKLSMSDVAGKIAESFERDLFTIWSEDNADKLIIRCRIIRDDDRKAEDDDNMIEEDVFLKTIEGHMLESISLR
GVPNITRVYMMEHKIVRQIEDGTFERADEWVLETDGINLTEAMTVEGVDATRTYSNSFVEILQILGIEATRSALLKELRN
VIEFDGSYVNYRHLALLCDVMTSRGHLMAITRHGINRAETGALMRCSFEETVEILMDAAASGEKDDCKGISENIMLGQLA
PMGTGAFDIYLDQDMLMNYSLGTAVPTLAGSGMGTSQLPEGAGTPYERSPMVDSGFVGSPDAAAFSPLVQGGSEGREGFG
DYGLLGAASPYKGVQSPGYTSPFSSAMSPGYGLTSPSYSPSSPGYSTSPAYMPSSPSYSPTSPSYSPTSPSYSPTSPSYS
PTSPSYSATSPSYSPTSPSYSPTSPSYSPTSPSYSPTSPSYSPTSPSYSPTSPSYSPTSPSYSPTSPSYSPTSPSYSPTS
PSYSPTSPSYSPTSPSYSPTSPSYSPTSPSYSPTSPSYSPTSPSYSPTSPSYSPTSPSYSPTSPSYSPTSPS
;
A
2 'polypeptide(L)'
;MSYEDYQYNETLTQEDCWTVISSFFEETSLARQQLFSFDEFVQNTMQEIVDDDSTLTLDQYAQHTGAQGDVTRRYEINFG
QIYLSRPTMTEADGSTTTMFPQEARLRNLTYSSPLYVDMRKKVMVAADSNVPIGEEEWLVEEEDEEPSKVFIGKIPIMLR
STFCILNGVSDSELYDLNECPYDQGGYFIINGSEKVIIAQERSAANIVQVFKKAAPSPIAYVAEIRSALERGSRLISSMQ
IKLMARNTENSGQTIRATLPYIRSDIPIVIVFRALGVVPDRDILEHICYDPNDFQMLEMMKPCIEEAFVIQDKDIALDYI
GKRGSTTGVTREKRLRYAHDILQKELLPHITTMEGFETRKAFFLGYMIHRMLLCALERREPDDRDHFGKKRLDLAGPLLA
SLFRMLFRKMTRDVYKYMQKCVETNREFNLTLAVKSNIITNGLRYSLATGNWGDQKRSMVNRVGVSQVLNRYTFASTLSH
LRRTNTPIGRDGKLAKPRQLHNTHWGMVCPAETPEGQACGLVKNLSLMSYVSVGSPSAPIIEFLEEWGLETLEDYNPSAS
PNATKVFVNGVWLGVHRDPAHLTETLRSLRRRLDISAEVSIVRDIREKELRLFTDAGRICRPLFIVDNNPNSERRGELCI
RKEHIQQLIEDKDRYDIDPEQRFGWTALVSSGLIEYLDAEEEETVMIAMSPEDLEASRQMQAGYEVKEELDPAQRVKPAP
NPHVHAWTHCEIHPAMILGILASIIPFPDHNQSPRNTYQSAMGKQAMGVYLTNYQVRMDTMANILYYPQKPLATTRSMEY
LKFRELPAGQNAIVAILCYSGYNQEDSIIMNQASIDRGLFRSIFYRTYTDQEKKIGMTVMEEFERPVRSTTLRMKHGTYD
KLEDDGLIAPGTRVSGEDIIIGKTAPIPLDHEELGQRTQLHAKRDVSTPLRSTESGIVDQVMVTTNQEGLKFVKVRMRST
RIPQIGDKFASRHGQKGTIGMTYRHEDMPFSAQGIVPDIIINPHAIPSRMTVAHLVECQLSKVSALSGFEGDATPFTDVT
VEAVSKLLRSHGFQSRGFEVMYHGHTGRKLVAQVFLGPTYYQRLKHLVDDKIHARARGPVQILTRQPVEGRSRDGGLRFG
EMERDCQISHGCSSVLRERLFDCSDAYRVIVCDICGLIAIASYKKDSYECRSCQNRTRFSQVYLPYAAKLLFQELMSMNI
APRLFTKNHK
;
B
3 'polypeptide(L)'
;MDSETHITIRNISKNSVDFVLTNTSLAVANSLRRVVLAEIPTVAIDLVEINVNTSVMPDEFLAHRLGMIPLDSSNIDEPP
PVGLEYTRNCDCDQYCPKCSVELFLNAKCTGEGTMEIYARDLVVSSNSSLGHPILADPKSRGPLICKLRKEQEISLRCIA
KKGIAKEHAKWSPTSAVAFEYDPWNKLQHTDYWFENDADAEWPKSKNADWEEPPREGEPFNFQEEPRRFYMDVESVGSIP
PNEIMVQGLRILQEKLAVLVRDLDEEQPTQLSANELNMEENAEMNWSPYQNGEENTW
;
C
4 'polypeptide(L)'
;MSAEEKNIVRVFRAWKTAHQLVHDRGYGVSQAELDLTLDQFKAMHCGMGRNLDRTTLSFYAKPSNDSNKGTIYIEFAKEP
SVGIKEMRTFVHTLGDHNHKTGILIYANSMTPSAAKIIATVTGQFTIETFQESDLIVNITHHELVPKHILLSPDEKKELL
DRYKLRETQLPRIQLADPVARYLGLKRGEVVKIVRRSETSGRYNSYRICA
;
E
5 'polypeptide(L)'
;MSDYEEDEAFGMDGAVMEEEVDELEMIDENGQSQQGVSHPGEPSTTVITEDVASSKTAQSGKAVAKEDRTTTPYMTKYER
ARILGTRALQISMNAPVLVDLEGETDPLQIAMKELAQKKIPLLVRRYLPDGSYEDWSVAELI
;
F
6 'polypeptide(L)'
;MPFFLKELSLTISLHPSYFGPRMQDYLKAKLLADVEGTCSGQYGYIICVLDSNTIDIDKGRVVPGQGFAEFEVKYRAVLW
RPFRGEVVDAIVTTVNKMGFFANIGPLNVFVSSHLVPPDMKFDPTANPPNYSGEDQVIEKGSNVRLKIVGTRTDATEIFA
IATMKEDYLGVL
;
G
7 'polypeptide(L)'
;MSESVLLDEIFTVTSVDKQKYQRVSRITAVSGQNDMNLTLDINSQIYPLEKDATFSLQITSNLNSPDLKEAADYIMYGKV
YRVEEAKDEKVSVYVSFGGLLMAIEGSHRKLYRLSLDHVYLLLRR
;
H
8 'polypeptide(L)'
;MSNFQYCIECNNMLYPREDKVDRVLRLACRNCDYSEIAATSKVYRHELQSSNVENTTVSHDASTDPTLPRSDKECPRCHQ
HEAVFYQTHSRRGDTMMTLIYVCVHCGFAFEEQGGGGGGDYKDHDGDYKDHDIDYKDDDDK
;
I
9 'polypeptide(L)' MIIPIRCFSCGKVIGDKWDTYLTLLQEDNTEGEALDKLGLQRYCCRRMILTHVDLIEKLLCYNPLSKQKNL J
10 'polypeptide(L)'
;MNQPERYELIELMGLPKVTYELDSKSPNAAVVTLEKEDHTLANMLANQLLSDERVLFAGYKVPHPLNHNFILRVQTVEDC
SPKQVIVDAAKSLITHLEEIKVNFMREWELKMISVEGVEMEFS
;
K
11 'polypeptide(L)' MNHPTSTGGTAFNPPRPATMIYLCADCGARNTIQAKEVIRCRECGHRVMYKMRTKRMVQFEAR L
12 'polypeptide(L)'
;MKHHHHHHPMSDKIIHLTDDSFDTDVLKADGAILVDFWAEWCGPCKMIAPILDEIADEYQGKLTVAKLNIDQNPGTAPKY
GIRGIPTLLLFKNGEVAATKVGALSKGQLKEFLDANLAGSGSGSENLYFQGAMDTNSPKSIDKDANSTEVDAAEQDAASV
KINSTRASPNGSDLLNDDSEAAKITTNEKQSSPVDSHNESPNDTTINKGEDGNENEVDNVNNNDKKEDEDNVEENEEEAD
ANEEEEEDEEDDEEDEEDEDESGGGRRKRARHDRRNQFLDIEAEVDEDEEELEDEEDEIGREDGFIEEEVGADYVGDDRR
HRELDRQRQELQSVDAERLAEEYREKYGRSQTVVGDTSNVPQRLLLPSVNDPNIWAVRCKIGKEKDIVFTIMRKAMDLQY
TSSPLEIISAFQRDSLVGYIYVEARKQSHVLDALNGVLNVYTNNMILVPIKEMPDLLKVQKQVVELLPGAYVRIRRGKYA
GDLAQVDNLSENGLTARVRIVPRIDYSDGLKRKNSATRPQARLFNESEAFKSNPSKFSKRGPRLFLFNNEEFEDGFLVKD
IRISSLITEGVNPTLDEVSKFNPNNEDLDLSSLALSVKGGHAEFQPGDHVEVYVGEQTGVSGVVENVRGSVITMVSSDGL
RLDVPSRGLRKRFRHGDYVKVIAGKYKDDTGMVVRISKDEVTFLSDTLMTELTVFSRDLGEASSAQAVNSAYELHDLVQL
DVNTVACIFSVDRDTYKVIDQNGGVRTVLASQITMRHSNRRGVATDRNGAEIRIGDKVKEVGGEGKQGTILHIYRAFVFL
HNRDIAENNGVFSARSRNVATIAAKGARISADLTKMNPALSNGPALPPVANLKRTIGRDKAIGATVRIRRGPMKGLLGVI
KDTTDANARVELHTGNKMVTIPKENLLYTTKTGELISYTEFIERSRGIRPGSISTADGPNVPNWAQGARTPAVANGSRTP
AWNTGSRTPAWNSGSKTPAWNSGSRTPAWNSGNKTPAWNAGSRTPAWNSGNKTPAWNVGNKTPAWNSGAKTPAWNAGNKT
PSWNNGTKTPAWNANQTPMVANGTNTSWGQTPAYGGFSETNWDTEDNSKPYTAPTPGAWAAPTPGGWDDEEGDSPKYVPP
SP
;
Y
13 'polydeoxyribonucleotide'
;(DC)(DC)(DG)(DT)(DG)(DT)(DC)(DT)(DA)(DG)(DC)(DA)(DC)(DA)(DG)(DG)(DG)(DA)(DA)(DA)
(DT)(DG)(DG)(DT)(DT)(DT)(DG)(DT)(DG)(DT)(DC)(DT)(DG)(DC)(DT)(DT)(DA)(DT)(DC)(DG)
(DG)(DT)(DA)(DG)(DA)(DG)(DT)(DG)
;
N
14 'polyribonucleotide' UGAAUCUAUUUCUUUUAUCGAGAGGU P
15 'polydeoxyribonucleotide'
;(DC)(DA)(DC)(DT)(DC)(DT)(DA)(DC)(DC)(DG)(DA)(DT)(DA)(DA)(DG)(DC)(DA)(DG)(DA)(DC)
(DG)(DT)(DA)(DC)(DC)(DT)(DC)(DT)(DC)(DG)(DA)(DC)(DC)(DC)(DT)(DG)(DT)(DG)(DC)(DT)
(DA)(DG)(DA)(DC)(DA)(DC)(DG)(DG)
;
T
16 'polypeptide(L)'
;MGVPALFRLLSRKFAKVITPVIEAPTEKLPDGTEIEPDLSLPNPNGVECDNLYLDMNGIVHPCSHPEDRPAPETEDEMMV
AVFEYTDRILAMVRPRQLLFIAIDGVAPRAKMNQQRSRRFRSSREAALKEEELQAFIEEAKQQGIPIDENATKKKSWDSN
CITPGTPFMDTLAKSLRYYIINKLNSDPCWRNVRFILSDASVPGEGEHKIMEFIRSQRVKPEYDPNTHHVVYGLDAALIM
LGLATHEPHFRVLREDVFFQQGSTKKTKEERLGIKRLDDVSETNKVPVKKPFIWLNVSILREYLEVELYVPNLPFPFDLE
RAIDDWVFFIFFVGNDFLPHLPSLDIRDGAVERLTEIWRASLPHMGGYLTLDGSVNLARAEVILSAVGNQEDDIFKRLKQ
QEDRRNENYRRRQQRESNQESESYVDNVVIQRSVETQSTEVVTSSKSTSVDTKPPKKTQKIDAPAPVDLVNLSEKTSNRS
LGATNRELINNRAANRLGLSREAAAVSSVNKLAASALKAQLVSNETLQNVPLEDSIASSSAYEDTDSIESSTPVVHPIDT
KVSNVGQKRKAPDSTEENENTDTVRLYEPGYRERYYEQKFHISPDEPEKIREAVKHYVHGLCWVLLYYYQGCPSWTWYYP
YHYAPFAADFKDLASIDVKFELNQPFKPYEQLLGVLPAASKNNLPEKLQTLMTDENSEIIDFYPENFTIDLNGKKFEWQG
VALLPFIDENRLLNAVSKIYPQLTEEESKRNEDGSTLLFISEHHPMFSELVKQLYSKKRQGKPLKLSGKMAHGLFGKVNT
NDSVIPNVSVQCPIDVTSADALQKYGSIDDNQSISLVFEVPKSHFVHKSMLLRGVKMPNRVLTPEDINQVRAERSFSSRR
NNGNSGSGHHHHHHHH
;
X
#
# COMPACT_ATOMS: atom_id res chain seq x y z
N GLN A 5 -28.16 25.02 -9.83
CA GLN A 5 -29.53 25.46 -10.08
C GLN A 5 -30.02 24.94 -11.42
N PHE A 6 -31.33 24.83 -11.56
CA PHE A 6 -31.96 24.31 -12.76
C PHE A 6 -33.06 25.27 -13.21
N SER A 7 -33.58 25.01 -14.41
CA SER A 7 -34.65 25.85 -14.93
C SER A 7 -35.88 25.75 -14.04
N PRO A 8 -36.67 26.82 -13.94
CA PRO A 8 -37.80 26.83 -13.01
C PRO A 8 -38.84 25.77 -13.35
N SER A 9 -39.49 25.26 -12.30
CA SER A 9 -40.56 24.28 -12.44
C SER A 9 -41.65 24.58 -11.42
N SER A 10 -42.90 24.48 -11.85
CA SER A 10 -44.01 24.70 -10.92
C SER A 10 -44.21 23.52 -9.98
N VAL A 11 -43.82 22.32 -10.40
CA VAL A 11 -44.00 21.14 -9.54
C VAL A 11 -43.17 21.32 -8.27
N PRO A 12 -43.72 21.07 -7.09
CA PRO A 12 -42.94 21.26 -5.86
C PRO A 12 -41.80 20.28 -5.76
N LEU A 13 -40.70 20.76 -5.18
CA LEU A 13 -39.54 19.90 -4.93
C LEU A 13 -39.80 19.04 -3.71
N ARG A 14 -39.59 17.73 -3.85
CA ARG A 14 -39.88 16.79 -2.78
C ARG A 14 -38.75 15.79 -2.64
N ARG A 15 -38.59 15.30 -1.41
CA ARG A 15 -37.61 14.28 -1.09
C ARG A 15 -38.20 12.91 -1.38
N VAL A 16 -37.37 12.02 -1.92
CA VAL A 16 -37.81 10.65 -2.20
C VAL A 16 -37.72 9.84 -0.92
N GLU A 17 -38.84 9.26 -0.50
CA GLU A 17 -38.92 8.49 0.74
C GLU A 17 -39.21 7.02 0.49
N GLU A 18 -39.18 6.57 -0.77
CA GLU A 18 -39.64 5.24 -1.10
C GLU A 18 -39.12 4.86 -2.48
N VAL A 19 -38.37 3.76 -2.56
CA VAL A 19 -37.98 3.15 -3.82
C VAL A 19 -38.66 1.79 -3.89
N GLN A 20 -39.72 1.69 -4.69
CA GLN A 20 -40.52 0.48 -4.82
C GLN A 20 -40.04 -0.30 -6.03
N PHE A 21 -39.32 -1.39 -5.80
CA PHE A 21 -38.80 -2.20 -6.89
C PHE A 21 -39.88 -3.14 -7.41
N GLY A 22 -39.83 -3.39 -8.71
CA GLY A 22 -40.80 -4.28 -9.32
C GLY A 22 -40.31 -4.73 -10.69
N ILE A 23 -41.25 -5.24 -11.48
CA ILE A 23 -40.97 -5.65 -12.85
C ILE A 23 -41.96 -4.93 -13.75
N LEU A 24 -41.46 -4.39 -14.86
CA LEU A 24 -42.32 -3.70 -15.81
C LEU A 24 -43.20 -4.71 -16.53
N SER A 25 -44.50 -4.46 -16.51
CA SER A 25 -45.42 -5.32 -17.23
C SER A 25 -45.38 -5.00 -18.72
N PRO A 26 -45.76 -5.95 -19.57
CA PRO A 26 -45.78 -5.64 -21.01
C PRO A 26 -46.66 -4.45 -21.34
N GLU A 27 -47.81 -4.32 -20.67
CA GLU A 27 -48.66 -3.17 -20.88
C GLU A 27 -47.98 -1.89 -20.41
N GLU A 28 -47.26 -1.97 -19.28
CA GLU A 28 -46.52 -0.80 -18.80
C GLU A 28 -45.47 -0.37 -19.81
N ILE A 29 -44.72 -1.33 -20.37
CA ILE A 29 -43.72 -1.00 -21.37
C ILE A 29 -44.36 -0.40 -22.61
N ARG A 30 -45.47 -1.00 -23.07
CA ARG A 30 -46.13 -0.49 -24.27
C ARG A 30 -46.64 0.93 -24.06
N SER A 31 -47.26 1.19 -22.91
CA SER A 31 -47.88 2.49 -22.69
C SER A 31 -46.84 3.57 -22.43
N MET A 32 -45.81 3.26 -21.64
CA MET A 32 -44.79 4.24 -21.30
C MET A 32 -43.89 4.59 -22.47
N SER A 33 -43.97 3.87 -23.58
CA SER A 33 -43.11 4.10 -24.71
C SER A 33 -43.67 5.21 -25.60
N VAL A 34 -42.77 5.89 -26.30
CA VAL A 34 -43.14 6.98 -27.20
C VAL A 34 -42.95 6.62 -28.66
N ALA A 35 -42.26 5.54 -28.98
CA ALA A 35 -42.00 5.17 -30.36
C ALA A 35 -41.78 3.68 -30.45
N LYS A 36 -42.48 3.03 -31.38
CA LYS A 36 -42.27 1.61 -31.63
C LYS A 36 -41.03 1.42 -32.50
N ILE A 37 -40.11 0.57 -32.03
CA ILE A 37 -38.82 0.40 -32.68
C ILE A 37 -38.86 -0.87 -33.52
N GLU A 38 -38.70 -0.70 -34.84
CA GLU A 38 -38.86 -1.82 -35.76
C GLU A 38 -37.64 -2.00 -36.65
N PHE A 39 -37.01 -0.90 -37.05
CA PHE A 39 -35.97 -0.96 -38.08
C PHE A 39 -34.59 -1.06 -37.44
N PRO A 40 -33.74 -1.99 -37.86
CA PRO A 40 -32.40 -2.09 -37.26
C PRO A 40 -31.51 -0.90 -37.53
N GLU A 41 -31.86 -0.05 -38.50
CA GLU A 41 -30.96 1.03 -38.90
C GLU A 41 -30.98 2.16 -37.88
N THR A 42 -29.90 2.94 -37.88
CA THR A 42 -29.82 4.19 -37.15
C THR A 42 -30.03 5.39 -38.06
N MET A 43 -29.30 5.45 -39.17
CA MET A 43 -29.43 6.54 -40.13
C MET A 43 -30.38 6.13 -41.26
N ASP A 44 -30.79 7.12 -42.04
CA ASP A 44 -31.73 6.94 -43.14
C ASP A 44 -30.98 7.04 -44.46
N GLU A 45 -31.71 6.81 -45.55
CA GLU A 45 -31.12 6.92 -46.89
C GLU A 45 -30.65 8.34 -47.15
N SER A 46 -31.44 9.33 -46.75
CA SER A 46 -31.07 10.73 -46.94
C SER A 46 -29.88 11.14 -46.10
N GLY A 47 -29.70 10.56 -44.91
CA GLY A 47 -28.58 10.85 -44.06
C GLY A 47 -28.70 12.14 -43.26
N GLN A 48 -29.49 13.10 -43.72
CA GLN A 48 -29.64 14.35 -42.98
C GLN A 48 -30.35 14.15 -41.65
N ARG A 49 -31.06 13.04 -41.47
CA ARG A 49 -31.75 12.76 -40.22
C ARG A 49 -31.70 11.25 -39.98
N PRO A 50 -31.73 10.81 -38.72
CA PRO A 50 -31.77 9.37 -38.44
C PRO A 50 -33.04 8.70 -38.95
N ARG A 51 -33.12 7.39 -38.80
CA ARG A 51 -34.29 6.63 -39.24
C ARG A 51 -35.43 6.81 -38.24
N VAL A 52 -36.60 7.20 -38.74
CA VAL A 52 -37.79 7.30 -37.91
C VAL A 52 -38.26 5.88 -37.61
N GLY A 53 -38.10 5.44 -36.37
CA GLY A 53 -38.39 4.08 -35.98
C GLY A 53 -37.19 3.17 -35.92
N GLY A 54 -35.98 3.70 -36.03
CA GLY A 54 -34.78 2.89 -35.95
C GLY A 54 -34.24 2.80 -34.54
N LEU A 55 -33.00 3.22 -34.32
CA LEU A 55 -32.41 3.26 -33.00
C LEU A 55 -31.97 4.65 -32.59
N LEU A 56 -32.30 5.67 -33.38
CA LEU A 56 -32.05 7.06 -33.01
C LEU A 56 -33.28 7.91 -33.31
N ASP A 57 -34.47 7.34 -33.11
CA ASP A 57 -35.69 8.05 -33.43
C ASP A 57 -35.73 9.38 -32.69
N PRO A 58 -35.99 10.50 -33.37
CA PRO A 58 -36.02 11.78 -32.64
C PRO A 58 -37.02 11.80 -31.49
N ARG A 59 -38.12 11.06 -31.59
CA ARG A 59 -39.04 10.96 -30.45
C ARG A 59 -38.38 10.27 -29.26
N LEU A 60 -37.30 9.53 -29.49
CA LEU A 60 -36.67 8.72 -28.47
C LEU A 60 -35.67 9.51 -27.64
N GLY A 61 -35.51 10.80 -27.91
CA GLY A 61 -34.57 11.64 -27.19
C GLY A 61 -33.58 12.32 -28.11
N THR A 62 -32.97 13.39 -27.65
CA THR A 62 -31.98 14.14 -28.40
C THR A 62 -30.62 14.05 -27.72
N ILE A 63 -29.59 13.74 -28.50
CA ILE A 63 -28.21 13.75 -28.04
C ILE A 63 -27.37 14.79 -28.79
N ASP A 64 -28.02 15.61 -29.63
CA ASP A 64 -27.36 16.67 -30.35
C ASP A 64 -27.65 18.00 -29.66
N ARG A 65 -26.60 18.73 -29.31
CA ARG A 65 -26.79 20.04 -28.69
C ARG A 65 -27.59 20.96 -29.59
N GLN A 66 -27.62 20.69 -30.89
CA GLN A 66 -28.34 21.55 -31.83
C GLN A 66 -29.84 21.59 -31.54
N PHE A 67 -30.51 20.45 -31.67
CA PHE A 67 -31.96 20.40 -31.77
C PHE A 67 -32.60 20.16 -30.41
N LYS A 68 -33.93 20.18 -30.41
CA LYS A 68 -34.74 19.95 -29.23
C LYS A 68 -35.55 18.68 -29.42
N CYS A 69 -35.60 17.86 -28.37
CA CYS A 69 -36.31 16.59 -28.45
C CYS A 69 -37.78 16.81 -28.82
N GLN A 70 -38.26 16.03 -29.78
CA GLN A 70 -39.66 16.13 -30.18
C GLN A 70 -40.60 15.73 -29.06
N THR A 71 -40.24 14.72 -28.27
CA THR A 71 -41.13 14.24 -27.22
C THR A 71 -41.42 15.33 -26.20
N CYS A 72 -40.38 16.03 -25.74
CA CYS A 72 -40.52 17.03 -24.69
C CYS A 72 -40.19 18.45 -25.13
N GLY A 73 -39.52 18.63 -26.26
CA GLY A 73 -39.21 19.97 -26.73
C GLY A 73 -38.11 20.65 -25.96
N GLU A 74 -37.38 19.93 -25.13
CA GLU A 74 -36.35 20.51 -24.28
C GLU A 74 -34.96 20.26 -24.88
N THR A 75 -34.01 21.09 -24.46
CA THR A 75 -32.65 20.96 -24.93
C THR A 75 -32.04 19.65 -24.43
N MET A 76 -30.83 19.37 -24.89
CA MET A 76 -30.13 18.16 -24.48
C MET A 76 -29.80 18.17 -23.00
N ALA A 77 -29.85 19.33 -22.35
CA ALA A 77 -29.54 19.45 -20.94
C ALA A 77 -30.77 19.33 -20.05
N ASP A 78 -31.97 19.33 -20.62
CA ASP A 78 -33.20 19.17 -19.86
C ASP A 78 -34.05 18.00 -20.30
N CYS A 79 -33.72 17.36 -21.42
CA CYS A 79 -34.41 16.15 -21.81
C CYS A 79 -33.76 14.95 -21.14
N PRO A 80 -34.48 14.17 -20.32
CA PRO A 80 -33.86 13.01 -19.69
C PRO A 80 -33.65 11.84 -20.62
N GLY A 81 -34.37 11.80 -21.74
CA GLY A 81 -34.30 10.67 -22.65
C GLY A 81 -35.47 9.74 -22.42
N HIS A 82 -36.21 9.42 -23.48
CA HIS A 82 -37.42 8.62 -23.38
C HIS A 82 -37.17 7.21 -23.89
N PHE A 83 -38.13 6.33 -23.60
CA PHE A 83 -37.98 4.90 -23.86
C PHE A 83 -38.83 4.48 -25.05
N GLY A 84 -38.24 3.69 -25.94
CA GLY A 84 -38.97 2.97 -26.96
C GLY A 84 -39.29 1.56 -26.52
N HIS A 85 -39.81 0.77 -27.46
CA HIS A 85 -40.10 -0.62 -27.15
C HIS A 85 -40.03 -1.47 -28.41
N ILE A 86 -39.63 -2.72 -28.22
CA ILE A 86 -39.54 -3.71 -29.29
C ILE A 86 -40.55 -4.81 -28.99
N GLU A 87 -41.43 -5.07 -29.96
CA GLU A 87 -42.40 -6.15 -29.84
C GLU A 87 -41.74 -7.45 -30.32
N LEU A 88 -41.38 -8.32 -29.38
CA LEU A 88 -40.73 -9.56 -29.74
C LEU A 88 -41.67 -10.48 -30.50
N ALA A 89 -41.10 -11.31 -31.38
CA ALA A 89 -41.91 -12.23 -32.16
C ALA A 89 -42.63 -13.22 -31.27
N LYS A 90 -41.90 -13.86 -30.35
CA LYS A 90 -42.50 -14.69 -29.32
C LYS A 90 -41.73 -14.48 -28.03
N PRO A 91 -42.36 -14.72 -26.88
CA PRO A 91 -41.72 -14.40 -25.60
C PRO A 91 -40.39 -15.15 -25.42
N VAL A 92 -39.49 -14.51 -24.70
CA VAL A 92 -38.19 -15.07 -24.38
C VAL A 92 -37.95 -14.95 -22.87
N PHE A 93 -37.08 -15.80 -22.35
CA PHE A 93 -36.79 -15.79 -20.93
C PHE A 93 -35.95 -14.57 -20.54
N HIS A 94 -36.20 -14.06 -19.34
CA HIS A 94 -35.37 -13.04 -18.73
C HIS A 94 -34.26 -13.74 -17.95
N ILE A 95 -33.02 -13.60 -18.43
CA ILE A 95 -31.93 -14.40 -17.88
C ILE A 95 -31.73 -14.09 -16.41
N GLY A 96 -31.98 -12.84 -16.01
CA GLY A 96 -31.84 -12.49 -14.60
C GLY A 96 -32.83 -13.24 -13.72
N PHE A 97 -33.99 -13.58 -14.25
CA PHE A 97 -35.07 -14.21 -13.50
C PHE A 97 -35.15 -15.72 -13.72
N LEU A 98 -34.19 -16.32 -14.40
CA LEU A 98 -34.35 -17.72 -14.81
C LEU A 98 -34.51 -18.63 -13.60
N SER A 99 -33.67 -18.46 -12.57
CA SER A 99 -33.75 -19.34 -11.41
C SER A 99 -35.08 -19.19 -10.69
N LYS A 100 -35.55 -17.94 -10.54
CA LYS A 100 -36.84 -17.71 -9.89
C LYS A 100 -37.98 -18.33 -10.69
N ILE A 101 -37.92 -18.21 -12.02
CA ILE A 101 -38.92 -18.83 -12.87
C ILE A 101 -38.92 -20.34 -12.69
N LYS A 102 -37.73 -20.95 -12.65
CA LYS A 102 -37.64 -22.38 -12.43
C LYS A 102 -38.24 -22.78 -11.11
N LYS A 103 -37.94 -22.04 -10.04
CA LYS A 103 -38.48 -22.37 -8.73
C LYS A 103 -40.00 -22.26 -8.73
N ILE A 104 -40.54 -21.21 -9.34
CA ILE A 104 -41.99 -21.05 -9.37
C ILE A 104 -42.64 -22.18 -10.16
N LEU A 105 -42.05 -22.54 -11.30
CA LEU A 105 -42.60 -23.65 -12.08
C LEU A 105 -42.58 -24.95 -11.28
N GLU A 106 -41.48 -25.21 -10.57
CA GLU A 106 -41.41 -26.41 -9.75
C GLU A 106 -42.46 -26.38 -8.65
N CYS A 107 -42.70 -25.21 -8.06
CA CYS A 107 -43.65 -25.11 -6.96
C CYS A 107 -45.10 -25.14 -7.41
N VAL A 108 -45.39 -24.84 -8.67
CA VAL A 108 -46.76 -24.70 -9.15
C VAL A 108 -47.08 -25.87 -10.07
N CYS A 109 -48.36 -26.23 -10.11
CA CYS A 109 -48.79 -27.37 -10.93
C CYS A 109 -48.61 -27.06 -12.41
N TRP A 110 -48.31 -28.11 -13.18
CA TRP A 110 -48.00 -27.92 -14.59
C TRP A 110 -49.24 -27.62 -15.42
N ASN A 111 -50.42 -28.04 -14.98
CA ASN A 111 -51.62 -27.95 -15.79
C ASN A 111 -52.64 -26.95 -15.24
N CYS A 112 -53.07 -27.10 -14.00
CA CYS A 112 -54.04 -26.17 -13.43
C CYS A 112 -53.38 -24.91 -12.87
N GLY A 113 -52.06 -24.92 -12.70
CA GLY A 113 -51.37 -23.75 -12.20
C GLY A 113 -51.57 -23.47 -10.73
N LYS A 114 -52.10 -24.41 -9.97
CA LYS A 114 -52.32 -24.22 -8.54
C LYS A 114 -51.14 -24.76 -7.76
N LEU A 115 -50.92 -24.19 -6.58
CA LEU A 115 -49.86 -24.68 -5.71
C LEU A 115 -50.07 -26.15 -5.40
N LYS A 116 -48.97 -26.91 -5.43
CA LYS A 116 -49.06 -28.34 -5.18
C LYS A 116 -49.41 -28.66 -3.73
N ILE A 117 -49.32 -27.69 -2.83
CA ILE A 117 -49.54 -27.91 -1.41
C ILE A 117 -50.48 -26.83 -0.88
N ASP A 118 -51.20 -27.16 0.18
CA ASP A 118 -52.16 -26.26 0.82
C ASP A 118 -51.90 -26.24 2.32
N SER A 119 -52.76 -25.53 3.06
CA SER A 119 -52.64 -25.47 4.52
C SER A 119 -52.80 -26.84 5.18
N SER A 120 -53.21 -27.86 4.45
CA SER A 120 -53.38 -29.19 5.05
C SER A 120 -52.09 -29.70 5.64
N ASN A 121 -50.98 -29.54 4.92
CA ASN A 121 -49.70 -30.04 5.40
C ASN A 121 -49.17 -29.13 6.49
N PRO A 122 -48.82 -29.66 7.68
CA PRO A 122 -48.24 -28.80 8.71
C PRO A 122 -46.94 -28.14 8.27
N LYS A 123 -46.13 -28.83 7.48
CA LYS A 123 -44.91 -28.23 6.96
C LYS A 123 -45.22 -26.98 6.14
N PHE A 124 -46.35 -26.98 5.43
CA PHE A 124 -46.73 -25.79 4.66
C PHE A 124 -46.93 -24.58 5.57
N ASN A 125 -47.64 -24.76 6.68
CA ASN A 125 -47.82 -23.65 7.62
C ASN A 125 -46.50 -23.26 8.26
N ASP A 126 -45.65 -24.25 8.55
CA ASP A 126 -44.33 -23.94 9.10
C ASP A 126 -43.56 -23.03 8.15
N THR A 127 -43.60 -23.32 6.85
CA THR A 127 -43.01 -22.42 5.87
C THR A 127 -43.72 -21.07 5.86
N GLN A 128 -45.05 -21.08 5.92
CA GLN A 128 -45.82 -19.83 5.91
C GLN A 128 -45.45 -18.92 7.09
N ARG A 129 -44.88 -19.48 8.16
CA ARG A 129 -44.47 -18.65 9.28
C ARG A 129 -43.54 -17.52 8.85
N TYR A 130 -42.70 -17.76 7.85
CA TYR A 130 -41.69 -16.79 7.47
C TYR A 130 -42.33 -15.50 6.96
N ARG A 131 -41.77 -14.36 7.39
CA ARG A 131 -42.28 -13.06 7.00
C ARG A 131 -41.64 -12.54 5.72
N ASP A 132 -40.36 -12.79 5.53
CA ASP A 132 -39.67 -12.34 4.32
C ASP A 132 -40.24 -13.10 3.12
N PRO A 133 -40.68 -12.40 2.07
CA PRO A 133 -41.22 -13.14 0.90
C PRO A 133 -40.21 -14.10 0.29
N LYS A 134 -38.93 -13.73 0.23
CA LYS A 134 -37.94 -14.61 -0.36
C LYS A 134 -37.77 -15.88 0.46
N ASN A 135 -37.69 -15.76 1.78
CA ASN A 135 -37.57 -16.93 2.64
C ASN A 135 -38.80 -17.81 2.54
N ARG A 136 -39.99 -17.20 2.51
CA ARG A 136 -41.22 -17.98 2.36
C ARG A 136 -41.21 -18.74 1.05
N LEU A 137 -40.80 -18.10 -0.04
CA LEU A 137 -40.72 -18.80 -1.33
C LEU A 137 -39.72 -19.94 -1.25
N ASN A 138 -38.55 -19.70 -0.66
CA ASN A 138 -37.55 -20.76 -0.56
C ASN A 138 -38.09 -21.96 0.19
N ALA A 139 -38.76 -21.71 1.32
CA ALA A 139 -39.29 -22.80 2.13
C ALA A 139 -40.39 -23.56 1.37
N VAL A 140 -41.33 -22.83 0.77
CA VAL A 140 -42.43 -23.47 0.07
C VAL A 140 -41.89 -24.30 -1.10
N TRP A 141 -40.92 -23.75 -1.84
CA TRP A 141 -40.32 -24.50 -2.94
C TRP A 141 -39.58 -25.73 -2.44
N ASN A 142 -38.86 -25.61 -1.34
CA ASN A 142 -38.16 -26.76 -0.80
C ASN A 142 -39.14 -27.87 -0.45
N VAL A 143 -40.29 -27.51 0.12
CA VAL A 143 -41.29 -28.52 0.45
C VAL A 143 -41.92 -29.10 -0.81
N CYS A 144 -42.20 -28.25 -1.81
CA CYS A 144 -43.00 -28.65 -2.96
C CYS A 144 -42.19 -29.25 -4.10
N LYS A 145 -40.86 -29.18 -4.06
CA LYS A 145 -40.06 -29.73 -5.14
C LYS A 145 -40.06 -31.25 -5.16
N THR A 146 -40.59 -31.90 -4.11
CA THR A 146 -40.71 -33.35 -4.09
C THR A 146 -42.08 -33.81 -4.57
N LYS A 147 -43.13 -33.02 -4.36
CA LYS A 147 -44.47 -33.41 -4.78
C LYS A 147 -44.54 -33.46 -6.30
N MET A 148 -44.59 -34.68 -6.85
CA MET A 148 -44.63 -34.87 -8.29
C MET A 148 -46.03 -35.03 -8.85
N VAL A 149 -47.06 -34.94 -8.01
CA VAL A 149 -48.45 -35.07 -8.45
C VAL A 149 -49.27 -34.02 -7.74
N CYS A 150 -50.14 -33.35 -8.49
CA CYS A 150 -51.00 -32.32 -7.93
C CYS A 150 -52.02 -32.98 -7.00
N ASP A 151 -51.81 -32.84 -5.69
CA ASP A 151 -52.66 -33.52 -4.72
C ASP A 151 -54.10 -33.06 -4.87
N THR A 152 -55.03 -34.02 -4.80
CA THR A 152 -56.45 -33.75 -4.93
C THR A 152 -57.14 -33.63 -3.58
N GLY A 153 -56.37 -33.56 -2.48
CA GLY A 153 -56.93 -33.44 -1.16
C GLY A 153 -57.39 -34.74 -0.53
N LEU A 154 -57.22 -35.86 -1.23
CA LEU A 154 -57.64 -37.17 -0.74
C LEU A 154 -56.38 -37.97 -0.42
N SER A 155 -55.99 -37.98 0.85
CA SER A 155 -54.80 -38.70 1.28
C SER A 155 -55.06 -40.20 1.20
N ALA A 156 -54.36 -40.88 0.29
CA ALA A 156 -54.51 -42.32 0.14
C ALA A 156 -53.58 -43.03 1.12
N GLY A 157 -54.16 -43.76 2.06
CA GLY A 157 -53.38 -44.46 3.07
C GLY A 157 -54.03 -44.44 4.44
N SER A 158 -54.98 -43.52 4.63
CA SER A 158 -55.73 -43.40 5.88
C SER A 158 -57.12 -43.97 5.66
N ASP A 159 -57.39 -45.12 6.26
CA ASP A 159 -58.67 -45.79 6.13
C ASP A 159 -59.69 -45.36 7.18
N ASN A 160 -59.28 -44.55 8.16
CA ASN A 160 -60.18 -44.12 9.22
C ASN A 160 -61.01 -42.94 8.74
N PHE A 161 -62.31 -43.16 8.60
CA PHE A 161 -63.24 -42.13 8.12
C PHE A 161 -63.84 -41.43 9.34
N ASP A 162 -63.17 -40.38 9.79
CA ASP A 162 -63.60 -39.65 10.99
C ASP A 162 -64.73 -38.69 10.61
N LEU A 163 -65.93 -38.98 11.10
CA LEU A 163 -67.08 -38.13 10.87
C LEU A 163 -67.32 -37.12 11.98
N SER A 164 -66.52 -37.17 13.06
CA SER A 164 -66.71 -36.25 14.17
C SER A 164 -66.23 -34.85 13.83
N ASN A 165 -65.16 -34.73 13.04
CA ASN A 165 -64.59 -33.44 12.65
C ASN A 165 -64.49 -33.40 11.13
N PRO A 166 -65.56 -33.00 10.44
CA PRO A 166 -65.49 -32.90 8.97
C PRO A 166 -64.59 -31.77 8.49
N SER A 167 -64.11 -30.91 9.39
CA SER A 167 -63.33 -29.73 9.02
C SER A 167 -62.00 -30.08 8.36
N ALA A 168 -61.54 -31.33 8.47
CA ALA A 168 -60.23 -31.72 7.97
C ALA A 168 -60.31 -32.55 6.69
N ASN A 169 -61.22 -32.21 5.77
CA ASN A 169 -61.39 -33.01 4.55
C ASN A 169 -61.54 -32.14 3.30
N MET A 170 -61.43 -30.82 3.42
CA MET A 170 -61.60 -29.93 2.26
C MET A 170 -60.23 -29.69 1.64
N GLY A 171 -59.95 -30.42 0.55
CA GLY A 171 -58.77 -30.15 -0.22
C GLY A 171 -58.91 -28.92 -1.08
N HIS A 172 -57.78 -28.39 -1.52
CA HIS A 172 -57.79 -27.22 -2.40
C HIS A 172 -58.40 -27.50 -3.76
N GLY A 173 -58.60 -28.76 -4.13
CA GLY A 173 -59.27 -29.10 -5.37
C GLY A 173 -58.33 -29.34 -6.52
N GLY A 174 -57.25 -30.08 -6.28
CA GLY A 174 -56.27 -30.32 -7.31
C GLY A 174 -56.82 -31.19 -8.43
N CYS A 175 -56.07 -31.24 -9.53
CA CYS A 175 -56.46 -32.00 -10.71
C CYS A 175 -55.71 -33.32 -10.86
N GLY A 176 -54.70 -33.56 -10.02
CA GLY A 176 -54.01 -34.85 -10.05
C GLY A 176 -53.01 -35.01 -11.19
N ALA A 177 -52.75 -33.96 -11.96
CA ALA A 177 -51.84 -34.08 -13.09
C ALA A 177 -50.43 -34.39 -12.60
N ALA A 178 -49.75 -35.28 -13.34
CA ALA A 178 -48.38 -35.61 -13.01
C ALA A 178 -47.48 -34.40 -13.24
N GLN A 179 -46.48 -34.22 -12.35
CA GLN A 179 -45.60 -33.06 -12.45
C GLN A 179 -44.26 -33.47 -13.06
N PRO A 180 -43.59 -32.56 -13.75
CA PRO A 180 -42.30 -32.88 -14.36
C PRO A 180 -41.13 -32.52 -13.45
N THR A 181 -39.97 -33.04 -13.81
CA THR A 181 -38.71 -32.60 -13.22
C THR A 181 -38.09 -31.57 -14.16
N ILE A 182 -37.77 -30.40 -13.62
CA ILE A 182 -37.33 -29.25 -14.42
C ILE A 182 -35.82 -29.10 -14.24
N ARG A 183 -35.12 -29.03 -15.37
CA ARG A 183 -33.67 -28.87 -15.38
C ARG A 183 -33.29 -27.70 -16.28
N LYS A 184 -32.17 -27.07 -15.95
CA LYS A 184 -31.68 -25.91 -16.68
C LYS A 184 -30.59 -26.34 -17.66
N ASP A 185 -30.72 -25.89 -18.91
CA ASP A 185 -29.76 -26.20 -19.97
C ASP A 185 -29.44 -24.89 -20.67
N GLY A 186 -28.44 -24.18 -20.17
CA GLY A 186 -28.10 -22.87 -20.70
C GLY A 186 -29.24 -21.89 -20.55
N LEU A 187 -29.88 -21.54 -21.68
CA LEU A 187 -31.01 -20.63 -21.68
C LEU A 187 -32.34 -21.35 -21.81
N ARG A 188 -32.34 -22.68 -21.69
CA ARG A 188 -33.54 -23.49 -21.87
C ARG A 188 -33.91 -24.21 -20.58
N LEU A 189 -35.17 -24.60 -20.50
CA LEU A 189 -35.69 -25.44 -19.43
C LEU A 189 -36.22 -26.72 -20.03
N TRP A 190 -35.91 -27.85 -19.39
CA TRP A 190 -36.34 -29.16 -19.84
C TRP A 190 -37.21 -29.79 -18.76
N GLY A 191 -38.37 -30.30 -19.16
CA GLY A 191 -39.29 -30.97 -18.25
C GLY A 191 -39.38 -32.45 -18.58
N SER A 192 -39.09 -33.29 -17.59
CA SER A 192 -39.09 -34.74 -17.74
C SER A 192 -40.18 -35.34 -16.87
N TRP A 193 -41.22 -35.85 -17.52
CA TRP A 193 -42.29 -36.58 -16.83
C TRP A 193 -41.86 -38.01 -16.55
N LYS A 194 -42.26 -38.51 -15.39
CA LYS A 194 -42.09 -39.92 -15.03
C LYS A 194 -43.45 -40.50 -14.67
N ARG A 195 -43.76 -41.66 -15.21
CA ARG A 195 -45.06 -42.30 -15.03
C ARG A 195 -44.89 -43.62 -14.28
N GLY A 196 -45.69 -43.80 -13.23
CA GLY A 196 -45.76 -45.07 -12.54
C GLY A 196 -44.45 -45.46 -11.86
N LYS A 197 -44.46 -46.68 -11.33
CA LYS A 197 -43.30 -47.25 -10.68
C LYS A 197 -42.43 -48.08 -11.61
N ASP A 198 -42.99 -48.57 -12.72
CA ASP A 198 -42.21 -49.37 -13.65
C ASP A 198 -41.05 -48.56 -14.20
N GLU A 199 -39.87 -49.18 -14.20
CA GLU A 199 -38.66 -48.51 -14.67
C GLU A 199 -38.44 -48.64 -16.17
N SER A 200 -39.24 -49.48 -16.85
CA SER A 200 -39.09 -49.63 -18.29
C SER A 200 -39.68 -48.47 -19.07
N ASP A 201 -40.54 -47.67 -18.44
CA ASP A 201 -41.18 -46.56 -19.12
C ASP A 201 -40.24 -45.36 -19.16
N LEU A 202 -39.81 -44.97 -20.35
CA LEU A 202 -38.91 -43.83 -20.49
C LEU A 202 -39.63 -42.55 -20.08
N PRO A 203 -39.00 -41.69 -19.28
CA PRO A 203 -39.64 -40.40 -18.98
C PRO A 203 -39.78 -39.56 -20.23
N GLU A 204 -40.85 -38.77 -20.28
CA GLU A 204 -41.14 -37.91 -21.43
C GLU A 204 -40.42 -36.59 -21.24
N LYS A 205 -39.41 -36.32 -22.06
CA LYS A 205 -38.59 -35.12 -21.95
C LYS A 205 -38.99 -34.13 -23.04
N ARG A 206 -39.45 -32.95 -22.63
CA ARG A 206 -39.88 -31.93 -23.57
C ARG A 206 -39.33 -30.57 -23.16
N LEU A 207 -39.04 -29.76 -24.17
CA LEU A 207 -38.57 -28.40 -23.95
C LEU A 207 -39.71 -27.53 -23.42
N LEU A 208 -39.39 -26.70 -22.43
CA LEU A 208 -40.35 -25.77 -21.84
C LEU A 208 -40.15 -24.42 -22.51
N SER A 209 -41.04 -24.08 -23.44
CA SER A 209 -40.92 -22.84 -24.19
C SER A 209 -41.41 -21.66 -23.36
N PRO A 210 -40.91 -20.45 -23.65
CA PRO A 210 -41.45 -19.27 -22.97
C PRO A 210 -42.96 -19.14 -23.04
N LEU A 211 -43.57 -19.52 -24.16
CA LEU A 211 -45.03 -19.48 -24.26
C LEU A 211 -45.68 -20.31 -23.16
N GLU A 212 -45.20 -21.54 -22.98
CA GLU A 212 -45.81 -22.43 -21.99
C GLU A 212 -45.69 -21.85 -20.59
N VAL A 213 -44.48 -21.42 -20.21
CA VAL A 213 -44.26 -20.89 -18.87
C VAL A 213 -45.09 -19.63 -18.66
N HIS A 214 -45.19 -18.79 -19.69
CA HIS A 214 -46.02 -17.59 -19.59
C HIS A 214 -47.47 -17.95 -19.35
N THR A 215 -47.98 -18.97 -20.05
CA THR A 215 -49.36 -19.39 -19.85
C THR A 215 -49.58 -19.87 -18.43
N ILE A 216 -48.68 -20.72 -17.93
CA ILE A 216 -48.82 -21.20 -16.55
C ILE A 216 -48.82 -20.04 -15.58
N PHE A 217 -47.94 -19.05 -15.82
CA PHE A 217 -47.84 -17.94 -14.88
C PHE A 217 -49.06 -17.04 -14.91
N THR A 218 -49.67 -16.83 -16.08
CA THR A 218 -50.95 -16.13 -16.07
C THR A 218 -52.07 -16.97 -15.49
N HIS A 219 -51.91 -18.29 -15.42
CA HIS A 219 -52.95 -19.14 -14.85
C HIS A 219 -52.82 -19.32 -13.34
N ILE A 220 -51.90 -18.61 -12.69
CA ILE A 220 -51.74 -18.71 -11.24
C ILE A 220 -52.75 -17.81 -10.55
N SER A 221 -53.24 -18.26 -9.39
CA SER A 221 -54.22 -17.49 -8.64
C SER A 221 -53.52 -16.47 -7.73
N SER A 222 -54.28 -15.43 -7.36
CA SER A 222 -53.75 -14.40 -6.49
C SER A 222 -53.36 -14.96 -5.13
N GLU A 223 -54.20 -15.83 -4.57
CA GLU A 223 -53.88 -16.42 -3.27
C GLU A 223 -52.61 -17.26 -3.34
N ASP A 224 -52.42 -17.99 -4.44
CA ASP A 224 -51.18 -18.74 -4.61
C ASP A 224 -49.99 -17.82 -4.68
N LEU A 225 -50.13 -16.68 -5.36
CA LEU A 225 -49.05 -15.69 -5.40
C LEU A 225 -48.72 -15.21 -3.99
N ALA A 226 -49.75 -14.90 -3.20
CA ALA A 226 -49.51 -14.44 -1.83
C ALA A 226 -48.81 -15.52 -1.01
N HIS A 227 -49.22 -16.77 -1.16
CA HIS A 227 -48.57 -17.86 -0.45
C HIS A 227 -47.11 -18.00 -0.86
N LEU A 228 -46.84 -17.84 -2.16
CA LEU A 228 -45.48 -17.93 -2.68
C LEU A 228 -44.60 -16.77 -2.21
N GLY A 229 -45.18 -15.70 -1.68
CA GLY A 229 -44.41 -14.52 -1.38
C GLY A 229 -44.07 -13.70 -2.60
N LEU A 230 -44.92 -13.71 -3.62
CA LEU A 230 -44.72 -12.96 -4.84
C LEU A 230 -45.70 -11.79 -4.87
N ASN A 231 -45.19 -10.61 -5.22
CA ASN A 231 -46.02 -9.41 -5.23
C ASN A 231 -46.86 -9.37 -6.50
N GLU A 232 -48.18 -9.34 -6.34
CA GLU A 232 -49.07 -9.35 -7.48
C GLU A 232 -49.17 -7.96 -8.11
N GLN A 233 -48.90 -6.90 -7.36
CA GLN A 233 -49.02 -5.55 -7.90
C GLN A 233 -47.78 -5.10 -8.66
N TYR A 234 -46.61 -5.69 -8.38
CA TYR A 234 -45.37 -5.15 -8.92
C TYR A 234 -44.48 -6.21 -9.55
N ALA A 235 -44.60 -7.46 -9.13
CA ALA A 235 -43.67 -8.51 -9.57
C ALA A 235 -44.43 -9.80 -9.93
N ARG A 236 -45.49 -9.67 -10.73
CA ARG A 236 -46.25 -10.85 -11.12
C ARG A 236 -45.35 -11.82 -11.88
N PRO A 237 -45.49 -13.13 -11.65
CA PRO A 237 -44.56 -14.08 -12.29
C PRO A 237 -44.54 -14.02 -13.80
N ASP A 238 -45.70 -13.83 -14.44
CA ASP A 238 -45.72 -13.85 -15.90
C ASP A 238 -44.94 -12.66 -16.48
N TRP A 239 -44.90 -11.54 -15.76
CA TRP A 239 -44.10 -10.41 -16.22
C TRP A 239 -42.63 -10.77 -16.30
N MET A 240 -42.22 -11.85 -15.64
CA MET A 240 -40.85 -12.30 -15.64
C MET A 240 -40.46 -12.91 -16.98
N ILE A 241 -41.40 -12.94 -17.93
CA ILE A 241 -41.18 -13.43 -19.28
C ILE A 241 -41.30 -12.25 -20.24
N ILE A 242 -40.29 -12.05 -21.06
CA ILE A 242 -40.18 -10.85 -21.87
C ILE A 242 -41.07 -11.00 -23.11
N THR A 243 -42.13 -10.20 -23.18
CA THR A 243 -42.93 -10.07 -24.39
C THR A 243 -42.67 -8.76 -25.13
N VAL A 244 -42.24 -7.72 -24.40
CA VAL A 244 -41.87 -6.44 -24.99
C VAL A 244 -40.56 -6.02 -24.33
N LEU A 245 -39.62 -5.53 -25.14
CA LEU A 245 -38.30 -5.17 -24.65
C LEU A 245 -38.14 -3.65 -24.67
N PRO A 246 -37.96 -2.99 -23.52
CA PRO A 246 -37.74 -1.54 -23.55
C PRO A 246 -36.45 -1.16 -24.27
N VAL A 247 -36.51 -0.03 -24.96
CA VAL A 247 -35.39 0.49 -25.74
C VAL A 247 -34.90 1.78 -25.07
N PRO A 248 -33.71 1.77 -24.44
CA PRO A 248 -33.29 2.95 -23.70
C PRO A 248 -33.03 4.12 -24.63
N PRO A 249 -33.15 5.36 -24.13
CA PRO A 249 -32.88 6.51 -24.99
C PRO A 249 -31.43 6.56 -25.39
N PRO A 250 -31.09 7.27 -26.46
CA PRO A 250 -29.67 7.42 -26.84
C PRO A 250 -28.84 8.02 -25.71
N SER A 251 -29.49 8.70 -24.77
CA SER A 251 -28.78 9.23 -23.61
C SER A 251 -28.08 8.10 -22.86
N VAL A 252 -28.77 6.99 -22.66
CA VAL A 252 -28.16 5.83 -22.00
C VAL A 252 -27.07 5.23 -22.86
N ARG A 253 -27.21 5.34 -24.19
CA ARG A 253 -26.29 4.71 -25.15
C ARG A 253 -25.91 5.75 -26.19
N PRO A 254 -24.95 6.62 -25.88
CA PRO A 254 -24.58 7.68 -26.82
C PRO A 254 -23.58 7.20 -27.88
N SER A 255 -23.47 7.98 -28.94
CA SER A 255 -22.58 7.66 -30.05
C SER A 255 -21.25 8.38 -29.87
N ILE A 256 -20.17 7.64 -30.11
CA ILE A 256 -18.83 8.17 -29.92
C ILE A 256 -18.42 8.92 -31.19
N SER A 257 -18.15 10.21 -31.06
CA SER A 257 -17.79 11.09 -32.18
C SER A 257 -16.35 11.53 -31.97
N VAL A 258 -15.43 10.91 -32.70
CA VAL A 258 -13.99 11.13 -32.47
C VAL A 258 -13.57 12.31 -33.32
N ASP A 259 -13.83 13.50 -32.81
CA ASP A 259 -13.42 14.76 -33.45
C ASP A 259 -13.56 14.67 -34.96
N GLY A 260 -14.70 14.17 -35.41
CA GLY A 260 -14.89 13.95 -36.82
C GLY A 260 -16.29 13.49 -37.13
N THR A 261 -16.49 13.08 -38.38
CA THR A 261 -17.78 12.61 -38.87
C THR A 261 -17.97 11.15 -38.48
N SER A 262 -18.20 10.93 -37.20
CA SER A 262 -18.37 9.59 -36.64
C SER A 262 -19.73 9.48 -35.97
N ARG A 263 -20.43 8.38 -36.25
CA ARG A 263 -21.68 8.05 -35.58
C ARG A 263 -21.66 6.56 -35.23
N GLY A 264 -20.55 6.13 -34.63
CA GLY A 264 -20.27 4.72 -34.42
C GLY A 264 -21.21 4.00 -33.46
N GLU A 265 -21.99 4.75 -32.68
CA GLU A 265 -22.97 4.14 -31.78
C GLU A 265 -22.30 3.40 -30.63
N ASP A 266 -23.10 2.87 -29.72
CA ASP A 266 -22.65 2.22 -28.51
C ASP A 266 -22.96 0.72 -28.57
N ASP A 267 -22.31 -0.03 -27.66
CA ASP A 267 -22.52 -1.48 -27.62
C ASP A 267 -23.99 -1.83 -27.51
N LEU A 268 -24.72 -1.12 -26.65
CA LEU A 268 -26.15 -1.40 -26.50
C LEU A 268 -26.90 -1.11 -27.80
N THR A 269 -26.48 -0.09 -28.55
CA THR A 269 -27.12 0.17 -29.83
C THR A 269 -26.91 -1.00 -30.79
N HIS A 270 -25.69 -1.52 -30.85
CA HIS A 270 -25.42 -2.65 -31.73
C HIS A 270 -26.22 -3.88 -31.30
N LYS A 271 -26.32 -4.13 -29.99
CA LYS A 271 -27.07 -5.29 -29.55
C LYS A 271 -28.56 -5.13 -29.75
N LEU A 272 -29.09 -3.90 -29.65
CA LEU A 272 -30.49 -3.68 -29.97
C LEU A 272 -30.73 -3.88 -31.46
N SER A 273 -29.77 -3.47 -32.30
CA SER A 273 -29.88 -3.75 -33.72
C SER A 273 -29.91 -5.26 -33.98
N ASP A 274 -29.05 -6.02 -33.29
CA ASP A 274 -29.07 -7.46 -33.44
C ASP A 274 -30.40 -8.05 -32.97
N ILE A 275 -30.91 -7.57 -31.84
CA ILE A 275 -32.15 -8.12 -31.29
C ILE A 275 -33.31 -7.87 -32.27
N ILE A 276 -33.39 -6.65 -32.80
CA ILE A 276 -34.46 -6.35 -33.73
C ILE A 276 -34.29 -7.12 -35.03
N LYS A 277 -33.05 -7.32 -35.50
CA LYS A 277 -32.86 -8.13 -36.70
C LYS A 277 -33.33 -9.57 -36.46
N ALA A 278 -32.99 -10.15 -35.32
CA ALA A 278 -33.42 -11.51 -35.02
C ALA A 278 -34.94 -11.59 -34.90
N ASN A 279 -35.54 -10.57 -34.28
CA ASN A 279 -37.00 -10.54 -34.18
C ASN A 279 -37.65 -10.48 -35.54
N ALA A 280 -37.12 -9.63 -36.44
CA ALA A 280 -37.65 -9.56 -37.79
C ALA A 280 -37.49 -10.89 -38.50
N ASN A 281 -36.37 -11.57 -38.28
CA ASN A 281 -36.17 -12.88 -38.90
C ASN A 281 -37.21 -13.87 -38.42
N VAL A 282 -37.49 -13.90 -37.12
CA VAL A 282 -38.48 -14.83 -36.59
C VAL A 282 -39.86 -14.51 -37.16
N ARG A 283 -40.21 -13.22 -37.22
CA ARG A 283 -41.51 -12.85 -37.78
C ARG A 283 -41.61 -13.26 -39.25
N ARG A 284 -40.56 -13.03 -40.03
CA ARG A 284 -40.58 -13.40 -41.44
C ARG A 284 -40.71 -14.91 -41.61
N CYS A 285 -39.99 -15.67 -40.79
CA CYS A 285 -40.09 -17.13 -40.87
C CYS A 285 -41.51 -17.60 -40.53
N GLU A 286 -42.09 -17.03 -39.49
CA GLU A 286 -43.46 -17.41 -39.13
C GLU A 286 -44.48 -16.93 -40.16
N GLN A 287 -44.11 -15.94 -40.99
CA GLN A 287 -45.04 -15.46 -42.00
C GLN A 287 -45.02 -16.33 -43.25
N GLU A 288 -43.83 -16.52 -43.84
CA GLU A 288 -43.74 -17.28 -45.08
C GLU A 288 -44.17 -18.72 -44.92
N GLY A 289 -44.23 -19.22 -43.69
CA GLY A 289 -44.52 -20.62 -43.46
C GLY A 289 -43.27 -21.46 -43.53
N ALA A 290 -42.17 -20.94 -42.99
CA ALA A 290 -40.91 -21.64 -43.03
C ALA A 290 -40.96 -22.86 -42.12
N PRO A 291 -40.07 -23.84 -42.34
CA PRO A 291 -40.07 -25.03 -41.50
C PRO A 291 -39.83 -24.69 -40.04
N ALA A 292 -40.37 -25.52 -39.15
CA ALA A 292 -40.27 -25.26 -37.71
C ALA A 292 -38.82 -25.15 -37.28
N HIS A 293 -37.94 -25.98 -37.84
CA HIS A 293 -36.53 -25.89 -37.47
C HIS A 293 -35.93 -24.55 -37.89
N ILE A 294 -36.33 -24.02 -39.04
CA ILE A 294 -35.86 -22.70 -39.45
C ILE A 294 -36.34 -21.64 -38.45
N VAL A 295 -37.57 -21.79 -37.95
CA VAL A 295 -38.08 -20.84 -36.95
C VAL A 295 -37.28 -20.94 -35.66
N SER A 296 -36.96 -22.16 -35.23
CA SER A 296 -36.17 -22.33 -34.02
C SER A 296 -34.77 -21.76 -34.19
N GLU A 297 -34.22 -21.85 -35.41
CA GLU A 297 -32.90 -21.27 -35.67
C GLU A 297 -32.82 -19.82 -35.22
N TYR A 298 -33.88 -19.05 -35.47
CA TYR A 298 -33.94 -17.66 -35.03
C TYR A 298 -34.52 -17.50 -33.64
N GLU A 299 -35.34 -18.44 -33.17
CA GLU A 299 -35.86 -18.35 -31.81
C GLU A 299 -34.75 -18.43 -30.79
N GLN A 300 -33.93 -19.47 -30.88
CA GLN A 300 -32.85 -19.66 -29.91
C GLN A 300 -31.69 -18.70 -30.15
N LEU A 301 -31.76 -17.91 -31.22
CA LEU A 301 -30.82 -16.82 -31.48
C LEU A 301 -31.31 -15.48 -30.93
N LEU A 302 -32.60 -15.21 -31.06
CA LEU A 302 -33.18 -14.04 -30.40
C LEU A 302 -33.08 -14.16 -28.89
N GLN A 303 -33.34 -15.35 -28.36
CA GLN A 303 -33.19 -15.54 -26.91
C GLN A 303 -31.75 -15.26 -26.49
N PHE A 304 -30.78 -15.74 -27.25
CA PHE A 304 -29.38 -15.50 -26.92
C PHE A 304 -29.03 -14.02 -27.00
N HIS A 305 -29.53 -13.33 -28.03
CA HIS A 305 -29.24 -11.91 -28.13
C HIS A 305 -29.80 -11.15 -26.93
N VAL A 306 -31.03 -11.44 -26.53
CA VAL A 306 -31.61 -10.75 -25.39
C VAL A 306 -30.82 -11.06 -24.12
N ALA A 307 -30.50 -12.34 -23.91
CA ALA A 307 -29.80 -12.73 -22.69
C ALA A 307 -28.45 -12.05 -22.59
N THR A 308 -27.69 -12.03 -23.68
CA THR A 308 -26.38 -11.38 -23.66
C THR A 308 -26.46 -9.86 -23.72
N TYR A 309 -27.60 -9.31 -24.13
CA TYR A 309 -27.81 -7.88 -24.02
C TYR A 309 -27.99 -7.48 -22.56
N MET A 310 -28.74 -8.27 -21.80
CA MET A 310 -28.91 -7.97 -20.38
C MET A 310 -27.76 -8.50 -19.53
N ASP A 311 -27.14 -9.61 -19.92
CA ASP A 311 -26.09 -10.22 -19.12
C ASP A 311 -25.20 -11.06 -20.03
N ASN A 312 -23.98 -10.59 -20.27
CA ASN A 312 -23.06 -11.25 -21.19
C ASN A 312 -22.02 -12.10 -20.48
N GLU A 313 -22.14 -12.29 -19.17
CA GLU A 313 -21.24 -13.17 -18.41
C GLU A 313 -21.97 -14.45 -18.00
N ILE A 314 -22.86 -14.94 -18.87
CA ILE A 314 -23.59 -16.17 -18.58
C ILE A 314 -22.61 -17.34 -18.64
N ALA A 315 -22.71 -18.22 -17.65
CA ALA A 315 -21.88 -19.41 -17.62
C ALA A 315 -22.46 -20.50 -18.53
N GLY A 316 -21.58 -21.14 -19.30
CA GLY A 316 -22.03 -22.17 -20.22
C GLY A 316 -22.57 -21.67 -21.53
N GLN A 317 -22.37 -20.40 -21.85
CA GLN A 317 -22.82 -19.83 -23.11
C GLN A 317 -21.68 -19.10 -23.79
N PRO A 318 -21.70 -18.98 -25.12
CA PRO A 318 -20.68 -18.19 -25.80
C PRO A 318 -20.95 -16.70 -25.64
N GLN A 319 -19.88 -15.96 -25.37
CA GLN A 319 -20.01 -14.52 -25.19
C GLN A 319 -20.37 -13.84 -26.51
N ALA A 320 -21.15 -12.77 -26.41
CA ALA A 320 -21.49 -11.94 -27.57
C ALA A 320 -20.29 -11.02 -27.82
N LEU A 321 -19.40 -11.47 -28.69
CA LEU A 321 -18.16 -10.75 -28.93
C LEU A 321 -18.41 -9.45 -29.69
N GLN A 322 -17.41 -8.58 -29.67
CA GLN A 322 -17.40 -7.36 -30.46
C GLN A 322 -16.78 -7.65 -31.83
N LYS A 323 -17.03 -6.74 -32.77
CA LYS A 323 -16.39 -6.85 -34.08
C LYS A 323 -14.89 -6.65 -34.00
N SER A 324 -14.38 -6.16 -32.87
CA SER A 324 -12.95 -6.04 -32.63
C SER A 324 -12.42 -7.18 -31.75
N GLY A 325 -13.16 -8.28 -31.65
CA GLY A 325 -12.76 -9.39 -30.82
C GLY A 325 -12.73 -9.06 -29.34
N ARG A 326 -13.77 -8.41 -28.84
CA ARG A 326 -13.90 -8.07 -27.43
C ARG A 326 -15.31 -8.41 -26.97
N PRO A 327 -15.46 -8.86 -25.72
CA PRO A 327 -16.81 -9.07 -25.20
C PRO A 327 -17.60 -7.77 -25.15
N LEU A 328 -18.89 -7.85 -25.45
CA LEU A 328 -19.74 -6.67 -25.39
C LEU A 328 -19.91 -6.21 -23.95
N LYS A 329 -20.16 -4.92 -23.79
CA LYS A 329 -20.46 -4.33 -22.49
C LYS A 329 -21.95 -4.48 -22.25
N SER A 330 -22.32 -5.49 -21.47
CA SER A 330 -23.72 -5.72 -21.13
C SER A 330 -24.16 -4.78 -20.02
N ILE A 331 -25.47 -4.69 -19.82
CA ILE A 331 -26.00 -3.85 -18.75
C ILE A 331 -25.48 -4.31 -17.40
N ARG A 332 -25.40 -5.63 -17.21
CA ARG A 332 -24.86 -6.15 -15.96
C ARG A 332 -23.41 -5.69 -15.76
N ALA A 333 -22.64 -5.63 -16.84
CA ALA A 333 -21.26 -5.15 -16.73
C ALA A 333 -21.22 -3.66 -16.43
N ARG A 334 -22.17 -2.90 -16.98
CA ARG A 334 -22.24 -1.47 -16.68
C ARG A 334 -22.56 -1.23 -15.21
N LEU A 335 -23.45 -2.03 -14.64
CA LEU A 335 -23.84 -1.88 -13.24
C LEU A 335 -22.87 -2.55 -12.27
N LYS A 336 -22.10 -3.52 -12.72
CA LYS A 336 -21.25 -4.33 -11.88
C LYS A 336 -19.86 -3.72 -11.71
N GLY A 337 -19.21 -4.09 -10.61
CA GLY A 337 -17.80 -3.81 -10.42
C GLY A 337 -17.53 -2.49 -9.73
N LYS A 338 -16.25 -2.27 -9.43
CA LYS A 338 -15.83 -1.00 -8.84
C LYS A 338 -16.08 0.16 -9.79
N GLU A 339 -15.85 -0.05 -11.08
CA GLU A 339 -16.05 0.99 -12.07
C GLU A 339 -17.50 1.09 -12.54
N GLY A 340 -18.39 0.24 -12.03
CA GLY A 340 -19.78 0.29 -12.39
C GLY A 340 -20.46 1.53 -11.83
N ARG A 341 -21.75 1.64 -12.15
CA ARG A 341 -22.51 2.82 -11.75
C ARG A 341 -22.55 2.98 -10.24
N LEU A 342 -22.75 1.88 -9.52
CA LEU A 342 -23.04 1.93 -8.09
C LEU A 342 -21.79 1.94 -7.22
N ARG A 343 -20.60 1.89 -7.81
CA ARG A 343 -19.38 2.00 -7.03
C ARG A 343 -18.42 3.01 -7.66
N GLY A 344 -18.60 3.28 -8.94
CA GLY A 344 -17.74 4.22 -9.64
C GLY A 344 -18.42 5.54 -9.97
N ASN A 345 -19.75 5.59 -9.82
CA ASN A 345 -20.49 6.80 -10.18
C ASN A 345 -21.52 7.23 -9.14
N LEU A 346 -21.83 6.41 -8.15
CA LEU A 346 -22.83 6.77 -7.15
C LEU A 346 -22.27 6.86 -5.75
N MET A 347 -21.58 5.83 -5.27
CA MET A 347 -20.92 5.91 -3.98
C MET A 347 -19.59 6.65 -4.08
N GLY A 348 -19.06 6.82 -5.27
CA GLY A 348 -17.88 7.64 -5.48
C GLY A 348 -18.05 8.44 -6.75
N LYS A 349 -17.37 9.57 -6.82
CA LYS A 349 -17.52 10.49 -7.94
C LYS A 349 -16.26 11.31 -8.12
N ARG A 350 -16.12 11.86 -9.32
CA ARG A 350 -15.21 12.99 -9.53
C ARG A 350 -15.93 14.26 -9.13
N VAL A 351 -15.24 15.15 -8.42
CA VAL A 351 -15.86 16.30 -7.81
C VAL A 351 -15.24 17.58 -8.36
N ASP A 352 -16.07 18.61 -8.46
CA ASP A 352 -15.62 19.94 -8.82
C ASP A 352 -14.98 20.64 -7.64
N PHE A 353 -14.29 21.75 -7.93
CA PHE A 353 -13.71 22.60 -6.90
C PHE A 353 -12.80 21.80 -5.97
N SER A 354 -11.84 21.11 -6.57
CA SER A 354 -10.85 20.35 -5.83
C SER A 354 -9.50 20.50 -6.50
N ALA A 355 -8.48 20.77 -5.70
CA ALA A 355 -7.11 20.83 -6.16
C ALA A 355 -6.31 19.66 -5.60
N ARG A 356 -5.17 19.40 -6.21
CA ARG A 356 -4.28 18.35 -5.73
C ARG A 356 -2.86 18.77 -6.07
N THR A 357 -1.93 18.47 -5.17
CA THR A 357 -0.53 18.74 -5.48
C THR A 357 0.36 18.18 -4.40
N VAL A 358 1.67 18.31 -4.64
CA VAL A 358 2.68 17.83 -3.71
C VAL A 358 2.59 18.63 -2.42
N ILE A 359 3.00 18.00 -1.31
CA ILE A 359 3.00 18.63 -0.01
C ILE A 359 4.43 18.80 0.48
N THR A 360 4.73 19.97 1.01
CA THR A 360 5.96 20.22 1.75
C THR A 360 5.61 20.73 3.14
N GLY A 361 6.64 20.91 3.96
CA GLY A 361 6.45 21.30 5.35
C GLY A 361 6.74 22.77 5.56
N ASP A 362 5.97 23.38 6.47
CA ASP A 362 6.17 24.77 6.86
C ASP A 362 6.14 24.87 8.38
N PRO A 363 7.30 24.97 9.03
CA PRO A 363 7.29 25.16 10.49
C PRO A 363 6.61 26.42 10.95
N ASN A 364 6.44 27.41 10.07
CA ASN A 364 5.86 28.69 10.44
C ASN A 364 4.35 28.73 10.27
N LEU A 365 3.75 27.66 9.77
CA LEU A 365 2.30 27.61 9.63
C LEU A 365 1.65 27.24 10.96
N SER A 366 0.45 27.75 11.17
CA SER A 366 -0.35 27.32 12.30
C SER A 366 -0.77 25.86 12.12
N LEU A 367 -1.07 25.20 13.24
CA LEU A 367 -1.45 23.79 13.17
C LEU A 367 -2.65 23.58 12.26
N ASP A 368 -3.57 24.53 12.22
CA ASP A 368 -4.81 24.39 11.46
C ASP A 368 -4.79 25.11 10.12
N GLU A 369 -3.61 25.52 9.65
CA GLU A 369 -3.50 26.28 8.41
C GLU A 369 -2.93 25.43 7.30
N LEU A 370 -3.44 25.65 6.10
CA LEU A 370 -2.94 25.03 4.88
C LEU A 370 -2.43 26.13 3.96
N GLY A 371 -1.17 26.03 3.55
CA GLY A 371 -0.60 26.96 2.60
C GLY A 371 -0.93 26.57 1.18
N VAL A 372 -1.61 27.46 0.47
CA VAL A 372 -2.18 27.17 -0.85
C VAL A 372 -1.44 27.98 -1.91
N PRO A 373 -1.01 27.38 -3.02
CA PRO A 373 -0.38 28.17 -4.08
C PRO A 373 -1.28 29.24 -4.65
N ARG A 374 -0.66 30.30 -5.17
CA ARG A 374 -1.42 31.41 -5.74
C ARG A 374 -2.26 30.96 -6.94
N SER A 375 -1.69 30.11 -7.80
CA SER A 375 -2.40 29.67 -8.98
C SER A 375 -3.67 28.90 -8.60
N ILE A 376 -3.56 28.01 -7.60
CA ILE A 376 -4.74 27.26 -7.18
C ILE A 376 -5.77 28.21 -6.58
N ALA A 377 -5.33 29.16 -5.77
CA ALA A 377 -6.26 30.14 -5.21
C ALA A 377 -6.98 30.91 -6.30
N LYS A 378 -6.27 31.22 -7.39
CA LYS A 378 -6.90 31.92 -8.50
C LYS A 378 -7.93 31.05 -9.20
N THR A 379 -7.67 29.75 -9.31
CA THR A 379 -8.60 28.84 -9.98
C THR A 379 -9.86 28.65 -9.15
N LEU A 380 -9.70 28.11 -7.94
CA LEU A 380 -10.85 27.78 -7.11
C LEU A 380 -11.49 29.04 -6.56
N THR A 381 -12.81 29.03 -6.50
CA THR A 381 -13.57 30.21 -6.12
C THR A 381 -14.66 29.79 -5.13
N TYR A 382 -15.09 30.76 -4.33
CA TYR A 382 -16.20 30.59 -3.41
C TYR A 382 -17.35 31.48 -3.83
N PRO A 383 -18.57 30.95 -3.97
CA PRO A 383 -19.72 31.76 -4.41
C PRO A 383 -20.38 32.54 -3.28
N GLU A 384 -19.83 33.71 -2.99
CA GLU A 384 -20.31 34.51 -1.88
C GLU A 384 -21.49 35.37 -2.33
N THR A 385 -22.58 35.33 -1.57
CA THR A 385 -23.79 36.06 -1.92
C THR A 385 -23.65 37.52 -1.50
N VAL A 386 -24.10 38.42 -2.36
CA VAL A 386 -23.97 39.85 -2.11
C VAL A 386 -25.14 40.32 -1.27
N THR A 387 -24.83 40.96 -0.14
CA THR A 387 -25.82 41.47 0.80
C THR A 387 -25.42 42.87 1.21
N PRO A 388 -26.24 43.58 2.00
CA PRO A 388 -25.84 44.91 2.46
C PRO A 388 -24.55 44.92 3.25
N TYR A 389 -24.10 43.77 3.75
CA TYR A 389 -22.95 43.71 4.65
C TYR A 389 -21.63 43.50 3.93
N ASN A 390 -21.65 43.01 2.69
CA ASN A 390 -20.43 42.74 1.94
C ASN A 390 -20.44 43.37 0.56
N ILE A 391 -21.48 44.16 0.22
CA ILE A 391 -21.62 44.66 -1.13
C ILE A 391 -20.41 45.48 -1.55
N TYR A 392 -19.83 46.24 -0.62
CA TYR A 392 -18.69 47.08 -0.97
C TYR A 392 -17.44 46.24 -1.26
N GLN A 393 -17.13 45.28 -0.39
CA GLN A 393 -15.95 44.46 -0.61
C GLN A 393 -16.13 43.58 -1.84
N LEU A 394 -17.36 43.10 -2.08
CA LEU A 394 -17.62 42.31 -3.28
C LEU A 394 -17.48 43.17 -4.53
N GLN A 395 -17.92 44.44 -4.46
CA GLN A 395 -17.72 45.34 -5.58
C GLN A 395 -16.24 45.54 -5.85
N GLU A 396 -15.44 45.71 -4.79
CA GLU A 396 -14.00 45.85 -4.98
C GLU A 396 -13.41 44.60 -5.61
N LEU A 397 -13.83 43.42 -5.16
CA LEU A 397 -13.31 42.18 -5.74
C LEU A 397 -13.67 42.07 -7.21
N VAL A 398 -14.92 42.41 -7.57
CA VAL A 398 -15.30 42.41 -8.97
C VAL A 398 -14.42 43.38 -9.75
N ARG A 399 -14.09 44.53 -9.15
CA ARG A 399 -13.22 45.50 -9.80
C ARG A 399 -11.83 44.91 -10.03
N ASN A 400 -11.32 44.12 -9.09
CA ASN A 400 -10.01 43.53 -9.25
C ASN A 400 -9.94 42.64 -10.47
N GLY A 401 -10.96 41.82 -10.68
CA GLY A 401 -11.03 40.98 -11.86
C GLY A 401 -10.52 39.57 -11.63
N PRO A 402 -10.77 38.69 -12.60
CA PRO A 402 -10.39 37.28 -12.42
C PRO A 402 -8.89 37.04 -12.36
N ASP A 403 -8.07 38.02 -12.74
CA ASP A 403 -6.64 37.80 -12.87
C ASP A 403 -5.82 38.40 -11.74
N GLU A 404 -6.42 39.25 -10.91
CA GLU A 404 -5.72 39.89 -9.80
C GLU A 404 -6.26 39.32 -8.49
N HIS A 405 -5.37 38.75 -7.68
CA HIS A 405 -5.80 38.12 -6.44
C HIS A 405 -5.54 39.04 -5.24
N PRO A 406 -6.49 39.16 -4.31
CA PRO A 406 -7.81 38.53 -4.29
C PRO A 406 -8.83 39.26 -5.17
N GLY A 407 -9.44 38.52 -6.09
CA GLY A 407 -10.43 39.09 -7.01
C GLY A 407 -11.62 38.18 -7.13
N ALA A 408 -12.24 38.18 -8.31
CA ALA A 408 -13.42 37.37 -8.56
C ALA A 408 -13.47 37.02 -10.05
N LYS A 409 -14.16 35.93 -10.35
CA LYS A 409 -14.18 35.38 -11.70
C LYS A 409 -15.55 35.44 -12.37
N TYR A 410 -16.63 35.23 -11.63
CA TYR A 410 -17.96 35.22 -12.23
C TYR A 410 -18.94 35.95 -11.32
N ILE A 411 -19.97 36.50 -11.94
CA ILE A 411 -21.12 37.07 -11.24
C ILE A 411 -22.37 36.33 -11.67
N ILE A 412 -23.14 35.84 -10.70
CA ILE A 412 -24.36 35.10 -10.96
C ILE A 412 -25.52 36.04 -10.63
N ARG A 413 -26.38 36.28 -11.61
CA ARG A 413 -27.47 37.22 -11.44
C ARG A 413 -28.69 36.53 -10.84
N ASP A 414 -29.76 37.32 -10.66
CA ASP A 414 -31.00 36.78 -10.10
C ASP A 414 -31.64 35.77 -11.04
N THR A 415 -31.53 35.98 -12.35
CA THR A 415 -32.13 35.09 -13.33
C THR A 415 -31.28 33.86 -13.60
N GLY A 416 -30.10 33.75 -12.99
CA GLY A 416 -29.22 32.62 -13.21
C GLY A 416 -28.16 32.84 -14.27
N GLU A 417 -28.24 33.92 -15.03
CA GLU A 417 -27.24 34.18 -16.06
C GLU A 417 -25.88 34.40 -15.42
N ARG A 418 -24.84 33.92 -16.08
CA ARG A 418 -23.48 33.86 -15.55
C ARG A 418 -22.61 34.85 -16.33
N ILE A 419 -22.23 35.94 -15.68
CA ILE A 419 -21.33 36.93 -16.25
C ILE A 419 -19.91 36.47 -16.00
N ASP A 420 -19.16 36.26 -17.08
CA ASP A 420 -17.74 35.95 -17.00
C ASP A 420 -16.96 37.25 -17.05
N LEU A 421 -16.24 37.56 -15.96
CA LEU A 421 -15.56 38.83 -15.85
C LEU A 421 -14.34 38.93 -16.76
N ARG A 422 -13.78 37.81 -17.21
CA ARG A 422 -12.68 37.86 -18.15
C ARG A 422 -13.16 38.32 -19.53
N TYR A 423 -14.23 37.72 -20.02
CA TYR A 423 -14.73 37.97 -21.37
C TYR A 423 -15.79 39.05 -21.42
N HIS A 424 -16.12 39.68 -20.29
CA HIS A 424 -16.99 40.84 -20.31
C HIS A 424 -16.13 42.08 -20.45
N LYS A 425 -16.39 42.86 -21.50
CA LYS A 425 -15.48 43.94 -21.87
C LYS A 425 -15.33 44.98 -20.76
N ARG A 426 -16.38 45.18 -19.96
CA ARG A 426 -16.41 46.20 -18.91
C ARG A 426 -16.77 45.57 -17.58
N ALA A 427 -16.08 44.46 -17.26
CA ALA A 427 -16.41 43.70 -16.06
C ALA A 427 -16.39 44.56 -14.81
N GLY A 428 -15.39 45.43 -14.68
CA GLY A 428 -15.21 46.17 -13.45
C GLY A 428 -16.31 47.16 -13.13
N ASP A 429 -17.05 47.60 -14.14
CA ASP A 429 -18.06 48.64 -13.98
C ASP A 429 -19.47 48.08 -13.79
N ILE A 430 -19.60 46.93 -13.16
CA ILE A 430 -20.91 46.31 -12.98
C ILE A 430 -21.35 46.50 -11.53
N PRO A 431 -22.28 47.39 -11.23
CA PRO A 431 -22.88 47.44 -9.89
C PRO A 431 -23.52 46.11 -9.51
N LEU A 432 -23.35 45.74 -8.25
CA LEU A 432 -23.94 44.50 -7.74
C LEU A 432 -25.26 44.79 -7.05
N ARG A 433 -26.15 43.79 -7.09
CA ARG A 433 -27.49 43.91 -6.53
C ARG A 433 -27.72 42.77 -5.56
N TYR A 434 -28.43 43.06 -4.47
CA TYR A 434 -28.65 42.07 -3.43
C TYR A 434 -29.32 40.83 -4.04
N GLY A 435 -28.86 39.67 -3.59
CA GLY A 435 -29.33 38.40 -4.10
C GLY A 435 -28.42 37.77 -5.13
N TRP A 436 -27.52 38.55 -5.74
CA TRP A 436 -26.58 37.99 -6.70
C TRP A 436 -25.52 37.19 -5.97
N ARG A 437 -24.63 36.57 -6.73
CA ARG A 437 -23.50 35.84 -6.17
C ARG A 437 -22.24 36.25 -6.92
N VAL A 438 -21.10 36.19 -6.22
CA VAL A 438 -19.80 36.47 -6.81
C VAL A 438 -18.90 35.30 -6.49
N GLU A 439 -18.36 34.65 -7.52
CA GLU A 439 -17.41 33.57 -7.33
C GLU A 439 -16.04 34.19 -7.13
N ARG A 440 -15.71 34.49 -5.88
CA ARG A 440 -14.47 35.20 -5.56
C ARG A 440 -13.36 34.21 -5.24
N HIS A 441 -12.14 34.56 -5.63
CA HIS A 441 -11.00 33.70 -5.35
C HIS A 441 -10.98 33.31 -3.89
N ILE A 442 -10.62 32.05 -3.61
CA ILE A 442 -10.44 31.63 -2.23
C ILE A 442 -9.25 32.39 -1.66
N ARG A 443 -9.43 32.97 -0.48
CA ARG A 443 -8.48 33.89 0.12
C ARG A 443 -7.99 33.32 1.44
N ASP A 444 -7.06 34.03 2.07
CA ASP A 444 -6.53 33.61 3.35
C ASP A 444 -7.64 33.49 4.38
N GLY A 445 -7.61 32.41 5.16
CA GLY A 445 -8.57 32.20 6.21
C GLY A 445 -9.80 31.40 5.79
N ASP A 446 -9.98 31.14 4.51
CA ASP A 446 -11.09 30.30 4.07
C ASP A 446 -10.90 28.88 4.56
N VAL A 447 -12.01 28.16 4.70
CA VAL A 447 -12.02 26.82 5.24
C VAL A 447 -12.10 25.82 4.10
N VAL A 448 -11.24 24.80 4.16
CA VAL A 448 -11.21 23.76 3.14
C VAL A 448 -11.03 22.41 3.80
N ILE A 449 -11.47 21.37 3.12
CA ILE A 449 -11.18 19.99 3.52
C ILE A 449 -9.86 19.59 2.89
N PHE A 450 -9.03 18.90 3.66
CA PHE A 450 -7.72 18.46 3.18
C PHE A 450 -7.57 17.00 3.52
N ASN A 451 -7.08 16.20 2.56
CA ASN A 451 -6.95 14.78 2.81
C ASN A 451 -5.85 14.15 1.97
N ARG A 452 -5.48 12.96 2.39
CA ARG A 452 -4.55 12.06 1.71
C ARG A 452 -5.22 10.69 1.56
N GLN A 453 -4.81 9.97 0.52
CA GLN A 453 -5.24 8.59 0.36
C GLN A 453 -4.09 7.64 0.63
N PRO A 454 -4.39 6.44 1.16
CA PRO A 454 -5.73 5.97 1.51
C PRO A 454 -6.27 6.62 2.78
N SER A 455 -7.58 6.85 2.82
CA SER A 455 -8.23 7.51 3.95
C SER A 455 -8.66 6.44 4.94
N LEU A 456 -7.74 6.07 5.83
CA LEU A 456 -7.95 4.91 6.68
C LEU A 456 -8.80 5.21 7.91
N HIS A 457 -9.01 6.48 8.25
CA HIS A 457 -9.82 6.81 9.42
C HIS A 457 -10.27 8.24 9.31
N LYS A 458 -11.11 8.64 10.26
CA LYS A 458 -11.74 9.95 10.24
C LYS A 458 -10.73 11.07 10.09
N MET A 459 -9.53 10.89 10.64
CA MET A 459 -8.57 11.97 10.77
C MET A 459 -7.81 12.23 9.49
N SER A 460 -8.17 11.53 8.41
CA SER A 460 -7.54 11.72 7.10
C SER A 460 -8.23 12.75 6.25
N MET A 461 -9.35 13.31 6.70
CA MET A 461 -9.99 14.44 6.07
C MET A 461 -10.24 15.47 7.16
N MET A 462 -9.43 16.53 7.19
CA MET A 462 -9.58 17.55 8.24
C MET A 462 -9.71 18.92 7.64
N GLY A 463 -10.32 19.83 8.40
CA GLY A 463 -10.52 21.20 7.95
C GLY A 463 -9.30 22.07 8.24
N HIS A 464 -8.99 22.93 7.29
CA HIS A 464 -7.85 23.85 7.39
C HIS A 464 -8.27 25.23 6.95
N ARG A 465 -7.58 26.24 7.48
CA ARG A 465 -7.76 27.62 7.05
C ARG A 465 -6.70 27.96 6.00
N ILE A 466 -7.13 28.59 4.92
CA ILE A 466 -6.25 28.85 3.79
C ILE A 466 -5.24 29.94 4.13
N ARG A 467 -4.04 29.82 3.56
CA ARG A 467 -3.09 30.91 3.47
C ARG A 467 -2.51 30.89 2.06
N VAL A 468 -2.98 31.79 1.21
CA VAL A 468 -2.55 31.85 -0.17
C VAL A 468 -1.13 32.39 -0.22
N MET A 469 -0.23 31.65 -0.86
CA MET A 469 1.19 31.93 -0.70
C MET A 469 1.91 31.42 -1.95
N PRO A 470 3.12 31.93 -2.23
CA PRO A 470 3.81 31.54 -3.47
C PRO A 470 4.19 30.06 -3.52
N TYR A 471 4.73 29.65 -4.66
CA TYR A 471 5.18 28.28 -4.91
C TYR A 471 4.00 27.30 -5.01
N SER A 472 4.29 26.11 -5.55
CA SER A 472 3.26 25.21 -6.07
C SER A 472 2.92 24.04 -5.16
N THR A 473 3.51 23.95 -3.98
CA THR A 473 3.21 22.86 -3.07
C THR A 473 2.17 23.27 -2.03
N PHE A 474 1.41 22.28 -1.58
CA PHE A 474 0.64 22.39 -0.34
C PHE A 474 1.55 22.30 0.87
N ARG A 475 1.61 23.37 1.65
CA ARG A 475 2.42 23.42 2.85
C ARG A 475 1.55 23.35 4.10
N LEU A 476 1.94 22.49 5.03
CA LEU A 476 1.15 22.19 6.21
C LEU A 476 2.07 21.92 7.39
N ASN A 477 1.53 22.10 8.60
CA ASN A 477 2.32 21.98 9.81
C ASN A 477 2.85 20.56 9.99
N LEU A 478 4.04 20.46 10.58
CA LEU A 478 4.71 19.16 10.68
C LEU A 478 3.92 18.19 11.55
N SER A 479 3.37 18.67 12.66
CA SER A 479 2.67 17.78 13.59
C SER A 479 1.37 17.23 13.01
N VAL A 480 0.87 17.81 11.91
CA VAL A 480 -0.32 17.29 11.25
C VAL A 480 -0.03 16.15 10.31
N THR A 481 1.25 15.83 10.07
CA THR A 481 1.59 14.73 9.17
C THR A 481 1.09 13.39 9.70
N SER A 482 1.19 13.18 11.01
CA SER A 482 0.87 11.87 11.57
C SER A 482 -0.56 11.43 11.26
N PRO A 483 -1.60 12.22 11.52
CA PRO A 483 -2.95 11.78 11.15
C PRO A 483 -3.10 11.46 9.67
N TYR A 484 -2.36 12.16 8.81
CA TYR A 484 -2.40 11.87 7.39
C TYR A 484 -1.46 10.76 6.97
N ASN A 485 -0.57 10.32 7.87
CA ASN A 485 0.45 9.34 7.52
C ASN A 485 1.29 9.83 6.35
N ALA A 486 1.48 11.15 6.30
CA ALA A 486 2.09 11.82 5.17
C ALA A 486 3.51 12.21 5.49
N ASP A 487 4.36 12.21 4.46
CA ASP A 487 5.69 12.78 4.55
C ASP A 487 5.99 13.45 3.21
N PHE A 488 7.11 14.16 3.16
CA PHE A 488 7.43 15.03 2.04
C PHE A 488 8.48 14.43 1.12
N ASP A 489 8.40 13.13 0.87
CA ASP A 489 9.24 12.46 -0.10
C ASP A 489 8.56 12.32 -1.46
N GLY A 490 7.40 12.96 -1.64
CA GLY A 490 6.70 12.88 -2.90
C GLY A 490 5.20 12.75 -2.76
N ASP A 491 4.70 12.71 -1.53
CA ASP A 491 3.27 12.54 -1.32
C ASP A 491 2.50 13.69 -1.95
N GLU A 492 1.33 13.37 -2.47
CA GLU A 492 0.41 14.35 -3.03
C GLU A 492 -0.89 14.31 -2.22
N MET A 493 -1.46 15.48 -1.95
CA MET A 493 -2.68 15.56 -1.18
C MET A 493 -3.72 16.38 -1.92
N ASN A 494 -4.97 16.16 -1.54
CA ASN A 494 -6.15 16.73 -2.17
C ASN A 494 -6.79 17.76 -1.26
N MET A 495 -7.34 18.81 -1.87
CA MET A 495 -8.01 19.90 -1.18
C MET A 495 -9.37 20.10 -1.82
N HIS A 496 -10.42 20.12 -1.01
CA HIS A 496 -11.79 20.34 -1.46
C HIS A 496 -12.31 21.62 -0.84
N VAL A 497 -12.91 22.47 -1.65
CA VAL A 497 -13.37 23.78 -1.21
C VAL A 497 -14.88 23.70 -1.00
N PRO A 498 -15.38 23.82 0.24
CA PRO A 498 -16.84 23.87 0.43
C PRO A 498 -17.45 25.07 -0.26
N GLN A 499 -18.64 24.87 -0.83
CA GLN A 499 -19.28 25.84 -1.71
C GLN A 499 -20.55 26.43 -1.12
N SER A 500 -20.79 26.27 0.18
CA SER A 500 -22.00 26.78 0.79
C SER A 500 -21.72 27.13 2.25
N GLU A 501 -22.63 27.93 2.81
CA GLU A 501 -22.52 28.30 4.22
C GLU A 501 -22.68 27.09 5.13
N GLU A 502 -23.60 26.19 4.78
CA GLU A 502 -23.82 25.00 5.59
C GLU A 502 -22.58 24.13 5.63
N THR A 503 -21.97 23.88 4.48
CA THR A 503 -20.77 23.06 4.42
C THR A 503 -19.61 23.73 5.16
N ARG A 504 -19.49 25.05 5.01
CA ARG A 504 -18.46 25.77 5.74
C ARG A 504 -18.65 25.62 7.25
N ALA A 505 -19.89 25.77 7.72
CA ALA A 505 -20.16 25.61 9.14
C ALA A 505 -19.79 24.22 9.60
N GLU A 506 -20.13 23.20 8.83
CA GLU A 506 -19.79 21.83 9.23
C GLU A 506 -18.28 21.63 9.31
N ILE A 507 -17.55 22.06 8.29
CA ILE A 507 -16.10 21.89 8.33
C ILE A 507 -15.50 22.65 9.49
N GLN A 508 -15.97 23.87 9.74
CA GLN A 508 -15.36 24.69 10.77
C GLN A 508 -15.70 24.20 12.18
N GLU A 509 -16.90 23.65 12.36
CA GLU A 509 -17.40 23.33 13.69
C GLU A 509 -17.19 21.88 14.09
N ILE A 510 -16.91 20.97 13.15
CA ILE A 510 -16.74 19.56 13.44
C ILE A 510 -15.37 19.05 13.01
N THR A 511 -14.94 19.42 11.81
CA THR A 511 -13.87 18.73 11.12
C THR A 511 -12.51 19.40 11.29
N MET A 512 -12.44 20.57 11.93
CA MET A 512 -11.22 21.34 11.93
C MET A 512 -10.10 20.61 12.66
N VAL A 513 -8.86 20.94 12.29
CA VAL A 513 -7.70 20.20 12.81
C VAL A 513 -7.61 20.30 14.33
N PRO A 514 -7.75 21.47 14.96
CA PRO A 514 -7.63 21.50 16.43
C PRO A 514 -8.68 20.66 17.13
N LYS A 515 -9.89 20.60 16.58
CA LYS A 515 -10.94 19.76 17.13
C LYS A 515 -10.66 18.28 16.98
N GLN A 516 -9.50 17.92 16.43
CA GLN A 516 -9.21 16.55 16.03
C GLN A 516 -7.89 16.05 16.58
N ILE A 517 -7.28 16.76 17.54
CA ILE A 517 -6.00 16.34 18.07
C ILE A 517 -6.14 15.02 18.83
N VAL A 518 -7.23 14.86 19.56
CA VAL A 518 -7.52 13.64 20.29
C VAL A 518 -8.62 12.89 19.55
N SER A 519 -8.38 11.61 19.26
CA SER A 519 -9.25 10.78 18.48
C SER A 519 -10.03 9.81 19.36
N PRO A 520 -11.19 9.35 18.91
CA PRO A 520 -11.95 8.36 19.69
C PRO A 520 -11.45 6.94 19.54
N GLN A 521 -10.56 6.65 18.60
CA GLN A 521 -10.09 5.28 18.41
C GLN A 521 -9.45 4.74 19.67
N SER A 522 -8.49 5.50 20.22
CA SER A 522 -7.79 5.11 21.44
C SER A 522 -7.94 6.14 22.53
N ASN A 523 -8.95 7.01 22.42
CA ASN A 523 -9.19 8.10 23.37
C ASN A 523 -7.88 8.78 23.77
N LYS A 524 -7.00 8.99 22.79
CA LYS A 524 -5.71 9.65 23.03
C LYS A 524 -5.36 10.54 21.85
N PRO A 525 -4.38 11.43 22.01
CA PRO A 525 -4.01 12.33 20.89
C PRO A 525 -3.48 11.56 19.69
N VAL A 526 -3.79 12.08 18.50
CA VAL A 526 -3.20 11.57 17.27
C VAL A 526 -2.14 12.52 16.71
N MET A 527 -1.92 13.66 17.36
CA MET A 527 -0.95 14.66 16.93
C MET A 527 0.03 14.92 18.05
N GLY A 528 1.28 15.21 17.69
CA GLY A 528 2.28 15.46 18.70
C GLY A 528 3.48 16.15 18.10
N ILE A 529 4.53 16.25 18.91
CA ILE A 529 5.78 16.87 18.51
C ILE A 529 6.67 15.82 17.87
N VAL A 530 7.22 16.13 16.69
CA VAL A 530 7.86 15.13 15.85
C VAL A 530 9.18 15.65 15.29
N GLN A 531 10.14 14.73 15.17
CA GLN A 531 11.40 14.93 14.44
C GLN A 531 12.17 16.11 15.03
N ASP A 532 12.46 17.16 14.28
CA ASP A 532 13.36 18.19 14.77
C ASP A 532 12.82 18.86 16.03
N THR A 533 11.53 19.12 16.08
CA THR A 533 10.98 19.77 17.27
C THR A 533 11.13 18.86 18.49
N LEU A 534 10.95 17.55 18.30
CA LEU A 534 11.08 16.62 19.43
C LEU A 534 12.53 16.52 19.90
N ALA A 535 13.46 16.37 18.97
CA ALA A 535 14.87 16.30 19.35
C ALA A 535 15.33 17.61 19.99
N GLY A 536 14.88 18.74 19.44
CA GLY A 536 15.26 20.03 19.98
C GLY A 536 14.58 20.37 21.29
N VAL A 537 13.42 19.77 21.58
CA VAL A 537 12.83 19.99 22.88
C VAL A 537 13.45 19.08 23.92
N ARG A 538 13.98 17.92 23.51
CA ARG A 538 14.81 17.15 24.42
C ARG A 538 16.11 17.88 24.73
N LYS A 539 16.71 18.52 23.73
CA LYS A 539 17.96 19.25 23.95
C LYS A 539 17.73 20.58 24.66
N PHE A 540 16.56 21.19 24.44
CA PHE A 540 16.26 22.48 25.03
C PHE A 540 16.00 22.37 26.52
N SER A 541 15.32 21.30 26.94
CA SER A 541 14.92 21.12 28.32
C SER A 541 15.98 20.43 29.17
N LEU A 542 17.14 20.12 28.59
CA LEU A 542 18.22 19.59 29.41
C LEU A 542 18.55 20.56 30.53
N ARG A 543 19.06 20.02 31.64
CA ARG A 543 19.27 20.83 32.83
C ARG A 543 20.31 21.91 32.60
N ASP A 544 21.40 21.58 31.90
CA ASP A 544 22.50 22.51 31.71
C ASP A 544 22.33 23.39 30.48
N ASN A 545 21.10 23.62 30.03
CA ASN A 545 20.83 24.51 28.91
C ASN A 545 20.55 25.90 29.48
N PHE A 546 21.50 26.81 29.32
CA PHE A 546 21.39 28.17 29.83
C PHE A 546 21.32 29.14 28.66
N LEU A 547 20.31 29.99 28.68
CA LEU A 547 20.08 30.97 27.63
C LEU A 547 20.44 32.36 28.14
N THR A 548 21.22 33.08 27.35
CA THR A 548 21.61 34.43 27.70
C THR A 548 20.53 35.42 27.30
N ARG A 549 20.67 36.65 27.80
CA ARG A 549 19.67 37.69 27.61
C ARG A 549 19.29 37.83 26.14
N ASN A 550 20.30 37.87 25.26
CA ASN A 550 20.03 38.05 23.84
C ASN A 550 19.13 36.93 23.30
N ALA A 551 19.47 35.67 23.62
CA ALA A 551 18.73 34.54 23.07
C ALA A 551 17.31 34.48 23.62
N VAL A 552 17.15 34.62 24.93
CA VAL A 552 15.83 34.60 25.53
C VAL A 552 14.96 35.68 24.91
N MET A 553 15.55 36.84 24.68
CA MET A 553 14.84 38.03 24.26
C MET A 553 14.57 38.05 22.77
N ASN A 554 15.29 37.25 21.98
CA ASN A 554 14.87 36.94 20.62
C ASN A 554 13.79 35.86 20.58
N ILE A 555 13.86 34.90 21.51
CA ILE A 555 12.86 33.83 21.55
C ILE A 555 11.50 34.39 21.94
N MET A 556 11.46 35.38 22.83
CA MET A 556 10.19 35.89 23.32
C MET A 556 9.29 36.35 22.19
N LEU A 557 9.87 36.84 21.09
CA LEU A 557 9.06 37.31 19.98
C LEU A 557 8.40 36.16 19.21
N TRP A 558 8.81 34.92 19.46
CA TRP A 558 8.18 33.77 18.86
C TRP A 558 7.12 33.13 19.74
N VAL A 559 7.08 33.49 21.02
CA VAL A 559 6.06 32.97 21.93
C VAL A 559 4.72 33.58 21.52
N PRO A 560 3.73 32.78 21.12
CA PRO A 560 2.44 33.37 20.76
C PRO A 560 1.71 33.89 21.98
N ASP A 561 1.02 35.02 21.80
CA ASP A 561 0.28 35.67 22.88
C ASP A 561 1.19 35.95 24.07
N TRP A 562 2.42 36.36 23.79
CA TRP A 562 3.31 36.83 24.84
C TRP A 562 2.80 38.15 25.39
N ASP A 563 2.78 38.28 26.71
CA ASP A 563 2.20 39.47 27.33
C ASP A 563 3.17 40.64 27.40
N GLY A 564 4.40 40.47 26.95
CA GLY A 564 5.35 41.56 26.90
C GLY A 564 6.26 41.67 28.11
N ILE A 565 6.23 40.70 29.02
CA ILE A 565 7.00 40.74 30.25
C ILE A 565 8.09 39.67 30.16
N LEU A 566 9.34 40.09 30.36
CA LEU A 566 10.43 39.13 30.39
C LEU A 566 10.32 38.26 31.63
N PRO A 567 10.40 36.94 31.51
CA PRO A 567 10.49 36.10 32.70
C PRO A 567 11.75 36.43 33.48
N PRO A 568 11.68 36.45 34.82
CA PRO A 568 12.89 36.74 35.59
C PRO A 568 13.92 35.65 35.42
N PRO A 569 15.21 36.00 35.36
CA PRO A 569 16.23 34.96 35.22
C PRO A 569 16.28 34.05 36.43
N VAL A 570 16.71 32.81 36.21
CA VAL A 570 16.89 31.89 37.31
C VAL A 570 18.26 32.02 37.94
N ILE A 571 19.20 32.67 37.26
CA ILE A 571 20.51 33.01 37.82
C ILE A 571 20.70 34.51 37.64
N LEU A 572 20.96 35.20 38.75
CA LEU A 572 21.14 36.65 38.72
C LEU A 572 22.61 37.06 38.74
N LYS A 573 23.45 36.35 39.47
CA LYS A 573 24.88 36.58 39.48
C LYS A 573 25.59 35.24 39.41
N PRO A 574 26.84 35.20 38.92
CA PRO A 574 27.59 36.33 38.37
C PRO A 574 27.12 36.74 36.99
N LYS A 575 26.43 35.84 36.30
CA LYS A 575 25.91 36.07 34.97
C LYS A 575 24.40 35.87 34.97
N VAL A 576 23.69 36.75 34.28
CA VAL A 576 22.23 36.65 34.21
C VAL A 576 21.86 35.63 33.15
N LEU A 577 21.13 34.59 33.55
CA LEU A 577 20.82 33.48 32.67
C LEU A 577 19.40 33.01 32.90
N TRP A 578 18.80 32.44 31.87
CA TRP A 578 17.56 31.70 31.95
C TRP A 578 17.85 30.23 31.64
N THR A 579 16.88 29.37 31.89
CA THR A 579 17.05 27.95 31.59
C THR A 579 16.07 27.52 30.51
N GLY A 580 16.40 26.42 29.86
CA GLY A 580 15.52 25.90 28.82
C GLY A 580 14.16 25.50 29.35
N LYS A 581 14.12 24.86 30.53
CA LYS A 581 12.85 24.51 31.13
C LYS A 581 12.02 25.74 31.43
N GLN A 582 12.65 26.78 31.96
CA GLN A 582 11.94 28.01 32.29
C GLN A 582 11.32 28.63 31.05
N ILE A 583 12.09 28.75 29.97
CA ILE A 583 11.59 29.38 28.76
C ILE A 583 10.53 28.50 28.09
N LEU A 584 10.73 27.19 28.12
CA LEU A 584 9.76 26.27 27.55
C LEU A 584 8.43 26.32 28.30
N SER A 585 8.49 26.55 29.62
CA SER A 585 7.27 26.64 30.41
C SER A 585 6.39 27.81 30.00
N LEU A 586 6.94 28.81 29.32
CA LEU A 586 6.13 29.93 28.85
C LEU A 586 5.12 29.49 27.79
N ILE A 587 5.35 28.33 27.18
CA ILE A 587 4.44 27.82 26.15
C ILE A 587 3.33 26.97 26.75
N ILE A 588 3.52 26.43 27.95
CA ILE A 588 2.50 25.63 28.62
C ILE A 588 1.50 26.58 29.27
N PRO A 589 0.21 26.47 28.98
CA PRO A 589 -0.76 27.38 29.60
C PRO A 589 -0.84 27.20 31.11
N LYS A 590 -1.24 28.28 31.78
CA LYS A 590 -1.39 28.24 33.22
C LYS A 590 -2.54 27.32 33.61
N GLY A 591 -2.37 26.63 34.74
CA GLY A 591 -3.38 25.70 35.20
C GLY A 591 -3.25 24.30 34.65
N ILE A 592 -2.07 23.93 34.15
CA ILE A 592 -1.81 22.60 33.64
C ILE A 592 -0.90 21.88 34.63
N ASN A 593 -1.40 20.80 35.21
CA ASN A 593 -0.66 20.01 36.19
C ASN A 593 -0.42 18.62 35.63
N LEU A 594 0.82 18.14 35.71
CA LEU A 594 1.17 16.86 35.12
C LEU A 594 2.30 16.24 35.93
N ILE A 595 2.07 15.04 36.47
CA ILE A 595 3.07 14.28 37.18
C ILE A 595 3.31 12.98 36.42
N ARG A 596 4.57 12.66 36.18
CA ARG A 596 4.94 11.40 35.53
C ARG A 596 6.23 10.90 36.16
N ASP A 597 6.11 10.01 37.13
CA ASP A 597 7.26 9.42 37.81
C ASP A 597 7.71 8.19 37.04
N ASP A 598 8.99 8.17 36.67
CA ASP A 598 9.63 6.94 36.21
C ASP A 598 10.24 6.14 37.36
N ASP A 599 10.44 6.77 38.51
CA ASP A 599 10.84 6.11 39.74
C ASP A 599 10.00 6.67 40.88
N LYS A 600 9.63 5.81 41.83
CA LYS A 600 8.69 6.16 42.88
C LYS A 600 9.37 6.70 44.13
N GLN A 601 10.53 7.35 43.98
CA GLN A 601 11.31 7.84 45.12
C GLN A 601 11.54 9.34 44.97
N SER A 602 10.86 10.13 45.80
CA SER A 602 11.16 11.56 45.93
C SER A 602 10.86 12.35 44.67
N LEU A 603 10.80 13.67 44.81
CA LEU A 603 10.75 14.59 43.69
C LEU A 603 12.10 15.28 43.47
N SER A 604 13.20 14.57 43.68
CA SER A 604 14.55 15.11 43.68
C SER A 604 15.47 14.27 42.81
N ASN A 605 15.04 13.99 41.60
CA ASN A 605 15.76 13.05 40.76
C ASN A 605 17.14 13.60 40.39
N PRO A 606 18.23 12.89 40.73
CA PRO A 606 19.55 13.37 40.28
C PRO A 606 19.74 13.32 38.78
N THR A 607 18.98 12.49 38.08
CA THR A 607 19.12 12.34 36.63
C THR A 607 18.09 13.13 35.84
N ASP A 608 17.25 13.93 36.51
CA ASP A 608 16.25 14.75 35.84
C ASP A 608 15.31 13.91 34.98
N SER A 609 14.93 12.73 35.46
CA SER A 609 13.94 11.92 34.78
C SER A 609 12.56 12.25 35.35
N GLY A 610 11.53 11.56 34.85
CA GLY A 610 10.20 11.89 35.27
C GLY A 610 9.75 13.21 34.67
N MET A 611 8.72 13.79 35.29
CA MET A 611 8.17 15.05 34.82
C MET A 611 7.26 15.64 35.88
N LEU A 612 7.45 16.92 36.21
CA LEU A 612 6.56 17.62 37.11
C LEU A 612 6.25 18.98 36.51
N ILE A 613 4.97 19.20 36.21
CA ILE A 613 4.46 20.47 35.71
C ILE A 613 3.40 20.93 36.70
N GLU A 614 3.58 22.14 37.23
CA GLU A 614 2.68 22.70 38.22
C GLU A 614 2.25 24.09 37.78
N ASN A 615 0.96 24.24 37.49
CA ASN A 615 0.42 25.52 37.04
C ASN A 615 1.12 26.02 35.78
N GLY A 616 1.49 25.11 34.89
CA GLY A 616 2.11 25.46 33.64
C GLY A 616 3.61 25.67 33.71
N GLU A 617 4.24 25.42 34.86
CA GLU A 617 5.67 25.57 35.03
C GLU A 617 6.31 24.20 35.20
N ILE A 618 7.31 23.92 34.37
CA ILE A 618 8.07 22.68 34.50
C ILE A 618 8.98 22.80 35.71
N ILE A 619 8.83 21.87 36.65
CA ILE A 619 9.70 21.83 37.82
C ILE A 619 10.93 21.00 37.55
N TYR A 620 10.75 19.78 37.04
CA TYR A 620 11.86 18.93 36.67
C TYR A 620 11.38 17.97 35.60
N GLY A 621 12.35 17.38 34.90
CA GLY A 621 12.07 16.41 33.86
C GLY A 621 12.41 16.93 32.47
N VAL A 622 13.09 16.11 31.68
CA VAL A 622 13.36 16.43 30.29
C VAL A 622 12.11 16.17 29.47
N VAL A 623 11.87 17.00 28.46
CA VAL A 623 10.65 16.94 27.66
C VAL A 623 10.92 16.04 26.45
N ASP A 624 10.12 14.98 26.31
CA ASP A 624 10.35 13.95 25.31
C ASP A 624 9.05 13.50 24.67
N LYS A 625 9.09 12.39 23.93
CA LYS A 625 7.86 11.77 23.45
C LYS A 625 6.98 11.35 24.62
N LYS A 626 7.58 11.00 25.75
CA LYS A 626 6.82 10.63 26.93
C LYS A 626 6.01 11.79 27.47
N THR A 627 6.36 13.02 27.08
CA THR A 627 5.66 14.23 27.52
C THR A 627 4.89 14.89 26.39
N VAL A 628 5.54 15.13 25.24
CA VAL A 628 4.96 15.93 24.16
C VAL A 628 4.62 15.11 22.94
N GLY A 629 4.80 13.80 22.97
CA GLY A 629 4.39 12.94 21.88
C GLY A 629 2.88 12.76 21.88
N ALA A 630 2.43 11.89 20.97
CA ALA A 630 1.02 11.53 20.93
C ALA A 630 0.74 10.35 21.87
N SER A 631 1.18 10.50 23.11
CA SER A 631 0.98 9.52 24.16
C SER A 631 -0.25 9.88 24.96
N GLN A 632 -0.79 8.89 25.67
CA GLN A 632 -2.04 9.08 26.39
C GLN A 632 -1.76 9.46 27.84
N GLY A 633 -2.35 10.57 28.27
CA GLY A 633 -2.06 11.13 29.57
C GLY A 633 -0.89 12.09 29.59
N GLY A 634 -0.39 12.49 28.44
CA GLY A 634 0.75 13.39 28.35
C GLY A 634 0.33 14.84 28.30
N LEU A 635 1.28 15.68 27.92
CA LEU A 635 1.05 17.12 27.92
C LEU A 635 0.01 17.51 26.88
N VAL A 636 0.06 16.91 25.69
CA VAL A 636 -0.89 17.25 24.64
C VAL A 636 -2.31 16.84 25.05
N HIS A 637 -2.46 15.60 25.53
CA HIS A 637 -3.77 15.14 25.95
C HIS A 637 -4.30 15.96 27.11
N THR A 638 -3.44 16.25 28.08
CA THR A 638 -3.84 17.06 29.23
C THR A 638 -4.28 18.44 28.79
N ILE A 639 -3.49 19.10 27.95
CA ILE A 639 -3.82 20.46 27.52
C ILE A 639 -5.11 20.46 26.73
N TRP A 640 -5.26 19.52 25.80
CA TRP A 640 -6.50 19.43 25.05
C TRP A 640 -7.68 19.31 26.01
N LYS A 641 -7.67 18.27 26.84
CA LYS A 641 -8.83 17.99 27.69
C LYS A 641 -9.13 19.16 28.63
N GLU A 642 -8.10 19.74 29.23
CA GLU A 642 -8.33 20.80 30.22
C GLU A 642 -8.74 22.12 29.57
N LYS A 643 -8.05 22.54 28.52
CA LYS A 643 -8.18 23.89 28.01
C LYS A 643 -9.03 24.00 26.75
N GLY A 644 -8.96 23.05 25.83
CA GLY A 644 -9.71 23.14 24.61
C GLY A 644 -8.83 22.94 23.38
N PRO A 645 -9.47 22.63 22.25
CA PRO A 645 -8.70 22.49 21.01
C PRO A 645 -7.95 23.75 20.60
N GLU A 646 -8.51 24.93 20.85
CA GLU A 646 -7.83 26.16 20.43
C GLU A 646 -6.57 26.40 21.24
N ILE A 647 -6.64 26.23 22.56
CA ILE A 647 -5.45 26.43 23.38
C ILE A 647 -4.44 25.32 23.13
N CYS A 648 -4.89 24.11 22.80
CA CYS A 648 -3.95 23.06 22.45
C CYS A 648 -3.25 23.38 21.13
N LYS A 649 -3.97 23.94 20.17
CA LYS A 649 -3.35 24.42 18.94
C LYS A 649 -2.32 25.49 19.24
N GLY A 650 -2.66 26.43 20.13
CA GLY A 650 -1.70 27.43 20.54
C GLY A 650 -0.45 26.82 21.13
N PHE A 651 -0.61 25.78 21.95
CA PHE A 651 0.55 25.10 22.53
C PHE A 651 1.42 24.50 21.43
N PHE A 652 0.78 23.82 20.47
CA PHE A 652 1.52 23.27 19.35
C PHE A 652 2.33 24.35 18.65
N ASN A 653 1.68 25.45 18.29
CA ASN A 653 2.35 26.53 17.57
C ASN A 653 3.51 27.09 18.39
N GLY A 654 3.26 27.37 19.67
CA GLY A 654 4.29 27.99 20.47
C GLY A 654 5.50 27.10 20.66
N ILE A 655 5.27 25.83 21.00
CA ILE A 655 6.39 24.93 21.23
C ILE A 655 7.17 24.74 19.93
N GLN A 656 6.47 24.55 18.81
CA GLN A 656 7.14 24.39 17.54
C GLN A 656 8.02 25.61 17.24
N ARG A 657 7.45 26.81 17.33
CA ARG A 657 8.19 28.01 16.97
C ARG A 657 9.40 28.21 17.87
N VAL A 658 9.21 28.05 19.19
CA VAL A 658 10.29 28.34 20.13
C VAL A 658 11.43 27.34 19.96
N VAL A 659 11.09 26.05 19.91
CA VAL A 659 12.14 25.05 19.78
C VAL A 659 12.79 25.14 18.41
N ASN A 660 12.04 25.50 17.38
CA ASN A 660 12.63 25.61 16.06
C ASN A 660 13.61 26.76 15.98
N TYR A 661 13.29 27.90 16.59
CA TYR A 661 14.27 28.98 16.66
C TYR A 661 15.52 28.54 17.41
N TRP A 662 15.34 27.94 18.59
CA TRP A 662 16.50 27.57 19.39
C TRP A 662 17.36 26.54 18.67
N LEU A 663 16.73 25.56 18.02
CA LEU A 663 17.48 24.52 17.33
C LEU A 663 18.13 25.06 16.05
N LEU A 664 17.48 26.01 15.37
CA LEU A 664 18.10 26.68 14.24
C LEU A 664 19.38 27.38 14.67
N HIS A 665 19.39 27.96 15.86
CA HIS A 665 20.58 28.65 16.32
C HIS A 665 21.51 27.78 17.15
N ASN A 666 21.17 26.52 17.39
CA ASN A 666 22.06 25.56 18.04
C ASN A 666 22.65 24.58 17.04
N GLY A 667 21.82 23.97 16.20
CA GLY A 667 22.30 23.03 15.20
C GLY A 667 22.35 21.60 15.71
N PHE A 668 21.83 20.67 14.91
CA PHE A 668 21.87 19.26 15.22
C PHE A 668 22.21 18.50 13.95
N SER A 669 23.08 17.51 14.06
CA SER A 669 23.61 16.82 12.89
C SER A 669 23.94 15.38 13.23
N ILE A 670 24.34 14.62 12.22
CA ILE A 670 24.75 13.24 12.36
C ILE A 670 25.76 12.91 11.27
N GLY A 671 26.64 11.95 11.55
CA GLY A 671 27.65 11.57 10.59
C GLY A 671 28.06 10.12 10.76
N ILE A 672 29.05 9.73 9.95
CA ILE A 672 29.58 8.37 10.02
C ILE A 672 30.29 8.10 11.34
N GLY A 673 30.66 9.16 12.07
CA GLY A 673 31.34 8.97 13.33
C GLY A 673 30.45 8.51 14.46
N ASP A 674 29.13 8.67 14.31
CA ASP A 674 28.20 8.25 15.34
C ASP A 674 27.84 6.78 15.27
N THR A 675 28.20 6.10 14.18
CA THR A 675 27.99 4.67 14.06
C THR A 675 29.21 3.87 14.47
N ILE A 676 30.25 4.54 14.98
CA ILE A 676 31.52 3.92 15.30
C ILE A 676 31.61 3.76 16.82
N ALA A 677 31.90 2.54 17.25
CA ALA A 677 32.10 2.23 18.66
C ALA A 677 33.57 1.92 18.90
N ASP A 678 34.05 2.31 20.08
CA ASP A 678 35.47 2.24 20.36
C ASP A 678 35.98 0.79 20.30
N ALA A 679 37.31 0.66 20.33
CA ALA A 679 37.93 -0.64 20.11
C ALA A 679 37.53 -1.64 21.18
N ASP A 680 37.48 -1.22 22.44
CA ASP A 680 37.11 -2.14 23.51
C ASP A 680 35.69 -2.66 23.32
N THR A 681 34.77 -1.78 22.91
CA THR A 681 33.40 -2.22 22.67
C THR A 681 33.34 -3.23 21.53
N MET A 682 34.15 -3.04 20.50
CA MET A 682 34.17 -4.02 19.41
C MET A 682 34.79 -5.34 19.86
N LYS A 683 35.74 -5.30 20.79
CA LYS A 683 36.21 -6.55 21.40
C LYS A 683 35.08 -7.23 22.17
N GLU A 684 34.29 -6.45 22.90
CA GLU A 684 33.13 -7.02 23.60
C GLU A 684 32.19 -7.69 22.61
N VAL A 685 31.87 -7.00 21.51
CA VAL A 685 30.96 -7.53 20.51
C VAL A 685 31.52 -8.81 19.90
N THR A 686 32.81 -8.80 19.56
CA THR A 686 33.43 -9.97 18.97
C THR A 686 33.40 -11.15 19.92
N ARG A 687 33.68 -10.92 21.20
CA ARG A 687 33.62 -12.01 22.16
C ARG A 687 32.21 -12.55 22.32
N THR A 688 31.21 -11.66 22.34
CA THR A 688 29.83 -12.11 22.40
C THR A 688 29.50 -13.02 21.22
N VAL A 689 29.87 -12.59 20.01
CA VAL A 689 29.54 -13.37 18.83
C VAL A 689 30.31 -14.69 18.82
N LYS A 690 31.57 -14.67 19.29
CA LYS A 690 32.33 -15.91 19.37
C LYS A 690 31.69 -16.90 20.32
N GLU A 691 31.22 -16.42 21.48
CA GLU A 691 30.55 -17.31 22.42
C GLU A 691 29.25 -17.85 21.84
N ALA A 692 28.51 -17.02 21.12
CA ALA A 692 27.30 -17.51 20.47
C ALA A 692 27.61 -18.59 19.44
N ARG A 693 28.68 -18.37 18.65
CA ARG A 693 29.08 -19.37 17.68
C ARG A 693 29.49 -20.67 18.36
N ARG A 694 30.22 -20.56 19.47
CA ARG A 694 30.60 -21.75 20.22
C ARG A 694 29.36 -22.51 20.69
N GLN A 695 28.41 -21.79 21.29
CA GLN A 695 27.21 -22.45 21.79
C GLN A 695 26.47 -23.15 20.67
N VAL A 696 26.33 -22.49 19.52
CA VAL A 696 25.68 -23.14 18.40
C VAL A 696 26.46 -24.36 17.95
N ALA A 697 27.78 -24.34 18.09
CA ALA A 697 28.59 -25.49 17.70
C ALA A 697 28.31 -26.69 18.58
N GLU A 698 28.31 -26.51 19.92
CA GLU A 698 27.93 -27.65 20.76
C GLU A 698 26.48 -28.04 20.57
N CYS A 699 25.60 -27.10 20.25
CA CYS A 699 24.22 -27.50 19.96
C CYS A 699 24.17 -28.41 18.74
N ILE A 700 24.91 -28.07 17.69
CA ILE A 700 24.96 -28.91 16.50
C ILE A 700 25.55 -30.28 16.84
N GLN A 701 26.62 -30.29 17.62
CA GLN A 701 27.24 -31.56 18.01
C GLN A 701 26.23 -32.44 18.75
N ASP A 702 25.52 -31.86 19.73
CA ASP A 702 24.55 -32.62 20.49
C ASP A 702 23.44 -33.14 19.60
N ALA A 703 22.89 -32.28 18.72
CA ALA A 703 21.83 -32.70 17.82
C ALA A 703 22.30 -33.79 16.87
N GLN A 704 23.59 -33.85 16.57
CA GLN A 704 24.14 -34.88 15.70
C GLN A 704 24.36 -36.20 16.41
N HIS A 705 24.16 -36.26 17.73
CA HIS A 705 24.34 -37.48 18.50
C HIS A 705 23.10 -37.82 19.31
N ASN A 706 21.95 -37.27 18.95
CA ASN A 706 20.69 -37.52 19.66
C ASN A 706 20.83 -37.19 21.15
N ARG A 707 21.62 -36.15 21.44
CA ARG A 707 21.79 -35.67 22.80
C ARG A 707 20.89 -34.48 23.12
N LEU A 708 20.05 -34.05 22.19
CA LEU A 708 19.20 -32.89 22.36
C LEU A 708 17.77 -33.37 22.55
N LYS A 709 17.29 -33.29 23.78
CA LYS A 709 15.96 -33.78 24.09
C LYS A 709 14.92 -32.89 23.42
N PRO A 710 14.05 -33.42 22.55
CA PRO A 710 13.06 -32.56 21.89
C PRO A 710 12.11 -31.94 22.90
N GLU A 711 11.77 -30.67 22.66
CA GLU A 711 10.81 -30.01 23.51
C GLU A 711 9.43 -30.64 23.32
N PRO A 712 8.57 -30.59 24.33
CA PRO A 712 7.26 -31.23 24.20
C PRO A 712 6.51 -30.70 22.98
N GLY A 713 5.97 -31.61 22.19
CA GLY A 713 5.26 -31.22 20.98
C GLY A 713 6.12 -30.48 19.99
N MET A 714 7.38 -30.89 19.84
CA MET A 714 8.30 -30.24 18.93
C MET A 714 9.29 -31.27 18.42
N THR A 715 9.36 -31.44 17.10
CA THR A 715 10.29 -32.40 16.54
C THR A 715 11.72 -31.92 16.73
N LEU A 716 12.66 -32.87 16.61
CA LEU A 716 14.06 -32.58 16.95
C LEU A 716 14.60 -31.44 16.10
N ARG A 717 14.31 -31.46 14.80
CA ARG A 717 14.80 -30.40 13.92
C ARG A 717 14.23 -29.05 14.35
N GLU A 718 12.93 -29.00 14.64
CA GLU A 718 12.30 -27.75 15.05
C GLU A 718 12.88 -27.24 16.36
N SER A 719 13.09 -28.15 17.32
CA SER A 719 13.66 -27.75 18.61
C SER A 719 15.07 -27.21 18.43
N PHE A 720 15.88 -27.87 17.60
CA PHE A 720 17.23 -27.36 17.33
C PHE A 720 17.18 -25.99 16.67
N GLU A 721 16.27 -25.81 15.70
CA GLU A 721 16.15 -24.52 15.04
C GLU A 721 15.76 -23.43 16.04
N ALA A 722 14.81 -23.73 16.93
CA ALA A 722 14.40 -22.75 17.93
C ALA A 722 15.55 -22.42 18.88
N LYS A 723 16.31 -23.43 19.30
CA LYS A 723 17.43 -23.18 20.19
C LYS A 723 18.46 -22.27 19.53
N VAL A 724 18.83 -22.56 18.29
CA VAL A 724 19.84 -21.75 17.63
C VAL A 724 19.32 -20.35 17.35
N SER A 725 18.04 -20.22 17.02
CA SER A 725 17.46 -18.89 16.84
C SER A 725 17.53 -18.08 18.12
N ARG A 726 17.21 -18.71 19.26
CA ARG A 726 17.31 -18.00 20.53
C ARG A 726 18.74 -17.58 20.81
N ILE A 727 19.70 -18.49 20.59
CA ILE A 727 21.09 -18.16 20.88
C ILE A 727 21.55 -16.98 20.03
N LEU A 728 21.20 -17.00 18.74
CA LEU A 728 21.68 -15.95 17.85
C LEU A 728 20.98 -14.62 18.12
N ASN A 729 19.69 -14.65 18.42
CA ASN A 729 19.01 -13.42 18.82
C ASN A 729 19.62 -12.83 20.08
N GLN A 730 19.92 -13.67 21.06
CA GLN A 730 20.50 -13.18 22.30
C GLN A 730 21.89 -12.63 22.06
N ALA A 731 22.65 -13.25 21.17
CA ALA A 731 23.98 -12.73 20.83
C ALA A 731 23.88 -11.35 20.21
N ARG A 732 22.96 -11.19 19.26
CA ARG A 732 22.77 -9.88 18.65
C ARG A 732 22.38 -8.85 19.70
N ASP A 733 21.48 -9.20 20.61
CA ASP A 733 21.04 -8.24 21.63
C ASP A 733 22.17 -7.89 22.59
N ASN A 734 22.97 -8.87 23.00
CA ASN A 734 24.09 -8.58 23.89
C ASN A 734 25.11 -7.68 23.24
N ALA A 735 25.45 -7.95 21.98
CA ALA A 735 26.37 -7.07 21.26
C ALA A 735 25.78 -5.66 21.14
N GLY A 736 24.49 -5.57 20.84
CA GLY A 736 23.86 -4.26 20.74
C GLY A 736 23.87 -3.52 22.05
N ARG A 737 23.64 -4.22 23.16
CA ARG A 737 23.70 -3.58 24.47
C ARG A 737 25.10 -3.06 24.77
N SER A 738 26.12 -3.86 24.45
CA SER A 738 27.49 -3.38 24.65
C SER A 738 27.74 -2.13 23.82
N ALA A 739 27.33 -2.15 22.56
CA ALA A 739 27.55 -1.01 21.68
C ALA A 739 26.86 0.23 22.21
N GLU A 740 25.58 0.10 22.58
CA GLU A 740 24.85 1.26 23.07
C GLU A 740 25.44 1.79 24.37
N HIS A 741 25.79 0.90 25.30
CA HIS A 741 26.35 1.35 26.56
C HIS A 741 27.64 2.11 26.34
N SER A 742 28.49 1.63 25.42
CA SER A 742 29.73 2.34 25.16
C SER A 742 29.49 3.75 24.61
N LEU A 743 28.42 3.93 23.85
CA LEU A 743 28.18 5.21 23.20
C LEU A 743 27.91 6.31 24.23
N LYS A 744 28.27 7.53 23.85
CA LYS A 744 28.16 8.67 24.75
C LYS A 744 26.79 9.35 24.62
N ASP A 745 26.52 10.25 25.55
CA ASP A 745 25.30 11.06 25.47
C ASP A 745 25.42 12.16 24.42
N SER A 746 26.63 12.49 24.00
CA SER A 746 26.82 13.42 22.89
C SER A 746 26.63 12.76 21.53
N ASN A 747 26.48 11.44 21.50
CA ASN A 747 26.24 10.75 20.24
C ASN A 747 24.92 11.19 19.63
N ASN A 748 24.94 11.51 18.34
CA ASN A 748 23.76 12.04 17.68
C ASN A 748 22.67 10.97 17.53
N VAL A 749 23.07 9.73 17.24
CA VAL A 749 22.09 8.65 17.13
C VAL A 749 21.42 8.43 18.47
N LYS A 750 22.21 8.39 19.56
CA LYS A 750 21.62 8.23 20.88
C LYS A 750 20.78 9.44 21.27
N GLN A 751 21.16 10.64 20.84
CA GLN A 751 20.31 11.81 21.12
C GLN A 751 18.96 11.66 20.45
N MET A 752 18.95 11.23 19.18
CA MET A 752 17.66 11.03 18.49
C MET A 752 16.86 9.92 19.13
N VAL A 753 17.52 8.84 19.55
CA VAL A 753 16.81 7.72 20.19
C VAL A 753 16.22 8.16 21.52
N ALA A 754 16.99 8.89 22.32
CA ALA A 754 16.51 9.37 23.61
C ALA A 754 15.35 10.34 23.44
N ALA A 755 15.44 11.24 22.45
CA ALA A 755 14.32 12.12 22.17
C ALA A 755 13.08 11.34 21.78
N GLY A 756 13.25 10.17 21.18
CA GLY A 756 12.14 9.44 20.61
C GLY A 756 11.72 9.92 19.25
N SER A 757 12.51 10.77 18.61
CA SER A 757 12.14 11.35 17.32
C SER A 757 12.37 10.39 16.16
N LYS A 758 13.39 9.54 16.25
CA LYS A 758 13.66 8.58 15.19
C LYS A 758 14.68 7.57 15.69
N GLY A 759 14.57 6.34 15.20
CA GLY A 759 15.52 5.31 15.55
C GLY A 759 15.17 4.61 16.86
N SER A 760 15.95 3.59 17.16
CA SER A 760 15.76 2.80 18.38
C SER A 760 17.02 1.98 18.61
N PHE A 761 16.99 1.19 19.68
CA PHE A 761 18.17 0.42 20.08
C PHE A 761 18.57 -0.58 19.00
N ILE A 762 17.58 -1.14 18.29
CA ILE A 762 17.88 -2.11 17.25
C ILE A 762 18.72 -1.46 16.15
N ASN A 763 18.37 -0.24 15.76
CA ASN A 763 19.12 0.45 14.72
C ASN A 763 20.55 0.71 15.14
N ILE A 764 20.76 1.15 16.39
CA ILE A 764 22.12 1.39 16.87
C ILE A 764 22.92 0.09 16.85
N SER A 765 22.31 -0.99 17.33
CA SER A 765 23.02 -2.27 17.36
C SER A 765 23.38 -2.73 15.96
N GLN A 766 22.46 -2.59 15.00
CA GLN A 766 22.71 -3.09 13.66
C GLN A 766 23.74 -2.23 12.94
N MET A 767 23.71 -0.91 13.15
CA MET A 767 24.70 -0.04 12.51
C MET A 767 26.07 -0.12 13.16
N SER A 768 26.15 -0.48 14.44
CA SER A 768 27.40 -0.40 15.18
C SER A 768 27.98 -1.74 15.55
N ALA A 769 27.17 -2.74 15.88
CA ALA A 769 27.67 -4.00 16.43
C ALA A 769 27.43 -5.18 15.51
N CYS A 770 26.19 -5.46 15.14
CA CYS A 770 25.87 -6.69 14.43
C CYS A 770 24.48 -6.62 13.83
N VAL A 771 24.35 -6.95 12.54
CA VAL A 771 23.04 -6.95 11.91
C VAL A 771 22.20 -8.11 12.45
N GLY A 772 22.81 -9.27 12.62
CA GLY A 772 22.17 -10.38 13.28
C GLY A 772 21.61 -11.42 12.33
N GLN A 773 20.74 -12.26 12.89
CA GLN A 773 20.16 -13.36 12.14
C GLN A 773 19.14 -12.85 11.13
N GLN A 774 19.21 -13.41 9.92
CA GLN A 774 18.26 -13.11 8.86
C GLN A 774 17.21 -14.20 8.82
N ILE A 775 15.94 -13.81 8.82
CA ILE A 775 14.82 -14.73 8.97
C ILE A 775 13.94 -14.61 7.75
N VAL A 776 13.68 -15.73 7.09
CA VAL A 776 12.79 -15.79 5.93
C VAL A 776 11.64 -16.71 6.27
N GLU A 777 10.42 -16.17 6.25
CA GLU A 777 9.22 -16.92 6.61
C GLU A 777 9.33 -17.50 8.01
N GLY A 778 9.91 -16.73 8.93
CA GLY A 778 9.99 -17.12 10.32
C GLY A 778 11.08 -18.12 10.64
N LYS A 779 11.89 -18.51 9.66
CA LYS A 779 12.91 -19.53 9.85
C LYS A 779 14.21 -19.03 9.23
N ARG A 780 15.32 -19.61 9.68
CA ARG A 780 16.61 -19.26 9.12
C ARG A 780 16.62 -19.51 7.62
N ILE A 781 17.67 -19.04 6.96
CA ILE A 781 17.69 -19.05 5.49
C ILE A 781 17.49 -20.46 4.98
N PRO A 782 16.53 -20.71 4.08
CA PRO A 782 16.24 -22.09 3.69
C PRO A 782 17.26 -22.65 2.73
N PHE A 783 17.33 -23.98 2.72
CA PHE A 783 18.19 -24.72 1.80
C PHE A 783 17.54 -24.70 0.43
N GLY A 784 17.82 -23.64 -0.34
CA GLY A 784 17.29 -23.55 -1.70
C GLY A 784 18.03 -24.43 -2.67
N PHE A 785 19.32 -24.65 -2.45
CA PHE A 785 20.05 -25.71 -3.14
C PHE A 785 19.72 -27.01 -2.42
N LYS A 786 20.44 -28.09 -2.74
CA LYS A 786 20.20 -29.36 -2.05
C LYS A 786 21.05 -29.40 -0.79
N TYR A 787 20.41 -29.14 0.36
CA TYR A 787 21.05 -29.23 1.66
C TYR A 787 22.13 -28.18 1.84
N ARG A 788 22.02 -27.07 1.11
CA ARG A 788 22.84 -25.91 1.39
C ARG A 788 22.13 -24.67 0.87
N THR A 789 22.46 -23.53 1.46
CA THR A 789 21.84 -22.27 1.11
C THR A 789 22.48 -21.60 -0.09
N LEU A 790 23.76 -21.82 -0.30
CA LEU A 790 24.49 -21.30 -1.44
C LEU A 790 25.54 -22.31 -1.86
N PRO A 791 26.05 -22.23 -3.09
CA PRO A 791 27.05 -23.20 -3.53
C PRO A 791 28.43 -22.96 -2.95
N HIS A 792 28.53 -22.11 -1.94
CA HIS A 792 29.79 -21.78 -1.30
C HIS A 792 30.01 -22.52 0.01
N PHE A 793 28.99 -23.22 0.52
CA PHE A 793 29.10 -24.07 1.69
C PHE A 793 28.94 -25.53 1.29
N PRO A 794 29.35 -26.47 2.13
CA PRO A 794 29.09 -27.88 1.86
C PRO A 794 27.65 -28.24 2.22
N LYS A 795 27.31 -29.51 1.96
CA LYS A 795 25.99 -30.00 2.32
C LYS A 795 25.84 -30.10 3.84
N ASP A 796 24.62 -29.89 4.31
CA ASP A 796 24.29 -30.03 5.73
C ASP A 796 25.22 -29.19 6.60
N ASP A 797 25.13 -27.87 6.41
CA ASP A 797 25.85 -26.90 7.22
C ASP A 797 24.81 -26.07 7.96
N ASP A 798 24.65 -26.33 9.25
CA ASP A 798 23.72 -25.61 10.11
C ASP A 798 24.41 -24.50 10.90
N SER A 799 25.65 -24.19 10.57
CA SER A 799 26.38 -23.18 11.31
C SER A 799 25.73 -21.80 11.12
N PRO A 800 25.97 -20.88 12.05
CA PRO A 800 25.30 -19.57 11.93
C PRO A 800 25.56 -18.85 10.63
N GLU A 801 26.78 -18.92 10.09
CA GLU A 801 27.11 -18.19 8.87
C GLU A 801 26.37 -18.76 7.67
N SER A 802 26.22 -20.08 7.62
CA SER A 802 25.59 -20.72 6.47
C SER A 802 24.12 -20.38 6.37
N ARG A 803 23.45 -20.17 7.49
CA ARG A 803 21.99 -20.07 7.51
C ARG A 803 21.48 -18.66 7.64
N GLY A 804 22.36 -17.66 7.61
CA GLY A 804 21.92 -16.28 7.51
C GLY A 804 22.13 -15.42 8.72
N PHE A 805 23.17 -15.68 9.50
CA PHE A 805 23.53 -14.84 10.63
C PHE A 805 24.62 -13.88 10.19
N ILE A 806 24.33 -12.59 10.25
CA ILE A 806 25.25 -11.54 9.86
C ILE A 806 25.93 -11.03 11.12
N GLU A 807 27.19 -11.37 11.30
CA GLU A 807 27.96 -10.90 12.44
C GLU A 807 28.61 -9.54 12.19
N ASN A 808 28.45 -8.99 11.00
CA ASN A 808 28.98 -7.68 10.66
C ASN A 808 27.92 -6.63 10.90
N SER A 809 28.36 -5.38 10.94
CA SER A 809 27.48 -4.22 11.06
C SER A 809 27.42 -3.51 9.71
N TYR A 810 26.46 -2.60 9.60
CA TYR A 810 26.36 -1.79 8.39
C TYR A 810 27.60 -0.94 8.21
N LEU A 811 28.15 -0.42 9.32
CA LEU A 811 29.39 0.33 9.24
C LEU A 811 30.51 -0.52 8.67
N ARG A 812 30.64 -1.75 9.17
CA ARG A 812 31.74 -2.62 8.79
C ARG A 812 31.54 -3.23 7.41
N GLY A 813 30.31 -3.52 7.05
CA GLY A 813 29.97 -4.02 5.73
C GLY A 813 29.61 -5.50 5.75
N LEU A 814 28.69 -5.87 4.88
CA LEU A 814 28.27 -7.26 4.76
C LEU A 814 29.14 -7.99 3.76
N THR A 815 29.47 -9.24 4.07
CA THR A 815 30.13 -10.10 3.10
C THR A 815 29.11 -10.52 2.04
N PRO A 816 29.58 -11.02 0.89
CA PRO A 816 28.63 -11.31 -0.20
C PRO A 816 27.52 -12.28 0.19
N GLN A 817 27.83 -13.31 0.98
CA GLN A 817 26.80 -14.22 1.46
C GLN A 817 25.81 -13.50 2.36
N GLU A 818 26.32 -12.71 3.31
CA GLU A 818 25.45 -11.94 4.18
C GLU A 818 24.63 -10.94 3.38
N PHE A 819 25.25 -10.33 2.36
CA PHE A 819 24.52 -9.40 1.50
C PHE A 819 23.35 -10.09 0.84
N PHE A 820 23.56 -11.29 0.31
CA PHE A 820 22.48 -12.02 -0.35
C PHE A 820 21.38 -12.42 0.63
N PHE A 821 21.76 -12.90 1.81
CA PHE A 821 20.76 -13.30 2.80
C PHE A 821 19.94 -12.10 3.26
N HIS A 822 20.60 -10.98 3.52
CA HIS A 822 19.88 -9.77 3.90
C HIS A 822 18.96 -9.31 2.78
N ALA A 823 19.39 -9.48 1.52
CA ALA A 823 18.52 -9.16 0.40
C ALA A 823 17.28 -10.05 0.40
N MET A 824 17.43 -11.34 0.72
CA MET A 824 16.28 -12.23 0.78
C MET A 824 15.28 -11.76 1.84
N ALA A 825 15.80 -11.41 3.03
CA ALA A 825 14.91 -10.93 4.09
C ALA A 825 14.19 -9.65 3.68
N GLY A 826 14.92 -8.70 3.09
CA GLY A 826 14.30 -7.48 2.65
C GLY A 826 13.25 -7.71 1.57
N ARG A 827 13.52 -8.66 0.68
CA ARG A 827 12.54 -9.01 -0.34
C ARG A 827 11.25 -9.51 0.31
N GLU A 828 11.39 -10.35 1.33
CA GLU A 828 10.19 -10.81 2.04
C GLU A 828 9.43 -9.62 2.63
N GLY A 829 10.15 -8.68 3.24
CA GLY A 829 9.47 -7.52 3.79
C GLY A 829 8.69 -6.75 2.75
N LEU A 830 9.29 -6.54 1.58
CA LEU A 830 8.61 -5.81 0.51
C LEU A 830 7.37 -6.56 0.04
N ILE A 831 7.48 -7.87 -0.13
CA ILE A 831 6.33 -8.66 -0.55
C ILE A 831 5.22 -8.56 0.49
N ASP A 832 5.58 -8.68 1.76
CA ASP A 832 4.57 -8.60 2.82
C ASP A 832 3.85 -7.27 2.77
N THR A 833 4.59 -6.18 2.57
CA THR A 833 3.92 -4.88 2.43
C THR A 833 2.94 -4.89 1.28
N ALA A 834 3.40 -5.32 0.09
CA ALA A 834 2.58 -5.22 -1.11
C ALA A 834 1.33 -6.08 -1.02
N VAL A 835 1.35 -7.15 -0.22
CA VAL A 835 0.15 -7.99 -0.08
C VAL A 835 -0.75 -7.50 1.05
N LYS A 836 -0.14 -7.13 2.18
CA LYS A 836 -0.90 -6.67 3.34
C LYS A 836 -1.71 -5.44 3.02
N THR A 837 -1.19 -4.54 2.17
CA THR A 837 -1.98 -3.37 1.82
C THR A 837 -3.34 -3.75 1.26
N ALA A 838 -3.37 -4.64 0.27
CA ALA A 838 -4.64 -5.04 -0.33
C ALA A 838 -5.50 -5.81 0.66
N GLU A 839 -4.89 -6.72 1.41
CA GLU A 839 -5.67 -7.48 2.39
C GLU A 839 -6.43 -6.55 3.31
N THR A 840 -5.73 -5.60 3.91
CA THR A 840 -6.38 -4.72 4.88
C THR A 840 -7.36 -3.77 4.21
N GLY A 841 -7.09 -3.33 2.97
CA GLY A 841 -8.06 -2.50 2.29
C GLY A 841 -9.40 -3.20 2.14
N TYR A 842 -9.36 -4.46 1.70
CA TYR A 842 -10.61 -5.21 1.57
C TYR A 842 -11.27 -5.40 2.94
N ILE A 843 -10.47 -5.71 3.96
CA ILE A 843 -11.04 -5.90 5.30
C ILE A 843 -11.77 -4.64 5.75
N GLN A 844 -11.15 -3.48 5.56
CA GLN A 844 -11.77 -2.25 6.02
C GLN A 844 -13.05 -1.92 5.25
N ARG A 845 -13.05 -2.16 3.94
CA ARG A 845 -14.27 -1.92 3.18
C ARG A 845 -15.40 -2.81 3.70
N ARG A 846 -15.10 -4.09 3.95
CA ARG A 846 -16.11 -4.99 4.49
C ARG A 846 -16.61 -4.51 5.84
N LEU A 847 -15.69 -4.09 6.72
CA LEU A 847 -16.08 -3.63 8.05
C LEU A 847 -17.01 -2.42 7.96
N VAL A 848 -16.64 -1.45 7.14
CA VAL A 848 -17.46 -0.24 7.05
C VAL A 848 -18.83 -0.56 6.49
N LYS A 849 -18.90 -1.45 5.50
CA LYS A 849 -20.21 -1.75 4.91
C LYS A 849 -21.14 -2.43 5.90
N ALA A 850 -20.58 -3.19 6.85
CA ALA A 850 -21.41 -3.91 7.81
C ALA A 850 -22.01 -3.00 8.87
N MET A 851 -21.34 -1.90 9.22
CA MET A 851 -21.75 -1.06 10.34
C MET A 851 -21.97 0.39 9.93
N GLU A 852 -22.14 0.67 8.64
CA GLU A 852 -22.28 2.06 8.23
C GLU A 852 -23.56 2.68 8.73
N ASP A 853 -24.61 1.88 8.92
CA ASP A 853 -25.92 2.39 9.27
C ASP A 853 -26.15 2.47 10.79
N VAL A 854 -25.20 2.03 11.60
CA VAL A 854 -25.40 2.01 13.05
C VAL A 854 -25.09 3.38 13.62
N MET A 855 -26.07 3.99 14.27
CA MET A 855 -25.99 5.37 14.74
C MET A 855 -26.63 5.48 16.11
N VAL A 856 -26.15 6.44 16.90
CA VAL A 856 -26.72 6.73 18.21
C VAL A 856 -27.98 7.57 18.01
N ARG A 857 -29.07 7.17 18.66
CA ARG A 857 -30.35 7.84 18.54
C ARG A 857 -30.57 8.78 19.72
N TYR A 858 -31.64 9.57 19.62
CA TYR A 858 -31.90 10.60 20.62
C TYR A 858 -32.42 10.05 21.93
N ASP A 859 -32.79 8.77 21.99
CA ASP A 859 -33.17 8.14 23.24
C ASP A 859 -32.00 7.38 23.87
N GLY A 860 -30.78 7.60 23.39
CA GLY A 860 -29.60 7.00 23.96
C GLY A 860 -29.22 5.66 23.40
N THR A 861 -30.13 4.99 22.70
CA THR A 861 -29.89 3.66 22.17
C THR A 861 -29.09 3.74 20.87
N VAL A 862 -28.38 2.64 20.59
CA VAL A 862 -27.68 2.47 19.32
C VAL A 862 -28.50 1.52 18.47
N ARG A 863 -28.90 1.99 17.28
CA ARG A 863 -29.75 1.22 16.39
C ARG A 863 -29.23 1.35 14.97
N ASN A 864 -29.59 0.37 14.14
CA ASN A 864 -29.26 0.41 12.73
C ASN A 864 -30.42 1.01 11.94
N ALA A 865 -30.28 1.05 10.62
CA ALA A 865 -31.26 1.75 9.78
C ALA A 865 -32.64 1.12 9.85
N MET A 866 -32.74 -0.14 10.25
CA MET A 866 -34.02 -0.82 10.39
C MET A 866 -34.67 -0.56 11.74
N GLY A 867 -34.03 0.19 12.62
CA GLY A 867 -34.53 0.42 13.96
C GLY A 867 -34.20 -0.69 14.94
N ASP A 868 -33.51 -1.74 14.51
CA ASP A 868 -33.13 -2.81 15.41
C ASP A 868 -32.11 -2.30 16.41
N ILE A 869 -32.34 -2.58 17.68
CA ILE A 869 -31.45 -2.10 18.74
C ILE A 869 -30.18 -2.95 18.72
N ILE A 870 -29.05 -2.30 18.50
CA ILE A 870 -27.76 -2.99 18.58
C ILE A 870 -27.21 -2.92 19.99
N GLN A 871 -27.27 -1.75 20.62
CA GLN A 871 -26.96 -1.59 22.03
C GLN A 871 -27.99 -0.68 22.65
N PHE A 872 -28.27 -0.90 23.94
CA PHE A 872 -29.19 -0.04 24.66
C PHE A 872 -28.52 1.22 25.19
N ALA A 873 -27.19 1.26 25.17
CA ALA A 873 -26.43 2.46 25.52
C ALA A 873 -25.08 2.33 24.86
N TYR A 874 -24.69 3.34 24.08
CA TYR A 874 -23.44 3.27 23.35
C TYR A 874 -22.29 2.98 24.29
N GLY A 875 -21.51 1.94 23.97
CA GLY A 875 -20.41 1.55 24.81
C GLY A 875 -20.82 1.03 26.17
N GLU A 876 -22.11 0.79 26.38
CA GLU A 876 -22.71 0.35 27.64
C GLU A 876 -22.69 1.45 28.71
N ASP A 877 -22.10 2.61 28.42
CA ASP A 877 -22.16 3.75 29.33
C ASP A 877 -22.60 5.04 28.66
N GLY A 878 -22.70 5.07 27.34
CA GLY A 878 -23.22 6.25 26.66
C GLY A 878 -22.27 7.41 26.59
N LEU A 879 -20.97 7.16 26.48
CA LEU A 879 -19.96 8.21 26.50
C LEU A 879 -19.19 8.23 25.19
N ASP A 880 -18.78 9.42 24.79
CA ASP A 880 -17.92 9.58 23.63
C ASP A 880 -16.52 9.07 23.95
N ALA A 881 -15.98 8.21 23.09
CA ALA A 881 -14.66 7.65 23.35
C ALA A 881 -13.57 8.72 23.33
N THR A 882 -13.83 9.87 22.72
CA THR A 882 -12.82 10.91 22.66
C THR A 882 -12.50 11.46 24.04
N LEU A 883 -13.50 11.56 24.92
CA LEU A 883 -13.41 12.34 26.14
C LEU A 883 -13.01 11.51 27.37
N VAL A 884 -12.76 10.22 27.22
CA VAL A 884 -12.48 9.36 28.36
C VAL A 884 -10.98 9.33 28.62
N GLU A 885 -10.60 9.19 29.89
CA GLU A 885 -9.20 9.10 30.29
C GLU A 885 -9.04 8.01 31.33
N TYR A 886 -7.85 7.43 31.39
CA TYR A 886 -7.58 6.36 32.34
C TYR A 886 -7.60 6.89 33.76
N GLN A 887 -8.32 6.20 34.64
CA GLN A 887 -8.37 6.50 36.05
C GLN A 887 -8.06 5.23 36.82
N VAL A 888 -7.47 5.40 38.01
CA VAL A 888 -7.06 4.28 38.85
C VAL A 888 -8.09 4.14 39.97
N PHE A 889 -8.53 2.91 40.22
CA PHE A 889 -9.42 2.60 41.33
C PHE A 889 -8.57 2.29 42.55
N ASP A 890 -8.57 3.19 43.52
CA ASP A 890 -7.67 3.06 44.66
C ASP A 890 -8.10 1.94 45.60
N SER A 891 -9.41 1.78 45.78
CA SER A 891 -9.93 0.81 46.74
C SER A 891 -9.80 -0.63 46.25
N LEU A 892 -9.52 -0.85 44.97
CA LEU A 892 -9.53 -2.21 44.45
C LEU A 892 -8.40 -3.04 45.05
N ARG A 893 -7.17 -2.52 45.01
CA ARG A 893 -6.01 -3.29 45.41
C ARG A 893 -5.62 -3.10 46.86
N LEU A 894 -6.34 -2.25 47.60
CA LEU A 894 -6.09 -2.10 49.02
C LEU A 894 -6.59 -3.32 49.78
N SER A 895 -5.83 -3.73 50.79
CA SER A 895 -6.28 -4.80 51.66
C SER A 895 -7.46 -4.33 52.51
N THR A 896 -8.10 -5.29 53.18
CA THR A 896 -9.20 -4.94 54.07
C THR A 896 -8.73 -4.04 55.20
N LYS A 897 -7.56 -4.33 55.76
CA LYS A 897 -7.00 -3.47 56.80
C LYS A 897 -6.72 -2.07 56.26
N GLN A 898 -6.06 -1.99 55.10
CA GLN A 898 -5.75 -0.69 54.52
C GLN A 898 -7.02 0.01 54.06
N PHE A 899 -7.98 -0.74 53.53
CA PHE A 899 -9.25 -0.14 53.14
C PHE A 899 -9.95 0.49 54.35
N GLU A 900 -9.98 -0.23 55.47
CA GLU A 900 -10.55 0.32 56.70
C GLU A 900 -9.79 1.57 57.13
N LYS A 901 -8.45 1.49 57.14
CA LYS A 901 -7.66 2.63 57.57
C LYS A 901 -7.95 3.86 56.73
N LYS A 902 -8.07 3.68 55.42
CA LYS A 902 -8.23 4.81 54.51
C LYS A 902 -9.68 5.30 54.42
N TYR A 903 -10.66 4.49 54.83
CA TYR A 903 -12.06 4.85 54.65
C TYR A 903 -12.92 4.75 55.90
N ARG A 904 -12.55 3.95 56.89
CA ARG A 904 -13.37 3.78 58.08
C ARG A 904 -13.11 4.92 59.06
N ILE A 905 -14.18 5.55 59.52
CA ILE A 905 -14.12 6.62 60.51
C ILE A 905 -14.90 6.16 61.74
N ASP A 906 -14.21 6.07 62.87
CA ASP A 906 -14.82 5.65 64.14
C ASP A 906 -14.62 6.77 65.14
N LEU A 907 -15.61 7.67 65.23
CA LEU A 907 -15.49 8.80 66.15
C LEU A 907 -15.39 8.36 67.60
N MET A 908 -15.94 7.19 67.95
CA MET A 908 -15.81 6.71 69.32
C MET A 908 -14.36 6.41 69.67
N GLU A 909 -13.63 5.78 68.74
CA GLU A 909 -12.23 5.42 68.94
C GLU A 909 -11.27 6.41 68.31
N ASP A 910 -11.70 7.12 67.26
CA ASP A 910 -10.84 8.02 66.51
C ASP A 910 -11.16 9.45 66.89
N ARG A 911 -10.13 10.22 67.26
CA ARG A 911 -10.27 11.64 67.56
C ARG A 911 -9.43 12.51 66.66
N SER A 912 -8.61 11.93 65.79
CA SER A 912 -7.76 12.71 64.90
C SER A 912 -8.56 13.47 63.85
N LEU A 913 -9.82 13.09 63.61
CA LEU A 913 -10.61 13.79 62.60
C LEU A 913 -10.83 15.25 62.99
N SER A 914 -11.15 15.50 64.27
CA SER A 914 -11.36 16.87 64.70
C SER A 914 -10.08 17.70 64.68
N LEU A 915 -8.91 17.05 64.75
CA LEU A 915 -7.66 17.77 64.58
C LEU A 915 -7.52 18.39 63.20
N TYR A 916 -8.22 17.84 62.20
CA TYR A 916 -8.16 18.33 60.83
C TYR A 916 -9.35 19.22 60.49
N MET A 917 -10.17 19.59 61.46
CA MET A 917 -11.43 20.27 61.19
C MET A 917 -11.58 21.48 62.09
N GLU A 918 -12.26 22.51 61.56
CA GLU A 918 -12.56 23.70 62.34
C GLU A 918 -13.66 23.44 63.36
N ASN A 919 -14.42 22.36 63.20
CA ASN A 919 -15.55 22.05 64.06
C ASN A 919 -15.35 20.68 64.68
N SER A 920 -15.63 20.57 65.98
CA SER A 920 -15.48 19.31 66.68
C SER A 920 -16.68 18.41 66.44
N ILE A 921 -16.41 17.14 66.12
CA ILE A 921 -17.45 16.16 65.89
C ILE A 921 -17.16 14.90 66.70
N GLU A 922 -16.42 15.03 67.80
CA GLU A 922 -16.12 13.88 68.62
C GLU A 922 -17.38 13.34 69.27
N ASN A 923 -17.55 12.01 69.24
CA ASN A 923 -18.66 11.34 69.90
C ASN A 923 -20.00 11.94 69.49
N ASP A 924 -20.16 12.21 68.19
CA ASP A 924 -21.42 12.69 67.64
C ASP A 924 -22.16 11.51 67.04
N SER A 925 -23.46 11.42 67.33
CA SER A 925 -24.22 10.23 66.94
C SER A 925 -24.68 10.30 65.49
N SER A 926 -25.33 11.40 65.09
CA SER A 926 -25.85 11.50 63.73
C SER A 926 -24.72 11.49 62.71
N VAL A 927 -23.63 12.19 62.99
CA VAL A 927 -22.50 12.17 62.08
C VAL A 927 -21.92 10.77 61.97
N GLN A 928 -21.86 10.03 63.08
CA GLN A 928 -21.39 8.66 63.01
C GLN A 928 -22.33 7.79 62.20
N ASP A 929 -23.64 8.06 62.28
CA ASP A 929 -24.59 7.31 61.46
C ASP A 929 -24.36 7.58 59.97
N LEU A 930 -24.14 8.85 59.62
CA LEU A 930 -23.84 9.17 58.22
C LEU A 930 -22.55 8.48 57.77
N LEU A 931 -21.53 8.49 58.63
CA LEU A 931 -20.28 7.83 58.28
C LEU A 931 -20.47 6.34 58.11
N ASP A 932 -21.32 5.73 58.94
CA ASP A 932 -21.58 4.30 58.82
C ASP A 932 -22.29 3.98 57.51
N GLU A 933 -23.28 4.79 57.13
CA GLU A 933 -23.93 4.58 55.84
C GLU A 933 -22.94 4.73 54.70
N GLU A 934 -22.08 5.76 54.78
CA GLU A 934 -21.03 5.95 53.79
C GLU A 934 -20.15 4.71 53.68
N TYR A 935 -19.68 4.20 54.81
CA TYR A 935 -18.76 3.08 54.77
C TYR A 935 -19.45 1.81 54.30
N THR A 936 -20.72 1.63 54.62
CA THR A 936 -21.45 0.49 54.09
C THR A 936 -21.54 0.55 52.57
N GLN A 937 -21.84 1.73 52.03
CA GLN A 937 -21.87 1.88 50.57
C GLN A 937 -20.49 1.65 49.97
N LEU A 938 -19.44 2.14 50.63
CA LEU A 938 -18.09 1.93 50.13
C LEU A 938 -17.72 0.46 50.10
N VAL A 939 -18.08 -0.28 51.15
CA VAL A 939 -17.77 -1.70 51.21
C VAL A 939 -18.56 -2.46 50.15
N ALA A 940 -19.82 -2.06 49.93
CA ALA A 940 -20.59 -2.67 48.86
C ALA A 940 -19.92 -2.43 47.51
N ASP A 941 -19.46 -1.20 47.28
CA ASP A 941 -18.79 -0.90 46.01
C ASP A 941 -17.52 -1.72 45.84
N ARG A 942 -16.74 -1.85 46.90
CA ARG A 942 -15.52 -2.65 46.81
C ARG A 942 -15.85 -4.11 46.53
N GLU A 943 -16.89 -4.63 47.18
CA GLU A 943 -17.32 -6.00 46.90
C GLU A 943 -17.70 -6.16 45.44
N LEU A 944 -18.49 -5.23 44.92
CA LEU A 944 -18.93 -5.33 43.53
C LEU A 944 -17.74 -5.25 42.58
N LEU A 945 -16.77 -4.37 42.86
CA LEU A 945 -15.58 -4.29 42.01
C LEU A 945 -14.79 -5.58 42.06
N CYS A 946 -14.47 -6.06 43.26
CA CYS A 946 -13.54 -7.17 43.42
C CYS A 946 -14.15 -8.49 42.96
N LYS A 947 -15.48 -8.61 43.00
CA LYS A 947 -16.14 -9.87 42.72
C LYS A 947 -16.84 -9.92 41.37
N PHE A 948 -17.44 -8.82 40.93
CA PHE A 948 -18.26 -8.83 39.72
C PHE A 948 -17.62 -8.14 38.53
N ILE A 949 -16.87 -7.06 38.74
CA ILE A 949 -16.44 -6.22 37.63
C ILE A 949 -15.00 -6.55 37.24
N PHE A 950 -14.06 -6.41 38.18
CA PHE A 950 -12.65 -6.62 37.89
C PHE A 950 -12.09 -7.67 38.85
N PRO A 951 -12.56 -8.92 38.73
CA PRO A 951 -12.03 -9.98 39.59
C PRO A 951 -10.55 -10.24 39.40
N LYS A 952 -9.98 -9.88 38.25
CA LYS A 952 -8.55 -10.04 38.03
C LYS A 952 -7.72 -8.99 38.76
N GLY A 953 -8.37 -7.98 39.33
CA GLY A 953 -7.65 -6.98 40.11
C GLY A 953 -7.04 -5.85 39.32
N ASP A 954 -7.54 -5.60 38.11
CA ASP A 954 -7.05 -4.48 37.32
C ASP A 954 -7.74 -3.19 37.77
N ALA A 955 -6.94 -2.14 37.98
CA ALA A 955 -7.45 -0.92 38.58
C ALA A 955 -7.52 0.27 37.63
N ARG A 956 -6.73 0.28 36.55
CA ARG A 956 -6.63 1.43 35.66
C ARG A 956 -7.55 1.20 34.46
N TRP A 957 -8.56 2.05 34.32
CA TRP A 957 -9.58 1.90 33.29
C TRP A 957 -10.03 3.27 32.80
N PRO A 958 -10.34 3.40 31.50
CA PRO A 958 -10.76 4.70 30.98
C PRO A 958 -12.19 5.03 31.39
N LEU A 959 -12.35 6.13 32.10
CA LEU A 959 -13.62 6.62 32.61
C LEU A 959 -13.78 8.07 32.16
N PRO A 960 -15.00 8.59 32.21
CA PRO A 960 -15.18 10.02 31.95
C PRO A 960 -14.57 10.86 33.06
N VAL A 961 -14.11 12.04 32.70
CA VAL A 961 -13.61 12.99 33.69
C VAL A 961 -12.37 12.44 34.36
N ASN A 962 -11.28 13.22 34.35
CA ASN A 962 -10.08 12.90 35.10
C ASN A 962 -10.25 13.53 36.48
N VAL A 963 -10.77 12.74 37.42
CA VAL A 963 -11.12 13.28 38.73
C VAL A 963 -9.86 13.63 39.51
N GLN A 964 -8.81 12.82 39.39
CA GLN A 964 -7.57 13.14 40.07
C GLN A 964 -6.99 14.46 39.57
N ARG A 965 -7.06 14.70 38.27
CA ARG A 965 -6.57 15.97 37.73
C ARG A 965 -7.39 17.14 38.24
N ILE A 966 -8.71 16.96 38.35
CA ILE A 966 -9.55 18.03 38.88
C ILE A 966 -9.22 18.30 40.34
N ILE A 967 -8.92 17.25 41.10
CA ILE A 967 -8.52 17.44 42.50
C ILE A 967 -7.20 18.19 42.58
N GLN A 968 -6.24 17.83 41.73
CA GLN A 968 -4.97 18.57 41.71
C GLN A 968 -5.19 20.03 41.32
N ASN A 969 -6.07 20.28 40.35
CA ASN A 969 -6.39 21.64 39.97
C ASN A 969 -6.99 22.40 41.15
N ALA A 970 -7.86 21.74 41.93
CA ALA A 970 -8.44 22.41 43.10
C ALA A 970 -7.38 22.69 44.16
N LEU A 971 -6.46 21.76 44.38
CA LEU A 971 -5.40 21.99 45.34
C LEU A 971 -4.54 23.18 44.94
N GLN A 972 -4.22 23.27 43.64
CA GLN A 972 -3.36 24.37 43.17
C GLN A 972 -4.11 25.69 43.17
N ILE A 973 -5.36 25.69 42.69
CA ILE A 973 -6.09 26.94 42.48
C ILE A 973 -6.36 27.63 43.82
N PHE A 974 -6.77 26.86 44.82
CA PHE A 974 -7.18 27.42 46.11
C PHE A 974 -6.05 27.43 47.13
N HIS A 975 -4.83 27.13 46.72
CA HIS A 975 -3.65 27.26 47.59
C HIS A 975 -3.87 26.50 48.89
N LEU A 976 -4.45 25.31 48.78
CA LEU A 976 -4.83 24.55 49.96
C LEU A 976 -3.63 24.23 50.83
N GLU A 977 -3.58 24.86 52.00
CA GLU A 977 -2.54 24.56 52.98
C GLU A 977 -2.89 23.30 53.74
N ALA A 978 -1.98 22.32 53.71
CA ALA A 978 -2.22 21.07 54.42
C ALA A 978 -2.35 21.26 55.92
N LYS A 979 -1.88 22.40 56.44
CA LYS A 979 -1.90 22.68 57.87
C LYS A 979 -3.14 23.45 58.30
N LYS A 980 -4.00 23.86 57.36
CA LYS A 980 -5.17 24.67 57.71
C LYS A 980 -6.38 23.77 57.93
N PRO A 981 -6.99 23.78 59.11
CA PRO A 981 -8.22 23.01 59.31
C PRO A 981 -9.31 23.46 58.35
N THR A 982 -10.10 22.50 57.90
CA THR A 982 -11.14 22.72 56.91
C THR A 982 -12.48 22.98 57.56
N ASP A 983 -13.30 23.80 56.90
CA ASP A 983 -14.65 24.10 57.37
C ASP A 983 -15.68 23.13 56.83
N LEU A 984 -15.25 22.07 56.13
CA LEU A 984 -16.18 21.10 55.58
C LEU A 984 -16.63 20.13 56.66
N LEU A 985 -17.95 19.97 56.78
CA LEU A 985 -18.52 18.96 57.65
C LEU A 985 -18.74 17.66 56.88
N PRO A 986 -18.78 16.52 57.57
CA PRO A 986 -19.05 15.27 56.84
C PRO A 986 -20.35 15.31 56.06
N SER A 987 -21.40 15.90 56.65
CA SER A 987 -22.69 15.97 55.97
C SER A 987 -22.58 16.79 54.69
N ASP A 988 -21.78 17.85 54.71
CA ASP A 988 -21.56 18.63 53.49
C ASP A 988 -21.02 17.74 52.38
N ILE A 989 -20.00 16.94 52.70
CA ILE A 989 -19.38 16.08 51.70
C ILE A 989 -20.37 15.04 51.18
N ILE A 990 -21.10 14.40 52.09
CA ILE A 990 -22.04 13.36 51.67
C ILE A 990 -23.12 13.95 50.78
N ASN A 991 -23.73 15.07 51.21
CA ASN A 991 -24.80 15.67 50.44
C ASN A 991 -24.29 16.16 49.08
N GLY A 992 -23.10 16.76 49.05
CA GLY A 992 -22.56 17.24 47.79
C GLY A 992 -22.29 16.11 46.81
N LEU A 993 -21.65 15.03 47.29
CA LEU A 993 -21.36 13.92 46.40
C LEU A 993 -22.64 13.26 45.92
N ASN A 994 -23.63 13.11 46.80
CA ASN A 994 -24.89 12.51 46.38
C ASN A 994 -25.60 13.37 45.34
N GLU A 995 -25.60 14.69 45.53
CA GLU A 995 -26.23 15.56 44.55
C GLU A 995 -25.49 15.51 43.22
N LEU A 996 -24.15 15.52 43.25
CA LEU A 996 -23.38 15.37 42.02
C LEU A 996 -23.78 14.08 41.30
N ILE A 997 -23.77 12.96 42.02
CA ILE A 997 -24.13 11.69 41.40
C ILE A 997 -25.54 11.75 40.82
N ALA A 998 -26.42 12.50 41.48
CA ALA A 998 -27.78 12.66 40.96
C ALA A 998 -27.82 13.56 39.74
N LYS A 999 -26.76 14.33 39.47
CA LYS A 999 -26.73 15.23 38.34
C LYS A 999 -25.97 14.67 37.13
N LEU A 1000 -25.51 13.42 37.19
CA LEU A 1000 -24.81 12.79 36.08
C LEU A 1000 -25.81 12.04 35.20
N THR A 1001 -26.68 12.80 34.56
CA THR A 1001 -27.81 12.24 33.82
C THR A 1001 -27.39 11.90 32.39
N ILE A 1002 -27.47 10.63 32.03
CA ILE A 1002 -27.35 10.19 30.65
C ILE A 1002 -28.71 9.88 30.06
N PHE A 1003 -29.56 9.18 30.80
CA PHE A 1003 -30.90 8.85 30.39
C PHE A 1003 -31.90 9.59 31.26
N ARG A 1004 -32.97 10.07 30.66
CA ARG A 1004 -33.96 10.88 31.35
C ARG A 1004 -35.32 10.20 31.27
N GLY A 1005 -36.02 10.16 32.40
CA GLY A 1005 -37.32 9.51 32.47
C GLY A 1005 -37.64 9.05 33.87
N SER A 1006 -38.93 9.07 34.21
CA SER A 1006 -39.40 8.72 35.55
C SER A 1006 -39.77 7.25 35.68
N ASP A 1007 -39.54 6.45 34.64
CA ASP A 1007 -39.88 5.04 34.68
C ASP A 1007 -38.90 4.28 35.58
N ARG A 1008 -39.09 2.97 35.67
CA ARG A 1008 -38.26 2.13 36.53
C ARG A 1008 -37.01 1.66 35.79
N ILE A 1009 -37.17 1.22 34.53
CA ILE A 1009 -36.01 0.72 33.80
C ILE A 1009 -35.12 1.87 33.34
N THR A 1010 -35.67 3.06 33.16
CA THR A 1010 -34.81 4.22 32.92
C THR A 1010 -33.92 4.49 34.11
N ARG A 1011 -34.48 4.38 35.33
CA ARG A 1011 -33.65 4.52 36.52
C ARG A 1011 -32.60 3.41 36.59
N ASP A 1012 -33.00 2.18 36.26
CA ASP A 1012 -32.06 1.08 36.29
C ASP A 1012 -30.92 1.29 35.31
N VAL A 1013 -31.23 1.71 34.08
CA VAL A 1013 -30.19 1.90 33.07
C VAL A 1013 -29.30 3.08 33.42
N GLN A 1014 -29.87 4.15 33.97
CA GLN A 1014 -29.04 5.26 34.43
C GLN A 1014 -28.06 4.80 35.50
N ASN A 1015 -28.56 4.06 36.49
CA ASN A 1015 -27.70 3.57 37.56
C ASN A 1015 -26.60 2.68 36.99
N ASN A 1016 -26.95 1.76 36.10
CA ASN A 1016 -25.95 0.87 35.52
C ASN A 1016 -24.92 1.66 34.74
N ALA A 1017 -25.37 2.63 33.94
CA ALA A 1017 -24.44 3.38 33.08
C ALA A 1017 -23.43 4.15 33.91
N THR A 1018 -23.88 4.77 35.00
CA THR A 1018 -22.97 5.56 35.83
C THR A 1018 -22.44 4.80 37.03
N LEU A 1019 -22.64 3.48 37.10
CA LEU A 1019 -22.23 2.71 38.27
C LEU A 1019 -20.73 2.80 38.53
N LEU A 1020 -19.91 2.52 37.52
CA LEU A 1020 -18.47 2.51 37.72
C LEU A 1020 -17.94 3.90 38.06
N PHE A 1021 -18.48 4.92 37.40
CA PHE A 1021 -18.08 6.29 37.72
C PHE A 1021 -18.49 6.65 39.13
N GLN A 1022 -19.67 6.21 39.57
CA GLN A 1022 -20.09 6.46 40.95
C GLN A 1022 -19.16 5.79 41.94
N ILE A 1023 -18.73 4.56 41.64
CA ILE A 1023 -17.80 3.87 42.52
C ILE A 1023 -16.50 4.64 42.62
N LEU A 1024 -15.97 5.10 41.48
CA LEU A 1024 -14.74 5.89 41.52
C LEU A 1024 -14.94 7.17 42.30
N LEU A 1025 -16.07 7.85 42.10
CA LEU A 1025 -16.32 9.11 42.79
C LEU A 1025 -16.40 8.90 44.30
N ARG A 1026 -17.08 7.84 44.73
CA ARG A 1026 -17.19 7.56 46.16
C ARG A 1026 -15.87 7.17 46.77
N SER A 1027 -15.01 6.47 46.00
CA SER A 1027 -13.69 6.14 46.52
C SER A 1027 -12.78 7.35 46.57
N LYS A 1028 -12.94 8.29 45.63
CA LYS A 1028 -12.11 9.49 45.63
C LYS A 1028 -12.53 10.47 46.70
N PHE A 1029 -13.84 10.70 46.87
CA PHE A 1029 -14.37 11.74 47.74
C PHE A 1029 -14.93 11.18 49.03
N ALA A 1030 -14.31 10.13 49.57
CA ALA A 1030 -14.66 9.69 50.91
C ALA A 1030 -14.35 10.79 51.91
N VAL A 1031 -15.15 10.88 52.97
CA VAL A 1031 -14.97 11.95 53.94
C VAL A 1031 -13.56 11.89 54.53
N LYS A 1032 -13.09 10.68 54.84
CA LYS A 1032 -11.74 10.57 55.40
C LYS A 1032 -10.69 11.06 54.42
N ARG A 1033 -10.86 10.77 53.13
CA ARG A 1033 -9.94 11.31 52.14
C ARG A 1033 -10.13 12.81 51.96
N VAL A 1034 -11.38 13.26 51.85
CA VAL A 1034 -11.64 14.67 51.56
C VAL A 1034 -11.13 15.55 52.70
N ILE A 1035 -11.00 15.02 53.91
CA ILE A 1035 -10.57 15.81 55.04
C ILE A 1035 -9.12 15.53 55.36
N MET A 1036 -8.79 14.28 55.68
CA MET A 1036 -7.46 13.95 56.15
C MET A 1036 -6.44 13.89 55.03
N GLU A 1037 -6.87 13.62 53.80
CA GLU A 1037 -5.95 13.44 52.69
C GLU A 1037 -5.83 14.67 51.81
N TYR A 1038 -6.94 15.28 51.40
CA TYR A 1038 -6.91 16.42 50.50
C TYR A 1038 -6.93 17.76 51.21
N ARG A 1039 -7.44 17.82 52.43
CA ARG A 1039 -7.61 19.07 53.17
C ARG A 1039 -8.48 20.06 52.39
N LEU A 1040 -9.51 19.57 51.72
CA LEU A 1040 -10.35 20.46 50.95
C LEU A 1040 -11.17 21.36 51.88
N ASN A 1041 -11.60 22.49 51.33
CA ASN A 1041 -12.51 23.39 52.00
C ASN A 1041 -13.79 23.51 51.19
N LYS A 1042 -14.76 24.26 51.72
CA LYS A 1042 -16.09 24.29 51.11
C LYS A 1042 -16.03 24.83 49.68
N VAL A 1043 -15.26 25.90 49.46
CA VAL A 1043 -15.20 26.50 48.13
C VAL A 1043 -14.52 25.54 47.15
N ALA A 1044 -13.41 24.94 47.58
CA ALA A 1044 -12.71 24.00 46.70
C ALA A 1044 -13.57 22.79 46.38
N PHE A 1045 -14.30 22.28 47.38
CA PHE A 1045 -15.15 21.12 47.16
C PHE A 1045 -16.30 21.46 46.22
N GLU A 1046 -16.92 22.63 46.39
CA GLU A 1046 -18.00 23.03 45.49
C GLU A 1046 -17.49 23.19 44.07
N TRP A 1047 -16.29 23.77 43.92
CA TRP A 1047 -15.70 23.90 42.60
C TRP A 1047 -15.43 22.53 41.99
N ILE A 1048 -14.92 21.59 42.78
CA ILE A 1048 -14.66 20.25 42.26
C ILE A 1048 -15.96 19.60 41.81
N MET A 1049 -17.02 19.73 42.61
CA MET A 1049 -18.29 19.12 42.23
C MET A 1049 -18.80 19.69 40.93
N GLY A 1050 -18.82 21.01 40.80
CA GLY A 1050 -19.29 21.62 39.57
C GLY A 1050 -18.44 21.26 38.37
N GLU A 1051 -17.12 21.22 38.56
CA GLU A 1051 -16.22 20.89 37.46
C GLU A 1051 -16.41 19.46 37.00
N VAL A 1052 -16.55 18.52 37.94
CA VAL A 1052 -16.78 17.13 37.57
C VAL A 1052 -18.10 17.00 36.84
N GLU A 1053 -19.14 17.68 37.32
CA GLU A 1053 -20.44 17.60 36.65
C GLU A 1053 -20.35 18.12 35.22
N ALA A 1054 -19.69 19.27 35.03
CA ALA A 1054 -19.57 19.82 33.68
C ALA A 1054 -18.78 18.90 32.77
N ARG A 1055 -17.64 18.39 33.26
CA ARG A 1055 -16.83 17.52 32.43
C ARG A 1055 -17.59 16.27 32.04
N PHE A 1056 -18.34 15.68 32.99
CA PHE A 1056 -19.11 14.49 32.65
C PHE A 1056 -20.16 14.81 31.60
N GLN A 1057 -20.88 15.92 31.77
CA GLN A 1057 -21.89 16.28 30.77
C GLN A 1057 -21.27 16.56 29.41
N GLN A 1058 -19.98 16.88 29.37
CA GLN A 1058 -19.30 17.05 28.09
C GLN A 1058 -18.86 15.73 27.46
N ALA A 1059 -18.74 14.67 28.24
CA ALA A 1059 -18.33 13.37 27.70
C ALA A 1059 -19.46 12.55 27.08
N VAL A 1060 -20.71 12.90 27.33
CA VAL A 1060 -21.83 12.11 26.84
C VAL A 1060 -21.83 12.12 25.31
N VAL A 1061 -22.00 10.94 24.73
CA VAL A 1061 -21.99 10.81 23.28
C VAL A 1061 -23.20 11.54 22.71
N SER A 1062 -22.97 12.34 21.68
CA SER A 1062 -24.06 13.12 21.11
C SER A 1062 -24.95 12.23 20.23
N PRO A 1063 -26.27 12.39 20.31
CA PRO A 1063 -27.14 11.68 19.37
C PRO A 1063 -26.83 12.06 17.93
N GLY A 1064 -26.95 11.09 17.04
CA GLY A 1064 -26.64 11.29 15.65
C GLY A 1064 -25.20 10.99 15.28
N GLU A 1065 -24.36 10.60 16.22
CA GLU A 1065 -23.01 10.22 15.88
C GLU A 1065 -22.99 8.86 15.21
N MET A 1066 -22.12 8.70 14.22
CA MET A 1066 -21.99 7.46 13.48
C MET A 1066 -20.98 6.57 14.18
N VAL A 1067 -21.46 5.90 15.23
CA VAL A 1067 -20.59 5.06 16.02
C VAL A 1067 -20.19 3.80 15.26
N GLY A 1068 -21.06 3.32 14.36
CA GLY A 1068 -20.74 2.13 13.61
C GLY A 1068 -19.57 2.33 12.65
N THR A 1069 -19.64 3.38 11.83
CA THR A 1069 -18.53 3.66 10.92
C THR A 1069 -17.28 4.07 11.68
N LEU A 1070 -17.45 4.79 12.79
CA LEU A 1070 -16.31 5.15 13.61
C LEU A 1070 -15.61 3.91 14.16
N ALA A 1071 -16.38 2.93 14.63
CA ALA A 1071 -15.80 1.68 15.11
C ALA A 1071 -15.13 0.91 13.98
N ALA A 1072 -15.78 0.86 12.82
CA ALA A 1072 -15.20 0.18 11.67
C ALA A 1072 -13.84 0.77 11.33
N GLN A 1073 -13.75 2.10 11.26
CA GLN A 1073 -12.48 2.74 10.94
C GLN A 1073 -11.46 2.54 12.05
N SER A 1074 -11.90 2.62 13.31
CA SER A 1074 -10.97 2.45 14.43
C SER A 1074 -10.38 1.06 14.48
N ILE A 1075 -11.13 0.05 14.03
CA ILE A 1075 -10.58 -1.30 13.98
C ILE A 1075 -9.75 -1.50 12.72
N GLY A 1076 -10.20 -0.96 11.58
CA GLY A 1076 -9.49 -1.16 10.34
C GLY A 1076 -8.13 -0.48 10.30
N GLU A 1077 -8.07 0.77 10.77
CA GLU A 1077 -6.83 1.53 10.66
C GLU A 1077 -5.65 0.81 11.29
N PRO A 1078 -5.74 0.29 12.51
CA PRO A 1078 -4.62 -0.51 13.05
C PRO A 1078 -4.34 -1.77 12.24
N ALA A 1079 -5.32 -2.28 11.49
CA ALA A 1079 -5.08 -3.47 10.69
C ALA A 1079 -4.06 -3.20 9.60
N THR A 1080 -3.97 -1.96 9.12
CA THR A 1080 -3.01 -1.62 8.08
C THR A 1080 -1.56 -1.69 8.57
N GLN A 1081 -1.36 -1.82 9.87
CA GLN A 1081 -0.02 -1.98 10.44
C GLN A 1081 0.14 -3.32 11.14
N MET A 1082 -0.80 -4.25 10.96
CA MET A 1082 -0.69 -5.56 11.57
C MET A 1082 0.36 -6.40 10.86
N THR A 1083 0.74 -7.51 11.49
CA THR A 1083 1.73 -8.43 10.95
C THR A 1083 1.01 -9.45 10.07
N LEU A 1084 1.31 -9.44 8.78
CA LEU A 1084 0.73 -10.41 7.85
C LEU A 1084 1.48 -11.73 7.93
N THR A 1098 -2.57 -18.48 15.43
CA THR A 1098 -2.47 -17.52 14.34
C THR A 1098 -2.69 -16.10 14.87
N LEU A 1099 -2.00 -15.14 14.26
CA LEU A 1099 -2.06 -13.75 14.69
C LEU A 1099 -2.00 -12.83 13.49
N GLY A 1100 -2.48 -11.60 13.69
CA GLY A 1100 -2.38 -10.58 12.67
C GLY A 1100 -3.54 -10.55 11.70
N VAL A 1101 -3.25 -10.15 10.46
CA VAL A 1101 -4.27 -10.00 9.42
C VAL A 1101 -4.95 -11.34 9.15
N PRO A 1102 -4.21 -12.45 9.05
CA PRO A 1102 -4.88 -13.74 8.85
C PRO A 1102 -5.89 -14.07 9.94
N ARG A 1103 -5.53 -13.86 11.21
CA ARG A 1103 -6.45 -14.13 12.30
C ARG A 1103 -7.64 -13.18 12.28
N LEU A 1104 -7.41 -11.91 11.96
CA LEU A 1104 -8.52 -10.97 11.85
C LEU A 1104 -9.47 -11.38 10.74
N LYS A 1105 -8.92 -11.85 9.62
CA LYS A 1105 -9.75 -12.33 8.52
C LYS A 1105 -10.56 -13.55 8.95
N GLU A 1106 -9.94 -14.45 9.72
CA GLU A 1106 -10.66 -15.61 10.22
C GLU A 1106 -11.80 -15.20 11.15
N ILE A 1107 -11.55 -14.23 12.03
CA ILE A 1107 -12.60 -13.79 12.95
C ILE A 1107 -13.73 -13.12 12.19
N LEU A 1108 -13.40 -12.26 11.22
CA LEU A 1108 -14.41 -11.42 10.58
C LEU A 1108 -15.35 -12.23 9.70
N ASN A 1109 -14.82 -13.22 8.98
CA ASN A 1109 -15.66 -14.05 8.12
C ASN A 1109 -16.34 -15.17 8.87
N VAL A 1110 -16.06 -15.34 10.16
CA VAL A 1110 -16.63 -16.44 10.93
C VAL A 1110 -16.26 -17.74 10.22
N ALA A 1111 -14.96 -18.01 10.12
CA ALA A 1111 -14.50 -19.22 9.46
C ALA A 1111 -14.87 -20.43 10.29
N LYS A 1112 -15.62 -21.37 9.69
CA LYS A 1112 -15.99 -22.58 10.42
C LYS A 1112 -14.76 -23.44 10.69
N ASN A 1113 -13.80 -23.44 9.77
CA ASN A 1113 -12.53 -24.13 9.95
C ASN A 1113 -11.44 -23.07 10.04
N ILE A 1114 -10.67 -23.09 11.13
CA ILE A 1114 -9.60 -22.15 11.34
C ILE A 1114 -8.28 -22.91 11.34
N LYS A 1115 -7.19 -22.16 11.14
CA LYS A 1115 -5.88 -22.80 10.97
C LYS A 1115 -5.43 -23.51 12.24
N THR A 1116 -5.66 -22.90 13.40
CA THR A 1116 -5.12 -23.40 14.67
C THR A 1116 -6.23 -23.53 15.71
N PRO A 1117 -7.11 -24.52 15.58
CA PRO A 1117 -8.07 -24.78 16.64
C PRO A 1117 -7.35 -25.14 17.94
N SER A 1118 -7.92 -24.70 19.05
CA SER A 1118 -7.27 -24.93 20.35
C SER A 1118 -8.30 -24.82 21.45
N LEU A 1119 -7.92 -25.35 22.61
CA LEU A 1119 -8.68 -25.23 23.85
C LEU A 1119 -7.76 -24.74 24.94
N THR A 1120 -8.33 -24.05 25.92
CA THR A 1120 -7.61 -23.61 27.11
C THR A 1120 -8.32 -24.25 28.29
N ILE A 1121 -7.93 -25.48 28.62
CA ILE A 1121 -8.57 -26.23 29.70
C ILE A 1121 -7.92 -25.82 31.01
N TYR A 1122 -8.73 -25.26 31.91
CA TYR A 1122 -8.30 -24.88 33.24
C TYR A 1122 -8.67 -25.98 34.22
N LEU A 1123 -7.70 -26.40 35.02
CA LEU A 1123 -7.89 -27.50 35.95
C LEU A 1123 -8.42 -26.99 37.28
N MET A 1124 -8.75 -27.92 38.17
CA MET A 1124 -9.26 -27.54 39.47
C MET A 1124 -8.15 -26.93 40.31
N PRO A 1125 -8.50 -26.11 41.31
CA PRO A 1125 -7.46 -25.40 42.06
C PRO A 1125 -6.41 -26.31 42.67
N TRP A 1126 -6.81 -27.47 43.19
CA TRP A 1126 -5.83 -28.38 43.78
C TRP A 1126 -5.05 -29.12 42.70
N ILE A 1127 -5.69 -29.46 41.58
CA ILE A 1127 -4.97 -30.05 40.45
C ILE A 1127 -4.03 -29.03 39.84
N ALA A 1128 -4.53 -27.81 39.59
CA ALA A 1128 -3.76 -26.82 38.87
C ALA A 1128 -2.51 -26.38 39.64
N ALA A 1129 -2.45 -26.66 40.93
CA ALA A 1129 -1.30 -26.28 41.75
C ALA A 1129 -0.27 -27.40 41.85
N ASN A 1130 -0.46 -28.51 41.15
CA ASN A 1130 0.46 -29.64 41.19
C ASN A 1130 0.74 -30.11 39.76
N MET A 1131 1.99 -30.52 39.52
CA MET A 1131 2.38 -30.98 38.19
C MET A 1131 1.89 -32.40 37.91
N ASP A 1132 1.86 -33.26 38.92
CA ASP A 1132 1.53 -34.66 38.69
C ASP A 1132 0.06 -34.83 38.32
N LEU A 1133 -0.84 -34.18 39.06
CA LEU A 1133 -2.25 -34.26 38.71
C LEU A 1133 -2.53 -33.60 37.37
N ALA A 1134 -1.80 -32.52 37.06
CA ALA A 1134 -1.94 -31.90 35.75
C ALA A 1134 -1.54 -32.87 34.65
N LYS A 1135 -0.44 -33.61 34.84
CA LYS A 1135 -0.05 -34.61 33.86
C LYS A 1135 -1.09 -35.71 33.74
N ASN A 1136 -1.70 -36.10 34.86
CA ASN A 1136 -2.75 -37.11 34.82
C ASN A 1136 -3.92 -36.63 33.97
N VAL A 1137 -4.36 -35.39 34.20
CA VAL A 1137 -5.46 -34.85 33.40
C VAL A 1137 -5.06 -34.74 31.94
N GLN A 1138 -3.80 -34.37 31.68
CA GLN A 1138 -3.31 -34.29 30.31
C GLN A 1138 -3.43 -35.64 29.63
N THR A 1139 -3.03 -36.71 30.32
CA THR A 1139 -3.17 -38.05 29.77
C THR A 1139 -4.64 -38.38 29.53
N GLN A 1140 -5.51 -37.99 30.45
CA GLN A 1140 -6.94 -38.25 30.27
C GLN A 1140 -7.52 -37.49 29.09
N ILE A 1141 -6.91 -36.37 28.70
CA ILE A 1141 -7.45 -35.55 27.62
C ILE A 1141 -6.87 -35.95 26.26
N GLU A 1142 -5.56 -36.15 26.19
CA GLU A 1142 -4.92 -36.42 24.90
C GLU A 1142 -5.47 -37.70 24.28
N HIS A 1143 -5.81 -37.63 23.00
CA HIS A 1143 -6.43 -38.74 22.30
C HIS A 1143 -5.36 -39.69 21.77
N THR A 1144 -5.51 -40.98 22.06
CA THR A 1144 -4.56 -42.00 21.67
C THR A 1144 -5.32 -43.19 21.09
N THR A 1145 -5.27 -43.33 19.77
CA THR A 1145 -5.88 -44.47 19.09
C THR A 1145 -4.90 -45.65 19.09
N LEU A 1146 -5.32 -46.76 18.47
CA LEU A 1146 -4.45 -47.92 18.40
C LEU A 1146 -3.19 -47.62 17.60
N SER A 1147 -3.34 -46.93 16.47
CA SER A 1147 -2.17 -46.58 15.67
C SER A 1147 -1.16 -45.79 16.46
N THR A 1148 -1.62 -44.96 17.40
CA THR A 1148 -0.69 -44.18 18.21
C THR A 1148 0.21 -45.09 19.02
N VAL A 1149 -0.34 -46.17 19.58
CA VAL A 1149 0.44 -47.09 20.38
C VAL A 1149 1.03 -48.22 19.54
N THR A 1150 0.39 -48.58 18.43
CA THR A 1150 0.88 -49.67 17.60
C THR A 1150 2.25 -49.36 17.06
N SER A 1151 3.17 -50.30 17.20
CA SER A 1151 4.50 -50.19 16.61
C SER A 1151 4.63 -50.95 15.30
N ALA A 1152 3.88 -52.04 15.14
CA ALA A 1152 3.87 -52.79 13.89
C ALA A 1152 2.72 -53.78 13.93
N THR A 1153 2.32 -54.23 12.74
CA THR A 1153 1.25 -55.20 12.62
C THR A 1153 1.63 -56.23 11.57
N GLU A 1154 1.07 -57.43 11.70
CA GLU A 1154 1.48 -58.56 10.89
C GLU A 1154 0.27 -59.46 10.70
N ILE A 1155 0.31 -60.29 9.66
CA ILE A 1155 -0.66 -61.37 9.48
C ILE A 1155 0.12 -62.63 9.15
N HIS A 1156 0.39 -63.45 10.16
CA HIS A 1156 1.10 -64.71 9.99
C HIS A 1156 0.10 -65.85 9.76
N TYR A 1157 0.64 -66.96 9.28
CA TYR A 1157 -0.10 -68.22 9.16
C TYR A 1157 0.43 -69.16 10.25
N ASP A 1158 -0.24 -69.18 11.39
CA ASP A 1158 0.13 -70.04 12.52
C ASP A 1158 -0.94 -71.11 12.67
N PRO A 1159 -0.70 -72.33 12.18
CA PRO A 1159 -1.79 -73.33 12.19
C PRO A 1159 -2.30 -73.68 13.58
N ASP A 1160 -1.45 -73.70 14.60
CA ASP A 1160 -1.83 -74.22 15.89
C ASP A 1160 -2.19 -73.08 16.83
N PRO A 1161 -3.46 -72.93 17.24
CA PRO A 1161 -3.76 -71.91 18.27
C PRO A 1161 -3.01 -72.12 19.57
N GLN A 1162 -2.79 -73.39 19.96
CA GLN A 1162 -2.11 -73.66 21.22
C GLN A 1162 -0.60 -73.41 21.11
N ASP A 1163 0.01 -73.84 20.01
CA ASP A 1163 1.43 -73.64 19.79
C ASP A 1163 1.63 -72.29 19.10
N THR A 1164 2.88 -71.99 18.74
CA THR A 1164 3.18 -70.73 18.07
C THR A 1164 4.41 -70.90 17.19
N VAL A 1165 4.33 -70.33 15.98
CA VAL A 1165 5.47 -70.36 15.06
C VAL A 1165 6.56 -69.38 15.47
N ILE A 1166 6.28 -68.50 16.43
CA ILE A 1166 7.23 -67.48 16.88
C ILE A 1166 7.82 -67.93 18.21
N GLU A 1167 9.15 -68.00 18.27
CA GLU A 1167 9.81 -68.37 19.52
C GLU A 1167 9.50 -67.36 20.62
N GLU A 1168 9.50 -66.07 20.27
CA GLU A 1168 9.18 -65.04 21.25
C GLU A 1168 7.81 -65.24 21.86
N ASP A 1169 6.89 -65.85 21.11
CA ASP A 1169 5.51 -66.01 21.56
C ASP A 1169 5.29 -67.29 22.36
N LYS A 1170 6.30 -68.14 22.50
CA LYS A 1170 6.09 -69.43 23.16
C LYS A 1170 5.73 -69.24 24.64
N ASP A 1171 6.46 -68.38 25.35
CA ASP A 1171 6.31 -68.32 26.80
C ASP A 1171 4.90 -67.87 27.20
N PHE A 1172 4.45 -66.74 26.66
CA PHE A 1172 3.17 -66.19 27.10
C PHE A 1172 2.00 -67.03 26.59
N VAL A 1173 2.11 -67.58 25.38
CA VAL A 1173 1.05 -68.46 24.88
C VAL A 1173 0.96 -69.72 25.73
N GLU A 1174 2.12 -70.29 26.11
CA GLU A 1174 2.10 -71.45 26.99
C GLU A 1174 1.46 -71.11 28.33
N ALA A 1175 1.82 -69.97 28.92
CA ALA A 1175 1.21 -69.55 30.17
C ALA A 1175 -0.30 -69.37 30.02
N PHE A 1176 -0.72 -68.78 28.91
CA PHE A 1176 -2.15 -68.58 28.65
C PHE A 1176 -2.88 -69.92 28.57
N PHE A 1177 -2.29 -70.89 27.86
CA PHE A 1177 -2.91 -72.20 27.72
C PHE A 1177 -2.58 -73.13 28.88
N ALA A 1178 -1.69 -72.72 29.80
CA ALA A 1178 -1.45 -73.51 30.99
C ALA A 1178 -2.70 -73.58 31.87
N ILE A 1179 -3.41 -72.48 32.00
CA ILE A 1179 -4.64 -72.41 32.79
C ILE A 1179 -5.80 -72.84 31.88
N PRO A 1180 -6.46 -73.95 32.16
CA PRO A 1180 -7.61 -74.34 31.33
C PRO A 1180 -8.76 -73.36 31.48
N ASP A 1181 -9.50 -73.18 30.40
CA ASP A 1181 -10.69 -72.33 30.39
C ASP A 1181 -11.74 -72.95 29.49
N GLU A 1182 -12.93 -73.16 30.04
CA GLU A 1182 -13.97 -73.87 29.30
C GLU A 1182 -14.37 -73.11 28.04
N GLU A 1183 -14.54 -71.79 28.16
CA GLU A 1183 -14.89 -71.00 26.98
C GLU A 1183 -13.79 -71.06 25.93
N VAL A 1184 -12.54 -70.85 26.34
CA VAL A 1184 -11.43 -70.94 25.40
C VAL A 1184 -11.28 -72.37 24.90
N GLU A 1185 -11.46 -73.36 25.77
CA GLU A 1185 -11.34 -74.75 25.36
C GLU A 1185 -12.34 -75.07 24.26
N GLU A 1186 -13.57 -74.55 24.37
CA GLU A 1186 -14.56 -74.78 23.34
C GLU A 1186 -14.23 -74.00 22.07
N ASN A 1187 -13.93 -72.71 22.21
CA ASN A 1187 -13.72 -71.84 21.05
C ASN A 1187 -12.40 -72.11 20.33
N LEU A 1188 -11.52 -72.94 20.89
CA LEU A 1188 -10.23 -73.21 20.25
C LEU A 1188 -10.42 -73.66 18.80
N TYR A 1189 -11.40 -74.51 18.53
CA TYR A 1189 -11.56 -75.04 17.18
C TYR A 1189 -12.07 -73.99 16.21
N LYS A 1190 -12.63 -72.89 16.70
CA LYS A 1190 -13.15 -71.83 15.84
C LYS A 1190 -12.10 -70.77 15.50
N GLN A 1191 -10.86 -70.95 15.97
CA GLN A 1191 -9.81 -69.98 15.72
C GLN A 1191 -9.15 -70.27 14.37
N SER A 1192 -9.26 -69.32 13.45
CA SER A 1192 -8.67 -69.48 12.14
C SER A 1192 -7.15 -69.47 12.24
N PRO A 1193 -6.46 -70.15 11.32
CA PRO A 1193 -4.99 -70.17 11.35
C PRO A 1193 -4.36 -68.84 10.97
N TRP A 1194 -5.15 -67.85 10.54
CA TRP A 1194 -4.64 -66.52 10.23
C TRP A 1194 -4.49 -65.73 11.52
N LEU A 1195 -3.25 -65.51 11.95
CA LEU A 1195 -2.96 -64.82 13.20
C LEU A 1195 -2.61 -63.36 12.89
N LEU A 1196 -3.46 -62.44 13.35
CA LEU A 1196 -3.16 -61.01 13.28
C LEU A 1196 -2.31 -60.65 14.48
N ARG A 1197 -1.06 -60.30 14.24
CA ARG A 1197 -0.10 -59.99 15.29
C ARG A 1197 0.10 -58.48 15.35
N LEU A 1198 0.31 -57.96 16.55
CA LEU A 1198 0.50 -56.52 16.75
C LEU A 1198 1.59 -56.31 17.79
N GLU A 1199 2.68 -55.68 17.37
CA GLU A 1199 3.75 -55.29 18.27
C GLU A 1199 3.52 -53.84 18.69
N LEU A 1200 3.62 -53.58 19.99
CA LEU A 1200 3.34 -52.28 20.58
C LEU A 1200 4.58 -51.74 21.26
N ASP A 1201 4.86 -50.45 21.07
CA ASP A 1201 6.05 -49.85 21.64
C ASP A 1201 5.89 -49.68 23.15
N ARG A 1202 6.87 -50.18 23.91
CA ARG A 1202 6.84 -50.02 25.36
C ARG A 1202 6.93 -48.54 25.73
N ALA A 1203 7.76 -47.78 25.02
CA ALA A 1203 7.94 -46.36 25.34
C ALA A 1203 6.62 -45.60 25.21
N LYS A 1204 5.86 -45.88 24.16
CA LYS A 1204 4.59 -45.20 23.98
C LYS A 1204 3.57 -45.63 25.03
N MET A 1205 3.62 -46.89 25.45
CA MET A 1205 2.76 -47.32 26.56
C MET A 1205 3.11 -46.56 27.83
N LEU A 1206 4.39 -46.40 28.13
CA LEU A 1206 4.78 -45.65 29.31
C LEU A 1206 4.36 -44.19 29.20
N ASP A 1207 4.57 -43.58 28.03
CA ASP A 1207 4.23 -42.17 27.84
C ASP A 1207 2.73 -41.96 27.99
N LYS A 1208 1.93 -42.83 27.40
CA LYS A 1208 0.47 -42.74 27.53
C LYS A 1208 -0.06 -43.50 28.74
N LYS A 1209 0.82 -44.14 29.52
CA LYS A 1209 0.42 -44.84 30.73
C LYS A 1209 -0.64 -45.90 30.43
N LEU A 1210 -0.33 -46.75 29.46
CA LEU A 1210 -1.24 -47.79 28.99
C LEU A 1210 -0.70 -49.16 29.33
N SER A 1211 -1.57 -50.05 29.78
CA SER A 1211 -1.23 -51.43 30.07
C SER A 1211 -1.84 -52.36 29.05
N MET A 1212 -1.12 -53.45 28.75
CA MET A 1212 -1.55 -54.34 27.68
C MET A 1212 -2.95 -54.88 27.94
N SER A 1213 -3.31 -55.09 29.19
CA SER A 1213 -4.65 -55.54 29.53
C SER A 1213 -5.69 -54.52 29.06
N ASP A 1214 -5.42 -53.24 29.29
CA ASP A 1214 -6.38 -52.20 28.90
C ASP A 1214 -6.60 -52.20 27.38
N VAL A 1215 -5.52 -52.19 26.60
CA VAL A 1215 -5.66 -52.16 25.15
C VAL A 1215 -6.35 -53.42 24.65
N ALA A 1216 -6.01 -54.57 25.23
CA ALA A 1216 -6.67 -55.81 24.83
C ALA A 1216 -8.16 -55.74 25.10
N GLY A 1217 -8.55 -55.25 26.28
CA GLY A 1217 -9.96 -55.13 26.60
C GLY A 1217 -10.67 -54.15 25.68
N LYS A 1218 -10.01 -53.05 25.34
CA LYS A 1218 -10.60 -52.09 24.42
C LYS A 1218 -10.85 -52.72 23.05
N ILE A 1219 -9.87 -53.48 22.55
CA ILE A 1219 -10.06 -54.17 21.27
C ILE A 1219 -11.22 -55.15 21.36
N ALA A 1220 -11.26 -55.94 22.44
CA ALA A 1220 -12.31 -56.93 22.58
C ALA A 1220 -13.68 -56.29 22.61
N GLU A 1221 -13.82 -55.20 23.38
CA GLU A 1221 -15.11 -54.51 23.45
C GLU A 1221 -15.45 -53.85 22.11
N SER A 1222 -14.44 -53.41 21.37
CA SER A 1222 -14.68 -52.82 20.07
C SER A 1222 -15.16 -53.86 19.07
N PHE A 1223 -14.79 -55.13 19.26
CA PHE A 1223 -15.20 -56.18 18.34
C PHE A 1223 -15.76 -57.40 19.07
N GLU A 1224 -16.15 -57.24 20.35
CA GLU A 1224 -16.92 -58.23 21.09
C GLU A 1224 -16.36 -59.64 20.95
N ARG A 1225 -17.02 -60.49 20.16
CA ARG A 1225 -16.70 -61.91 20.08
C ARG A 1225 -16.05 -62.32 18.77
N ASP A 1226 -16.15 -61.51 17.72
CA ASP A 1226 -15.62 -61.92 16.43
C ASP A 1226 -14.12 -62.18 16.47
N LEU A 1227 -13.42 -61.62 17.46
CA LEU A 1227 -11.96 -61.64 17.50
C LEU A 1227 -11.50 -62.15 18.85
N PHE A 1228 -11.04 -63.40 18.88
CA PHE A 1228 -10.35 -63.92 20.06
C PHE A 1228 -8.96 -63.31 20.13
N THR A 1229 -8.52 -62.97 21.35
CA THR A 1229 -7.30 -62.22 21.55
C THR A 1229 -6.51 -62.80 22.72
N ILE A 1230 -5.18 -62.64 22.66
CA ILE A 1230 -4.30 -63.02 23.75
C ILE A 1230 -3.11 -62.07 23.73
N TRP A 1231 -2.43 -61.95 24.87
CA TRP A 1231 -1.34 -61.01 25.02
C TRP A 1231 -0.38 -61.49 26.09
N SER A 1232 0.81 -60.91 26.11
CA SER A 1232 1.82 -61.24 27.09
C SER A 1232 1.76 -60.26 28.26
N GLU A 1233 2.70 -60.40 29.19
CA GLU A 1233 2.76 -59.56 30.37
C GLU A 1233 3.57 -58.29 30.08
N ASP A 1234 3.40 -57.29 30.96
CA ASP A 1234 4.09 -56.03 30.79
C ASP A 1234 5.61 -56.22 30.85
N ASN A 1235 6.08 -57.07 31.77
CA ASN A 1235 7.51 -57.32 31.92
C ASN A 1235 8.11 -57.98 30.69
N ALA A 1236 7.29 -58.51 29.78
CA ALA A 1236 7.81 -59.10 28.56
C ALA A 1236 8.64 -58.07 27.80
N ASP A 1237 9.79 -58.52 27.29
CA ASP A 1237 10.69 -57.60 26.59
C ASP A 1237 10.07 -57.11 25.29
N LYS A 1238 9.02 -57.77 24.80
CA LYS A 1238 8.31 -57.37 23.60
C LYS A 1238 6.81 -57.44 23.86
N LEU A 1239 6.10 -56.36 23.56
CA LEU A 1239 4.67 -56.27 23.80
C LEU A 1239 3.94 -56.73 22.54
N ILE A 1240 3.34 -57.91 22.60
CA ILE A 1240 2.73 -58.54 21.43
C ILE A 1240 1.29 -58.91 21.75
N ILE A 1241 0.37 -58.56 20.85
CA ILE A 1241 -1.01 -59.01 20.88
C ILE A 1241 -1.22 -59.96 19.72
N ARG A 1242 -1.77 -61.14 20.01
CA ARG A 1242 -2.13 -62.12 19.01
C ARG A 1242 -3.65 -62.18 18.91
N CYS A 1243 -4.17 -62.17 17.68
CA CYS A 1243 -5.60 -62.14 17.46
C CYS A 1243 -5.98 -63.13 16.37
N ARG A 1244 -7.18 -63.68 16.48
CA ARG A 1244 -7.73 -64.56 15.47
C ARG A 1244 -9.23 -64.31 15.38
N ILE A 1245 -9.81 -64.69 14.25
CA ILE A 1245 -11.23 -64.49 14.01
C ILE A 1245 -11.98 -65.77 14.38
N ILE A 1246 -12.89 -65.66 15.34
CA ILE A 1246 -13.71 -66.79 15.77
C ILE A 1246 -14.74 -67.02 14.67
N ARG A 1247 -14.49 -68.02 13.82
CA ARG A 1247 -15.39 -68.28 12.70
C ARG A 1247 -16.79 -68.59 13.20
N ASP A 1248 -17.78 -68.11 12.45
CA ASP A 1248 -19.19 -68.32 12.78
C ASP A 1248 -19.63 -69.68 12.27
N ASP A 1249 -20.05 -70.56 13.18
CA ASP A 1249 -20.50 -71.89 12.79
C ASP A 1249 -21.93 -71.90 12.25
N ASP A 1250 -22.61 -70.76 12.27
CA ASP A 1250 -23.95 -70.65 11.71
C ASP A 1250 -23.95 -70.28 10.22
N ARG A 1251 -22.78 -70.12 9.62
CA ARG A 1251 -22.66 -69.79 8.21
C ARG A 1251 -22.46 -71.07 7.41
N LYS A 1252 -23.48 -71.49 6.67
CA LYS A 1252 -23.37 -72.66 5.82
C LYS A 1252 -22.36 -72.39 4.70
N ALA A 1253 -21.59 -73.41 4.35
CA ALA A 1253 -20.56 -73.29 3.32
C ALA A 1253 -21.19 -73.55 1.94
N GLU A 1254 -22.10 -72.64 1.56
CA GLU A 1254 -22.80 -72.73 0.30
C GLU A 1254 -22.65 -71.46 -0.54
N ASP A 1255 -21.71 -70.58 -0.19
CA ASP A 1255 -21.44 -69.36 -0.95
C ASP A 1255 -19.95 -69.25 -1.22
N ASP A 1256 -19.36 -70.33 -1.71
CA ASP A 1256 -17.91 -70.43 -1.93
C ASP A 1256 -17.43 -69.57 -3.10
N ASP A 1257 -18.32 -68.89 -3.81
CA ASP A 1257 -17.95 -68.11 -4.99
C ASP A 1257 -17.68 -66.64 -4.69
N ASN A 1258 -17.92 -66.19 -3.45
CA ASN A 1258 -17.70 -64.78 -3.13
C ASN A 1258 -17.09 -64.57 -1.75
N MET A 1259 -16.75 -65.63 -1.03
CA MET A 1259 -16.14 -65.45 0.30
C MET A 1259 -14.83 -64.70 0.16
N ILE A 1260 -14.64 -63.68 0.98
CA ILE A 1260 -13.37 -62.96 0.99
C ILE A 1260 -12.32 -63.83 1.66
N GLU A 1261 -11.20 -64.03 0.99
CA GLU A 1261 -10.10 -64.75 1.61
C GLU A 1261 -9.76 -64.09 2.93
N GLU A 1262 -9.61 -64.90 3.98
CA GLU A 1262 -9.53 -64.36 5.33
C GLU A 1262 -8.41 -63.34 5.46
N ASP A 1263 -7.38 -63.44 4.63
CA ASP A 1263 -6.28 -62.48 4.69
C ASP A 1263 -6.74 -61.07 4.32
N VAL A 1264 -7.58 -60.94 3.28
CA VAL A 1264 -8.08 -59.63 2.89
C VAL A 1264 -9.00 -59.07 3.96
N PHE A 1265 -9.86 -59.92 4.53
CA PHE A 1265 -10.72 -59.47 5.62
C PHE A 1265 -9.90 -59.00 6.81
N LEU A 1266 -8.81 -59.71 7.13
CA LEU A 1266 -7.95 -59.30 8.23
C LEU A 1266 -7.19 -58.02 7.90
N LYS A 1267 -6.82 -57.82 6.64
CA LYS A 1267 -6.19 -56.54 6.27
C LYS A 1267 -7.16 -55.39 6.48
N THR A 1268 -8.41 -55.57 6.07
CA THR A 1268 -9.43 -54.54 6.34
C THR A 1268 -9.61 -54.34 7.84
N ILE A 1269 -9.62 -55.44 8.60
CA ILE A 1269 -9.77 -55.34 10.05
C ILE A 1269 -8.62 -54.54 10.65
N GLU A 1270 -7.39 -54.83 10.23
CA GLU A 1270 -6.24 -54.11 10.76
C GLU A 1270 -6.31 -52.63 10.40
N GLY A 1271 -6.69 -52.32 9.17
CA GLY A 1271 -6.88 -50.93 8.81
C GLY A 1271 -7.88 -50.24 9.70
N HIS A 1272 -9.00 -50.92 9.99
CA HIS A 1272 -10.01 -50.32 10.86
C HIS A 1272 -9.51 -50.18 12.30
N MET A 1273 -8.77 -51.18 12.79
CA MET A 1273 -8.21 -51.11 14.13
C MET A 1273 -7.31 -49.91 14.28
N LEU A 1274 -6.36 -49.74 13.36
CA LEU A 1274 -5.32 -48.74 13.55
C LEU A 1274 -5.91 -47.34 13.70
N GLU A 1275 -7.06 -47.07 13.08
CA GLU A 1275 -7.55 -45.71 12.96
C GLU A 1275 -8.86 -45.45 13.70
N SER A 1276 -9.66 -46.48 13.98
CA SER A 1276 -10.96 -46.27 14.60
C SER A 1276 -10.90 -46.40 16.12
N ILE A 1277 -10.44 -47.54 16.63
CA ILE A 1277 -10.51 -47.80 18.07
C ILE A 1277 -9.75 -46.72 18.82
N SER A 1278 -10.40 -46.14 19.82
CA SER A 1278 -9.82 -45.14 20.69
C SER A 1278 -9.53 -45.76 22.05
N LEU A 1279 -8.31 -45.56 22.55
CA LEU A 1279 -7.93 -46.13 23.83
C LEU A 1279 -8.23 -45.19 25.00
N ARG A 1280 -7.99 -43.89 24.82
CA ARG A 1280 -8.25 -42.91 25.86
C ARG A 1280 -8.47 -41.55 25.20
N GLY A 1281 -8.59 -40.53 26.03
CA GLY A 1281 -8.63 -39.17 25.55
C GLY A 1281 -9.99 -38.74 25.03
N VAL A 1282 -10.00 -37.55 24.46
CA VAL A 1282 -11.20 -36.93 23.90
C VAL A 1282 -11.04 -36.91 22.38
N PRO A 1283 -12.04 -37.33 21.60
CA PRO A 1283 -11.90 -37.29 20.15
C PRO A 1283 -11.60 -35.89 19.64
N ASN A 1284 -10.78 -35.83 18.59
CA ASN A 1284 -10.38 -34.64 17.86
C ASN A 1284 -9.36 -33.79 18.61
N ILE A 1285 -9.01 -34.13 19.85
CA ILE A 1285 -7.96 -33.43 20.59
C ILE A 1285 -6.71 -34.28 20.41
N THR A 1286 -5.95 -33.98 19.36
CA THR A 1286 -4.81 -34.81 19.01
C THR A 1286 -3.67 -34.67 20.00
N ARG A 1287 -3.34 -33.43 20.38
CA ARG A 1287 -2.17 -33.17 21.20
C ARG A 1287 -2.51 -32.15 22.27
N VAL A 1288 -1.83 -32.27 23.41
CA VAL A 1288 -2.07 -31.41 24.57
C VAL A 1288 -0.72 -30.93 25.10
N TYR A 1289 -0.69 -29.68 25.54
CA TYR A 1289 0.49 -29.06 26.12
C TYR A 1289 0.17 -28.61 27.53
N MET A 1290 1.11 -28.84 28.45
CA MET A 1290 1.02 -28.34 29.81
C MET A 1290 1.81 -27.05 29.92
N MET A 1291 1.14 -25.96 30.29
CA MET A 1291 1.78 -24.67 30.43
C MET A 1291 1.50 -24.12 31.82
N GLU A 1292 2.35 -23.21 32.25
CA GLU A 1292 2.20 -22.54 33.54
C GLU A 1292 1.77 -21.11 33.27
N HIS A 1293 0.49 -20.81 33.53
CA HIS A 1293 -0.07 -19.49 33.30
C HIS A 1293 -0.08 -18.68 34.59
N LYS A 1294 0.02 -17.37 34.45
CA LYS A 1294 -0.03 -16.45 35.58
C LYS A 1294 -1.48 -16.06 35.83
N ILE A 1295 -2.01 -16.43 36.99
CA ILE A 1295 -3.37 -16.07 37.36
C ILE A 1295 -3.28 -15.07 38.51
N VAL A 1296 -4.34 -14.28 38.68
CA VAL A 1296 -4.43 -13.30 39.76
C VAL A 1296 -5.61 -13.67 40.62
N ARG A 1297 -5.37 -13.84 41.92
CA ARG A 1297 -6.38 -14.34 42.85
C ARG A 1297 -6.40 -13.47 44.09
N GLN A 1298 -7.58 -13.34 44.71
CA GLN A 1298 -7.76 -12.48 45.87
C GLN A 1298 -7.44 -13.26 47.15
N ILE A 1299 -6.36 -12.87 47.83
CA ILE A 1299 -6.00 -13.50 49.09
C ILE A 1299 -7.11 -13.24 50.13
N GLU A 1300 -7.10 -14.07 51.18
CA GLU A 1300 -8.10 -13.94 52.24
C GLU A 1300 -8.11 -12.56 52.88
N ASP A 1301 -7.00 -11.83 52.84
CA ASP A 1301 -6.93 -10.51 53.45
C ASP A 1301 -7.45 -9.41 52.54
N GLY A 1302 -7.89 -9.73 51.33
CA GLY A 1302 -8.48 -8.78 50.42
C GLY A 1302 -7.57 -8.33 49.29
N THR A 1303 -6.27 -8.62 49.36
CA THR A 1303 -5.34 -8.20 48.33
C THR A 1303 -5.34 -9.20 47.18
N PHE A 1304 -4.70 -8.81 46.08
CA PHE A 1304 -4.59 -9.63 44.88
C PHE A 1304 -3.16 -10.07 44.71
N GLU A 1305 -2.96 -11.37 44.47
CA GLU A 1305 -1.64 -11.96 44.30
C GLU A 1305 -1.57 -12.68 42.95
N ARG A 1306 -0.38 -12.63 42.35
CA ARG A 1306 -0.11 -13.33 41.10
C ARG A 1306 0.45 -14.70 41.43
N ALA A 1307 -0.37 -15.72 41.24
CA ALA A 1307 0.01 -17.11 41.44
C ALA A 1307 0.20 -17.80 40.10
N ASP A 1308 0.66 -19.04 40.15
CA ASP A 1308 0.92 -19.85 38.96
C ASP A 1308 -0.07 -21.00 38.94
N GLU A 1309 -0.64 -21.26 37.76
CA GLU A 1309 -1.59 -22.37 37.61
C GLU A 1309 -1.25 -23.14 36.35
N TRP A 1310 -1.37 -24.46 36.43
CA TRP A 1310 -1.14 -25.33 35.28
C TRP A 1310 -2.39 -25.38 34.42
N VAL A 1311 -2.22 -25.11 33.12
CA VAL A 1311 -3.32 -25.08 32.17
C VAL A 1311 -2.94 -25.97 31.00
N LEU A 1312 -3.95 -26.52 30.33
CA LEU A 1312 -3.74 -27.42 29.21
C LEU A 1312 -4.17 -26.74 27.92
N GLU A 1313 -3.23 -26.50 27.03
CA GLU A 1313 -3.50 -25.90 25.73
C GLU A 1313 -3.47 -27.01 24.67
N THR A 1314 -4.58 -27.20 23.99
CA THR A 1314 -4.74 -28.34 23.09
C THR A 1314 -4.59 -27.93 21.63
N ASP A 1315 -4.48 -28.94 20.78
CA ASP A 1315 -4.59 -28.78 19.34
C ASP A 1315 -5.83 -29.54 18.86
N GLY A 1316 -6.69 -28.87 18.13
CA GLY A 1316 -7.99 -29.42 17.82
C GLY A 1316 -8.95 -29.14 18.95
N ILE A 1317 -10.23 -28.94 18.63
CA ILE A 1317 -11.21 -28.51 19.62
C ILE A 1317 -12.30 -29.57 19.73
N ASN A 1318 -12.55 -30.01 20.96
CA ASN A 1318 -13.77 -30.76 21.29
C ASN A 1318 -14.17 -30.28 22.68
N LEU A 1319 -14.98 -29.22 22.73
CA LEU A 1319 -15.21 -28.50 23.97
C LEU A 1319 -16.15 -29.25 24.90
N THR A 1320 -17.25 -29.79 24.37
CA THR A 1320 -18.26 -30.38 25.24
C THR A 1320 -17.72 -31.62 25.95
N GLU A 1321 -17.00 -32.49 25.23
CA GLU A 1321 -16.37 -33.62 25.89
C GLU A 1321 -15.16 -33.21 26.72
N ALA A 1322 -14.45 -32.16 26.32
CA ALA A 1322 -13.30 -31.72 27.10
C ALA A 1322 -13.72 -31.23 28.47
N MET A 1323 -14.84 -30.53 28.57
CA MET A 1323 -15.29 -30.05 29.88
C MET A 1323 -15.67 -31.20 30.80
N THR A 1324 -16.31 -32.25 30.27
CA THR A 1324 -16.80 -33.34 31.11
C THR A 1324 -15.68 -34.17 31.72
N VAL A 1325 -14.44 -34.04 31.25
CA VAL A 1325 -13.36 -34.85 31.79
C VAL A 1325 -13.14 -34.48 33.25
N GLU A 1326 -13.02 -35.50 34.10
CA GLU A 1326 -12.83 -35.26 35.52
C GLU A 1326 -11.52 -34.52 35.76
N GLY A 1327 -11.59 -33.49 36.61
CA GLY A 1327 -10.43 -32.72 36.99
C GLY A 1327 -10.32 -31.37 36.30
N VAL A 1328 -11.03 -31.16 35.21
CA VAL A 1328 -11.00 -29.89 34.49
C VAL A 1328 -12.04 -28.95 35.07
N ASP A 1329 -11.70 -27.68 35.17
CA ASP A 1329 -12.63 -26.66 35.64
C ASP A 1329 -13.63 -26.39 34.53
N ALA A 1330 -14.79 -27.03 34.61
CA ALA A 1330 -15.80 -26.89 33.57
C ALA A 1330 -16.40 -25.49 33.53
N THR A 1331 -16.14 -24.66 34.53
CA THR A 1331 -16.62 -23.29 34.55
C THR A 1331 -15.65 -22.32 33.89
N ARG A 1332 -14.46 -22.77 33.50
CA ARG A 1332 -13.46 -21.90 32.89
C ARG A 1332 -12.96 -22.38 31.54
N THR A 1333 -13.30 -23.59 31.11
CA THR A 1333 -12.77 -24.13 29.87
C THR A 1333 -13.13 -23.22 28.71
N TYR A 1334 -12.15 -22.89 27.89
CA TYR A 1334 -12.30 -21.92 26.81
C TYR A 1334 -11.70 -22.48 25.53
N SER A 1335 -12.32 -22.13 24.40
CA SER A 1335 -11.83 -22.47 23.08
C SER A 1335 -11.81 -21.22 22.22
N ASN A 1336 -10.85 -21.16 21.30
CA ASN A 1336 -10.70 -20.02 20.41
C ASN A 1336 -11.55 -20.14 19.15
N SER A 1337 -12.62 -20.93 19.20
CA SER A 1337 -13.56 -21.05 18.10
C SER A 1337 -14.91 -20.50 18.55
N PHE A 1338 -15.46 -19.55 17.78
CA PHE A 1338 -16.69 -18.90 18.17
C PHE A 1338 -17.92 -19.74 17.85
N VAL A 1339 -17.88 -20.51 16.76
CA VAL A 1339 -19.00 -21.39 16.44
C VAL A 1339 -19.17 -22.45 17.51
N GLU A 1340 -18.05 -23.00 18.00
CA GLU A 1340 -18.13 -24.02 19.04
C GLU A 1340 -18.71 -23.44 20.33
N ILE A 1341 -18.26 -22.24 20.72
CA ILE A 1341 -18.81 -21.61 21.92
C ILE A 1341 -20.29 -21.30 21.73
N LEU A 1342 -20.66 -20.87 20.53
CA LEU A 1342 -22.06 -20.54 20.25
C LEU A 1342 -22.93 -21.78 20.35
N GLN A 1343 -22.48 -22.91 19.83
CA GLN A 1343 -23.30 -24.11 19.88
C GLN A 1343 -23.30 -24.72 21.28
N ILE A 1344 -22.24 -24.51 22.05
CA ILE A 1344 -22.13 -25.07 23.39
C ILE A 1344 -22.63 -24.10 24.46
N LEU A 1345 -22.14 -22.86 24.45
CA LEU A 1345 -22.34 -21.95 25.56
C LEU A 1345 -23.35 -20.84 25.30
N GLY A 1346 -23.75 -20.62 24.06
CA GLY A 1346 -24.77 -19.64 23.74
C GLY A 1346 -24.20 -18.40 23.07
N ILE A 1347 -25.07 -17.40 22.94
CA ILE A 1347 -24.73 -16.22 22.14
C ILE A 1347 -24.04 -15.13 22.97
N GLU A 1348 -24.38 -14.98 24.25
CA GLU A 1348 -23.68 -14.00 25.07
C GLU A 1348 -22.24 -14.42 25.31
N ALA A 1349 -22.02 -15.70 25.63
CA ALA A 1349 -20.66 -16.21 25.71
C ALA A 1349 -19.95 -16.06 24.38
N THR A 1350 -20.67 -16.21 23.28
CA THR A 1350 -20.08 -16.01 21.96
C THR A 1350 -19.62 -14.57 21.79
N ARG A 1351 -20.43 -13.61 22.23
CA ARG A 1351 -20.05 -12.20 22.13
C ARG A 1351 -18.80 -11.93 22.96
N SER A 1352 -18.74 -12.48 24.17
CA SER A 1352 -17.56 -12.31 25.00
C SER A 1352 -16.32 -12.92 24.33
N ALA A 1353 -16.47 -14.10 23.74
CA ALA A 1353 -15.35 -14.74 23.07
C ALA A 1353 -14.90 -13.94 21.85
N LEU A 1354 -15.85 -13.44 21.05
CA LEU A 1354 -15.51 -12.55 19.95
C LEU A 1354 -14.69 -11.38 20.45
N LEU A 1355 -15.15 -10.74 21.53
CA LEU A 1355 -14.44 -9.57 22.03
C LEU A 1355 -13.03 -9.94 22.46
N LYS A 1356 -12.88 -11.06 23.17
CA LYS A 1356 -11.56 -11.45 23.64
C LYS A 1356 -10.61 -11.72 22.48
N GLU A 1357 -11.09 -12.38 21.43
CA GLU A 1357 -10.21 -12.72 20.33
C GLU A 1357 -9.91 -11.49 19.47
N LEU A 1358 -10.88 -10.60 19.28
CA LEU A 1358 -10.59 -9.34 18.61
C LEU A 1358 -9.52 -8.56 19.36
N ARG A 1359 -9.65 -8.46 20.68
CA ARG A 1359 -8.67 -7.72 21.45
C ARG A 1359 -7.30 -8.41 21.41
N ASN A 1360 -7.28 -9.74 21.40
CA ASN A 1360 -6.01 -10.46 21.28
C ASN A 1360 -5.34 -10.15 19.95
N VAL A 1361 -6.12 -10.11 18.87
CA VAL A 1361 -5.55 -9.79 17.56
C VAL A 1361 -5.03 -8.36 17.55
N ILE A 1362 -5.84 -7.40 18.01
CA ILE A 1362 -5.50 -6.00 17.86
C ILE A 1362 -4.34 -5.61 18.77
N GLU A 1363 -4.37 -6.04 20.03
CA GLU A 1363 -3.44 -5.56 21.04
C GLU A 1363 -2.15 -6.35 21.10
N PHE A 1364 -1.97 -7.35 20.24
CA PHE A 1364 -0.72 -8.11 20.25
C PHE A 1364 0.46 -7.22 19.91
N ASP A 1365 0.29 -6.34 18.92
CA ASP A 1365 1.35 -5.44 18.50
C ASP A 1365 1.74 -4.44 19.57
N GLY A 1366 0.92 -4.28 20.62
CA GLY A 1366 1.09 -3.23 21.58
C GLY A 1366 0.13 -2.08 21.43
N SER A 1367 -0.69 -2.07 20.37
CA SER A 1367 -1.65 -1.01 20.17
C SER A 1367 -2.87 -1.22 21.05
N TYR A 1368 -3.78 -0.25 21.02
CA TYR A 1368 -4.97 -0.25 21.86
C TYR A 1368 -6.11 0.42 21.11
N VAL A 1369 -7.28 -0.21 21.13
CA VAL A 1369 -8.49 0.36 20.58
C VAL A 1369 -9.52 0.44 21.70
N ASN A 1370 -10.29 1.52 21.72
CA ASN A 1370 -11.27 1.71 22.78
C ASN A 1370 -12.30 0.59 22.77
N TYR A 1371 -12.74 0.20 23.97
CA TYR A 1371 -13.65 -0.92 24.11
C TYR A 1371 -14.93 -0.72 23.33
N ARG A 1372 -15.34 0.53 23.11
CA ARG A 1372 -16.63 0.79 22.47
C ARG A 1372 -16.68 0.24 21.07
N HIS A 1373 -15.59 0.36 20.32
CA HIS A 1373 -15.60 -0.04 18.91
C HIS A 1373 -15.64 -1.56 18.79
N LEU A 1374 -14.83 -2.26 19.57
CA LEU A 1374 -14.85 -3.72 19.57
C LEU A 1374 -16.21 -4.23 20.06
N ALA A 1375 -16.75 -3.62 21.11
CA ALA A 1375 -18.05 -4.05 21.62
C ALA A 1375 -19.15 -3.84 20.59
N LEU A 1376 -19.11 -2.72 19.87
CA LEU A 1376 -20.12 -2.47 18.84
C LEU A 1376 -19.98 -3.46 17.69
N LEU A 1377 -18.75 -3.79 17.29
CA LEU A 1377 -18.57 -4.80 16.26
C LEU A 1377 -19.15 -6.14 16.71
N CYS A 1378 -18.86 -6.54 17.94
CA CYS A 1378 -19.37 -7.81 18.45
C CYS A 1378 -20.89 -7.81 18.54
N ASP A 1379 -21.47 -6.69 18.98
CA ASP A 1379 -22.92 -6.61 19.11
C ASP A 1379 -23.60 -6.62 17.75
N VAL A 1380 -22.99 -6.00 16.74
CA VAL A 1380 -23.52 -6.09 15.39
C VAL A 1380 -23.43 -7.51 14.88
N MET A 1381 -22.32 -8.19 15.15
CA MET A 1381 -22.14 -9.55 14.66
C MET A 1381 -22.97 -10.57 15.42
N THR A 1382 -23.52 -10.21 16.59
CA THR A 1382 -24.31 -11.14 17.38
C THR A 1382 -25.73 -10.66 17.62
N SER A 1383 -26.15 -9.57 16.99
CA SER A 1383 -27.44 -8.97 17.31
C SER A 1383 -28.60 -9.90 17.00
N ARG A 1384 -28.52 -10.63 15.89
CA ARG A 1384 -29.66 -11.41 15.40
C ARG A 1384 -29.69 -12.84 15.93
N GLY A 1385 -28.82 -13.19 16.88
CA GLY A 1385 -28.85 -14.46 17.54
C GLY A 1385 -27.81 -15.45 17.08
N HIS A 1386 -27.18 -15.21 15.93
CA HIS A 1386 -26.12 -16.07 15.43
C HIS A 1386 -24.98 -15.19 14.94
N LEU A 1387 -23.86 -15.84 14.61
CA LEU A 1387 -22.68 -15.11 14.15
C LEU A 1387 -22.89 -14.65 12.72
N MET A 1388 -23.02 -13.34 12.53
CA MET A 1388 -23.14 -12.75 11.20
C MET A 1388 -21.74 -12.48 10.67
N ALA A 1389 -21.30 -13.30 9.72
CA ALA A 1389 -19.98 -13.11 9.14
C ALA A 1389 -19.92 -11.78 8.41
N ILE A 1390 -18.76 -11.12 8.48
CA ILE A 1390 -18.57 -9.83 7.81
C ILE A 1390 -18.09 -10.16 6.40
N THR A 1391 -19.06 -10.48 5.55
CA THR A 1391 -18.80 -10.89 4.17
C THR A 1391 -20.09 -10.68 3.40
N ARG A 1392 -20.03 -10.95 2.09
CA ARG A 1392 -21.24 -10.86 1.28
C ARG A 1392 -22.32 -11.80 1.79
N HIS A 1393 -21.93 -12.96 2.33
CA HIS A 1393 -22.91 -13.93 2.80
C HIS A 1393 -23.69 -13.40 3.99
N GLY A 1394 -23.01 -12.80 4.95
CA GLY A 1394 -23.67 -12.31 6.15
C GLY A 1394 -24.26 -10.92 5.98
N ILE A 1395 -23.51 -10.02 5.35
CA ILE A 1395 -23.98 -8.65 5.18
C ILE A 1395 -25.23 -8.62 4.30
N ASN A 1396 -25.22 -9.35 3.19
CA ASN A 1396 -26.36 -9.32 2.28
C ASN A 1396 -27.54 -10.11 2.82
N ARG A 1397 -27.30 -11.02 3.75
CA ARG A 1397 -28.41 -11.73 4.38
C ARG A 1397 -29.24 -10.79 5.25
N ALA A 1398 -28.62 -9.74 5.78
CA ALA A 1398 -29.34 -8.82 6.65
C ALA A 1398 -30.51 -8.19 5.90
N GLU A 1399 -31.61 -7.94 6.63
CA GLU A 1399 -32.83 -7.41 6.03
C GLU A 1399 -32.76 -5.89 5.93
N THR A 1400 -31.71 -5.40 5.27
CA THR A 1400 -31.54 -3.97 5.05
C THR A 1400 -32.19 -3.60 3.71
N GLY A 1401 -32.02 -2.34 3.31
CA GLY A 1401 -32.58 -1.91 2.05
C GLY A 1401 -31.87 -2.54 0.86
N ALA A 1402 -32.60 -2.65 -0.26
CA ALA A 1402 -32.05 -3.29 -1.44
C ALA A 1402 -30.83 -2.52 -1.97
N LEU A 1403 -30.93 -1.19 -2.04
CA LEU A 1403 -29.83 -0.41 -2.59
C LEU A 1403 -28.57 -0.53 -1.73
N MET A 1404 -28.73 -0.46 -0.41
CA MET A 1404 -27.59 -0.60 0.48
C MET A 1404 -26.83 -1.90 0.22
N ARG A 1405 -27.55 -2.99 -0.01
CA ARG A 1405 -26.87 -4.27 -0.22
C ARG A 1405 -26.31 -4.38 -1.63
N CYS A 1406 -27.01 -3.85 -2.63
CA CYS A 1406 -26.47 -3.94 -3.98
C CYS A 1406 -25.20 -3.11 -4.11
N SER A 1407 -25.02 -2.13 -3.23
CA SER A 1407 -23.76 -1.39 -3.20
C SER A 1407 -22.58 -2.23 -2.72
N PHE A 1408 -22.78 -3.52 -2.44
CA PHE A 1408 -21.73 -4.40 -1.91
C PHE A 1408 -21.74 -5.74 -2.63
N GLU A 1409 -20.92 -5.88 -3.67
CA GLU A 1409 -20.41 -7.13 -4.22
C GLU A 1409 -21.45 -8.00 -4.92
N GLU A 1410 -22.74 -7.69 -4.83
CA GLU A 1410 -23.77 -8.51 -5.47
C GLU A 1410 -24.82 -7.60 -6.10
N THR A 1411 -24.35 -6.56 -6.79
CA THR A 1411 -25.22 -5.48 -7.22
C THR A 1411 -26.39 -5.96 -8.05
N VAL A 1412 -26.13 -6.52 -9.22
CA VAL A 1412 -27.21 -6.86 -10.13
C VAL A 1412 -28.05 -8.00 -9.58
N GLU A 1413 -27.40 -8.97 -8.92
CA GLU A 1413 -28.15 -10.08 -8.33
C GLU A 1413 -29.13 -9.57 -7.28
N ILE A 1414 -28.67 -8.68 -6.40
CA ILE A 1414 -29.52 -8.15 -5.35
C ILE A 1414 -30.65 -7.32 -5.95
N LEU A 1415 -30.34 -6.50 -6.95
CA LEU A 1415 -31.38 -5.70 -7.59
C LEU A 1415 -32.42 -6.58 -8.25
N MET A 1416 -31.97 -7.65 -8.92
CA MET A 1416 -32.89 -8.58 -9.56
C MET A 1416 -33.78 -9.27 -8.53
N ASP A 1417 -33.20 -9.68 -7.40
CA ASP A 1417 -34.01 -10.30 -6.35
C ASP A 1417 -35.05 -9.32 -5.81
N ALA A 1418 -34.65 -8.07 -5.57
CA ALA A 1418 -35.58 -7.08 -5.07
C ALA A 1418 -36.71 -6.84 -6.06
N ALA A 1419 -36.39 -6.77 -7.35
CA ALA A 1419 -37.43 -6.62 -8.36
C ALA A 1419 -38.36 -7.83 -8.38
N ALA A 1420 -37.78 -9.03 -8.31
CA ALA A 1420 -38.59 -10.25 -8.39
C ALA A 1420 -39.56 -10.35 -7.22
N SER A 1421 -39.11 -9.99 -6.02
CA SER A 1421 -39.97 -10.06 -4.85
C SER A 1421 -40.86 -8.84 -4.70
N GLY A 1422 -40.81 -7.89 -5.63
CA GLY A 1422 -41.58 -6.66 -5.47
C GLY A 1422 -41.17 -5.88 -4.24
N GLU A 1423 -39.87 -5.82 -3.96
CA GLU A 1423 -39.39 -5.31 -2.69
C GLU A 1423 -39.57 -3.79 -2.60
N LYS A 1424 -39.61 -3.32 -1.37
CA LYS A 1424 -39.79 -1.90 -1.04
C LYS A 1424 -38.64 -1.44 -0.17
N ASP A 1425 -38.13 -0.24 -0.46
CA ASP A 1425 -36.99 0.33 0.25
C ASP A 1425 -37.43 1.58 0.98
N ASP A 1426 -37.04 1.68 2.25
CA ASP A 1426 -37.46 2.79 3.10
C ASP A 1426 -36.65 4.06 2.87
N CYS A 1427 -35.47 3.95 2.27
CA CYS A 1427 -34.56 5.10 2.10
C CYS A 1427 -34.23 5.73 3.44
N LYS A 1428 -34.02 4.90 4.46
CA LYS A 1428 -33.61 5.35 5.78
C LYS A 1428 -32.13 5.16 6.03
N GLY A 1429 -31.40 4.58 5.08
CA GLY A 1429 -29.97 4.35 5.21
C GLY A 1429 -29.14 5.49 4.65
N ILE A 1430 -27.82 5.33 4.75
CA ILE A 1430 -26.91 6.34 4.23
C ILE A 1430 -26.70 6.17 2.74
N SER A 1431 -26.41 4.94 2.30
CA SER A 1431 -26.11 4.71 0.90
C SER A 1431 -27.29 5.11 0.01
N GLU A 1432 -28.51 4.79 0.44
CA GLU A 1432 -29.68 5.11 -0.36
C GLU A 1432 -29.83 6.61 -0.54
N ASN A 1433 -29.72 7.37 0.55
CA ASN A 1433 -29.88 8.81 0.47
C ASN A 1433 -28.75 9.46 -0.33
N ILE A 1434 -27.53 8.97 -0.16
CA ILE A 1434 -26.42 9.49 -0.95
C ILE A 1434 -26.64 9.23 -2.43
N MET A 1435 -27.07 8.01 -2.77
CA MET A 1435 -27.35 7.67 -4.16
C MET A 1435 -28.44 8.59 -4.72
N LEU A 1436 -29.48 8.85 -3.93
CA LEU A 1436 -30.56 9.71 -4.40
C LEU A 1436 -30.24 11.20 -4.23
N GLY A 1437 -29.06 11.54 -3.72
CA GLY A 1437 -28.65 12.92 -3.65
C GLY A 1437 -29.36 13.72 -2.58
N GLN A 1438 -29.92 13.06 -1.58
CA GLN A 1438 -30.63 13.72 -0.49
C GLN A 1438 -29.75 13.76 0.76
N LEU A 1439 -30.08 14.69 1.64
CA LEU A 1439 -29.33 14.83 2.89
C LEU A 1439 -29.49 13.55 3.70
N ALA A 1440 -28.39 12.85 3.93
CA ALA A 1440 -28.46 11.59 4.66
C ALA A 1440 -29.05 11.85 6.05
N PRO A 1441 -29.97 10.98 6.52
CA PRO A 1441 -30.64 11.21 7.81
C PRO A 1441 -29.80 10.77 9.00
N MET A 1442 -28.52 11.15 9.00
CA MET A 1442 -27.61 10.68 10.03
C MET A 1442 -26.46 11.66 10.14
N GLY A 1443 -26.04 11.93 11.37
CA GLY A 1443 -24.97 12.88 11.63
C GLY A 1443 -25.51 14.28 11.83
N THR A 1444 -25.03 15.22 11.03
CA THR A 1444 -25.59 16.57 11.01
C THR A 1444 -26.99 16.62 10.43
N GLY A 1445 -27.43 15.55 9.77
CA GLY A 1445 -28.76 15.50 9.21
C GLY A 1445 -29.70 14.57 9.95
N ALA A 1446 -29.36 14.25 11.21
CA ALA A 1446 -30.17 13.37 12.04
C ALA A 1446 -31.36 14.08 12.67
N PHE A 1447 -31.70 15.26 12.17
CA PHE A 1447 -32.76 16.07 12.75
C PHE A 1447 -33.17 17.11 11.71
N ASP A 1448 -34.27 17.80 11.98
CA ASP A 1448 -34.79 18.80 11.07
C ASP A 1448 -34.82 20.16 11.76
N ILE A 1449 -34.61 21.20 10.96
CA ILE A 1449 -34.59 22.58 11.44
C ILE A 1449 -35.88 23.26 11.02
N TYR A 1450 -36.51 23.95 11.96
CA TYR A 1450 -37.72 24.72 11.70
C TYR A 1450 -37.55 26.13 12.22
N LEU A 1451 -38.40 27.02 11.73
CA LEU A 1451 -38.45 28.40 12.23
C LEU A 1451 -39.36 28.46 13.45
N ASP A 1452 -38.95 29.23 14.45
CA ASP A 1452 -39.82 29.55 15.57
C ASP A 1452 -40.35 30.97 15.35
N GLN A 1453 -41.61 31.07 14.94
CA GLN A 1453 -42.22 32.37 14.67
C GLN A 1453 -42.49 33.15 15.95
N ASP A 1454 -42.68 32.46 17.07
CA ASP A 1454 -42.82 33.17 18.35
C ASP A 1454 -41.65 34.11 18.58
N MET A 1455 -40.45 33.68 18.20
CA MET A 1455 -39.27 34.52 18.36
C MET A 1455 -39.20 35.59 17.28
N LEU A 1456 -39.67 35.29 16.07
CA LEU A 1456 -39.60 36.26 15.00
C LEU A 1456 -40.56 37.42 15.24
N MET A 1457 -41.67 37.18 15.94
CA MET A 1457 -42.50 38.29 16.42
C MET A 1457 -41.72 39.22 17.34
N ASN A 1458 -40.94 38.65 18.25
CA ASN A 1458 -40.24 39.44 19.25
C ASN A 1458 -38.82 39.74 18.80
N GLU B 10 52.04 -15.37 -6.20
CA GLU B 10 51.40 -16.16 -7.24
C GLU B 10 49.91 -16.39 -6.92
N THR B 11 49.32 -15.41 -6.23
CA THR B 11 47.91 -15.45 -5.88
C THR B 11 47.17 -14.37 -6.66
N LEU B 12 45.98 -14.70 -7.12
CA LEU B 12 45.22 -13.77 -7.96
C LEU B 12 44.76 -12.60 -7.12
N THR B 13 44.73 -11.42 -7.73
CA THR B 13 44.38 -10.18 -7.03
C THR B 13 43.06 -9.63 -7.56
N GLN B 14 42.49 -8.69 -6.81
CA GLN B 14 41.24 -8.06 -7.23
C GLN B 14 41.43 -7.25 -8.50
N GLU B 15 42.59 -6.63 -8.68
CA GLU B 15 42.88 -5.95 -9.94
C GLU B 15 42.85 -6.93 -11.10
N ASP B 16 43.42 -8.12 -10.89
CA ASP B 16 43.38 -9.15 -11.92
C ASP B 16 41.95 -9.60 -12.20
N CYS B 17 41.14 -9.73 -11.16
CA CYS B 17 39.74 -10.09 -11.36
C CYS B 17 39.03 -9.04 -12.20
N TRP B 18 39.30 -7.76 -11.96
CA TRP B 18 38.65 -6.72 -12.75
C TRP B 18 39.23 -6.64 -14.15
N THR B 19 40.48 -7.05 -14.37
CA THR B 19 40.97 -7.18 -15.74
C THR B 19 40.23 -8.29 -16.48
N VAL B 20 39.98 -9.40 -15.80
CA VAL B 20 39.20 -10.49 -16.41
C VAL B 20 37.79 -10.00 -16.74
N ILE B 21 37.17 -9.27 -15.81
CA ILE B 21 35.82 -8.77 -16.07
C ILE B 21 35.82 -7.74 -17.19
N SER B 22 36.88 -6.93 -17.28
CA SER B 22 37.01 -5.98 -18.36
C SER B 22 37.09 -6.70 -19.70
N SER B 23 37.85 -7.79 -19.77
CA SER B 23 37.88 -8.58 -20.99
C SER B 23 36.51 -9.14 -21.32
N PHE B 24 35.80 -9.65 -20.31
CA PHE B 24 34.45 -10.16 -20.52
C PHE B 24 33.59 -9.11 -21.20
N PHE B 25 33.61 -7.87 -20.68
CA PHE B 25 32.75 -6.85 -21.24
C PHE B 25 33.28 -6.25 -22.53
N GLU B 26 34.59 -6.38 -22.79
CA GLU B 26 35.10 -6.03 -24.11
C GLU B 26 34.54 -6.95 -25.18
N GLU B 27 34.44 -8.24 -24.88
CA GLU B 27 33.90 -9.18 -25.86
C GLU B 27 32.40 -9.41 -25.72
N THR B 28 31.75 -8.81 -24.72
CA THR B 28 30.33 -9.02 -24.49
C THR B 28 29.63 -7.68 -24.33
N SER B 29 28.51 -7.52 -25.03
CA SER B 29 27.67 -6.34 -24.90
C SER B 29 26.56 -6.60 -23.88
N LEU B 30 26.08 -5.52 -23.27
CA LEU B 30 25.01 -5.66 -22.29
C LEU B 30 23.70 -6.09 -22.94
N ALA B 31 23.53 -5.87 -24.24
CA ALA B 31 22.40 -6.38 -25.00
C ALA B 31 22.72 -7.68 -25.72
N ARG B 32 23.75 -8.40 -25.27
CA ARG B 32 24.19 -9.59 -25.99
C ARG B 32 23.11 -10.66 -26.05
N GLN B 33 22.34 -10.81 -24.97
CA GLN B 33 21.34 -11.87 -24.95
C GLN B 33 20.28 -11.64 -26.02
N GLN B 34 19.73 -10.43 -26.08
CA GLN B 34 18.76 -10.10 -27.12
C GLN B 34 19.35 -10.33 -28.51
N LEU B 35 20.55 -9.79 -28.75
CA LEU B 35 21.14 -9.84 -30.08
C LEU B 35 21.42 -11.27 -30.50
N PHE B 36 21.98 -12.09 -29.60
CA PHE B 36 22.32 -13.45 -29.98
C PHE B 36 21.08 -14.31 -30.15
N SER B 37 20.06 -14.10 -29.32
CA SER B 37 18.81 -14.83 -29.51
C SER B 37 18.20 -14.50 -30.86
N PHE B 38 18.17 -13.22 -31.22
CA PHE B 38 17.59 -12.83 -32.51
C PHE B 38 18.43 -13.37 -33.66
N ASP B 39 19.75 -13.34 -33.53
CA ASP B 39 20.61 -13.89 -34.57
C ASP B 39 20.35 -15.38 -34.77
N GLU B 40 20.20 -16.12 -33.66
CA GLU B 40 19.88 -17.53 -33.77
C GLU B 40 18.55 -17.74 -34.46
N PHE B 41 17.54 -16.93 -34.12
CA PHE B 41 16.23 -17.10 -34.75
C PHE B 41 16.30 -16.86 -36.24
N VAL B 42 16.98 -15.78 -36.65
CA VAL B 42 16.99 -15.41 -38.07
C VAL B 42 17.86 -16.37 -38.87
N GLN B 43 19.05 -16.70 -38.35
CA GLN B 43 19.99 -17.48 -39.13
C GLN B 43 19.55 -18.93 -39.28
N ASN B 44 19.01 -19.53 -38.22
CA ASN B 44 18.70 -20.95 -38.22
C ASN B 44 17.21 -21.24 -38.07
N THR B 45 16.55 -20.64 -37.09
CA THR B 45 15.20 -21.10 -36.74
C THR B 45 14.20 -20.86 -37.87
N MET B 46 14.34 -19.75 -38.60
CA MET B 46 13.41 -19.48 -39.68
C MET B 46 13.48 -20.56 -40.75
N GLN B 47 14.69 -20.99 -41.11
CA GLN B 47 14.84 -22.05 -42.09
C GLN B 47 14.21 -23.35 -41.61
N GLU B 48 14.40 -23.69 -40.34
CA GLU B 48 13.79 -24.90 -39.80
C GLU B 48 12.28 -24.81 -39.83
N ILE B 49 11.73 -23.64 -39.48
CA ILE B 49 10.27 -23.48 -39.52
C ILE B 49 9.77 -23.65 -40.94
N VAL B 50 10.49 -23.10 -41.92
CA VAL B 50 10.08 -23.26 -43.31
C VAL B 50 10.14 -24.73 -43.73
N ASP B 51 11.20 -25.43 -43.33
CA ASP B 51 11.36 -26.83 -43.72
C ASP B 51 10.27 -27.70 -43.11
N ASP B 52 9.91 -27.45 -41.85
CA ASP B 52 8.93 -28.30 -41.18
C ASP B 52 7.58 -28.28 -41.88
N ASP B 53 7.31 -27.29 -42.71
CA ASP B 53 6.12 -27.22 -43.53
C ASP B 53 6.51 -26.92 -44.97
N SER B 54 7.53 -27.63 -45.46
CA SER B 54 8.14 -27.29 -46.75
C SER B 54 7.20 -27.58 -47.92
N THR B 55 6.44 -28.68 -47.83
CA THR B 55 5.68 -29.17 -48.97
C THR B 55 4.18 -29.00 -48.75
N LEU B 56 3.48 -28.63 -49.82
CA LEU B 56 2.02 -28.57 -49.85
C LEU B 56 1.54 -29.40 -51.02
N THR B 57 0.68 -30.39 -50.74
CA THR B 57 0.22 -31.32 -51.76
C THR B 57 -1.30 -31.31 -51.82
N LEU B 58 -1.82 -31.32 -53.05
CA LEU B 58 -3.25 -31.35 -53.31
C LEU B 58 -3.55 -32.44 -54.32
N ASP B 59 -4.47 -33.34 -53.99
CA ASP B 59 -4.82 -34.48 -54.84
C ASP B 59 -6.21 -34.25 -55.41
N GLN B 60 -6.26 -33.89 -56.69
CA GLN B 60 -7.52 -33.72 -57.41
C GLN B 60 -7.95 -35.08 -57.94
N TYR B 61 -8.86 -35.73 -57.22
CA TYR B 61 -9.41 -36.98 -57.69
C TYR B 61 -10.40 -36.73 -58.83
N ALA B 62 -10.75 -37.79 -59.54
CA ALA B 62 -11.61 -37.69 -60.71
C ALA B 62 -13.06 -37.91 -60.30
N GLN B 63 -13.84 -36.83 -60.29
CA GLN B 63 -15.27 -36.95 -60.01
C GLN B 63 -15.94 -37.77 -61.09
N HIS B 64 -16.94 -38.56 -60.69
CA HIS B 64 -17.65 -39.46 -61.59
C HIS B 64 -18.73 -38.68 -62.33
N THR B 65 -18.29 -37.80 -63.23
CA THR B 65 -19.20 -37.03 -64.07
C THR B 65 -19.63 -37.77 -65.33
N GLY B 66 -19.06 -38.94 -65.59
CA GLY B 66 -19.45 -39.74 -66.74
C GLY B 66 -18.83 -39.32 -68.06
N ALA B 67 -17.77 -38.52 -68.04
CA ALA B 67 -17.12 -38.04 -69.25
C ALA B 67 -15.76 -38.71 -69.40
N GLN B 68 -15.47 -39.21 -70.60
CA GLN B 68 -14.20 -39.87 -70.86
C GLN B 68 -13.07 -38.85 -70.84
N GLY B 69 -12.07 -39.10 -69.98
CA GLY B 69 -10.97 -38.17 -69.82
C GLY B 69 -10.66 -37.91 -68.36
N ASP B 70 -11.41 -38.55 -67.47
CA ASP B 70 -11.22 -38.36 -66.04
C ASP B 70 -9.90 -38.98 -65.61
N VAL B 71 -8.99 -38.14 -65.10
CA VAL B 71 -7.69 -38.59 -64.61
C VAL B 71 -7.38 -37.82 -63.32
N THR B 72 -6.93 -38.55 -62.31
CA THR B 72 -6.55 -37.89 -61.06
C THR B 72 -5.21 -37.16 -61.25
N ARG B 73 -5.01 -36.13 -60.44
CA ARG B 73 -3.81 -35.31 -60.53
C ARG B 73 -3.30 -35.01 -59.13
N ARG B 74 -2.00 -34.76 -59.03
CA ARG B 74 -1.37 -34.31 -57.79
C ARG B 74 -0.56 -33.06 -58.06
N TYR B 75 -0.81 -32.02 -57.30
CA TYR B 75 -0.09 -30.76 -57.38
C TYR B 75 0.72 -30.57 -56.12
N GLU B 76 1.97 -30.15 -56.27
CA GLU B 76 2.91 -30.04 -55.16
C GLU B 76 3.66 -28.73 -55.25
N ILE B 77 3.82 -28.08 -54.10
CA ILE B 77 4.63 -26.86 -53.98
C ILE B 77 5.63 -27.09 -52.86
N ASN B 78 6.91 -26.92 -53.17
CA ASN B 78 7.99 -27.11 -52.21
C ASN B 78 8.62 -25.77 -51.90
N PHE B 79 8.67 -25.44 -50.61
CA PHE B 79 9.31 -24.21 -50.13
C PHE B 79 10.78 -24.47 -49.89
N GLY B 80 11.63 -23.68 -50.52
CA GLY B 80 13.06 -23.86 -50.49
C GLY B 80 13.77 -22.94 -49.51
N GLN B 81 15.01 -22.62 -49.83
CA GLN B 81 15.81 -21.77 -48.96
C GLN B 81 15.22 -20.37 -48.88
N ILE B 82 15.47 -19.71 -47.75
CA ILE B 82 14.99 -18.36 -47.49
C ILE B 82 16.14 -17.38 -47.62
N TYR B 83 15.86 -16.22 -48.19
CA TYR B 83 16.83 -15.14 -48.37
C TYR B 83 16.32 -13.90 -47.66
N LEU B 84 17.16 -13.32 -46.81
CA LEU B 84 16.83 -12.12 -46.08
C LEU B 84 17.73 -10.99 -46.58
N SER B 85 17.13 -9.98 -47.20
CA SER B 85 17.88 -8.83 -47.66
C SER B 85 18.03 -7.83 -46.51
N ARG B 86 18.69 -6.73 -46.79
CA ARG B 86 18.85 -5.68 -45.79
C ARG B 86 17.61 -4.79 -45.78
N PRO B 87 17.34 -4.10 -44.67
CA PRO B 87 16.11 -3.32 -44.59
C PRO B 87 16.06 -2.25 -45.67
N THR B 88 14.88 -2.09 -46.27
CA THR B 88 14.66 -1.13 -47.33
C THR B 88 13.28 -0.52 -47.18
N MET B 89 13.10 0.64 -47.82
CA MET B 89 11.81 1.30 -47.89
C MET B 89 11.48 1.60 -49.35
N THR B 90 10.23 1.36 -49.72
CA THR B 90 9.68 1.77 -51.01
C THR B 90 8.73 2.93 -50.77
N GLU B 91 8.90 4.00 -51.54
CA GLU B 91 8.17 5.23 -51.31
C GLU B 91 6.83 5.20 -52.05
N ALA B 92 6.09 6.31 -51.96
CA ALA B 92 4.86 6.43 -52.71
C ALA B 92 5.13 6.40 -54.22
N ASP B 93 6.18 7.08 -54.65
CA ASP B 93 6.54 7.11 -56.06
C ASP B 93 7.08 5.78 -56.57
N GLY B 94 7.35 4.83 -55.67
CA GLY B 94 7.82 3.52 -56.05
C GLY B 94 9.32 3.33 -55.93
N SER B 95 10.08 4.40 -55.72
CA SER B 95 11.52 4.27 -55.55
C SER B 95 11.84 3.49 -54.29
N THR B 96 12.79 2.56 -54.39
CA THR B 96 13.19 1.71 -53.28
C THR B 96 14.62 2.07 -52.88
N THR B 97 14.81 2.37 -51.61
CA THR B 97 16.12 2.76 -51.08
C THR B 97 16.40 1.97 -49.81
N THR B 98 17.68 1.89 -49.46
CA THR B 98 18.07 1.31 -48.19
C THR B 98 17.59 2.22 -47.07
N MET B 99 16.98 1.63 -46.04
CA MET B 99 16.41 2.40 -44.94
C MET B 99 17.34 2.34 -43.72
N PHE B 100 17.44 3.47 -43.02
CA PHE B 100 18.31 3.57 -41.87
C PHE B 100 17.49 3.79 -40.60
N PRO B 101 17.99 3.34 -39.44
CA PRO B 101 17.16 3.38 -38.23
C PRO B 101 16.66 4.77 -37.87
N GLN B 102 17.47 5.80 -38.04
CA GLN B 102 17.04 7.13 -37.62
C GLN B 102 15.92 7.66 -38.51
N GLU B 103 16.00 7.41 -39.82
CA GLU B 103 14.92 7.80 -40.71
C GLU B 103 13.65 7.05 -40.36
N ALA B 104 13.77 5.77 -40.01
CA ALA B 104 12.61 5.01 -39.57
C ALA B 104 11.99 5.61 -38.31
N ARG B 105 12.83 6.01 -37.37
CA ARG B 105 12.32 6.62 -36.14
C ARG B 105 11.63 7.95 -36.43
N LEU B 106 12.21 8.76 -37.32
CA LEU B 106 11.65 10.08 -37.61
C LEU B 106 10.32 9.96 -38.36
N ARG B 107 10.29 9.16 -39.41
CA ARG B 107 9.13 9.12 -40.30
C ARG B 107 8.10 8.07 -39.90
N ASN B 108 8.30 7.41 -38.75
CA ASN B 108 7.35 6.41 -38.24
C ASN B 108 7.26 5.22 -39.20
N LEU B 109 8.40 4.57 -39.42
CA LEU B 109 8.49 3.42 -40.30
C LEU B 109 9.00 2.22 -39.51
N THR B 110 8.40 1.05 -39.76
CA THR B 110 8.92 -0.18 -39.19
C THR B 110 10.24 -0.54 -39.85
N TYR B 111 11.24 -0.85 -39.05
CA TYR B 111 12.58 -1.14 -39.54
C TYR B 111 12.70 -2.65 -39.78
N SER B 112 12.13 -3.07 -40.91
CA SER B 112 12.00 -4.50 -41.24
C SER B 112 12.63 -4.81 -42.58
N SER B 113 13.17 -6.02 -42.69
CA SER B 113 13.84 -6.51 -43.88
C SER B 113 12.95 -7.50 -44.62
N PRO B 114 12.87 -7.42 -45.95
CA PRO B 114 12.02 -8.37 -46.69
C PRO B 114 12.67 -9.74 -46.83
N LEU B 115 11.81 -10.76 -46.83
CA LEU B 115 12.21 -12.16 -46.85
C LEU B 115 11.61 -12.83 -48.09
N TYR B 116 12.44 -13.55 -48.83
CA TYR B 116 12.02 -14.29 -50.00
C TYR B 116 12.23 -15.77 -49.75
N VAL B 117 11.38 -16.60 -50.37
CA VAL B 117 11.48 -18.05 -50.25
C VAL B 117 11.46 -18.65 -51.65
N ASP B 118 12.37 -19.58 -51.91
CA ASP B 118 12.39 -20.31 -53.17
C ASP B 118 11.26 -21.33 -53.17
N MET B 119 10.30 -21.16 -54.07
CA MET B 119 9.25 -22.16 -54.26
C MET B 119 9.43 -22.86 -55.60
N ARG B 120 9.14 -24.16 -55.60
CA ARG B 120 9.14 -24.97 -56.82
C ARG B 120 7.80 -25.67 -56.92
N LYS B 121 7.24 -25.69 -58.14
CA LYS B 121 5.97 -26.36 -58.38
C LYS B 121 6.19 -27.67 -59.14
N LYS B 122 5.25 -28.60 -58.94
CA LYS B 122 5.34 -29.92 -59.53
C LYS B 122 3.93 -30.44 -59.75
N VAL B 123 3.72 -31.14 -60.88
CA VAL B 123 2.43 -31.74 -61.19
C VAL B 123 2.68 -33.16 -61.65
N MET B 124 1.94 -34.11 -61.07
CA MET B 124 2.07 -35.52 -61.35
C MET B 124 0.71 -36.11 -61.71
N VAL B 125 0.72 -37.14 -62.55
CA VAL B 125 -0.49 -37.82 -62.99
C VAL B 125 -0.44 -39.25 -62.47
N ALA B 126 -1.51 -39.68 -61.81
CA ALA B 126 -1.60 -41.05 -61.35
C ALA B 126 -1.48 -42.02 -62.53
N ALA B 127 -0.67 -43.06 -62.34
CA ALA B 127 -0.45 -44.02 -63.42
C ALA B 127 -1.76 -44.68 -63.84
N ASP B 128 -2.59 -45.07 -62.86
CA ASP B 128 -3.89 -45.68 -63.14
C ASP B 128 -4.91 -45.11 -62.17
N SER B 129 -6.06 -44.69 -62.72
CA SER B 129 -7.10 -44.06 -61.91
C SER B 129 -7.99 -45.06 -61.20
N ASN B 130 -7.92 -46.34 -61.54
CA ASN B 130 -8.74 -47.35 -60.88
C ASN B 130 -8.13 -47.88 -59.59
N VAL B 131 -6.93 -47.44 -59.25
CA VAL B 131 -6.26 -47.86 -58.01
C VAL B 131 -7.02 -47.27 -56.83
N PRO B 132 -7.04 -47.93 -55.67
CA PRO B 132 -7.71 -47.33 -54.51
C PRO B 132 -7.01 -46.04 -54.09
N ILE B 133 -7.81 -45.14 -53.51
CA ILE B 133 -7.27 -43.85 -53.07
C ILE B 133 -6.11 -44.08 -52.12
N GLY B 134 -5.02 -43.36 -52.34
CA GLY B 134 -3.82 -43.46 -51.54
C GLY B 134 -2.77 -44.40 -52.10
N GLU B 135 -3.15 -45.29 -53.01
CA GLU B 135 -2.24 -46.25 -53.61
C GLU B 135 -1.87 -45.88 -55.04
N GLU B 136 -2.18 -44.67 -55.49
CA GLU B 136 -1.93 -44.26 -56.86
C GLU B 136 -0.45 -43.98 -57.06
N GLU B 137 0.11 -44.50 -58.15
CA GLU B 137 1.50 -44.26 -58.49
C GLU B 137 1.62 -42.95 -59.28
N TRP B 138 2.48 -42.05 -58.80
CA TRP B 138 2.57 -40.70 -59.34
C TRP B 138 3.68 -40.62 -60.37
N LEU B 139 3.32 -40.26 -61.59
CA LEU B 139 4.28 -40.06 -62.68
C LEU B 139 4.53 -38.56 -62.85
N VAL B 140 5.79 -38.21 -63.05
CA VAL B 140 6.17 -36.79 -63.18
C VAL B 140 5.61 -36.26 -64.49
N GLU B 141 4.66 -35.33 -64.41
CA GLU B 141 4.13 -34.68 -65.59
C GLU B 141 4.88 -33.38 -65.90
N GLU B 142 4.86 -32.45 -64.96
CA GLU B 142 5.43 -31.13 -65.16
C GLU B 142 6.24 -30.73 -63.93
N GLU B 143 7.32 -30.02 -64.16
CA GLU B 143 8.21 -29.62 -63.08
C GLU B 143 8.90 -28.32 -63.44
N ASP B 144 9.05 -27.43 -62.45
CA ASP B 144 9.78 -26.20 -62.66
C ASP B 144 11.28 -26.49 -62.74
N GLU B 145 11.94 -25.93 -63.76
CA GLU B 145 13.36 -26.18 -63.94
C GLU B 145 14.18 -25.54 -62.84
N GLU B 146 13.78 -24.36 -62.39
CA GLU B 146 14.50 -23.61 -61.36
C GLU B 146 13.48 -23.01 -60.40
N PRO B 147 13.92 -22.65 -59.19
CA PRO B 147 12.98 -22.09 -58.22
C PRO B 147 12.70 -20.61 -58.48
N SER B 148 11.54 -20.17 -58.00
CA SER B 148 11.14 -18.78 -58.09
C SER B 148 11.29 -18.13 -56.72
N LYS B 149 12.20 -17.16 -56.63
CA LYS B 149 12.43 -16.42 -55.39
C LYS B 149 11.24 -15.49 -55.16
N VAL B 150 10.45 -15.77 -54.14
CA VAL B 150 9.16 -15.12 -53.92
C VAL B 150 9.18 -14.37 -52.59
N PHE B 151 8.81 -13.10 -52.63
CA PHE B 151 8.70 -12.29 -51.41
C PHE B 151 7.49 -12.74 -50.61
N ILE B 152 7.73 -13.12 -49.34
CA ILE B 152 6.67 -13.66 -48.50
C ILE B 152 6.34 -12.77 -47.31
N GLY B 153 7.21 -11.85 -46.91
CA GLY B 153 6.90 -10.98 -45.80
C GLY B 153 8.09 -10.11 -45.46
N LYS B 154 7.92 -9.33 -44.39
CA LYS B 154 8.97 -8.47 -43.87
C LYS B 154 9.14 -8.75 -42.38
N ILE B 155 10.36 -9.05 -41.97
CA ILE B 155 10.68 -9.37 -40.59
C ILE B 155 11.31 -8.14 -39.95
N PRO B 156 10.72 -7.59 -38.89
CA PRO B 156 11.40 -6.52 -38.16
C PRO B 156 12.79 -6.96 -37.72
N ILE B 157 13.76 -6.09 -37.92
CA ILE B 157 15.17 -6.40 -37.67
C ILE B 157 15.58 -5.73 -36.36
N MET B 158 16.11 -6.53 -35.44
CA MET B 158 16.61 -5.98 -34.19
C MET B 158 17.81 -5.09 -34.43
N LEU B 159 17.80 -3.92 -33.79
CA LEU B 159 18.89 -2.97 -33.98
C LEU B 159 20.21 -3.55 -33.51
N ARG B 160 21.27 -3.27 -34.26
CA ARG B 160 22.63 -3.68 -33.99
C ARG B 160 22.84 -5.18 -34.14
N SER B 161 21.85 -5.90 -34.66
CA SER B 161 22.00 -7.31 -34.92
C SER B 161 22.79 -7.54 -36.21
N THR B 162 23.19 -8.79 -36.44
CA THR B 162 24.04 -9.09 -37.58
C THR B 162 23.38 -8.77 -38.91
N PHE B 163 22.05 -8.61 -38.93
CA PHE B 163 21.33 -8.26 -40.15
C PHE B 163 20.90 -6.80 -40.17
N CYS B 164 21.38 -5.99 -39.25
CA CYS B 164 21.09 -4.57 -39.26
C CYS B 164 22.14 -3.82 -40.08
N ILE B 165 21.74 -2.65 -40.59
CA ILE B 165 22.65 -1.81 -41.36
C ILE B 165 23.77 -1.24 -40.51
N LEU B 166 23.64 -1.29 -39.18
CA LEU B 166 24.65 -0.76 -38.27
C LEU B 166 25.64 -1.81 -37.79
N ASN B 167 25.53 -3.05 -38.27
CA ASN B 167 26.45 -4.10 -37.85
C ASN B 167 27.81 -3.91 -38.52
N GLY B 168 28.86 -3.96 -37.72
CA GLY B 168 30.20 -3.80 -38.25
C GLY B 168 30.54 -2.39 -38.69
N VAL B 169 29.85 -1.39 -38.15
CA VAL B 169 29.98 -0.01 -38.57
C VAL B 169 30.74 0.75 -37.50
N SER B 170 31.72 1.56 -37.91
CA SER B 170 32.58 2.26 -36.97
C SER B 170 31.86 3.46 -36.38
N ASP B 171 32.48 4.04 -35.35
CA ASP B 171 31.85 5.14 -34.62
C ASP B 171 31.61 6.35 -35.53
N SER B 172 32.58 6.68 -36.37
CA SER B 172 32.45 7.87 -37.22
C SER B 172 31.24 7.76 -38.14
N GLU B 173 31.00 6.57 -38.68
CA GLU B 173 29.85 6.38 -39.56
C GLU B 173 28.54 6.33 -38.78
N LEU B 174 28.58 5.98 -37.49
CA LEU B 174 27.39 6.09 -36.67
C LEU B 174 26.97 7.54 -36.50
N TYR B 175 27.94 8.43 -36.31
CA TYR B 175 27.64 9.86 -36.25
C TYR B 175 27.05 10.35 -37.56
N ASP B 176 27.62 9.91 -38.69
CA ASP B 176 27.10 10.26 -40.00
C ASP B 176 25.66 9.81 -40.20
N LEU B 177 25.24 8.77 -39.46
CA LEU B 177 23.88 8.25 -39.54
C LEU B 177 22.98 8.81 -38.46
N ASN B 178 23.50 9.65 -37.56
CA ASN B 178 22.76 10.18 -36.42
C ASN B 178 22.41 9.08 -35.41
N GLU B 179 23.41 8.26 -35.09
CA GLU B 179 23.27 7.17 -34.14
C GLU B 179 24.27 7.34 -33.01
N CYS B 180 23.81 7.07 -31.79
CA CYS B 180 24.68 7.18 -30.63
C CYS B 180 25.59 5.95 -30.55
N PRO B 181 26.92 6.13 -30.51
CA PRO B 181 27.79 4.96 -30.34
C PRO B 181 27.55 4.22 -29.04
N TYR B 182 26.96 4.87 -28.04
CA TYR B 182 26.70 4.21 -26.77
C TYR B 182 25.50 3.28 -26.83
N ASP B 183 24.56 3.55 -27.72
CA ASP B 183 23.38 2.70 -27.84
C ASP B 183 23.78 1.29 -28.19
N GLN B 184 23.20 0.32 -27.49
CA GLN B 184 23.58 -1.08 -27.60
C GLN B 184 22.67 -1.87 -28.53
N GLY B 185 21.66 -1.24 -29.12
CA GLY B 185 20.71 -1.99 -29.92
C GLY B 185 19.84 -2.88 -29.04
N GLY B 186 19.48 -4.03 -29.59
CA GLY B 186 18.69 -4.99 -28.86
C GLY B 186 17.21 -4.70 -28.85
N TYR B 187 16.70 -3.97 -29.83
CA TYR B 187 15.29 -3.62 -29.88
C TYR B 187 14.88 -3.50 -31.34
N PHE B 188 13.61 -3.19 -31.56
CA PHE B 188 13.03 -3.03 -32.88
C PHE B 188 12.42 -1.66 -33.01
N ILE B 189 12.32 -1.17 -34.24
CA ILE B 189 11.59 0.06 -34.53
C ILE B 189 10.33 -0.35 -35.26
N ILE B 190 9.18 -0.20 -34.61
CA ILE B 190 7.89 -0.49 -35.20
C ILE B 190 7.12 0.83 -35.27
N ASN B 191 6.79 1.26 -36.49
CA ASN B 191 6.09 2.52 -36.69
C ASN B 191 6.77 3.64 -35.92
N GLY B 192 8.10 3.68 -36.00
CA GLY B 192 8.89 4.72 -35.38
C GLY B 192 9.19 4.49 -33.91
N SER B 193 8.35 3.75 -33.20
CA SER B 193 8.53 3.54 -31.77
C SER B 193 9.47 2.39 -31.51
N GLU B 194 10.35 2.56 -30.53
CA GLU B 194 11.27 1.51 -30.14
C GLU B 194 10.59 0.53 -29.22
N LYS B 195 10.75 -0.76 -29.50
CA LYS B 195 10.11 -1.85 -28.77
C LYS B 195 11.17 -2.84 -28.35
N VAL B 196 11.19 -3.19 -27.06
CA VAL B 196 12.08 -4.20 -26.52
C VAL B 196 11.23 -5.41 -26.14
N ILE B 197 11.74 -6.60 -26.43
CA ILE B 197 11.07 -7.83 -26.07
C ILE B 197 11.55 -8.23 -24.67
N ILE B 198 10.61 -8.32 -23.74
CA ILE B 198 10.93 -8.67 -22.36
C ILE B 198 11.04 -10.17 -22.26
N ALA B 199 12.17 -10.67 -21.76
CA ALA B 199 12.35 -12.11 -21.65
C ALA B 199 11.22 -12.69 -20.82
N GLN B 200 10.74 -13.87 -21.21
CA GLN B 200 9.60 -14.49 -20.56
C GLN B 200 10.06 -15.74 -19.83
N GLU B 201 9.81 -15.80 -18.52
CA GLU B 201 10.21 -16.93 -17.72
C GLU B 201 9.13 -18.01 -17.78
N ARG B 202 9.58 -19.26 -17.84
CA ARG B 202 8.67 -20.40 -17.88
C ARG B 202 9.36 -21.57 -17.21
N SER B 203 8.58 -22.60 -16.91
CA SER B 203 9.14 -23.83 -16.38
C SER B 203 9.70 -24.67 -17.52
N ALA B 204 10.82 -25.34 -17.26
CA ALA B 204 11.51 -26.10 -18.28
C ALA B 204 10.66 -27.28 -18.74
N ALA B 205 10.89 -27.68 -19.99
CA ALA B 205 10.21 -28.83 -20.58
C ALA B 205 11.12 -30.06 -20.49
N ASN B 206 10.49 -31.23 -20.60
CA ASN B 206 11.18 -32.52 -20.56
C ASN B 206 11.76 -32.83 -19.19
N ILE B 207 11.29 -32.16 -18.14
CA ILE B 207 11.70 -32.45 -16.77
C ILE B 207 10.51 -33.04 -16.02
N VAL B 208 10.77 -34.08 -15.25
CA VAL B 208 9.76 -34.71 -14.41
C VAL B 208 9.76 -34.00 -13.06
N GLN B 209 8.63 -33.39 -12.71
CA GLN B 209 8.48 -32.69 -11.45
C GLN B 209 7.36 -33.34 -10.64
N VAL B 210 7.67 -33.72 -9.41
CA VAL B 210 6.71 -34.36 -8.51
C VAL B 210 6.25 -33.34 -7.48
N PHE B 211 4.94 -33.15 -7.39
CA PHE B 211 4.36 -32.11 -6.54
C PHE B 211 3.34 -32.74 -5.61
N LYS B 212 3.42 -32.39 -4.33
CA LYS B 212 2.54 -32.92 -3.31
C LYS B 212 1.28 -32.07 -3.24
N LYS B 213 0.15 -32.64 -3.68
CA LYS B 213 -1.12 -31.94 -3.58
C LYS B 213 -1.53 -31.82 -2.13
N ALA B 214 -2.04 -30.65 -1.76
CA ALA B 214 -2.41 -30.39 -0.37
C ALA B 214 -3.82 -30.90 -0.09
N ALA B 215 -4.02 -31.36 1.14
CA ALA B 215 -5.34 -31.82 1.55
C ALA B 215 -6.32 -30.65 1.58
N PRO B 216 -7.62 -30.91 1.42
CA PRO B 216 -8.26 -32.23 1.28
C PRO B 216 -8.43 -32.65 -0.18
N SER B 217 -7.44 -32.35 -1.02
CA SER B 217 -7.54 -32.72 -2.42
C SER B 217 -7.53 -34.24 -2.55
N PRO B 218 -8.34 -34.81 -3.45
CA PRO B 218 -8.35 -36.28 -3.59
C PRO B 218 -7.03 -36.85 -4.08
N ILE B 219 -6.19 -36.03 -4.69
CA ILE B 219 -4.89 -36.47 -5.21
C ILE B 219 -3.84 -36.20 -4.15
N ALA B 220 -2.98 -37.19 -3.89
CA ALA B 220 -1.91 -37.04 -2.91
C ALA B 220 -0.64 -36.48 -3.54
N TYR B 221 -0.22 -37.04 -4.67
CA TYR B 221 0.99 -36.61 -5.36
C TYR B 221 0.72 -36.61 -6.86
N VAL B 222 1.47 -35.80 -7.59
CA VAL B 222 1.34 -35.70 -9.04
C VAL B 222 2.72 -35.58 -9.65
N ALA B 223 3.08 -36.50 -10.54
CA ALA B 223 4.31 -36.39 -11.33
C ALA B 223 3.93 -35.88 -12.71
N GLU B 224 4.47 -34.72 -13.07
CA GLU B 224 4.13 -34.06 -14.33
C GLU B 224 5.39 -33.87 -15.16
N ILE B 225 5.26 -34.11 -16.46
CA ILE B 225 6.29 -33.79 -17.43
C ILE B 225 5.67 -32.98 -18.54
N ARG B 226 6.31 -31.89 -18.91
CA ARG B 226 5.85 -31.01 -19.98
C ARG B 226 6.75 -31.29 -21.18
N SER B 227 6.33 -32.24 -22.00
CA SER B 227 7.18 -32.79 -23.05
C SER B 227 7.14 -31.89 -24.29
N ALA B 228 8.31 -31.57 -24.82
CA ALA B 228 8.44 -30.71 -25.98
C ALA B 228 9.40 -31.33 -26.99
N LEU B 229 8.99 -31.32 -28.25
CA LEU B 229 9.86 -31.77 -29.33
C LEU B 229 10.98 -30.74 -29.54
N GLU B 230 12.19 -31.22 -29.79
CA GLU B 230 13.35 -30.35 -29.84
C GLU B 230 13.12 -29.16 -30.78
N ARG B 231 12.63 -29.43 -31.99
CA ARG B 231 12.35 -28.38 -32.96
C ARG B 231 10.99 -28.50 -33.61
N GLY B 232 10.26 -29.60 -33.41
CA GLY B 232 8.96 -29.78 -34.01
C GLY B 232 7.84 -29.10 -33.25
N SER B 233 7.76 -27.78 -33.36
CA SER B 233 6.79 -26.91 -32.69
C SER B 233 7.16 -26.65 -31.24
N ARG B 234 8.19 -27.30 -30.69
CA ARG B 234 8.77 -26.96 -29.39
C ARG B 234 7.70 -26.75 -28.32
N LEU B 235 7.01 -27.86 -27.99
CA LEU B 235 6.14 -28.00 -26.83
C LEU B 235 4.68 -28.15 -27.23
N ILE B 236 4.15 -29.37 -27.17
CA ILE B 236 2.74 -29.62 -27.42
C ILE B 236 2.13 -30.40 -26.26
N SER B 237 2.77 -31.51 -25.87
CA SER B 237 2.15 -32.51 -25.03
C SER B 237 2.61 -32.38 -23.59
N SER B 238 1.67 -32.54 -22.65
CA SER B 238 1.95 -32.63 -21.23
C SER B 238 1.17 -33.80 -20.66
N MET B 239 1.79 -34.52 -19.73
CA MET B 239 1.22 -35.72 -19.14
C MET B 239 1.26 -35.59 -17.63
N GLN B 240 0.38 -36.33 -16.96
CA GLN B 240 0.39 -36.40 -15.50
C GLN B 240 0.27 -37.83 -15.04
N ILE B 241 0.82 -38.11 -13.87
CA ILE B 241 0.73 -39.42 -13.23
C ILE B 241 0.32 -39.15 -11.78
N LYS B 242 -0.98 -39.29 -11.49
CA LYS B 242 -1.54 -38.91 -10.20
C LYS B 242 -1.72 -40.14 -9.32
N LEU B 243 -1.28 -40.03 -8.07
CA LEU B 243 -1.60 -41.00 -7.04
C LEU B 243 -2.80 -40.48 -6.25
N MET B 244 -3.83 -41.31 -6.11
CA MET B 244 -5.05 -40.89 -5.46
C MET B 244 -4.94 -41.09 -3.94
N ALA B 245 -5.62 -40.21 -3.21
CA ALA B 245 -5.52 -40.22 -1.76
C ALA B 245 -6.22 -41.45 -1.17
N ARG B 246 -5.71 -41.89 -0.02
CA ARG B 246 -6.32 -43.02 0.68
C ARG B 246 -7.75 -42.65 1.09
N ASN B 247 -8.69 -43.56 0.82
CA ASN B 247 -10.08 -43.37 1.18
C ASN B 247 -10.52 -44.44 2.18
N THR B 248 -11.49 -44.09 3.00
CA THR B 248 -12.01 -45.04 3.99
C THR B 248 -12.66 -46.26 3.33
N GLU B 249 -12.96 -46.17 2.04
CA GLU B 249 -13.53 -47.29 1.31
C GLU B 249 -12.47 -48.16 0.64
N ASN B 250 -11.36 -47.58 0.19
CA ASN B 250 -10.31 -48.29 -0.51
C ASN B 250 -9.06 -48.33 0.37
N SER B 251 -8.52 -49.52 0.59
CA SER B 251 -7.33 -49.69 1.41
C SER B 251 -6.05 -49.29 0.69
N GLY B 252 -6.11 -49.05 -0.61
CA GLY B 252 -4.92 -48.70 -1.38
C GLY B 252 -5.08 -47.47 -2.23
N GLN B 253 -3.96 -46.92 -2.69
CA GLN B 253 -3.95 -45.75 -3.55
C GLN B 253 -3.63 -46.18 -4.98
N THR B 254 -4.42 -45.69 -5.93
CA THR B 254 -4.29 -46.08 -7.33
C THR B 254 -3.57 -44.99 -8.12
N ILE B 255 -2.72 -45.43 -9.05
CA ILE B 255 -1.96 -44.53 -9.91
C ILE B 255 -2.67 -44.45 -11.25
N ARG B 256 -3.01 -43.23 -11.66
CA ARG B 256 -3.75 -43.00 -12.90
C ARG B 256 -2.99 -41.99 -13.76
N ALA B 257 -2.88 -42.30 -15.05
CA ALA B 257 -2.14 -41.46 -15.99
C ALA B 257 -3.12 -40.59 -16.76
N THR B 258 -2.93 -39.27 -16.68
CA THR B 258 -3.69 -38.33 -17.48
C THR B 258 -2.90 -38.03 -18.75
N LEU B 259 -3.50 -38.39 -19.89
CA LEU B 259 -2.92 -38.31 -21.22
C LEU B 259 -3.69 -37.31 -22.07
N PRO B 260 -3.06 -36.75 -23.10
CA PRO B 260 -3.79 -35.84 -23.99
C PRO B 260 -4.92 -36.55 -24.72
N TYR B 261 -6.02 -35.83 -24.90
CA TYR B 261 -7.17 -36.30 -25.68
C TYR B 261 -7.86 -37.51 -25.06
N ILE B 262 -7.72 -37.70 -23.75
CA ILE B 262 -8.42 -38.76 -23.03
C ILE B 262 -9.23 -38.10 -21.91
N ARG B 263 -10.53 -38.38 -21.89
CA ARG B 263 -11.42 -37.71 -20.96
C ARG B 263 -11.31 -38.24 -19.53
N SER B 264 -10.67 -39.39 -19.33
CA SER B 264 -10.56 -40.00 -18.01
C SER B 264 -9.11 -40.37 -17.71
N ASP B 265 -8.81 -40.49 -16.43
CA ASP B 265 -7.47 -40.87 -16.01
C ASP B 265 -7.31 -42.38 -16.10
N ILE B 266 -6.46 -42.83 -17.01
CA ILE B 266 -6.26 -44.26 -17.27
C ILE B 266 -5.41 -44.84 -16.14
N PRO B 267 -5.82 -45.96 -15.54
CA PRO B 267 -4.93 -46.63 -14.58
C PRO B 267 -3.61 -46.99 -15.26
N ILE B 268 -2.52 -46.88 -14.51
CA ILE B 268 -1.19 -46.94 -15.11
C ILE B 268 -0.93 -48.30 -15.75
N VAL B 269 -1.46 -49.38 -15.18
CA VAL B 269 -1.19 -50.70 -15.73
C VAL B 269 -1.81 -50.86 -17.11
N ILE B 270 -2.97 -50.24 -17.33
CA ILE B 270 -3.61 -50.34 -18.64
C ILE B 270 -2.76 -49.67 -19.70
N VAL B 271 -2.22 -48.48 -19.39
CA VAL B 271 -1.37 -47.81 -20.37
C VAL B 271 -0.06 -48.58 -20.55
N PHE B 272 0.44 -49.22 -19.50
CA PHE B 272 1.60 -50.09 -19.66
C PHE B 272 1.29 -51.23 -20.64
N ARG B 273 0.13 -51.85 -20.49
CA ARG B 273 -0.26 -52.94 -21.38
C ARG B 273 -0.41 -52.45 -22.81
N ALA B 274 -1.00 -51.26 -23.00
CA ALA B 274 -1.10 -50.68 -24.33
C ALA B 274 0.28 -50.48 -24.96
N LEU B 275 1.33 -50.42 -24.15
CA LEU B 275 2.70 -50.32 -24.63
C LEU B 275 3.34 -51.69 -24.83
N GLY B 276 2.62 -52.78 -24.60
CA GLY B 276 3.12 -54.12 -24.80
C GLY B 276 3.70 -54.77 -23.56
N VAL B 277 3.79 -54.07 -22.44
CA VAL B 277 4.32 -54.65 -21.20
C VAL B 277 3.12 -55.22 -20.46
N VAL B 278 2.68 -56.39 -20.91
CA VAL B 278 1.45 -57.01 -20.39
C VAL B 278 1.70 -57.71 -19.06
N PRO B 279 2.73 -58.55 -18.94
CA PRO B 279 2.92 -59.28 -17.68
C PRO B 279 3.19 -58.33 -16.52
N ASP B 280 2.71 -58.73 -15.35
CA ASP B 280 2.90 -57.91 -14.16
C ASP B 280 4.37 -57.84 -13.77
N ARG B 281 5.10 -58.95 -13.92
CA ARG B 281 6.51 -58.96 -13.58
C ARG B 281 7.28 -57.92 -14.40
N ASP B 282 6.99 -57.83 -15.69
CA ASP B 282 7.65 -56.84 -16.53
C ASP B 282 7.32 -55.43 -16.07
N ILE B 283 6.06 -55.17 -15.75
CA ILE B 283 5.64 -53.83 -15.34
C ILE B 283 6.36 -53.42 -14.06
N LEU B 284 6.42 -54.32 -13.09
CA LEU B 284 7.05 -53.98 -11.82
C LEU B 284 8.57 -54.03 -11.89
N GLU B 285 9.13 -54.66 -12.91
CA GLU B 285 10.55 -54.48 -13.19
C GLU B 285 10.81 -53.11 -13.81
N HIS B 286 9.88 -52.63 -14.64
CA HIS B 286 9.98 -51.28 -15.17
C HIS B 286 9.89 -50.24 -14.06
N ILE B 287 8.98 -50.43 -13.12
CA ILE B 287 8.76 -49.45 -12.06
C ILE B 287 9.72 -49.66 -10.90
N CYS B 288 9.76 -50.87 -10.35
CA CYS B 288 10.54 -51.18 -9.15
C CYS B 288 11.82 -51.89 -9.58
N TYR B 289 12.90 -51.11 -9.74
CA TYR B 289 14.15 -51.67 -10.23
C TYR B 289 14.80 -52.60 -9.22
N ASP B 290 14.38 -52.56 -7.96
CA ASP B 290 14.94 -53.44 -6.94
C ASP B 290 13.91 -54.46 -6.51
N PRO B 291 14.04 -55.74 -6.86
CA PRO B 291 13.05 -56.73 -6.41
C PRO B 291 12.98 -56.87 -4.90
N ASN B 292 14.09 -56.63 -4.20
CA ASN B 292 14.15 -56.82 -2.76
C ASN B 292 13.44 -55.71 -1.99
N ASP B 293 13.16 -54.57 -2.62
CA ASP B 293 12.48 -53.46 -1.97
C ASP B 293 10.98 -53.74 -2.00
N PHE B 294 10.39 -53.97 -0.82
CA PHE B 294 9.02 -54.44 -0.75
C PHE B 294 7.99 -53.33 -0.65
N GLN B 295 8.38 -52.15 -0.15
CA GLN B 295 7.41 -51.05 -0.03
C GLN B 295 6.94 -50.57 -1.39
N MET B 296 7.84 -50.44 -2.36
CA MET B 296 7.46 -50.03 -3.70
C MET B 296 6.44 -51.00 -4.30
N LEU B 297 6.75 -52.29 -4.24
CA LEU B 297 5.86 -53.31 -4.80
C LEU B 297 4.53 -53.34 -4.05
N GLU B 298 4.57 -53.13 -2.73
CA GLU B 298 3.35 -53.10 -1.95
C GLU B 298 2.46 -51.95 -2.40
N MET B 299 3.04 -50.79 -2.67
CA MET B 299 2.25 -49.67 -3.16
C MET B 299 1.79 -49.86 -4.60
N MET B 300 2.50 -50.67 -5.38
CA MET B 300 2.06 -50.95 -6.75
C MET B 300 0.97 -52.01 -6.81
N LYS B 301 0.87 -52.88 -5.80
CA LYS B 301 -0.14 -53.95 -5.84
C LYS B 301 -1.56 -53.42 -6.06
N PRO B 302 -2.03 -52.37 -5.37
CA PRO B 302 -3.43 -51.96 -5.57
C PRO B 302 -3.77 -51.62 -7.01
N CYS B 303 -2.85 -51.03 -7.77
CA CYS B 303 -3.17 -50.67 -9.14
C CYS B 303 -3.23 -51.91 -10.03
N ILE B 304 -2.39 -52.91 -9.74
CA ILE B 304 -2.53 -54.19 -10.43
C ILE B 304 -3.91 -54.78 -10.15
N GLU B 305 -4.33 -54.77 -8.89
CA GLU B 305 -5.68 -55.24 -8.57
C GLU B 305 -6.72 -54.46 -9.36
N GLU B 306 -6.56 -53.15 -9.46
CA GLU B 306 -7.54 -52.32 -10.15
C GLU B 306 -7.60 -52.66 -11.63
N ALA B 307 -6.48 -53.02 -12.23
CA ALA B 307 -6.38 -53.19 -13.68
C ALA B 307 -6.23 -54.65 -14.12
N PHE B 308 -6.94 -55.59 -13.48
CA PHE B 308 -6.86 -56.97 -13.93
C PHE B 308 -7.83 -57.26 -15.06
N VAL B 309 -8.98 -56.60 -15.09
CA VAL B 309 -9.99 -56.85 -16.10
C VAL B 309 -9.45 -56.72 -17.52
N ILE B 310 -8.33 -56.04 -17.70
CA ILE B 310 -7.68 -55.89 -19.00
C ILE B 310 -6.32 -56.57 -18.92
N GLN B 311 -6.16 -57.65 -19.68
CA GLN B 311 -4.97 -58.48 -19.61
C GLN B 311 -4.21 -58.58 -20.93
N ASP B 312 -4.62 -57.86 -21.97
CA ASP B 312 -3.97 -57.93 -23.27
C ASP B 312 -3.83 -56.53 -23.86
N LYS B 313 -2.88 -56.41 -24.78
CA LYS B 313 -2.63 -55.11 -25.41
C LYS B 313 -3.86 -54.59 -26.13
N ASP B 314 -4.55 -55.47 -26.87
CA ASP B 314 -5.69 -55.02 -27.67
C ASP B 314 -6.82 -54.50 -26.78
N ILE B 315 -7.09 -55.20 -25.67
CA ILE B 315 -8.15 -54.75 -24.77
C ILE B 315 -7.76 -53.43 -24.11
N ALA B 316 -6.47 -53.26 -23.78
CA ALA B 316 -6.02 -51.98 -23.23
C ALA B 316 -6.20 -50.86 -24.24
N LEU B 317 -5.86 -51.11 -25.50
CA LEU B 317 -6.05 -50.11 -26.54
C LEU B 317 -7.53 -49.77 -26.70
N ASP B 318 -8.40 -50.80 -26.64
CA ASP B 318 -9.84 -50.55 -26.72
C ASP B 318 -10.31 -49.70 -25.53
N TYR B 319 -9.80 -50.00 -24.34
CA TYR B 319 -10.16 -49.22 -23.16
C TYR B 319 -9.75 -47.76 -23.32
N ILE B 320 -8.54 -47.53 -23.85
CA ILE B 320 -8.10 -46.15 -24.10
C ILE B 320 -8.99 -45.49 -25.14
N GLY B 321 -9.31 -46.22 -26.22
CA GLY B 321 -10.08 -45.62 -27.30
C GLY B 321 -11.48 -45.26 -26.90
N LYS B 322 -12.14 -46.12 -26.13
CA LYS B 322 -13.49 -45.81 -25.67
C LYS B 322 -13.54 -44.49 -24.91
N ARG B 323 -12.43 -44.11 -24.27
CA ARG B 323 -12.34 -42.90 -23.48
C ARG B 323 -11.80 -41.72 -24.28
N GLY B 324 -11.62 -41.87 -25.59
CA GLY B 324 -11.24 -40.75 -26.41
C GLY B 324 -12.36 -39.76 -26.56
N SER B 325 -12.02 -38.61 -27.14
CA SER B 325 -12.99 -37.53 -27.29
C SER B 325 -14.13 -37.87 -28.25
N THR B 326 -13.99 -38.95 -29.02
CA THR B 326 -15.00 -39.35 -30.00
C THR B 326 -15.81 -40.52 -29.45
N THR B 327 -17.13 -40.38 -29.45
CA THR B 327 -18.03 -41.41 -28.95
C THR B 327 -18.95 -41.86 -30.08
N GLY B 328 -19.35 -43.13 -30.02
CA GLY B 328 -20.17 -43.70 -31.08
C GLY B 328 -19.39 -44.15 -32.28
N VAL B 329 -18.23 -44.76 -32.08
CA VAL B 329 -17.33 -45.14 -33.17
C VAL B 329 -17.05 -46.64 -33.09
N THR B 330 -16.71 -47.21 -34.23
CA THR B 330 -16.42 -48.64 -34.31
C THR B 330 -15.12 -48.98 -33.59
N ARG B 331 -15.00 -50.24 -33.19
CA ARG B 331 -13.86 -50.65 -32.37
C ARG B 331 -12.54 -50.49 -33.13
N GLU B 332 -12.54 -50.78 -34.43
CA GLU B 332 -11.29 -50.68 -35.20
C GLU B 332 -10.77 -49.25 -35.17
N LYS B 333 -11.65 -48.28 -35.41
CA LYS B 333 -11.24 -46.87 -35.38
C LYS B 333 -10.78 -46.47 -33.98
N ARG B 334 -11.46 -46.96 -32.95
CA ARG B 334 -11.06 -46.64 -31.59
C ARG B 334 -9.66 -47.17 -31.29
N LEU B 335 -9.38 -48.40 -31.70
CA LEU B 335 -8.05 -48.97 -31.47
C LEU B 335 -6.98 -48.21 -32.25
N ARG B 336 -7.28 -47.85 -33.51
CA ARG B 336 -6.34 -47.05 -34.27
C ARG B 336 -6.06 -45.72 -33.58
N TYR B 337 -7.12 -45.06 -33.10
CA TYR B 337 -6.95 -43.78 -32.42
C TYR B 337 -6.13 -43.93 -31.14
N ALA B 338 -6.39 -44.99 -30.38
CA ALA B 338 -5.64 -45.22 -29.15
C ALA B 338 -4.16 -45.43 -29.44
N HIS B 339 -3.84 -46.24 -30.45
CA HIS B 339 -2.44 -46.45 -30.80
C HIS B 339 -1.81 -45.17 -31.31
N ASP B 340 -2.56 -44.37 -32.07
CA ASP B 340 -2.02 -43.10 -32.56
C ASP B 340 -1.69 -42.16 -31.41
N ILE B 341 -2.58 -42.07 -30.41
CA ILE B 341 -2.29 -41.25 -29.24
C ILE B 341 -1.07 -41.79 -28.51
N LEU B 342 -1.02 -43.11 -28.30
CA LEU B 342 0.09 -43.69 -27.56
C LEU B 342 1.42 -43.47 -28.27
N GLN B 343 1.40 -43.39 -29.61
CA GLN B 343 2.65 -43.19 -30.34
C GLN B 343 3.04 -41.71 -30.40
N LYS B 344 2.10 -40.83 -30.72
CA LYS B 344 2.43 -39.44 -31.03
C LYS B 344 2.29 -38.53 -29.82
N GLU B 345 1.15 -38.58 -29.14
CA GLU B 345 0.84 -37.61 -28.09
C GLU B 345 1.33 -38.02 -26.72
N LEU B 346 2.03 -39.15 -26.60
CA LEU B 346 2.61 -39.58 -25.33
C LEU B 346 4.12 -39.39 -25.40
N LEU B 347 4.65 -38.56 -24.51
CA LEU B 347 6.08 -38.35 -24.37
C LEU B 347 6.75 -38.12 -25.73
N PRO B 348 6.27 -37.14 -26.51
CA PRO B 348 6.85 -36.94 -27.84
C PRO B 348 8.32 -36.58 -27.83
N HIS B 349 8.84 -36.07 -26.71
CA HIS B 349 10.24 -35.69 -26.66
C HIS B 349 11.15 -36.91 -26.65
N ILE B 350 10.65 -38.05 -26.18
CA ILE B 350 11.42 -39.28 -26.27
C ILE B 350 11.53 -39.74 -27.71
N THR B 351 10.39 -39.80 -28.40
CA THR B 351 10.33 -40.19 -29.80
C THR B 351 8.88 -40.11 -30.25
N THR B 352 8.67 -40.20 -31.55
CA THR B 352 7.33 -40.22 -32.12
C THR B 352 7.19 -41.20 -33.27
N MET B 353 8.17 -42.07 -33.49
CA MET B 353 8.17 -42.98 -34.63
C MET B 353 7.97 -44.43 -34.18
N GLU B 354 7.58 -45.26 -35.13
CA GLU B 354 7.12 -46.61 -34.83
C GLU B 354 8.23 -47.44 -34.20
N GLY B 355 7.82 -48.35 -33.32
CA GLY B 355 8.74 -49.30 -32.73
C GLY B 355 9.49 -48.82 -31.50
N PHE B 356 8.97 -47.81 -30.81
CA PHE B 356 9.65 -47.21 -29.66
C PHE B 356 8.78 -47.24 -28.42
N GLU B 357 8.01 -48.32 -28.24
CA GLU B 357 7.19 -48.45 -27.04
C GLU B 357 8.03 -48.84 -25.82
N THR B 358 9.16 -49.50 -26.03
CA THR B 358 10.00 -49.93 -24.91
C THR B 358 10.55 -48.72 -24.15
N ARG B 359 11.06 -47.73 -24.87
CA ARG B 359 11.63 -46.56 -24.22
C ARG B 359 10.56 -45.73 -23.52
N LYS B 360 9.39 -45.59 -24.13
CA LYS B 360 8.31 -44.86 -23.47
C LYS B 360 7.84 -45.58 -22.23
N ALA B 361 7.78 -46.91 -22.27
CA ALA B 361 7.43 -47.67 -21.07
C ALA B 361 8.49 -47.50 -19.98
N PHE B 362 9.76 -47.49 -20.38
CA PHE B 362 10.83 -47.30 -19.41
C PHE B 362 10.70 -45.93 -18.74
N PHE B 363 10.44 -44.89 -19.53
CA PHE B 363 10.32 -43.56 -18.96
C PHE B 363 9.08 -43.43 -18.08
N LEU B 364 7.98 -44.06 -18.48
CA LEU B 364 6.79 -44.05 -17.62
C LEU B 364 7.08 -44.72 -16.29
N GLY B 365 7.79 -45.86 -16.32
CA GLY B 365 8.18 -46.49 -15.08
C GLY B 365 9.08 -45.60 -14.24
N TYR B 366 9.98 -44.87 -14.89
CA TYR B 366 10.83 -43.93 -14.17
C TYR B 366 10.00 -42.85 -13.48
N MET B 367 9.02 -42.29 -14.18
CA MET B 367 8.17 -41.28 -13.58
C MET B 367 7.41 -41.85 -12.39
N ILE B 368 6.88 -43.06 -12.52
CA ILE B 368 6.15 -43.67 -11.42
C ILE B 368 7.08 -43.90 -10.23
N HIS B 369 8.29 -44.37 -10.50
CA HIS B 369 9.24 -44.59 -9.43
C HIS B 369 9.54 -43.30 -8.68
N ARG B 370 9.72 -42.20 -9.43
CA ARG B 370 9.98 -40.92 -8.77
C ARG B 370 8.79 -40.47 -7.93
N MET B 371 7.57 -40.59 -8.48
CA MET B 371 6.40 -40.14 -7.76
C MET B 371 6.21 -40.96 -6.49
N LEU B 372 6.46 -42.27 -6.55
CA LEU B 372 6.30 -43.11 -5.37
C LEU B 372 7.44 -42.91 -4.37
N LEU B 373 8.63 -42.55 -4.85
CA LEU B 373 9.69 -42.15 -3.93
C LEU B 373 9.25 -40.94 -3.12
N CYS B 374 8.59 -39.98 -3.77
CA CYS B 374 8.05 -38.85 -3.02
C CYS B 374 6.85 -39.26 -2.17
N ALA B 375 6.10 -40.27 -2.59
CA ALA B 375 4.95 -40.71 -1.80
C ALA B 375 5.39 -41.53 -0.59
N LEU B 376 6.47 -42.30 -0.70
CA LEU B 376 7.06 -42.98 0.43
C LEU B 376 7.81 -42.03 1.36
N GLU B 377 7.92 -40.76 1.00
CA GLU B 377 8.68 -39.78 1.77
C GLU B 377 10.17 -40.13 1.83
N ARG B 378 10.66 -40.87 0.85
CA ARG B 378 12.09 -41.14 0.76
C ARG B 378 12.84 -39.93 0.21
N ARG B 379 12.22 -39.19 -0.71
CA ARG B 379 12.80 -37.97 -1.26
C ARG B 379 11.78 -36.84 -1.12
N GLU B 380 12.30 -35.62 -1.01
CA GLU B 380 11.44 -34.45 -0.88
C GLU B 380 10.82 -34.10 -2.23
N PRO B 381 9.62 -33.52 -2.23
CA PRO B 381 9.04 -33.07 -3.49
C PRO B 381 9.90 -31.99 -4.13
N ASP B 382 9.55 -31.63 -5.36
CA ASP B 382 10.33 -30.69 -6.14
C ASP B 382 9.96 -29.25 -5.77
N ASP B 383 10.90 -28.34 -6.04
CA ASP B 383 10.70 -26.92 -5.83
C ASP B 383 10.35 -26.27 -7.15
N ARG B 384 9.10 -25.80 -7.28
CA ARG B 384 8.65 -25.21 -8.52
C ARG B 384 9.43 -23.95 -8.87
N ASP B 385 10.12 -23.36 -7.90
CA ASP B 385 10.81 -22.08 -8.07
C ASP B 385 12.32 -22.20 -8.16
N HIS B 386 12.86 -23.41 -8.07
CA HIS B 386 14.29 -23.59 -8.31
C HIS B 386 14.64 -23.04 -9.68
N PHE B 387 15.70 -22.23 -9.73
CA PHE B 387 15.99 -21.48 -10.94
C PHE B 387 16.58 -22.37 -12.03
N GLY B 388 17.15 -23.51 -11.65
CA GLY B 388 17.67 -24.46 -12.61
C GLY B 388 16.62 -25.28 -13.32
N LYS B 389 15.36 -25.14 -12.92
CA LYS B 389 14.24 -25.81 -13.57
C LYS B 389 13.39 -24.83 -14.37
N LYS B 390 13.92 -23.66 -14.68
CA LYS B 390 13.18 -22.64 -15.42
C LYS B 390 14.02 -22.15 -16.59
N ARG B 391 13.32 -21.69 -17.62
CA ARG B 391 13.93 -21.24 -18.86
C ARG B 391 13.43 -19.85 -19.21
N LEU B 392 14.31 -19.07 -19.83
CA LEU B 392 13.98 -17.72 -20.29
C LEU B 392 13.83 -17.74 -21.81
N ASP B 393 12.62 -17.46 -22.28
CA ASP B 393 12.38 -17.25 -23.70
C ASP B 393 12.78 -15.83 -24.06
N LEU B 394 13.78 -15.69 -24.91
CA LEU B 394 14.24 -14.38 -25.38
C LEU B 394 13.55 -14.08 -26.70
N ALA B 395 13.99 -13.02 -27.38
CA ALA B 395 13.36 -12.64 -28.65
C ALA B 395 13.39 -13.79 -29.64
N GLY B 396 14.46 -14.59 -29.63
CA GLY B 396 14.62 -15.68 -30.56
C GLY B 396 13.47 -16.67 -30.51
N PRO B 397 13.35 -17.40 -29.39
CA PRO B 397 12.28 -18.42 -29.31
C PRO B 397 10.89 -17.86 -29.51
N LEU B 398 10.61 -16.67 -28.96
CA LEU B 398 9.29 -16.08 -29.12
C LEU B 398 8.99 -15.75 -30.58
N LEU B 399 9.89 -15.01 -31.23
CA LEU B 399 9.70 -14.71 -32.63
C LEU B 399 9.62 -15.99 -33.45
N ALA B 400 10.30 -17.05 -33.01
CA ALA B 400 10.22 -18.32 -33.71
C ALA B 400 8.81 -18.89 -33.65
N SER B 401 8.21 -18.89 -32.47
CA SER B 401 6.83 -19.37 -32.35
C SER B 401 5.89 -18.53 -33.20
N LEU B 402 6.05 -17.20 -33.13
CA LEU B 402 5.19 -16.31 -33.92
C LEU B 402 5.34 -16.57 -35.40
N PHE B 403 6.58 -16.73 -35.87
CA PHE B 403 6.82 -16.96 -37.29
C PHE B 403 6.31 -18.32 -37.72
N ARG B 404 6.40 -19.32 -36.86
CA ARG B 404 5.83 -20.63 -37.19
C ARG B 404 4.34 -20.51 -37.41
N MET B 405 3.64 -19.83 -36.50
CA MET B 405 2.20 -19.65 -36.68
C MET B 405 1.90 -18.90 -37.97
N LEU B 406 2.62 -17.80 -38.22
CA LEU B 406 2.32 -16.97 -39.38
C LEU B 406 2.64 -17.69 -40.68
N PHE B 407 3.72 -18.46 -40.72
CA PHE B 407 4.07 -19.22 -41.91
C PHE B 407 3.07 -20.35 -42.15
N ARG B 408 2.58 -20.99 -41.09
CA ARG B 408 1.51 -21.95 -41.27
C ARG B 408 0.27 -21.29 -41.85
N LYS B 409 -0.08 -20.10 -41.37
CA LYS B 409 -1.25 -19.39 -41.91
C LYS B 409 -1.04 -19.04 -43.39
N MET B 410 0.17 -18.60 -43.74
CA MET B 410 0.46 -18.27 -45.13
C MET B 410 0.37 -19.51 -46.02
N THR B 411 0.87 -20.64 -45.53
CA THR B 411 0.80 -21.87 -46.31
C THR B 411 -0.64 -22.34 -46.46
N ARG B 412 -1.46 -22.15 -45.41
CA ARG B 412 -2.88 -22.46 -45.55
C ARG B 412 -3.53 -21.59 -46.62
N ASP B 413 -3.16 -20.31 -46.66
CA ASP B 413 -3.67 -19.42 -47.70
C ASP B 413 -3.23 -19.91 -49.08
N VAL B 414 -1.98 -20.32 -49.21
CA VAL B 414 -1.47 -20.80 -50.50
C VAL B 414 -2.22 -22.06 -50.92
N TYR B 415 -2.48 -22.96 -49.97
CA TYR B 415 -3.21 -24.19 -50.28
C TYR B 415 -4.64 -23.89 -50.70
N LYS B 416 -5.30 -22.94 -50.03
CA LYS B 416 -6.64 -22.54 -50.45
C LYS B 416 -6.60 -21.96 -51.86
N TYR B 417 -5.57 -21.18 -52.17
CA TYR B 417 -5.41 -20.68 -53.53
C TYR B 417 -5.26 -21.81 -54.52
N MET B 418 -4.44 -22.81 -54.19
CA MET B 418 -4.28 -23.97 -55.05
C MET B 418 -5.62 -24.64 -55.31
N GLN B 419 -6.39 -24.89 -54.24
CA GLN B 419 -7.66 -25.57 -54.38
C GLN B 419 -8.62 -24.77 -55.25
N LYS B 420 -8.72 -23.47 -55.00
CA LYS B 420 -9.64 -22.64 -55.78
C LYS B 420 -9.24 -22.59 -57.25
N CYS B 421 -7.94 -22.45 -57.52
CA CYS B 421 -7.50 -22.43 -58.92
C CYS B 421 -7.77 -23.75 -59.60
N VAL B 422 -7.50 -24.86 -58.92
CA VAL B 422 -7.72 -26.18 -59.51
C VAL B 422 -9.19 -26.38 -59.83
N GLU B 423 -10.08 -25.98 -58.91
CA GLU B 423 -11.50 -26.17 -59.13
C GLU B 423 -11.96 -25.44 -60.40
N THR B 424 -11.46 -24.23 -60.62
CA THR B 424 -11.85 -23.44 -61.78
C THR B 424 -10.91 -23.62 -62.97
N ASN B 425 -9.93 -24.52 -62.87
CA ASN B 425 -9.00 -24.80 -63.96
C ASN B 425 -8.19 -23.58 -64.36
N ARG B 426 -8.08 -22.60 -63.48
CA ARG B 426 -7.27 -21.42 -63.76
C ARG B 426 -5.79 -21.72 -63.55
N GLU B 427 -4.95 -21.07 -64.34
CA GLU B 427 -3.51 -21.23 -64.19
C GLU B 427 -3.07 -20.77 -62.80
N PHE B 428 -2.18 -21.55 -62.18
CA PHE B 428 -1.66 -21.23 -60.86
C PHE B 428 -0.37 -20.44 -61.01
N ASN B 429 -0.34 -19.25 -60.41
CA ASN B 429 0.84 -18.39 -60.40
C ASN B 429 1.42 -18.36 -59.00
N LEU B 430 2.72 -18.62 -58.88
CA LEU B 430 3.34 -18.68 -57.56
C LEU B 430 3.31 -17.33 -56.87
N THR B 431 3.62 -16.25 -57.59
CA THR B 431 3.69 -14.94 -56.97
C THR B 431 2.35 -14.51 -56.41
N LEU B 432 1.27 -14.75 -57.15
CA LEU B 432 -0.06 -14.38 -56.66
C LEU B 432 -0.53 -15.29 -55.55
N ALA B 433 0.06 -16.47 -55.41
CA ALA B 433 -0.41 -17.42 -54.40
C ALA B 433 -0.21 -16.89 -52.99
N VAL B 434 0.97 -16.32 -52.72
CA VAL B 434 1.32 -15.93 -51.37
C VAL B 434 0.72 -14.56 -51.06
N LYS B 435 0.02 -14.46 -49.93
CA LYS B 435 -0.43 -13.18 -49.39
C LYS B 435 0.65 -12.69 -48.43
N SER B 436 1.61 -11.94 -48.96
CA SER B 436 2.76 -11.53 -48.17
C SER B 436 2.36 -10.70 -46.96
N ASN B 437 1.17 -10.11 -46.97
CA ASN B 437 0.73 -9.30 -45.84
C ASN B 437 0.58 -10.12 -44.56
N ILE B 438 0.47 -11.44 -44.65
CA ILE B 438 0.24 -12.25 -43.46
C ILE B 438 1.40 -12.12 -42.49
N ILE B 439 2.59 -12.54 -42.91
CA ILE B 439 3.75 -12.53 -42.02
C ILE B 439 4.08 -11.10 -41.61
N THR B 440 4.10 -10.18 -42.58
CA THR B 440 4.45 -8.80 -42.29
C THR B 440 3.53 -8.21 -41.24
N ASN B 441 2.22 -8.29 -41.47
CA ASN B 441 1.27 -7.68 -40.55
C ASN B 441 1.25 -8.38 -39.21
N GLY B 442 1.39 -9.71 -39.20
CA GLY B 442 1.38 -10.41 -37.93
C GLY B 442 2.57 -10.05 -37.06
N LEU B 443 3.77 -10.06 -37.64
CA LEU B 443 4.94 -9.69 -36.87
C LEU B 443 4.86 -8.24 -36.41
N ARG B 444 4.41 -7.35 -37.30
CA ARG B 444 4.28 -5.95 -36.94
C ARG B 444 3.30 -5.77 -35.79
N TYR B 445 2.14 -6.43 -35.85
CA TYR B 445 1.12 -6.28 -34.83
C TYR B 445 1.61 -6.82 -33.49
N SER B 446 2.21 -8.00 -33.49
CA SER B 446 2.68 -8.60 -32.23
C SER B 446 3.76 -7.74 -31.60
N LEU B 447 4.68 -7.21 -32.42
CA LEU B 447 5.75 -6.40 -31.86
C LEU B 447 5.26 -5.02 -31.44
N ALA B 448 4.20 -4.51 -32.07
CA ALA B 448 3.72 -3.17 -31.77
C ALA B 448 2.85 -3.17 -30.52
N THR B 449 1.83 -4.01 -30.49
CA THR B 449 0.91 -4.05 -29.36
C THR B 449 1.43 -4.86 -28.19
N GLY B 450 2.44 -5.71 -28.41
CA GLY B 450 2.84 -6.68 -27.41
C GLY B 450 1.90 -7.85 -27.27
N ASN B 451 0.64 -7.72 -27.68
CA ASN B 451 -0.28 -8.85 -27.69
C ASN B 451 0.28 -9.94 -28.56
N TRP B 452 0.60 -11.07 -27.96
CA TRP B 452 1.52 -12.02 -28.57
C TRP B 452 0.72 -13.16 -29.20
N GLY B 453 0.54 -13.09 -30.51
CA GLY B 453 -0.21 -14.10 -31.23
C GLY B 453 -1.07 -13.46 -32.28
N ASP B 454 -2.09 -14.21 -32.72
CA ASP B 454 -2.98 -13.72 -33.74
C ASP B 454 -3.79 -12.53 -33.23
N GLN B 455 -4.18 -11.66 -34.16
CA GLN B 455 -5.05 -10.54 -33.81
C GLN B 455 -6.41 -11.01 -33.32
N LYS B 456 -6.85 -12.18 -33.80
CA LYS B 456 -8.19 -12.68 -33.51
C LYS B 456 -8.29 -13.43 -32.20
N ARG B 457 -7.16 -13.72 -31.55
CA ARG B 457 -7.18 -14.41 -30.27
C ARG B 457 -6.56 -13.50 -29.21
N SER B 458 -6.97 -12.23 -29.21
CA SER B 458 -6.33 -11.24 -28.35
C SER B 458 -6.45 -11.63 -26.89
N MET B 459 -7.63 -12.06 -26.44
CA MET B 459 -7.81 -12.38 -25.03
C MET B 459 -6.94 -13.57 -24.62
N VAL B 460 -6.89 -14.60 -25.45
CA VAL B 460 -6.11 -15.80 -25.12
C VAL B 460 -4.62 -15.59 -25.31
N ASN B 461 -4.22 -14.58 -26.07
CA ASN B 461 -2.81 -14.35 -26.33
C ASN B 461 -2.11 -13.83 -25.08
N ARG B 462 -0.79 -14.01 -25.05
CA ARG B 462 0.02 -13.37 -24.03
C ARG B 462 0.07 -11.86 -24.30
N VAL B 463 0.26 -11.09 -23.24
CA VAL B 463 0.29 -9.64 -23.34
C VAL B 463 1.54 -9.12 -22.67
N GLY B 464 1.98 -7.95 -23.13
CA GLY B 464 3.14 -7.31 -22.54
C GLY B 464 4.46 -7.92 -22.89
N VAL B 465 4.52 -8.72 -23.96
CA VAL B 465 5.80 -9.30 -24.37
C VAL B 465 6.71 -8.22 -24.95
N SER B 466 6.12 -7.20 -25.57
CA SER B 466 6.85 -6.09 -26.18
C SER B 466 6.50 -4.82 -25.43
N GLN B 467 7.52 -4.05 -25.04
CA GLN B 467 7.32 -2.80 -24.32
C GLN B 467 8.13 -1.69 -24.97
N VAL B 468 7.57 -0.48 -24.95
CA VAL B 468 8.31 0.68 -25.46
C VAL B 468 9.61 0.81 -24.68
N LEU B 469 10.73 0.86 -25.39
CA LEU B 469 12.02 0.99 -24.74
C LEU B 469 12.07 2.27 -23.91
N ASN B 470 12.68 2.16 -22.72
CA ASN B 470 12.70 3.23 -21.73
C ASN B 470 13.90 4.12 -22.01
N ARG B 471 13.67 5.26 -22.67
CA ARG B 471 14.72 6.24 -22.93
C ARG B 471 14.63 7.42 -21.95
N TYR B 472 14.80 7.15 -20.66
CA TYR B 472 14.88 8.20 -19.66
C TYR B 472 16.30 8.45 -19.18
N THR B 473 17.12 7.41 -19.18
CA THR B 473 18.51 7.50 -18.77
C THR B 473 19.22 6.33 -19.42
N PHE B 474 20.51 6.48 -19.65
CA PHE B 474 21.25 5.37 -20.26
C PHE B 474 21.12 4.11 -19.40
N ALA B 475 21.20 4.26 -18.09
CA ALA B 475 21.09 3.12 -17.20
C ALA B 475 19.70 2.51 -17.25
N SER B 476 18.66 3.33 -17.37
CA SER B 476 17.31 2.78 -17.46
C SER B 476 17.14 1.95 -18.72
N THR B 477 17.70 2.42 -19.84
CA THR B 477 17.64 1.64 -21.08
C THR B 477 18.43 0.35 -20.95
N LEU B 478 19.62 0.41 -20.38
CA LEU B 478 20.40 -0.81 -20.15
C LEU B 478 19.60 -1.80 -19.31
N SER B 479 18.92 -1.31 -18.28
CA SER B 479 18.09 -2.18 -17.45
C SER B 479 16.95 -2.78 -18.25
N HIS B 480 16.26 -1.96 -19.05
CA HIS B 480 15.12 -2.44 -19.79
C HIS B 480 15.51 -3.51 -20.80
N LEU B 481 16.72 -3.45 -21.33
CA LEU B 481 17.15 -4.46 -22.29
C LEU B 481 17.45 -5.80 -21.65
N ARG B 482 17.47 -5.89 -20.32
CA ARG B 482 17.85 -7.11 -19.60
C ARG B 482 16.78 -7.52 -18.61
N ARG B 483 15.52 -7.32 -18.96
CA ARG B 483 14.41 -7.54 -18.04
C ARG B 483 13.68 -8.83 -18.37
N THR B 484 13.33 -9.57 -17.33
CA THR B 484 12.63 -10.83 -17.42
C THR B 484 11.31 -10.68 -16.67
N ASN B 485 10.27 -11.33 -17.17
CA ASN B 485 8.95 -11.29 -16.58
C ASN B 485 8.46 -12.70 -16.32
N THR B 486 7.96 -12.95 -15.11
CA THR B 486 7.36 -14.22 -14.77
C THR B 486 5.86 -14.07 -14.91
N PRO B 487 5.20 -14.79 -15.84
CA PRO B 487 3.77 -14.59 -16.09
C PRO B 487 2.86 -15.24 -15.04
N ILE B 488 3.19 -15.02 -13.77
CA ILE B 488 2.31 -15.44 -12.69
C ILE B 488 1.21 -14.40 -12.51
N GLY B 489 0.11 -14.82 -11.88
CA GLY B 489 -0.96 -13.89 -11.59
C GLY B 489 -0.47 -12.75 -10.72
N ARG B 490 -0.65 -11.52 -11.20
CA ARG B 490 -0.17 -10.35 -10.47
C ARG B 490 -1.14 -9.91 -9.38
N ASP B 491 -2.32 -10.52 -9.28
CA ASP B 491 -3.26 -10.25 -8.22
C ASP B 491 -3.29 -11.35 -7.16
N GLY B 492 -3.21 -12.62 -7.56
CA GLY B 492 -3.11 -13.70 -6.61
C GLY B 492 -1.90 -13.54 -5.72
N LYS B 493 -2.07 -13.74 -4.41
CA LYS B 493 -1.02 -13.45 -3.44
C LYS B 493 -0.25 -14.74 -3.15
N LEU B 494 0.69 -15.04 -4.04
CA LEU B 494 1.60 -16.18 -3.90
C LEU B 494 3.00 -15.62 -3.68
N ALA B 495 3.42 -15.57 -2.42
CA ALA B 495 4.70 -14.95 -2.09
C ALA B 495 5.88 -15.77 -2.57
N LYS B 496 5.71 -17.08 -2.74
CA LYS B 496 6.86 -17.92 -3.06
C LYS B 496 7.49 -17.58 -4.40
N PRO B 497 6.75 -17.45 -5.50
CA PRO B 497 7.39 -17.01 -6.75
C PRO B 497 8.02 -15.64 -6.65
N ARG B 498 7.44 -14.75 -5.85
CA ARG B 498 7.98 -13.40 -5.70
C ARG B 498 9.26 -13.38 -4.89
N GLN B 499 9.49 -14.37 -4.05
CA GLN B 499 10.63 -14.33 -3.15
C GLN B 499 11.94 -14.51 -3.91
N LEU B 500 13.02 -14.02 -3.30
CA LEU B 500 14.35 -14.19 -3.86
C LEU B 500 14.85 -15.58 -3.48
N HIS B 501 15.04 -16.43 -4.48
CA HIS B 501 15.45 -17.80 -4.25
C HIS B 501 16.96 -17.87 -4.06
N ASN B 502 17.41 -18.96 -3.43
CA ASN B 502 18.84 -19.18 -3.26
C ASN B 502 19.53 -19.29 -4.62
N THR B 503 18.88 -19.96 -5.58
CA THR B 503 19.48 -20.21 -6.87
C THR B 503 19.60 -18.95 -7.72
N HIS B 504 18.98 -17.85 -7.31
CA HIS B 504 19.13 -16.59 -8.02
C HIS B 504 20.53 -16.00 -7.88
N TRP B 505 21.37 -16.56 -7.02
CA TRP B 505 22.71 -16.03 -6.83
C TRP B 505 23.47 -16.00 -8.15
N GLY B 506 23.90 -14.82 -8.56
CA GLY B 506 24.68 -14.64 -9.75
C GLY B 506 23.90 -14.64 -11.05
N MET B 507 22.61 -14.98 -11.02
CA MET B 507 21.77 -15.03 -12.21
C MET B 507 20.87 -13.81 -12.31
N VAL B 508 20.17 -13.48 -11.24
CA VAL B 508 19.27 -12.34 -11.17
C VAL B 508 19.83 -11.36 -10.15
N CYS B 509 19.53 -10.08 -10.36
CA CYS B 509 19.96 -9.05 -9.42
C CYS B 509 19.20 -9.21 -8.10
N PRO B 510 19.90 -9.33 -6.96
CA PRO B 510 19.18 -9.45 -5.69
C PRO B 510 18.35 -8.23 -5.34
N ALA B 511 18.79 -7.04 -5.75
CA ALA B 511 18.15 -5.79 -5.36
C ALA B 511 17.11 -5.32 -6.37
N GLU B 512 17.48 -5.17 -7.63
CA GLU B 512 16.62 -4.52 -8.62
C GLU B 512 15.37 -5.36 -8.84
N THR B 513 14.25 -4.89 -8.30
CA THR B 513 12.96 -5.48 -8.57
C THR B 513 11.93 -4.41 -8.24
N PRO B 514 10.89 -4.23 -9.05
CA PRO B 514 9.94 -3.14 -8.79
C PRO B 514 9.20 -3.35 -7.48
N GLU B 515 8.80 -2.23 -6.88
CA GLU B 515 7.94 -2.26 -5.71
C GLU B 515 6.48 -2.27 -6.15
N GLY B 516 5.67 -3.07 -5.48
CA GLY B 516 4.26 -3.14 -5.79
C GLY B 516 3.81 -4.51 -6.26
N GLN B 517 2.83 -4.54 -7.17
CA GLN B 517 2.28 -5.82 -7.61
C GLN B 517 3.32 -6.68 -8.29
N ALA B 518 4.23 -6.08 -9.05
CA ALA B 518 5.23 -6.81 -9.81
C ALA B 518 6.51 -7.05 -9.01
N CYS B 519 6.44 -6.97 -7.69
CA CYS B 519 7.62 -7.19 -6.87
C CYS B 519 8.01 -8.66 -6.87
N GLY B 520 9.20 -8.96 -7.37
CA GLY B 520 9.69 -10.32 -7.38
C GLY B 520 9.36 -11.07 -8.64
N LEU B 521 8.32 -10.63 -9.35
CA LEU B 521 7.95 -11.28 -10.60
C LEU B 521 8.78 -10.73 -11.76
N VAL B 522 8.99 -9.42 -11.80
CA VAL B 522 9.87 -8.81 -12.79
C VAL B 522 11.29 -8.84 -12.22
N LYS B 523 12.21 -9.42 -12.98
CA LYS B 523 13.58 -9.63 -12.54
C LYS B 523 14.53 -9.04 -13.57
N ASN B 524 15.79 -8.88 -13.16
CA ASN B 524 16.81 -8.28 -13.99
C ASN B 524 18.07 -9.12 -13.94
N LEU B 525 18.61 -9.45 -15.11
CA LEU B 525 19.80 -10.28 -15.19
C LEU B 525 20.99 -9.59 -14.50
N SER B 526 21.83 -10.40 -13.87
CA SER B 526 23.08 -9.91 -13.32
C SER B 526 24.01 -9.49 -14.44
N LEU B 527 25.18 -8.97 -14.08
CA LEU B 527 26.06 -8.39 -15.07
C LEU B 527 26.68 -9.44 -15.98
N MET B 528 27.13 -10.56 -15.43
CA MET B 528 27.81 -11.59 -16.20
C MET B 528 26.92 -12.79 -16.49
N SER B 529 25.61 -12.69 -16.28
CA SER B 529 24.73 -13.82 -16.53
C SER B 529 24.55 -14.01 -18.02
N TYR B 530 24.75 -15.25 -18.47
CA TYR B 530 24.65 -15.63 -19.87
C TYR B 530 23.47 -16.56 -20.06
N VAL B 531 22.60 -16.24 -21.01
CA VAL B 531 21.44 -17.06 -21.32
C VAL B 531 21.74 -17.86 -22.57
N SER B 532 21.60 -19.18 -22.47
CA SER B 532 21.95 -20.06 -23.57
C SER B 532 20.97 -19.89 -24.73
N VAL B 533 21.48 -19.99 -25.95
CA VAL B 533 20.64 -19.94 -27.15
C VAL B 533 20.30 -21.33 -27.67
N GLY B 534 20.92 -22.37 -27.13
CA GLY B 534 20.67 -23.72 -27.58
C GLY B 534 21.74 -24.22 -28.52
N SER B 535 22.03 -25.52 -28.46
CA SER B 535 22.96 -26.16 -29.37
C SER B 535 22.41 -27.53 -29.73
N PRO B 536 22.88 -28.12 -30.83
CA PRO B 536 22.44 -29.48 -31.17
C PRO B 536 22.82 -30.48 -30.09
N SER B 537 21.95 -31.44 -29.84
CA SER B 537 22.23 -32.53 -28.94
C SER B 537 22.81 -33.76 -29.63
N ALA B 538 22.83 -33.77 -30.97
CA ALA B 538 23.32 -34.94 -31.69
C ALA B 538 24.79 -35.21 -31.41
N PRO B 539 25.70 -34.23 -31.47
CA PRO B 539 27.12 -34.54 -31.18
C PRO B 539 27.32 -35.11 -29.79
N ILE B 540 26.60 -34.60 -28.80
CA ILE B 540 26.73 -35.10 -27.44
C ILE B 540 26.24 -36.54 -27.35
N ILE B 541 25.12 -36.83 -28.00
CA ILE B 541 24.60 -38.20 -27.99
C ILE B 541 25.58 -39.14 -28.68
N GLU B 542 26.21 -38.67 -29.76
CA GLU B 542 27.19 -39.51 -30.44
C GLU B 542 28.39 -39.78 -29.54
N PHE B 543 28.88 -38.76 -28.84
CA PHE B 543 29.99 -38.98 -27.92
C PHE B 543 29.60 -39.93 -26.78
N LEU B 544 28.38 -39.79 -26.28
CA LEU B 544 27.91 -40.71 -25.24
C LEU B 544 27.86 -42.14 -25.77
N GLU B 545 27.34 -42.32 -26.99
CA GLU B 545 27.23 -43.65 -27.56
C GLU B 545 28.58 -44.29 -27.76
N GLU B 546 29.57 -43.52 -28.25
CA GLU B 546 30.87 -44.11 -28.53
C GLU B 546 31.70 -44.33 -27.28
N TRP B 547 31.32 -43.76 -26.13
CA TRP B 547 32.15 -43.85 -24.94
C TRP B 547 31.67 -44.95 -23.99
N GLY B 548 30.62 -45.68 -24.36
CA GLY B 548 30.16 -46.79 -23.56
C GLY B 548 28.78 -46.62 -22.95
N LEU B 549 27.89 -45.93 -23.66
CA LEU B 549 26.51 -45.80 -23.22
C LEU B 549 25.73 -47.03 -23.65
N GLU B 550 25.08 -47.67 -22.68
CA GLU B 550 24.26 -48.85 -22.95
C GLU B 550 22.85 -48.41 -23.28
N THR B 551 22.41 -48.69 -24.51
CA THR B 551 21.12 -48.23 -24.97
C THR B 551 20.01 -48.76 -24.08
N LEU B 552 18.87 -48.05 -24.08
CA LEU B 552 17.76 -48.42 -23.23
C LEU B 552 17.02 -49.66 -23.74
N GLU B 553 17.09 -49.93 -25.04
CA GLU B 553 16.41 -51.11 -25.57
C GLU B 553 16.98 -52.39 -24.99
N ASP B 554 18.30 -52.46 -24.84
CA ASP B 554 18.97 -53.63 -24.30
C ASP B 554 19.12 -53.58 -22.78
N TYR B 555 18.66 -52.51 -22.13
CA TYR B 555 18.88 -52.36 -20.70
C TYR B 555 17.98 -53.30 -19.91
N ASN B 556 18.59 -54.04 -18.99
CA ASN B 556 17.85 -54.90 -18.05
C ASN B 556 18.15 -54.42 -16.64
N PRO B 557 17.19 -53.78 -15.96
CA PRO B 557 17.52 -53.23 -14.62
C PRO B 557 18.06 -54.26 -13.65
N SER B 558 17.54 -55.50 -13.70
CA SER B 558 17.98 -56.51 -12.75
C SER B 558 19.48 -56.78 -12.87
N ALA B 559 19.97 -56.87 -14.11
CA ALA B 559 21.39 -57.16 -14.31
C ALA B 559 22.27 -56.07 -13.73
N SER B 560 21.90 -54.80 -13.94
CA SER B 560 22.68 -53.65 -13.50
C SER B 560 21.78 -52.69 -12.74
N PRO B 561 21.53 -52.96 -11.45
CA PRO B 561 20.77 -51.99 -10.66
C PRO B 561 21.62 -50.85 -10.12
N ASN B 562 22.93 -51.01 -10.05
CA ASN B 562 23.83 -49.97 -9.55
C ASN B 562 24.31 -49.02 -10.64
N ALA B 563 23.94 -49.24 -11.89
CA ALA B 563 24.40 -48.40 -12.98
C ALA B 563 23.62 -47.09 -13.01
N THR B 564 24.20 -46.10 -13.69
CA THR B 564 23.72 -44.72 -13.64
C THR B 564 22.97 -44.36 -14.90
N LYS B 565 21.77 -43.83 -14.75
CA LYS B 565 20.96 -43.42 -15.89
C LYS B 565 21.52 -42.15 -16.51
N VAL B 566 21.49 -42.08 -17.84
CA VAL B 566 22.03 -40.95 -18.58
C VAL B 566 20.87 -40.27 -19.31
N PHE B 567 20.69 -38.98 -19.06
CA PHE B 567 19.66 -38.18 -19.70
C PHE B 567 20.30 -37.13 -20.57
N VAL B 568 19.63 -36.78 -21.67
CA VAL B 568 20.02 -35.66 -22.52
C VAL B 568 18.74 -34.92 -22.90
N ASN B 569 18.61 -33.69 -22.42
CA ASN B 569 17.42 -32.87 -22.69
C ASN B 569 16.16 -33.55 -22.17
N GLY B 570 16.28 -34.26 -21.06
CA GLY B 570 15.15 -34.95 -20.48
C GLY B 570 14.81 -36.27 -21.12
N VAL B 571 15.66 -36.78 -21.99
CA VAL B 571 15.44 -38.06 -22.66
C VAL B 571 16.40 -39.07 -22.07
N TRP B 572 15.86 -40.12 -21.47
CA TRP B 572 16.67 -41.18 -20.89
C TRP B 572 17.23 -42.03 -22.03
N LEU B 573 18.45 -41.73 -22.43
CA LEU B 573 19.05 -42.40 -23.58
C LEU B 573 19.53 -43.81 -23.22
N GLY B 574 20.03 -44.00 -22.01
CA GLY B 574 20.55 -45.29 -21.62
C GLY B 574 21.20 -45.28 -20.25
N VAL B 575 22.16 -46.17 -20.05
CA VAL B 575 22.76 -46.40 -18.75
C VAL B 575 24.26 -46.56 -18.92
N HIS B 576 25.02 -45.96 -18.01
CA HIS B 576 26.48 -46.04 -18.00
C HIS B 576 26.92 -46.69 -16.70
N ARG B 577 28.04 -47.41 -16.77
CA ARG B 577 28.57 -48.14 -15.62
C ARG B 577 29.62 -47.36 -14.85
N ASP B 578 30.32 -46.44 -15.49
CA ASP B 578 31.37 -45.64 -14.86
C ASP B 578 31.08 -44.17 -15.11
N PRO B 579 30.09 -43.61 -14.42
CA PRO B 579 29.65 -42.25 -14.74
C PRO B 579 30.65 -41.18 -14.32
N ALA B 580 31.53 -41.46 -13.35
CA ALA B 580 32.52 -40.47 -12.96
C ALA B 580 33.45 -40.15 -14.13
N HIS B 581 34.03 -41.18 -14.74
CA HIS B 581 34.98 -40.97 -15.82
C HIS B 581 34.30 -40.32 -17.02
N LEU B 582 33.06 -40.73 -17.30
CA LEU B 582 32.29 -40.09 -18.35
C LEU B 582 32.11 -38.60 -18.09
N THR B 583 31.80 -38.24 -16.84
CA THR B 583 31.59 -36.84 -16.51
C THR B 583 32.89 -36.05 -16.65
N GLU B 584 34.01 -36.61 -16.17
CA GLU B 584 35.27 -35.90 -16.34
C GLU B 584 35.62 -35.71 -17.81
N THR B 585 35.39 -36.74 -18.63
CA THR B 585 35.69 -36.61 -20.06
C THR B 585 34.80 -35.55 -20.70
N LEU B 586 33.51 -35.54 -20.38
CA LEU B 586 32.61 -34.55 -20.95
C LEU B 586 32.99 -33.13 -20.52
N ARG B 587 33.34 -32.96 -19.24
CA ARG B 587 33.74 -31.65 -18.76
C ARG B 587 35.03 -31.20 -19.43
N SER B 588 35.99 -32.11 -19.60
CA SER B 588 37.22 -31.76 -20.30
C SER B 588 36.92 -31.32 -21.73
N LEU B 589 36.04 -32.03 -22.42
CA LEU B 589 35.69 -31.65 -23.79
C LEU B 589 35.07 -30.26 -23.82
N ARG B 590 34.13 -29.99 -22.92
CA ARG B 590 33.52 -28.66 -22.89
C ARG B 590 34.56 -27.59 -22.54
N ARG B 591 35.55 -27.94 -21.71
CA ARG B 591 36.62 -27.02 -21.33
C ARG B 591 37.58 -26.75 -22.47
N ARG B 592 37.49 -27.48 -23.57
CA ARG B 592 38.23 -27.18 -24.79
C ARG B 592 37.32 -26.62 -25.88
N LEU B 593 36.03 -26.49 -25.61
CA LEU B 593 34.99 -26.10 -26.57
C LEU B 593 34.78 -27.15 -27.65
N ASP B 594 35.27 -28.37 -27.47
CA ASP B 594 34.82 -29.48 -28.31
C ASP B 594 33.33 -29.72 -28.12
N ILE B 595 32.83 -29.46 -26.92
CA ILE B 595 31.40 -29.40 -26.64
C ILE B 595 31.04 -27.94 -26.42
N SER B 596 29.82 -27.58 -26.77
CA SER B 596 29.37 -26.20 -26.60
C SER B 596 29.48 -25.79 -25.14
N ALA B 597 29.92 -24.55 -24.91
CA ALA B 597 30.09 -24.05 -23.55
C ALA B 597 28.77 -23.89 -22.81
N GLU B 598 27.64 -23.92 -23.51
CA GLU B 598 26.34 -23.81 -22.87
C GLU B 598 25.84 -25.12 -22.28
N VAL B 599 26.53 -26.22 -22.50
CA VAL B 599 26.01 -27.53 -22.16
C VAL B 599 26.15 -27.76 -20.66
N SER B 600 25.03 -28.06 -20.01
CA SER B 600 25.02 -28.38 -18.59
C SER B 600 25.28 -29.86 -18.40
N ILE B 601 26.28 -30.19 -17.60
CA ILE B 601 26.69 -31.56 -17.33
C ILE B 601 26.56 -31.76 -15.83
N VAL B 602 25.44 -32.33 -15.38
CA VAL B 602 25.15 -32.46 -13.96
C VAL B 602 25.16 -33.94 -13.61
N ARG B 603 26.09 -34.36 -12.75
CA ARG B 603 26.11 -35.71 -12.23
C ARG B 603 25.46 -35.72 -10.86
N ASP B 604 24.26 -36.31 -10.79
CA ASP B 604 23.55 -36.46 -9.53
C ASP B 604 23.95 -37.81 -8.93
N ILE B 605 24.70 -37.77 -7.82
CA ILE B 605 25.27 -39.00 -7.28
C ILE B 605 24.25 -39.77 -6.46
N ARG B 606 23.39 -39.08 -5.71
CA ARG B 606 22.40 -39.79 -4.91
C ARG B 606 21.34 -40.43 -5.78
N GLU B 607 20.91 -39.76 -6.84
CA GLU B 607 19.88 -40.27 -7.73
C GLU B 607 20.44 -41.11 -8.87
N LYS B 608 21.75 -41.30 -8.92
CA LYS B 608 22.40 -42.11 -9.96
C LYS B 608 21.98 -41.63 -11.35
N GLU B 609 22.24 -40.35 -11.61
CA GLU B 609 21.86 -39.74 -12.87
C GLU B 609 23.02 -38.93 -13.43
N LEU B 610 23.04 -38.80 -14.76
CA LEU B 610 23.97 -37.93 -15.47
C LEU B 610 23.13 -37.15 -16.46
N ARG B 611 22.64 -35.99 -16.03
CA ARG B 611 21.77 -35.17 -16.85
C ARG B 611 22.61 -34.22 -17.71
N LEU B 612 22.35 -34.24 -19.01
CA LEU B 612 22.96 -33.33 -19.97
C LEU B 612 21.88 -32.43 -20.52
N PHE B 613 22.16 -31.13 -20.59
CA PHE B 613 21.22 -30.19 -21.16
C PHE B 613 21.92 -29.31 -22.19
N THR B 614 21.26 -29.12 -23.32
CA THR B 614 21.79 -28.29 -24.41
C THR B 614 20.76 -27.31 -24.95
N ASP B 615 19.58 -27.24 -24.35
CA ASP B 615 18.51 -26.41 -24.89
C ASP B 615 18.73 -24.94 -24.54
N ALA B 616 17.87 -24.10 -25.11
CA ALA B 616 17.94 -22.66 -24.87
C ALA B 616 17.18 -22.27 -23.62
N GLY B 617 17.58 -21.15 -23.03
CA GLY B 617 16.89 -20.58 -21.90
C GLY B 617 17.53 -20.81 -20.55
N ARG B 618 18.64 -21.51 -20.49
CA ARG B 618 19.31 -21.80 -19.22
C ARG B 618 20.24 -20.64 -18.88
N ILE B 619 19.92 -19.92 -17.81
CA ILE B 619 20.78 -18.81 -17.39
C ILE B 619 22.05 -19.38 -16.78
N CYS B 620 23.19 -18.89 -17.24
CA CYS B 620 24.48 -19.33 -16.76
C CYS B 620 25.29 -18.13 -16.28
N ARG B 621 26.32 -18.41 -15.51
CA ARG B 621 27.27 -17.39 -15.10
C ARG B 621 28.67 -17.99 -15.13
N PRO B 622 29.69 -17.17 -15.41
CA PRO B 622 31.05 -17.70 -15.48
C PRO B 622 31.76 -17.70 -14.14
N LEU B 623 32.66 -18.66 -14.01
CA LEU B 623 33.39 -18.89 -12.77
C LEU B 623 34.79 -19.36 -13.09
N PHE B 624 35.73 -19.03 -12.21
CA PHE B 624 37.06 -19.60 -12.31
C PHE B 624 37.00 -21.10 -12.04
N ILE B 625 37.99 -21.82 -12.54
CA ILE B 625 38.14 -23.25 -12.30
C ILE B 625 39.36 -23.44 -11.40
N VAL B 626 39.19 -24.21 -10.34
CA VAL B 626 40.27 -24.51 -9.42
C VAL B 626 40.93 -25.80 -9.87
N ASP B 627 42.26 -25.81 -9.90
CA ASP B 627 43.00 -26.98 -10.36
C ASP B 627 42.87 -28.10 -9.34
N ASN B 628 42.14 -29.15 -9.71
CA ASN B 628 41.83 -30.26 -8.81
C ASN B 628 42.49 -31.56 -9.26
N ASN B 629 43.35 -31.53 -10.26
CA ASN B 629 43.93 -32.76 -10.79
C ASN B 629 44.72 -33.47 -9.69
N PRO B 630 44.57 -34.78 -9.52
CA PRO B 630 45.26 -35.45 -8.40
C PRO B 630 46.77 -35.27 -8.41
N ASN B 631 47.40 -35.33 -9.58
CA ASN B 631 48.85 -35.26 -9.69
C ASN B 631 49.36 -33.84 -9.92
N SER B 632 48.48 -32.85 -9.95
CA SER B 632 48.91 -31.49 -10.21
C SER B 632 49.75 -30.95 -9.06
N GLU B 633 50.68 -30.06 -9.40
CA GLU B 633 51.47 -29.35 -8.41
C GLU B 633 50.78 -28.09 -7.91
N ARG B 634 49.59 -27.79 -8.42
CA ARG B 634 48.85 -26.58 -8.07
C ARG B 634 47.47 -26.93 -7.52
N ARG B 635 47.39 -27.97 -6.70
CA ARG B 635 46.12 -28.33 -6.09
C ARG B 635 45.54 -27.17 -5.32
N GLY B 636 44.26 -26.88 -5.54
CA GLY B 636 43.58 -25.82 -4.84
C GLY B 636 43.87 -24.43 -5.32
N GLU B 637 44.62 -24.29 -6.42
CA GLU B 637 44.94 -22.99 -6.99
C GLU B 637 44.22 -22.83 -8.32
N LEU B 638 43.85 -21.60 -8.62
CA LEU B 638 43.12 -21.33 -9.85
C LEU B 638 43.91 -21.77 -11.07
N CYS B 639 43.19 -22.27 -12.07
CA CYS B 639 43.85 -22.60 -13.34
C CYS B 639 44.46 -21.36 -13.97
N ILE B 640 43.74 -20.23 -13.92
CA ILE B 640 44.20 -18.99 -14.53
C ILE B 640 45.38 -18.46 -13.72
N ARG B 641 46.54 -18.36 -14.36
CA ARG B 641 47.75 -17.86 -13.74
C ARG B 641 47.84 -16.34 -13.89
N LYS B 642 48.94 -15.77 -13.41
CA LYS B 642 49.22 -14.36 -13.65
C LYS B 642 49.68 -14.12 -15.08
N GLU B 643 50.27 -15.13 -15.71
CA GLU B 643 50.68 -14.99 -17.10
C GLU B 643 49.48 -14.74 -18.00
N HIS B 644 48.37 -15.43 -17.76
CA HIS B 644 47.18 -15.21 -18.56
C HIS B 644 46.65 -13.80 -18.36
N ILE B 645 46.72 -13.28 -17.14
CA ILE B 645 46.28 -11.91 -16.90
C ILE B 645 47.16 -10.94 -17.67
N GLN B 646 48.49 -11.15 -17.63
CA GLN B 646 49.39 -10.29 -18.39
C GLN B 646 49.12 -10.39 -19.88
N GLN B 647 48.71 -11.55 -20.37
CA GLN B 647 48.32 -11.68 -21.77
C GLN B 647 47.09 -10.82 -22.08
N LEU B 648 46.13 -10.79 -21.15
CA LEU B 648 44.93 -9.97 -21.36
C LEU B 648 45.29 -8.49 -21.44
N ILE B 649 46.19 -8.03 -20.57
CA ILE B 649 46.60 -6.64 -20.60
C ILE B 649 47.31 -6.32 -21.91
N GLU B 650 48.20 -7.21 -22.35
CA GLU B 650 48.96 -6.96 -23.57
C GLU B 650 48.06 -6.92 -24.81
N ASP B 651 47.12 -7.86 -24.93
CA ASP B 651 46.27 -7.94 -26.10
C ASP B 651 45.11 -6.96 -26.07
N LYS B 652 44.84 -6.33 -24.93
CA LYS B 652 43.78 -5.34 -24.87
C LYS B 652 44.06 -4.17 -25.81
N ASP B 653 45.26 -3.60 -25.73
CA ASP B 653 45.58 -2.44 -26.56
C ASP B 653 45.93 -2.85 -27.99
N ARG B 654 46.61 -3.97 -28.17
CA ARG B 654 47.07 -4.38 -29.49
C ARG B 654 45.91 -4.45 -30.48
N TYR B 655 45.91 -3.58 -31.48
CA TYR B 655 44.92 -3.58 -32.54
C TYR B 655 45.47 -4.08 -33.87
N ASP B 656 46.80 -4.13 -34.03
CA ASP B 656 47.37 -4.71 -35.23
C ASP B 656 47.03 -6.18 -35.36
N ILE B 657 46.82 -6.87 -34.23
CA ILE B 657 46.44 -8.27 -34.27
C ILE B 657 45.09 -8.40 -34.95
N ASP B 658 44.84 -9.58 -35.51
CA ASP B 658 43.54 -9.85 -36.09
C ASP B 658 42.46 -9.65 -35.02
N PRO B 659 41.33 -9.01 -35.34
CA PRO B 659 40.32 -8.79 -34.30
C PRO B 659 39.82 -10.06 -33.65
N GLU B 660 39.80 -11.17 -34.39
CA GLU B 660 39.25 -12.43 -33.89
C GLU B 660 40.32 -13.35 -33.30
N GLN B 661 41.59 -12.94 -33.28
CA GLN B 661 42.67 -13.82 -32.83
C GLN B 661 43.42 -13.23 -31.63
N ARG B 662 42.81 -12.29 -30.91
CA ARG B 662 43.41 -11.76 -29.70
C ARG B 662 43.13 -12.68 -28.53
N PHE B 663 43.89 -12.51 -27.45
CA PHE B 663 43.69 -13.26 -26.22
C PHE B 663 42.74 -12.46 -25.33
N GLY B 664 41.50 -12.90 -25.25
CA GLY B 664 40.50 -12.19 -24.48
C GLY B 664 39.63 -13.12 -23.66
N TRP B 665 38.34 -12.78 -23.55
CA TRP B 665 37.43 -13.61 -22.77
C TRP B 665 37.35 -15.01 -23.35
N THR B 666 37.06 -15.12 -24.65
CA THR B 666 36.90 -16.43 -25.27
C THR B 666 38.14 -17.29 -25.12
N ALA B 667 39.33 -16.69 -25.18
CA ALA B 667 40.55 -17.45 -25.01
C ALA B 667 40.66 -18.05 -23.62
N LEU B 668 40.03 -17.42 -22.63
CA LEU B 668 40.01 -17.99 -21.28
C LEU B 668 39.05 -19.17 -21.20
N VAL B 669 37.89 -19.05 -21.85
CA VAL B 669 36.92 -20.15 -21.84
C VAL B 669 37.44 -21.33 -22.64
N SER B 670 37.95 -21.07 -23.84
CA SER B 670 38.46 -22.15 -24.67
C SER B 670 39.73 -22.76 -24.12
N SER B 671 40.42 -22.06 -23.23
CA SER B 671 41.62 -22.57 -22.58
C SER B 671 41.32 -23.32 -21.30
N GLY B 672 40.06 -23.40 -20.89
CA GLY B 672 39.69 -24.14 -19.70
C GLY B 672 39.95 -23.39 -18.41
N LEU B 673 39.97 -22.06 -18.44
CA LEU B 673 40.18 -21.26 -17.25
C LEU B 673 38.90 -20.64 -16.71
N ILE B 674 37.85 -20.55 -17.53
CA ILE B 674 36.56 -20.03 -17.12
C ILE B 674 35.50 -21.03 -17.55
N GLU B 675 34.46 -21.19 -16.74
CA GLU B 675 33.41 -22.15 -17.00
C GLU B 675 32.06 -21.51 -16.72
N TYR B 676 31.11 -21.72 -17.63
CA TYR B 676 29.75 -21.27 -17.41
C TYR B 676 28.97 -22.36 -16.69
N LEU B 677 28.33 -21.98 -15.60
CA LEU B 677 27.48 -22.90 -14.84
C LEU B 677 26.08 -22.32 -14.72
N ASP B 678 25.08 -23.17 -14.87
CA ASP B 678 23.71 -22.81 -14.56
C ASP B 678 23.32 -23.35 -13.19
N ALA B 679 22.12 -23.01 -12.75
CA ALA B 679 21.71 -23.36 -11.39
C ALA B 679 21.72 -24.86 -11.16
N GLU B 680 21.39 -25.65 -12.19
CA GLU B 680 21.43 -27.10 -12.04
C GLU B 680 22.84 -27.58 -11.74
N GLU B 681 23.84 -27.04 -12.43
CA GLU B 681 25.21 -27.49 -12.25
C GLU B 681 25.88 -26.88 -11.03
N GLU B 682 25.39 -25.73 -10.55
CA GLU B 682 25.94 -25.16 -9.31
C GLU B 682 25.69 -26.08 -8.12
N GLU B 683 24.71 -26.96 -8.22
CA GLU B 683 24.40 -27.88 -7.13
C GLU B 683 25.46 -28.95 -6.94
N THR B 684 26.35 -29.13 -7.90
CA THR B 684 27.37 -30.18 -7.85
C THR B 684 28.78 -29.61 -7.73
N VAL B 685 28.92 -28.32 -7.42
CA VAL B 685 30.21 -27.67 -7.37
C VAL B 685 30.36 -26.95 -6.03
N MET B 686 31.61 -26.71 -5.64
CA MET B 686 31.93 -25.97 -4.44
C MET B 686 32.69 -24.72 -4.86
N ILE B 687 32.11 -23.55 -4.61
CA ILE B 687 32.59 -22.28 -5.15
C ILE B 687 33.19 -21.46 -4.02
N ALA B 688 34.46 -21.12 -4.15
CA ALA B 688 35.09 -20.17 -3.25
C ALA B 688 34.66 -18.75 -3.62
N MET B 689 34.42 -17.93 -2.61
CA MET B 689 33.90 -16.59 -2.86
C MET B 689 34.96 -15.63 -3.37
N SER B 690 36.24 -15.95 -3.21
CA SER B 690 37.31 -15.11 -3.73
C SER B 690 38.61 -15.91 -3.69
N PRO B 691 39.60 -15.51 -4.49
CA PRO B 691 40.88 -16.23 -4.46
C PRO B 691 41.53 -16.22 -3.09
N GLU B 692 41.32 -15.18 -2.29
CA GLU B 692 41.85 -15.17 -0.94
C GLU B 692 41.21 -16.26 -0.10
N ASP B 693 39.92 -16.53 -0.31
CA ASP B 693 39.29 -17.65 0.39
C ASP B 693 39.89 -18.98 -0.03
N LEU B 694 40.13 -19.16 -1.33
CA LEU B 694 40.82 -20.35 -1.80
C LEU B 694 42.16 -20.50 -1.10
N GLU B 695 42.94 -19.42 -1.06
CA GLU B 695 44.26 -19.48 -0.46
C GLU B 695 44.18 -19.82 1.03
N ALA B 696 43.29 -19.15 1.76
CA ALA B 696 43.16 -19.41 3.19
C ALA B 696 42.76 -20.85 3.44
N SER B 697 41.81 -21.37 2.67
CA SER B 697 41.46 -22.78 2.79
C SER B 697 42.67 -23.67 2.46
N ARG B 698 43.51 -23.23 1.52
CA ARG B 698 44.63 -24.07 1.11
C ARG B 698 45.68 -24.17 2.22
N GLN B 699 46.02 -23.05 2.86
CA GLN B 699 46.90 -23.16 4.03
C GLN B 699 46.22 -23.89 5.18
N MET B 700 44.92 -23.66 5.39
CA MET B 700 44.23 -24.43 6.42
C MET B 700 44.36 -25.92 6.16
N GLN B 701 44.39 -26.32 4.89
CA GLN B 701 44.52 -27.72 4.52
C GLN B 701 45.97 -28.18 4.42
N ALA B 702 46.94 -27.27 4.50
CA ALA B 702 48.35 -27.64 4.50
C ALA B 702 48.91 -27.69 5.91
N GLY B 703 48.07 -27.54 6.93
CA GLY B 703 48.48 -27.61 8.30
C GLY B 703 48.81 -26.27 8.93
N TYR B 704 48.95 -25.22 8.13
CA TYR B 704 49.21 -23.90 8.68
C TYR B 704 47.98 -23.39 9.42
N GLU B 705 48.22 -22.64 10.49
CA GLU B 705 47.14 -22.20 11.36
C GLU B 705 46.23 -21.16 10.71
N VAL B 706 46.67 -20.55 9.60
CA VAL B 706 45.91 -19.47 8.96
C VAL B 706 45.49 -18.47 10.03
N LYS B 707 46.48 -17.81 10.64
CA LYS B 707 46.24 -16.84 11.70
C LYS B 707 47.18 -15.67 11.51
N GLU B 708 46.73 -14.48 11.92
CA GLU B 708 47.52 -13.27 11.77
C GLU B 708 46.81 -12.15 12.51
N GLU B 709 47.47 -11.00 12.55
CA GLU B 709 46.87 -9.79 13.10
C GLU B 709 45.93 -9.19 12.05
N LEU B 710 44.66 -9.09 12.40
CA LEU B 710 43.62 -8.67 11.46
C LEU B 710 43.21 -7.24 11.76
N ASP B 711 43.18 -6.40 10.72
CA ASP B 711 42.69 -5.04 10.84
C ASP B 711 41.29 -5.07 11.45
N PRO B 712 41.10 -4.53 12.66
CA PRO B 712 39.78 -4.62 13.30
C PRO B 712 38.68 -3.91 12.53
N ALA B 713 39.02 -2.97 11.64
CA ALA B 713 38.00 -2.25 10.88
C ALA B 713 37.42 -3.08 9.74
N GLN B 714 38.12 -4.12 9.31
CA GLN B 714 37.69 -4.90 8.15
C GLN B 714 36.50 -5.78 8.49
N ARG B 715 35.73 -6.11 7.46
CA ARG B 715 34.73 -7.16 7.56
C ARG B 715 35.33 -8.37 8.25
N VAL B 716 34.54 -9.02 9.09
CA VAL B 716 34.95 -10.28 9.70
C VAL B 716 34.36 -11.42 8.88
N LYS B 717 35.21 -12.32 8.42
CA LYS B 717 34.80 -13.49 7.67
C LYS B 717 34.78 -14.70 8.59
N PRO B 718 33.88 -15.66 8.41
CA PRO B 718 33.98 -16.90 9.16
C PRO B 718 35.29 -17.61 8.84
N ALA B 719 35.81 -18.33 9.84
CA ALA B 719 37.05 -19.04 9.63
C ALA B 719 36.87 -20.07 8.53
N PRO B 720 37.93 -20.37 7.78
CA PRO B 720 37.79 -21.36 6.69
C PRO B 720 37.23 -22.67 7.22
N ASN B 721 36.24 -23.20 6.52
CA ASN B 721 35.54 -24.40 6.98
C ASN B 721 36.47 -25.60 6.90
N PRO B 722 36.75 -26.29 8.02
CA PRO B 722 37.64 -27.46 7.93
C PRO B 722 37.01 -28.64 7.21
N HIS B 723 35.70 -28.65 7.02
CA HIS B 723 35.03 -29.74 6.33
C HIS B 723 35.12 -29.63 4.81
N VAL B 724 35.74 -28.58 4.29
CA VAL B 724 35.91 -28.39 2.86
C VAL B 724 37.38 -28.59 2.53
N HIS B 725 37.68 -29.66 1.80
CA HIS B 725 39.04 -29.99 1.39
C HIS B 725 39.34 -29.67 -0.06
N ALA B 726 38.33 -29.54 -0.91
CA ALA B 726 38.55 -29.22 -2.31
C ALA B 726 37.46 -28.27 -2.79
N TRP B 727 37.89 -27.16 -3.39
CA TRP B 727 36.99 -26.24 -4.08
C TRP B 727 37.07 -26.54 -5.57
N THR B 728 35.91 -26.61 -6.22
CA THR B 728 35.89 -26.89 -7.65
C THR B 728 35.98 -25.61 -8.48
N HIS B 729 35.42 -24.51 -7.98
CA HIS B 729 35.40 -23.25 -8.72
C HIS B 729 35.74 -22.12 -7.76
N CYS B 730 35.70 -20.89 -8.30
CA CYS B 730 35.92 -19.68 -7.53
C CYS B 730 35.26 -18.54 -8.28
N GLU B 731 34.74 -17.56 -7.55
CA GLU B 731 34.06 -16.44 -8.19
C GLU B 731 35.05 -15.39 -8.64
N ILE B 732 34.78 -14.82 -9.82
CA ILE B 732 35.64 -13.77 -10.35
C ILE B 732 35.51 -12.52 -9.49
N HIS B 733 34.28 -12.11 -9.18
CA HIS B 733 34.05 -11.08 -8.18
C HIS B 733 32.60 -11.11 -7.70
N PRO B 734 32.36 -11.07 -6.39
CA PRO B 734 30.96 -11.07 -5.92
C PRO B 734 30.15 -9.91 -6.45
N ALA B 735 30.76 -8.75 -6.67
CA ALA B 735 30.03 -7.59 -7.16
C ALA B 735 29.30 -7.87 -8.46
N MET B 736 29.61 -8.97 -9.14
CA MET B 736 28.98 -9.32 -10.40
C MET B 736 27.60 -9.94 -10.23
N ILE B 737 27.16 -10.18 -8.99
CA ILE B 737 25.80 -10.67 -8.77
C ILE B 737 24.76 -9.57 -8.89
N LEU B 738 25.17 -8.32 -9.09
CA LEU B 738 24.26 -7.19 -9.15
C LEU B 738 23.90 -6.87 -10.60
N GLY B 739 22.82 -6.12 -10.76
CA GLY B 739 22.34 -5.71 -12.05
C GLY B 739 22.95 -4.39 -12.51
N ILE B 740 22.29 -3.78 -13.50
CA ILE B 740 22.77 -2.50 -14.02
C ILE B 740 22.67 -1.42 -12.95
N LEU B 741 21.51 -1.31 -12.32
CA LEU B 741 21.26 -0.18 -11.43
C LEU B 741 21.79 -0.43 -10.03
N ALA B 742 21.75 -1.67 -9.55
CA ALA B 742 22.36 -1.99 -8.27
C ALA B 742 23.88 -1.83 -8.33
N SER B 743 24.46 -1.82 -9.52
CA SER B 743 25.89 -1.61 -9.69
C SER B 743 26.27 -0.14 -9.71
N ILE B 744 25.30 0.77 -9.71
CA ILE B 744 25.57 2.19 -9.62
C ILE B 744 25.58 2.69 -8.17
N ILE B 745 25.08 1.89 -7.24
CA ILE B 745 25.04 2.29 -5.83
C ILE B 745 26.45 2.17 -5.25
N PRO B 746 26.93 3.19 -4.52
CA PRO B 746 28.23 3.04 -3.86
C PRO B 746 28.10 2.40 -2.50
N PHE B 747 28.94 1.41 -2.20
CA PHE B 747 28.87 0.66 -0.95
C PHE B 747 27.45 0.13 -0.72
N PRO B 748 26.88 -0.61 -1.66
CA PRO B 748 25.55 -1.17 -1.43
C PRO B 748 25.52 -2.15 -0.28
N ASP B 749 26.68 -2.69 0.12
CA ASP B 749 26.78 -3.62 1.24
C ASP B 749 26.83 -2.93 2.59
N HIS B 750 26.70 -1.61 2.64
CA HIS B 750 26.55 -0.89 3.90
C HIS B 750 25.16 -0.33 4.08
N ASN B 751 24.19 -0.81 3.31
CA ASN B 751 22.81 -0.33 3.36
C ASN B 751 21.88 -1.45 3.78
N GLN B 752 20.71 -1.04 4.27
CA GLN B 752 19.61 -1.97 4.48
C GLN B 752 19.00 -2.27 3.11
N SER B 753 18.78 -3.56 2.82
CA SER B 753 18.50 -3.98 1.45
C SER B 753 17.34 -3.26 0.76
N PRO B 754 16.21 -2.99 1.42
CA PRO B 754 15.14 -2.27 0.71
C PRO B 754 15.59 -0.90 0.24
N ARG B 755 16.60 -0.30 0.87
CA ARG B 755 17.15 0.94 0.37
C ARG B 755 17.87 0.72 -0.96
N ASN B 756 18.56 -0.41 -1.09
CA ASN B 756 19.16 -0.76 -2.37
C ASN B 756 18.08 -0.96 -3.44
N THR B 757 16.98 -1.61 -3.07
CA THR B 757 15.89 -1.78 -4.03
C THR B 757 15.29 -0.44 -4.42
N TYR B 758 15.10 0.45 -3.45
CA TYR B 758 14.53 1.77 -3.73
C TYR B 758 15.43 2.57 -4.66
N GLN B 759 16.74 2.50 -4.44
CA GLN B 759 17.65 3.20 -5.35
C GLN B 759 17.62 2.56 -6.74
N SER B 760 17.57 1.23 -6.80
CA SER B 760 17.48 0.58 -8.11
C SER B 760 16.24 1.03 -8.86
N ALA B 761 15.15 1.31 -8.14
CA ALA B 761 13.94 1.81 -8.78
C ALA B 761 14.07 3.28 -9.17
N MET B 762 14.71 4.09 -8.32
CA MET B 762 14.75 5.54 -8.54
C MET B 762 15.82 5.96 -9.53
N GLY B 763 16.86 5.14 -9.72
CA GLY B 763 17.87 5.47 -10.71
C GLY B 763 17.36 5.49 -12.13
N LYS B 764 16.23 4.82 -12.38
CA LYS B 764 15.62 4.88 -13.70
C LYS B 764 15.02 6.25 -13.98
N GLN B 765 14.56 6.94 -12.95
CA GLN B 765 13.88 8.21 -13.10
C GLN B 765 14.81 9.40 -12.95
N ALA B 766 16.11 9.17 -12.80
CA ALA B 766 17.06 10.27 -12.69
C ALA B 766 17.27 10.94 -14.05
N MET B 767 17.43 12.26 -14.01
CA MET B 767 17.61 13.05 -15.21
C MET B 767 19.09 13.09 -15.56
N GLY B 768 19.40 12.83 -16.82
CA GLY B 768 20.75 12.93 -17.31
C GLY B 768 20.70 13.12 -18.81
N VAL B 769 21.77 12.70 -19.48
CA VAL B 769 21.79 12.61 -20.93
C VAL B 769 21.63 11.14 -21.29
N TYR B 770 20.52 10.79 -21.93
CA TYR B 770 20.24 9.38 -22.18
C TYR B 770 20.99 8.86 -23.41
N LEU B 771 20.97 9.62 -24.49
CA LEU B 771 21.79 9.34 -25.66
C LEU B 771 22.44 10.62 -26.11
N THR B 772 23.65 10.49 -26.65
CA THR B 772 24.36 11.67 -27.15
C THR B 772 23.62 12.34 -28.29
N ASN B 773 22.83 11.57 -29.05
CA ASN B 773 22.12 12.11 -30.21
C ASN B 773 20.70 12.53 -29.89
N TYR B 774 20.43 12.92 -28.64
CA TYR B 774 19.10 13.39 -28.28
C TYR B 774 18.74 14.66 -29.04
N GLN B 775 19.72 15.38 -29.57
CA GLN B 775 19.45 16.59 -30.33
C GLN B 775 18.70 16.27 -31.62
N VAL B 776 19.12 15.21 -32.31
CA VAL B 776 18.53 14.85 -33.60
C VAL B 776 17.36 13.89 -33.45
N ARG B 777 17.07 13.43 -32.23
CA ARG B 777 15.97 12.52 -31.99
C ARG B 777 14.73 13.30 -31.58
N MET B 778 13.61 13.03 -32.25
CA MET B 778 12.35 13.67 -31.92
C MET B 778 11.50 12.74 -31.04
N ASP B 779 11.96 12.59 -29.81
CA ASP B 779 11.27 11.75 -28.84
C ASP B 779 10.01 12.45 -28.32
N THR B 780 9.05 11.64 -27.85
CA THR B 780 7.83 12.21 -27.30
C THR B 780 8.11 12.98 -26.02
N MET B 781 9.06 12.49 -25.22
CA MET B 781 9.42 13.12 -23.96
C MET B 781 10.91 12.90 -23.74
N ALA B 782 11.60 13.96 -23.30
CA ALA B 782 13.01 13.85 -22.96
C ALA B 782 13.32 14.85 -21.86
N ASN B 783 14.16 14.43 -20.92
CA ASN B 783 14.62 15.30 -19.84
C ASN B 783 16.13 15.23 -19.80
N ILE B 784 16.78 16.38 -19.91
CA ILE B 784 18.23 16.45 -20.05
C ILE B 784 18.78 17.34 -18.95
N LEU B 785 19.83 16.88 -18.27
CA LEU B 785 20.50 17.70 -17.28
C LEU B 785 21.47 18.65 -17.97
N TYR B 786 21.46 19.92 -17.56
CA TYR B 786 22.39 20.89 -18.12
C TYR B 786 23.84 20.42 -17.99
N TYR B 787 24.30 20.26 -16.75
CA TYR B 787 25.71 20.03 -16.44
C TYR B 787 25.85 18.75 -15.63
N PRO B 788 25.64 17.59 -16.26
CA PRO B 788 25.86 16.33 -15.54
C PRO B 788 27.30 16.17 -15.12
N GLN B 789 27.51 15.60 -13.94
CA GLN B 789 28.83 15.31 -13.42
C GLN B 789 28.92 13.83 -13.10
N LYS B 790 30.09 13.25 -13.28
CA LYS B 790 30.27 11.89 -12.84
C LYS B 790 30.46 11.85 -11.33
N PRO B 791 30.01 10.79 -10.66
CA PRO B 791 30.15 10.75 -9.20
C PRO B 791 31.60 10.76 -8.76
N LEU B 792 31.83 11.32 -7.57
CA LEU B 792 33.16 11.26 -6.96
C LEU B 792 33.44 9.86 -6.42
N ALA B 793 32.42 9.20 -5.89
CA ALA B 793 32.52 7.82 -5.44
C ALA B 793 31.87 6.92 -6.48
N THR B 794 32.66 6.05 -7.09
CA THR B 794 32.22 5.23 -8.20
C THR B 794 32.54 3.77 -7.94
N THR B 795 31.70 2.89 -8.49
CA THR B 795 31.95 1.46 -8.46
C THR B 795 32.72 1.04 -9.71
N ARG B 796 33.55 0.03 -9.57
CA ARG B 796 34.35 -0.43 -10.70
C ARG B 796 33.48 -0.95 -11.84
N SER B 797 32.26 -1.39 -11.53
CA SER B 797 31.33 -1.83 -12.57
C SER B 797 30.84 -0.69 -13.44
N MET B 798 31.04 0.56 -13.02
CA MET B 798 30.54 1.70 -13.78
C MET B 798 31.26 1.83 -15.12
N GLU B 799 32.50 1.34 -15.20
CA GLU B 799 33.25 1.45 -16.45
C GLU B 799 32.51 0.75 -17.58
N TYR B 800 31.83 -0.35 -17.26
CA TYR B 800 31.12 -1.14 -18.27
C TYR B 800 29.69 -0.67 -18.48
N LEU B 801 29.09 -0.04 -17.48
CA LEU B 801 27.78 0.58 -17.65
C LEU B 801 27.87 1.96 -18.27
N LYS B 802 29.07 2.51 -18.38
CA LYS B 802 29.29 3.83 -18.99
C LYS B 802 28.45 4.90 -18.30
N PHE B 803 28.46 4.87 -16.97
CA PHE B 803 27.79 5.90 -16.18
C PHE B 803 28.63 7.18 -16.13
N ARG B 804 29.96 7.05 -16.13
CA ARG B 804 30.81 8.24 -16.17
C ARG B 804 30.65 8.98 -17.48
N GLU B 805 30.41 8.25 -18.58
CA GLU B 805 30.25 8.88 -19.88
C GLU B 805 28.93 9.64 -19.97
N LEU B 806 27.85 9.06 -19.45
CA LEU B 806 26.51 9.64 -19.53
C LEU B 806 25.87 9.62 -18.15
N PRO B 807 26.38 10.41 -17.21
CA PRO B 807 25.85 10.38 -15.85
C PRO B 807 24.51 11.09 -15.74
N ALA B 808 23.81 10.83 -14.63
CA ALA B 808 22.46 11.31 -14.41
C ALA B 808 22.33 11.96 -13.04
N GLY B 809 23.28 12.80 -12.69
CA GLY B 809 23.21 13.50 -11.42
C GLY B 809 24.30 14.52 -11.28
N GLN B 810 24.46 15.01 -10.06
CA GLN B 810 25.50 16.00 -9.78
C GLN B 810 26.01 15.79 -8.37
N ASN B 811 27.25 16.21 -8.14
CA ASN B 811 27.85 16.16 -6.80
C ASN B 811 27.47 17.45 -6.08
N ALA B 812 26.53 17.37 -5.16
CA ALA B 812 26.13 18.53 -4.37
C ALA B 812 26.85 18.50 -3.04
N ILE B 813 27.20 19.67 -2.53
CA ILE B 813 27.73 19.78 -1.17
C ILE B 813 26.55 19.67 -0.23
N VAL B 814 26.48 18.57 0.53
CA VAL B 814 25.36 18.27 1.41
C VAL B 814 25.83 18.42 2.85
N ALA B 815 25.03 19.12 3.64
CA ALA B 815 25.20 19.20 5.09
C ALA B 815 24.02 18.51 5.76
N ILE B 816 24.32 17.60 6.68
CA ILE B 816 23.28 16.94 7.48
C ILE B 816 23.07 17.81 8.71
N LEU B 817 21.97 18.57 8.71
CA LEU B 817 21.78 19.60 9.72
C LEU B 817 20.30 19.90 9.85
N CYS B 818 19.90 20.32 11.05
CA CYS B 818 18.55 20.83 11.31
C CYS B 818 18.65 22.35 11.24
N TYR B 819 18.30 22.91 10.09
CA TYR B 819 18.44 24.34 9.82
C TYR B 819 17.09 24.89 9.41
N SER B 820 16.41 25.56 10.34
CA SER B 820 15.13 26.23 10.19
C SER B 820 13.95 25.26 10.14
N GLY B 821 14.19 23.95 10.11
CA GLY B 821 13.08 23.02 10.12
C GLY B 821 12.28 22.92 8.85
N TYR B 822 12.87 23.30 7.71
CA TYR B 822 12.21 23.18 6.42
C TYR B 822 12.66 21.94 5.67
N ASN B 823 13.44 21.06 6.30
CA ASN B 823 13.86 19.81 5.68
C ASN B 823 13.38 18.61 6.48
N GLN B 824 12.23 18.74 7.16
CA GLN B 824 11.69 17.66 7.96
C GLN B 824 10.80 16.75 7.12
N GLU B 825 10.62 15.52 7.61
CA GLU B 825 9.79 14.51 6.95
C GLU B 825 10.24 14.30 5.49
N ASP B 826 11.56 14.17 5.32
CA ASP B 826 12.15 13.84 4.03
C ASP B 826 12.08 15.00 3.03
N SER B 827 12.18 16.23 3.52
CA SER B 827 12.41 17.38 2.67
C SER B 827 13.87 17.78 2.72
N ILE B 828 14.28 18.60 1.76
CA ILE B 828 15.63 19.13 1.73
C ILE B 828 15.56 20.63 1.51
N ILE B 829 16.62 21.31 1.93
CA ILE B 829 16.83 22.72 1.66
C ILE B 829 17.91 22.84 0.61
N MET B 830 17.62 23.54 -0.48
CA MET B 830 18.56 23.74 -1.58
C MET B 830 19.04 25.17 -1.59
N ASN B 831 20.35 25.35 -1.74
CA ASN B 831 20.92 26.68 -1.91
C ASN B 831 20.33 27.35 -3.14
N GLN B 832 19.82 28.57 -2.97
CA GLN B 832 19.23 29.29 -4.10
C GLN B 832 20.30 29.85 -5.02
N ALA B 833 21.44 30.24 -4.48
CA ALA B 833 22.55 30.68 -5.32
C ALA B 833 23.03 29.55 -6.20
N SER B 834 23.13 28.33 -5.66
CA SER B 834 23.53 27.18 -6.45
C SER B 834 22.53 26.92 -7.58
N ILE B 835 21.24 27.09 -7.30
CA ILE B 835 20.23 26.96 -8.34
C ILE B 835 20.44 28.02 -9.41
N ASP B 836 20.72 29.26 -9.00
CA ASP B 836 20.89 30.34 -9.95
C ASP B 836 22.08 30.11 -10.86
N ARG B 837 23.07 29.35 -10.41
CA ARG B 837 24.28 29.08 -11.18
C ARG B 837 24.17 27.82 -12.02
N GLY B 838 23.03 27.14 -12.03
CA GLY B 838 22.81 26.01 -12.90
C GLY B 838 22.77 24.66 -12.23
N LEU B 839 22.72 24.60 -10.90
CA LEU B 839 22.65 23.31 -10.22
C LEU B 839 21.31 22.64 -10.51
N PHE B 840 21.37 21.38 -10.94
CA PHE B 840 20.19 20.55 -11.17
C PHE B 840 19.20 21.22 -12.12
N ARG B 841 19.68 22.06 -13.02
CA ARG B 841 18.84 22.61 -14.07
C ARG B 841 18.68 21.59 -15.19
N SER B 842 17.50 21.59 -15.82
CA SER B 842 17.21 20.59 -16.84
C SER B 842 16.43 21.20 -17.98
N ILE B 843 16.34 20.45 -19.07
CA ILE B 843 15.58 20.80 -20.25
C ILE B 843 14.53 19.72 -20.44
N PHE B 844 13.30 20.12 -20.70
CA PHE B 844 12.22 19.21 -21.01
C PHE B 844 11.85 19.38 -22.48
N TYR B 845 11.96 18.31 -23.26
CA TYR B 845 11.55 18.29 -24.65
C TYR B 845 10.29 17.44 -24.78
N ARG B 846 9.30 17.97 -25.48
CA ARG B 846 8.14 17.19 -25.88
C ARG B 846 8.00 17.26 -27.39
N THR B 847 7.36 16.26 -27.99
CA THR B 847 7.18 16.21 -29.44
C THR B 847 5.73 15.91 -29.75
N TYR B 848 5.14 16.70 -30.65
CA TYR B 848 3.79 16.51 -31.15
C TYR B 848 3.86 16.03 -32.59
N THR B 849 3.20 14.91 -32.88
CA THR B 849 3.21 14.33 -34.21
C THR B 849 1.86 14.55 -34.86
N ASP B 850 1.87 14.95 -36.13
CA ASP B 850 0.65 15.02 -36.91
C ASP B 850 0.97 14.60 -38.34
N GLN B 851 -0.07 14.22 -39.08
CA GLN B 851 0.12 13.80 -40.45
C GLN B 851 -1.17 13.99 -41.22
N GLU B 852 -1.05 13.94 -42.54
CA GLU B 852 -2.19 14.10 -43.43
C GLU B 852 -2.89 12.76 -43.57
N LYS B 853 -4.19 12.73 -43.31
CA LYS B 853 -4.98 11.53 -43.50
C LYS B 853 -5.60 11.54 -44.90
N LYS B 854 -6.20 10.42 -45.26
CA LYS B 854 -6.82 10.27 -46.57
C LYS B 854 -7.65 9.00 -46.58
N ILE B 855 -8.82 9.06 -47.22
CA ILE B 855 -9.69 7.91 -47.41
C ILE B 855 -10.14 7.91 -48.86
N GLY B 856 -10.13 6.74 -49.49
CA GLY B 856 -10.45 6.67 -50.90
C GLY B 856 -9.44 7.46 -51.71
N MET B 857 -9.92 8.14 -52.76
CA MET B 857 -9.06 8.93 -53.63
C MET B 857 -9.07 10.41 -53.30
N THR B 858 -9.81 10.83 -52.28
CA THR B 858 -9.94 12.24 -51.92
C THR B 858 -9.27 12.50 -50.57
N VAL B 859 -8.37 13.47 -50.54
CA VAL B 859 -7.70 13.85 -49.30
C VAL B 859 -8.60 14.79 -48.52
N MET B 860 -8.89 14.43 -47.27
CA MET B 860 -9.78 15.20 -46.41
C MET B 860 -9.04 15.92 -45.29
N GLU B 861 -7.74 16.16 -45.44
CA GLU B 861 -6.98 16.95 -44.49
C GLU B 861 -5.94 17.78 -45.23
N GLU B 862 -5.72 18.99 -44.73
CA GLU B 862 -4.74 19.91 -45.31
C GLU B 862 -4.05 20.66 -44.19
N PHE B 863 -2.72 20.66 -44.21
CA PHE B 863 -1.94 21.50 -43.31
C PHE B 863 -1.99 22.92 -43.87
N GLU B 864 -2.81 23.76 -43.26
CA GLU B 864 -3.01 25.12 -43.71
C GLU B 864 -3.27 26.00 -42.51
N ARG B 865 -3.13 27.31 -42.69
CA ARG B 865 -3.52 28.25 -41.66
C ARG B 865 -5.02 28.45 -41.75
N PRO B 866 -5.80 27.83 -40.87
CA PRO B 866 -7.27 27.93 -41.00
C PRO B 866 -7.72 29.38 -40.87
N VAL B 867 -8.80 29.70 -41.55
CA VAL B 867 -9.36 31.05 -41.59
C VAL B 867 -10.76 31.01 -40.99
N ARG B 868 -11.04 31.99 -40.11
CA ARG B 868 -12.33 32.03 -39.44
C ARG B 868 -13.50 32.00 -40.42
N SER B 869 -13.29 32.58 -41.60
CA SER B 869 -14.39 32.81 -42.54
C SER B 869 -14.88 31.53 -43.21
N THR B 870 -14.11 30.43 -43.18
CA THR B 870 -14.50 29.23 -43.91
C THR B 870 -14.46 27.99 -43.03
N THR B 871 -13.58 27.95 -42.04
CA THR B 871 -13.42 26.76 -41.21
C THR B 871 -14.38 26.81 -40.04
N LEU B 872 -15.16 25.75 -39.88
CA LEU B 872 -16.17 25.64 -38.84
C LEU B 872 -15.59 24.97 -37.61
N ARG B 873 -16.06 25.41 -36.44
CA ARG B 873 -15.60 24.88 -35.16
C ARG B 873 -14.08 25.04 -35.02
N MET B 874 -13.65 26.29 -34.99
CA MET B 874 -12.25 26.62 -34.75
C MET B 874 -12.00 26.76 -33.26
N LYS B 875 -10.86 26.24 -32.81
CA LYS B 875 -10.53 26.25 -31.40
C LYS B 875 -10.35 27.68 -30.91
N HIS B 876 -10.18 27.81 -29.60
CA HIS B 876 -10.04 29.11 -28.95
C HIS B 876 -8.59 29.55 -28.79
N GLY B 877 -7.64 28.73 -29.20
CA GLY B 877 -6.25 29.11 -29.14
C GLY B 877 -5.92 30.13 -30.21
N THR B 878 -4.66 30.58 -30.18
CA THR B 878 -4.18 31.59 -31.12
C THR B 878 -3.74 30.92 -32.41
N TYR B 879 -4.23 31.42 -33.53
CA TYR B 879 -3.78 30.99 -34.85
C TYR B 879 -2.79 31.95 -35.47
N ASP B 880 -2.33 32.94 -34.71
CA ASP B 880 -1.45 33.97 -35.25
C ASP B 880 0.01 33.55 -35.28
N LYS B 881 0.39 32.49 -34.57
CA LYS B 881 1.76 32.03 -34.56
C LYS B 881 2.03 30.97 -35.62
N LEU B 882 1.01 30.57 -36.38
CA LEU B 882 1.18 29.63 -37.47
C LEU B 882 1.66 30.34 -38.73
N GLU B 883 2.49 29.66 -39.49
CA GLU B 883 3.03 30.20 -40.72
C GLU B 883 2.12 29.81 -41.89
N ASP B 884 2.53 30.20 -43.10
CA ASP B 884 1.67 30.02 -44.26
C ASP B 884 1.40 28.56 -44.55
N ASP B 885 2.34 27.67 -44.23
CA ASP B 885 2.15 26.24 -44.44
C ASP B 885 1.46 25.56 -43.27
N GLY B 886 0.75 26.32 -42.44
CA GLY B 886 -0.02 25.75 -41.35
C GLY B 886 0.79 25.25 -40.19
N LEU B 887 2.09 25.51 -40.16
CA LEU B 887 2.97 25.03 -39.11
C LEU B 887 3.54 26.23 -38.34
N ILE B 888 4.36 25.91 -37.35
CA ILE B 888 4.92 26.88 -36.42
C ILE B 888 6.43 26.81 -36.51
N ALA B 889 7.08 27.95 -36.66
CA ALA B 889 8.51 27.96 -36.93
C ALA B 889 9.32 27.72 -35.66
N PRO B 890 10.51 27.12 -35.78
CA PRO B 890 11.38 26.98 -34.61
C PRO B 890 11.78 28.33 -34.03
N GLY B 891 11.95 28.34 -32.73
CA GLY B 891 12.35 29.54 -32.02
C GLY B 891 11.21 30.39 -31.51
N THR B 892 9.98 30.11 -31.93
CA THR B 892 8.85 30.90 -31.46
C THR B 892 8.39 30.42 -30.09
N ARG B 893 7.64 31.28 -29.42
CA ARG B 893 7.20 31.08 -28.04
C ARG B 893 5.71 30.78 -28.04
N VAL B 894 5.32 29.70 -27.38
CA VAL B 894 3.92 29.31 -27.27
C VAL B 894 3.60 28.96 -25.83
N SER B 895 2.31 28.93 -25.53
CA SER B 895 1.84 28.63 -24.19
C SER B 895 0.47 27.99 -24.28
N GLY B 896 0.10 27.31 -23.21
CA GLY B 896 -1.26 26.83 -23.05
C GLY B 896 -1.83 26.16 -24.27
N GLU B 897 -2.86 26.78 -24.86
CA GLU B 897 -3.63 26.19 -25.95
C GLU B 897 -3.26 26.78 -27.30
N ASP B 898 -2.11 27.44 -27.41
CA ASP B 898 -1.70 28.01 -28.69
C ASP B 898 -1.55 26.91 -29.73
N ILE B 899 -2.08 27.16 -30.93
CA ILE B 899 -2.02 26.18 -31.99
C ILE B 899 -0.60 26.11 -32.54
N ILE B 900 -0.05 24.90 -32.59
CA ILE B 900 1.27 24.69 -33.15
C ILE B 900 1.22 24.00 -34.51
N ILE B 901 0.11 23.34 -34.85
CA ILE B 901 -0.07 22.74 -36.17
C ILE B 901 -1.48 23.07 -36.64
N GLY B 902 -1.59 23.66 -37.82
CA GLY B 902 -2.87 24.05 -38.38
C GLY B 902 -3.31 23.07 -39.44
N LYS B 903 -4.41 22.36 -39.17
CA LYS B 903 -4.93 21.36 -40.08
C LYS B 903 -6.43 21.52 -40.20
N THR B 904 -6.96 21.33 -41.41
CA THR B 904 -8.38 21.46 -41.68
C THR B 904 -8.86 20.25 -42.46
N ALA B 905 -10.15 19.93 -42.30
CA ALA B 905 -10.76 18.79 -42.98
C ALA B 905 -12.02 19.26 -43.68
N PRO B 906 -12.21 18.95 -44.97
CA PRO B 906 -13.43 19.38 -45.66
C PRO B 906 -14.67 18.74 -45.06
N ILE B 907 -15.78 19.48 -45.13
CA ILE B 907 -17.08 19.00 -44.68
C ILE B 907 -17.87 18.57 -45.91
N PRO B 908 -18.73 17.55 -45.82
CA PRO B 908 -19.60 17.23 -46.96
C PRO B 908 -20.51 18.40 -47.29
N LEU B 909 -20.74 18.60 -48.59
CA LEU B 909 -21.59 19.70 -49.03
C LEU B 909 -23.04 19.54 -48.61
N ASP B 910 -23.44 18.33 -48.22
CA ASP B 910 -24.83 18.06 -47.86
C ASP B 910 -25.16 18.45 -46.42
N HIS B 911 -24.17 18.77 -45.60
CA HIS B 911 -24.40 19.02 -44.18
C HIS B 911 -24.82 20.47 -43.96
N GLU B 912 -25.85 20.66 -43.14
CA GLU B 912 -26.41 21.96 -42.82
C GLU B 912 -26.50 22.06 -41.30
N GLU B 913 -25.55 22.76 -40.67
CA GLU B 913 -25.47 22.85 -39.21
C GLU B 913 -26.14 24.14 -38.76
N LEU B 914 -27.47 24.11 -38.70
CA LEU B 914 -28.30 25.18 -38.15
C LEU B 914 -28.12 26.51 -38.87
N GLY B 915 -27.41 26.54 -39.99
CA GLY B 915 -27.04 27.78 -40.63
C GLY B 915 -25.78 28.41 -40.10
N GLN B 916 -25.23 27.89 -39.00
CA GLN B 916 -23.94 28.38 -38.53
C GLN B 916 -22.87 28.22 -39.60
N ARG B 917 -23.02 27.21 -40.45
CA ARG B 917 -22.11 26.99 -41.58
C ARG B 917 -22.62 27.83 -42.75
N THR B 918 -22.14 29.06 -42.84
CA THR B 918 -22.53 29.93 -43.94
C THR B 918 -22.13 29.29 -45.27
N GLN B 919 -22.59 29.89 -46.37
CA GLN B 919 -22.21 29.41 -47.68
C GLN B 919 -20.69 29.40 -47.84
N LEU B 920 -20.01 30.26 -47.10
CA LEU B 920 -18.55 30.27 -47.12
C LEU B 920 -17.95 29.12 -46.31
N HIS B 921 -18.61 28.72 -45.22
CA HIS B 921 -18.09 27.68 -44.35
C HIS B 921 -18.15 26.34 -45.08
N ALA B 922 -16.98 25.77 -45.38
CA ALA B 922 -16.88 24.48 -46.05
C ALA B 922 -16.01 23.48 -45.32
N LYS B 923 -15.08 23.93 -44.49
CA LYS B 923 -14.14 23.06 -43.79
C LYS B 923 -14.41 23.08 -42.29
N ARG B 924 -13.67 22.24 -41.57
CA ARG B 924 -13.70 22.20 -40.12
C ARG B 924 -12.28 22.10 -39.59
N ASP B 925 -12.03 22.76 -38.46
CA ASP B 925 -10.70 22.81 -37.89
C ASP B 925 -10.41 21.52 -37.14
N VAL B 926 -9.25 20.93 -37.41
CA VAL B 926 -8.78 19.75 -36.69
C VAL B 926 -7.35 20.02 -36.20
N SER B 927 -7.04 21.28 -35.94
CA SER B 927 -5.68 21.68 -35.60
C SER B 927 -5.23 21.03 -34.29
N THR B 928 -3.95 21.21 -33.99
CA THR B 928 -3.32 20.60 -32.82
C THR B 928 -2.85 21.68 -31.85
N PRO B 929 -3.59 21.94 -30.76
CA PRO B 929 -3.13 22.93 -29.79
C PRO B 929 -2.08 22.37 -28.86
N LEU B 930 -1.22 23.27 -28.37
CA LEU B 930 -0.26 22.89 -27.35
C LEU B 930 -0.98 22.50 -26.07
N ARG B 931 -0.32 21.67 -25.27
CA ARG B 931 -0.94 21.19 -24.04
C ARG B 931 -1.25 22.36 -23.11
N SER B 932 -2.47 22.33 -22.53
CA SER B 932 -2.95 23.45 -21.74
C SER B 932 -2.03 23.74 -20.56
N THR B 933 -1.36 22.71 -20.03
CA THR B 933 -0.55 22.85 -18.84
C THR B 933 0.92 23.10 -19.15
N GLU B 934 1.27 23.32 -20.41
CA GLU B 934 2.66 23.43 -20.83
C GLU B 934 2.86 24.66 -21.68
N SER B 935 4.10 25.16 -21.68
CA SER B 935 4.49 26.30 -22.47
C SER B 935 5.99 26.20 -22.75
N GLY B 936 6.44 26.90 -23.78
CA GLY B 936 7.86 26.88 -24.08
C GLY B 936 8.18 27.48 -25.43
N ILE B 937 9.29 27.03 -25.99
CA ILE B 937 9.81 27.53 -27.26
C ILE B 937 9.82 26.37 -28.25
N VAL B 938 9.37 26.62 -29.47
CA VAL B 938 9.40 25.59 -30.50
C VAL B 938 10.87 25.31 -30.80
N ASP B 939 11.34 24.13 -30.41
CA ASP B 939 12.73 23.76 -30.63
C ASP B 939 12.97 23.36 -32.07
N GLN B 940 12.02 22.67 -32.70
CA GLN B 940 12.29 22.05 -33.99
C GLN B 940 10.97 21.70 -34.65
N VAL B 941 10.97 21.71 -35.99
CA VAL B 941 9.78 21.31 -36.75
C VAL B 941 10.26 20.48 -37.94
N MET B 942 10.13 19.16 -37.85
CA MET B 942 10.53 18.22 -38.88
C MET B 942 9.37 18.00 -39.83
N VAL B 943 9.65 18.01 -41.13
CA VAL B 943 8.64 17.81 -42.17
C VAL B 943 9.13 16.71 -43.09
N THR B 944 8.25 15.76 -43.40
CA THR B 944 8.59 14.64 -44.26
C THR B 944 7.28 14.08 -44.84
N THR B 945 7.37 12.88 -45.42
CA THR B 945 6.20 12.17 -45.91
C THR B 945 6.19 10.77 -45.31
N ASN B 946 4.98 10.26 -45.09
CA ASN B 946 4.80 8.96 -44.45
C ASN B 946 4.84 7.85 -45.50
N GLN B 947 4.62 6.61 -45.05
CA GLN B 947 4.62 5.46 -45.95
C GLN B 947 3.67 5.67 -47.12
N GLU B 948 2.55 6.34 -46.89
CA GLU B 948 1.51 6.54 -47.89
C GLU B 948 1.75 7.77 -48.75
N GLY B 949 2.89 8.44 -48.61
CA GLY B 949 3.17 9.62 -49.41
C GLY B 949 2.41 10.85 -49.01
N LEU B 950 1.88 10.90 -47.79
CA LEU B 950 1.20 12.08 -47.28
C LEU B 950 2.11 12.83 -46.32
N LYS B 951 1.81 14.12 -46.15
CA LYS B 951 2.68 15.02 -45.40
C LYS B 951 2.64 14.68 -43.92
N PHE B 952 3.79 14.82 -43.25
CA PHE B 952 3.99 14.27 -41.92
C PHE B 952 4.91 15.20 -41.15
N VAL B 953 4.42 15.78 -40.06
CA VAL B 953 5.13 16.84 -39.33
C VAL B 953 5.31 16.42 -37.88
N LYS B 954 6.45 16.79 -37.31
CA LYS B 954 6.73 16.61 -35.89
C LYS B 954 7.27 17.91 -35.31
N VAL B 955 6.63 18.42 -34.27
CA VAL B 955 7.00 19.68 -33.64
C VAL B 955 7.57 19.39 -32.26
N ARG B 956 8.84 19.70 -32.05
CA ARG B 956 9.50 19.51 -30.76
C ARG B 956 9.60 20.85 -30.04
N MET B 957 9.06 20.88 -28.82
CA MET B 957 9.11 22.01 -27.92
C MET B 957 10.13 21.74 -26.83
N ARG B 958 10.85 22.77 -26.41
CA ARG B 958 11.76 22.67 -25.28
C ARG B 958 11.36 23.70 -24.23
N SER B 959 11.62 23.36 -22.97
CA SER B 959 11.26 24.21 -21.85
C SER B 959 12.24 23.94 -20.71
N THR B 960 12.96 24.97 -20.28
CA THR B 960 13.93 24.79 -19.20
C THR B 960 13.20 24.71 -17.85
N ARG B 961 13.60 23.74 -17.03
CA ARG B 961 13.06 23.55 -15.69
C ARG B 961 14.17 23.79 -14.69
N ILE B 962 13.97 24.78 -13.82
CA ILE B 962 14.91 25.13 -12.77
C ILE B 962 14.39 24.50 -11.47
N PRO B 963 15.24 23.92 -10.64
CA PRO B 963 14.74 23.32 -9.40
C PRO B 963 13.98 24.35 -8.56
N GLN B 964 12.84 23.93 -8.03
CA GLN B 964 12.01 24.78 -7.20
C GLN B 964 11.43 23.94 -6.08
N ILE B 965 10.65 24.59 -5.21
CA ILE B 965 10.06 23.91 -4.08
C ILE B 965 9.03 22.90 -4.58
N GLY B 966 9.19 21.64 -4.18
CA GLY B 966 8.30 20.58 -4.57
C GLY B 966 8.87 19.58 -5.55
N ASP B 967 10.15 19.66 -5.89
CA ASP B 967 10.75 18.82 -6.92
C ASP B 967 11.51 17.68 -6.25
N LYS B 968 11.33 16.47 -6.76
CA LYS B 968 11.94 15.30 -6.16
C LYS B 968 13.43 15.24 -6.48
N PHE B 969 14.22 14.99 -5.45
CA PHE B 969 15.64 14.67 -5.57
C PHE B 969 15.91 13.46 -4.71
N ALA B 970 17.00 12.76 -5.02
CA ALA B 970 17.30 11.53 -4.29
C ALA B 970 18.80 11.28 -4.32
N SER B 971 19.28 10.62 -3.28
CA SER B 971 20.63 10.09 -3.27
C SER B 971 20.61 8.70 -3.91
N ARG B 972 21.78 8.08 -3.98
CA ARG B 972 21.90 6.71 -4.49
C ARG B 972 21.65 5.67 -3.41
N HIS B 973 20.91 6.02 -2.35
CA HIS B 973 20.71 5.14 -1.22
C HIS B 973 19.27 5.17 -0.74
N GLY B 974 18.33 5.37 -1.64
CA GLY B 974 16.93 5.38 -1.26
C GLY B 974 16.48 6.61 -0.49
N GLN B 975 17.31 7.65 -0.42
CA GLN B 975 17.01 8.85 0.35
C GLN B 975 16.38 9.87 -0.59
N LYS B 976 15.06 9.79 -0.74
CA LYS B 976 14.32 10.69 -1.61
C LYS B 976 13.65 11.78 -0.79
N GLY B 977 13.57 12.97 -1.38
CA GLY B 977 12.90 14.07 -0.73
C GLY B 977 12.49 15.09 -1.78
N THR B 978 11.76 16.10 -1.33
CA THR B 978 11.40 17.23 -2.17
C THR B 978 12.02 18.49 -1.57
N ILE B 979 12.17 19.52 -2.40
CA ILE B 979 12.67 20.79 -1.90
C ILE B 979 11.56 21.44 -1.08
N GLY B 980 11.86 21.79 0.17
CA GLY B 980 10.91 22.44 1.03
C GLY B 980 11.15 23.93 1.10
N MET B 981 12.40 24.34 0.90
CA MET B 981 12.75 25.75 0.96
C MET B 981 14.12 25.96 0.34
N THR B 982 14.34 27.15 -0.19
CA THR B 982 15.61 27.55 -0.77
C THR B 982 16.11 28.78 -0.04
N TYR B 983 17.39 28.77 0.34
CA TYR B 983 18.04 29.89 0.98
C TYR B 983 19.20 30.38 0.12
N ARG B 984 19.46 31.68 0.18
CA ARG B 984 20.54 32.25 -0.61
C ARG B 984 21.87 32.09 0.11
N HIS B 985 22.94 32.43 -0.61
CA HIS B 985 24.30 32.18 -0.13
C HIS B 985 24.52 32.78 1.26
N GLU B 986 23.99 33.97 1.51
CA GLU B 986 24.29 34.65 2.77
C GLU B 986 23.60 33.99 3.95
N ASP B 987 22.45 33.34 3.73
CA ASP B 987 21.61 32.83 4.80
C ASP B 987 21.92 31.39 5.19
N MET B 988 22.88 30.76 4.55
CA MET B 988 23.10 29.35 4.86
C MET B 988 24.35 29.17 5.71
N PRO B 989 24.42 28.10 6.49
CA PRO B 989 25.60 27.87 7.34
C PRO B 989 26.85 27.70 6.49
N PHE B 990 27.96 28.19 7.00
CA PHE B 990 29.23 28.15 6.29
C PHE B 990 30.31 27.61 7.19
N SER B 991 31.36 27.08 6.57
CA SER B 991 32.55 26.64 7.28
C SER B 991 33.54 27.79 7.41
N ALA B 992 34.68 27.50 8.04
CA ALA B 992 35.72 28.52 8.18
C ALA B 992 36.43 28.81 6.87
N GLN B 993 36.24 27.98 5.84
CA GLN B 993 36.70 28.27 4.50
C GLN B 993 35.67 29.01 3.66
N GLY B 994 34.44 29.14 4.16
CA GLY B 994 33.36 29.72 3.40
C GLY B 994 32.58 28.74 2.56
N ILE B 995 32.74 27.44 2.77
CA ILE B 995 31.95 26.46 2.05
C ILE B 995 30.51 26.56 2.53
N VAL B 996 29.59 26.76 1.60
CA VAL B 996 28.16 26.74 1.87
C VAL B 996 27.59 25.49 1.21
N PRO B 997 26.78 24.70 1.90
CA PRO B 997 26.21 23.51 1.25
C PRO B 997 25.24 23.87 0.14
N ASP B 998 25.18 22.99 -0.86
CA ASP B 998 24.15 23.10 -1.88
C ASP B 998 22.81 22.59 -1.36
N ILE B 999 22.85 21.54 -0.56
CA ILE B 999 21.66 20.87 -0.04
C ILE B 999 21.84 20.65 1.45
N ILE B 1000 20.76 20.81 2.21
CA ILE B 1000 20.74 20.49 3.63
C ILE B 1000 19.66 19.42 3.83
N ILE B 1001 20.06 18.28 4.41
CA ILE B 1001 19.14 17.19 4.66
C ILE B 1001 19.05 16.96 6.16
N ASN B 1002 17.93 16.43 6.58
CA ASN B 1002 17.66 16.27 8.00
C ASN B 1002 18.44 15.08 8.56
N PRO B 1003 19.00 15.20 9.77
CA PRO B 1003 19.65 14.03 10.39
C PRO B 1003 18.72 12.85 10.58
N HIS B 1004 17.44 13.12 10.85
CA HIS B 1004 16.50 12.05 11.18
C HIS B 1004 16.30 11.06 10.06
N ALA B 1005 16.71 11.40 8.83
CA ALA B 1005 16.60 10.44 7.74
C ALA B 1005 17.57 9.28 7.89
N ILE B 1006 18.66 9.45 8.64
CA ILE B 1006 19.72 8.45 8.68
C ILE B 1006 19.43 7.28 9.61
N PRO B 1007 19.04 7.50 10.87
CA PRO B 1007 19.04 6.41 11.85
C PRO B 1007 18.10 5.25 11.52
N SER B 1008 16.82 5.55 11.33
CA SER B 1008 15.85 4.48 11.10
C SER B 1008 16.15 3.73 9.80
N ARG B 1009 16.51 4.47 8.75
CA ARG B 1009 16.78 3.85 7.46
C ARG B 1009 18.11 3.12 7.41
N MET B 1010 19.06 3.48 8.29
CA MET B 1010 20.34 2.77 8.40
C MET B 1010 21.08 2.77 7.07
N THR B 1011 20.99 3.87 6.33
CA THR B 1011 21.74 4.04 5.09
C THR B 1011 23.14 4.57 5.41
N VAL B 1012 23.94 3.71 6.04
CA VAL B 1012 25.31 4.06 6.35
C VAL B 1012 26.14 4.29 5.09
N ALA B 1013 25.72 3.68 3.98
CA ALA B 1013 26.43 3.89 2.72
C ALA B 1013 26.39 5.36 2.32
N HIS B 1014 25.32 6.08 2.67
CA HIS B 1014 25.23 7.50 2.37
C HIS B 1014 26.34 8.28 3.08
N LEU B 1015 26.56 7.98 4.36
CA LEU B 1015 27.60 8.67 5.12
C LEU B 1015 28.98 8.28 4.65
N VAL B 1016 29.19 6.99 4.37
CA VAL B 1016 30.49 6.56 3.85
C VAL B 1016 30.76 7.21 2.50
N GLU B 1017 29.73 7.32 1.66
CA GLU B 1017 29.87 8.01 0.39
C GLU B 1017 30.26 9.46 0.59
N CYS B 1018 29.59 10.16 1.50
CA CYS B 1018 29.92 11.56 1.70
C CYS B 1018 31.36 11.73 2.14
N GLN B 1019 31.81 10.90 3.09
CA GLN B 1019 33.20 11.01 3.56
C GLN B 1019 34.19 10.69 2.44
N LEU B 1020 33.93 9.63 1.69
CA LEU B 1020 34.84 9.24 0.61
C LEU B 1020 34.86 10.28 -0.51
N SER B 1021 33.70 10.86 -0.84
CA SER B 1021 33.64 11.89 -1.85
C SER B 1021 34.38 13.14 -1.41
N LYS B 1022 34.30 13.47 -0.13
CA LYS B 1022 35.10 14.59 0.39
C LYS B 1022 36.58 14.31 0.22
N VAL B 1023 37.01 13.09 0.56
CA VAL B 1023 38.41 12.73 0.42
C VAL B 1023 38.86 12.82 -1.03
N SER B 1024 38.02 12.34 -1.95
CA SER B 1024 38.40 12.31 -3.35
C SER B 1024 38.39 13.71 -3.97
N ALA B 1025 37.44 14.56 -3.56
CA ALA B 1025 37.45 15.94 -4.04
C ALA B 1025 38.67 16.68 -3.53
N LEU B 1026 39.12 16.37 -2.31
CA LEU B 1026 40.31 17.03 -1.79
C LEU B 1026 41.58 16.52 -2.44
N SER B 1027 41.68 15.21 -2.69
CA SER B 1027 42.91 14.62 -3.20
C SER B 1027 42.93 14.47 -4.71
N GLY B 1028 41.76 14.42 -5.36
CA GLY B 1028 41.69 14.26 -6.79
C GLY B 1028 41.65 12.83 -7.26
N PHE B 1029 42.06 11.88 -6.44
CA PHE B 1029 41.92 10.47 -6.77
C PHE B 1029 40.45 10.08 -6.72
N GLU B 1030 40.01 9.28 -7.69
CA GLU B 1030 38.62 8.82 -7.69
C GLU B 1030 38.39 7.88 -6.52
N GLY B 1031 37.17 7.89 -6.00
CA GLY B 1031 36.82 7.05 -4.87
C GLY B 1031 36.18 5.75 -5.32
N ASP B 1032 36.79 4.64 -4.92
CA ASP B 1032 36.27 3.31 -5.23
C ASP B 1032 35.25 2.92 -4.18
N ALA B 1033 33.98 2.91 -4.57
CA ALA B 1033 32.88 2.52 -3.69
C ALA B 1033 32.33 1.14 -4.07
N THR B 1034 33.16 0.30 -4.66
CA THR B 1034 32.73 -1.03 -5.05
C THR B 1034 32.45 -1.87 -3.80
N PRO B 1035 31.38 -2.65 -3.79
CA PRO B 1035 31.10 -3.49 -2.62
C PRO B 1035 32.12 -4.60 -2.47
N PHE B 1036 32.21 -5.12 -1.24
CA PHE B 1036 33.00 -6.30 -0.94
C PHE B 1036 34.48 -6.08 -1.17
N THR B 1037 34.94 -4.84 -0.97
CA THR B 1037 36.34 -4.47 -1.02
C THR B 1037 36.85 -4.27 0.40
N ASP B 1038 38.17 -4.09 0.52
CA ASP B 1038 38.80 -3.84 1.81
C ASP B 1038 38.85 -2.36 2.15
N VAL B 1039 38.03 -1.54 1.51
CA VAL B 1039 37.94 -0.11 1.80
C VAL B 1039 37.12 0.04 3.07
N THR B 1040 37.78 0.36 4.18
CA THR B 1040 37.13 0.54 5.46
C THR B 1040 36.94 2.03 5.76
N VAL B 1041 36.00 2.32 6.64
CA VAL B 1041 35.77 3.70 7.05
C VAL B 1041 36.96 4.24 7.83
N GLU B 1042 37.71 3.38 8.50
CA GLU B 1042 38.90 3.84 9.21
C GLU B 1042 39.96 4.37 8.25
N ALA B 1043 40.17 3.67 7.13
CA ALA B 1043 41.14 4.13 6.15
C ALA B 1043 40.71 5.45 5.54
N VAL B 1044 39.43 5.58 5.21
CA VAL B 1044 38.93 6.84 4.65
C VAL B 1044 39.06 7.96 5.67
N SER B 1045 38.85 7.64 6.94
CA SER B 1045 39.01 8.64 7.99
C SER B 1045 40.46 9.11 8.09
N LYS B 1046 41.41 8.19 8.01
CA LYS B 1046 42.81 8.57 8.03
C LYS B 1046 43.17 9.43 6.82
N LEU B 1047 42.65 9.07 5.64
CA LEU B 1047 42.87 9.88 4.45
C LEU B 1047 42.30 11.28 4.63
N LEU B 1048 41.09 11.39 5.18
CA LEU B 1048 40.47 12.68 5.39
C LEU B 1048 41.26 13.52 6.39
N ARG B 1049 41.72 12.90 7.47
CA ARG B 1049 42.52 13.64 8.44
C ARG B 1049 43.85 14.08 7.84
N SER B 1050 44.37 13.34 6.87
CA SER B 1050 45.63 13.74 6.24
C SER B 1050 45.49 15.03 5.46
N HIS B 1051 44.27 15.48 5.15
CA HIS B 1051 44.02 16.71 4.42
C HIS B 1051 43.70 17.88 5.34
N GLY B 1052 43.86 17.72 6.64
CA GLY B 1052 43.56 18.80 7.57
C GLY B 1052 42.09 18.95 7.89
N PHE B 1053 41.32 17.87 7.84
CA PHE B 1053 39.92 17.88 8.19
C PHE B 1053 39.67 16.89 9.32
N GLN B 1054 38.56 17.09 10.04
CA GLN B 1054 38.19 16.15 11.08
C GLN B 1054 37.92 14.79 10.44
N SER B 1055 38.53 13.74 11.02
CA SER B 1055 38.61 12.47 10.33
C SER B 1055 37.24 11.90 9.98
N ARG B 1056 36.23 12.17 10.80
CA ARG B 1056 34.91 11.60 10.59
C ARG B 1056 34.03 12.46 9.69
N GLY B 1057 34.55 13.56 9.17
CA GLY B 1057 33.79 14.37 8.24
C GLY B 1057 33.02 15.51 8.86
N PHE B 1058 33.22 15.78 10.15
CA PHE B 1058 32.55 16.90 10.79
C PHE B 1058 33.30 18.20 10.52
N GLU B 1059 32.56 19.30 10.55
CA GLU B 1059 33.13 20.62 10.35
C GLU B 1059 32.43 21.62 11.27
N VAL B 1060 33.22 22.51 11.86
CA VAL B 1060 32.63 23.64 12.58
C VAL B 1060 32.00 24.57 11.57
N MET B 1061 30.71 24.82 11.72
CA MET B 1061 29.98 25.72 10.84
C MET B 1061 29.45 26.90 11.65
N TYR B 1062 29.23 28.00 10.95
CA TYR B 1062 28.77 29.24 11.55
C TYR B 1062 27.37 29.53 11.04
N HIS B 1063 26.60 30.28 11.83
CA HIS B 1063 25.23 30.58 11.45
C HIS B 1063 25.21 31.72 10.45
N GLY B 1064 24.47 31.53 9.36
CA GLY B 1064 24.38 32.58 8.35
C GLY B 1064 23.66 33.82 8.85
N HIS B 1065 22.63 33.64 9.66
CA HIS B 1065 21.83 34.77 10.13
C HIS B 1065 22.61 35.64 11.11
N THR B 1066 23.35 35.02 12.02
CA THR B 1066 24.04 35.75 13.07
C THR B 1066 25.56 35.64 13.01
N GLY B 1067 26.11 34.81 12.14
CA GLY B 1067 27.53 34.61 12.10
C GLY B 1067 28.08 33.88 13.30
N ARG B 1068 27.21 33.37 14.16
CA ARG B 1068 27.65 32.69 15.37
C ARG B 1068 27.96 31.23 15.08
N LYS B 1069 28.95 30.73 15.78
CA LYS B 1069 29.49 29.40 15.57
C LYS B 1069 28.55 28.36 16.20
N LEU B 1070 27.98 27.50 15.36
CA LEU B 1070 26.96 26.56 15.81
C LEU B 1070 27.50 25.68 16.93
N VAL B 1071 26.62 25.35 17.88
CA VAL B 1071 27.03 24.52 19.01
C VAL B 1071 27.39 23.12 18.54
N ALA B 1072 26.67 22.61 17.55
CA ALA B 1072 26.92 21.30 16.98
C ALA B 1072 27.81 21.42 15.75
N GLN B 1073 28.68 20.44 15.56
CA GLN B 1073 29.50 20.36 14.36
C GLN B 1073 28.78 19.53 13.31
N VAL B 1074 28.85 19.96 12.06
CA VAL B 1074 27.98 19.45 11.00
C VAL B 1074 28.75 18.44 10.17
N PHE B 1075 28.02 17.43 9.69
CA PHE B 1075 28.54 16.48 8.72
C PHE B 1075 28.33 17.09 7.34
N LEU B 1076 29.41 17.57 6.75
CA LEU B 1076 29.38 18.34 5.51
C LEU B 1076 30.33 17.69 4.51
N GLY B 1077 29.84 17.48 3.29
CA GLY B 1077 30.68 16.95 2.24
C GLY B 1077 29.93 16.72 0.95
N PRO B 1078 30.65 16.39 -0.11
CA PRO B 1078 29.98 16.15 -1.39
C PRO B 1078 29.30 14.79 -1.45
N THR B 1079 28.10 14.78 -2.01
CA THR B 1079 27.30 13.57 -2.20
C THR B 1079 26.61 13.65 -3.55
N TYR B 1080 26.52 12.52 -4.22
CA TYR B 1080 25.93 12.45 -5.55
C TYR B 1080 24.41 12.41 -5.43
N TYR B 1081 23.74 13.44 -5.92
CA TYR B 1081 22.30 13.53 -5.91
C TYR B 1081 21.77 13.48 -7.34
N GLN B 1082 20.50 13.09 -7.45
CA GLN B 1082 19.83 12.87 -8.72
C GLN B 1082 18.54 13.68 -8.76
N ARG B 1083 18.33 14.40 -9.86
CA ARG B 1083 17.06 15.04 -10.13
C ARG B 1083 16.11 14.01 -10.72
N LEU B 1084 14.97 13.82 -10.09
CA LEU B 1084 14.00 12.82 -10.52
C LEU B 1084 12.94 13.44 -11.40
N LYS B 1085 12.33 12.62 -12.24
CA LYS B 1085 11.37 13.10 -13.23
C LYS B 1085 10.09 13.64 -12.61
N HIS B 1086 9.99 13.67 -11.28
CA HIS B 1086 8.79 14.11 -10.59
C HIS B 1086 8.96 15.59 -10.22
N LEU B 1087 8.40 16.47 -11.04
CA LEU B 1087 8.45 17.90 -10.83
C LEU B 1087 7.08 18.40 -10.39
N VAL B 1088 7.07 19.32 -9.43
CA VAL B 1088 5.80 19.73 -8.83
C VAL B 1088 4.88 20.33 -9.88
N ASP B 1089 5.44 21.07 -10.85
CA ASP B 1089 4.60 21.72 -11.85
C ASP B 1089 3.98 20.71 -12.80
N ASP B 1090 4.61 19.55 -12.97
CA ASP B 1090 4.01 18.46 -13.72
C ASP B 1090 2.78 17.89 -13.03
N LYS B 1091 2.59 18.18 -11.75
CA LYS B 1091 1.56 17.54 -10.95
C LYS B 1091 0.50 18.49 -10.43
N ILE B 1092 0.82 19.76 -10.19
CA ILE B 1092 -0.15 20.68 -9.62
C ILE B 1092 -1.37 20.74 -10.51
N HIS B 1093 -2.55 20.57 -9.90
CA HIS B 1093 -3.81 20.55 -10.64
C HIS B 1093 -4.90 21.13 -9.76
N ALA B 1094 -5.74 21.97 -10.35
CA ALA B 1094 -6.91 22.50 -9.68
C ALA B 1094 -8.06 22.60 -10.66
N ARG B 1095 -9.24 22.19 -10.22
CA ARG B 1095 -10.45 22.28 -11.02
C ARG B 1095 -11.52 23.02 -10.24
N ALA B 1096 -12.15 23.99 -10.88
CA ALA B 1096 -13.40 24.57 -10.40
C ALA B 1096 -14.59 23.98 -11.14
N ARG B 1097 -14.60 24.12 -12.46
CA ARG B 1097 -15.59 23.50 -13.32
C ARG B 1097 -14.98 23.35 -14.70
N GLY B 1098 -15.62 22.53 -15.53
CA GLY B 1098 -15.11 22.28 -16.86
C GLY B 1098 -15.75 21.07 -17.52
N PRO B 1099 -14.96 20.29 -18.26
CA PRO B 1099 -15.53 19.19 -19.03
C PRO B 1099 -16.13 18.11 -18.14
N VAL B 1100 -17.20 17.48 -18.63
CA VAL B 1100 -17.83 16.34 -17.98
C VAL B 1100 -17.92 15.21 -18.99
N GLN B 1101 -18.02 13.99 -18.47
CA GLN B 1101 -18.24 12.84 -19.33
C GLN B 1101 -19.61 12.93 -19.99
N ILE B 1102 -19.70 12.41 -21.22
CA ILE B 1102 -20.95 12.51 -21.97
C ILE B 1102 -22.03 11.63 -21.36
N LEU B 1103 -21.66 10.43 -20.90
CA LEU B 1103 -22.64 9.47 -20.43
C LEU B 1103 -23.10 9.78 -19.00
N THR B 1104 -22.14 9.91 -18.07
CA THR B 1104 -22.48 10.14 -16.67
C THR B 1104 -22.58 11.61 -16.30
N ARG B 1105 -22.05 12.51 -17.13
CA ARG B 1105 -22.09 13.95 -16.87
C ARG B 1105 -21.37 14.32 -15.57
N GLN B 1106 -20.33 13.59 -15.24
CA GLN B 1106 -19.48 13.88 -14.10
C GLN B 1106 -18.15 14.43 -14.56
N PRO B 1107 -17.43 15.14 -13.70
CA PRO B 1107 -16.10 15.65 -14.09
C PRO B 1107 -15.25 14.56 -14.74
N VAL B 1108 -14.62 14.91 -15.84
CA VAL B 1108 -13.81 13.95 -16.59
C VAL B 1108 -12.60 13.58 -15.75
N GLU B 1109 -11.92 12.50 -16.13
CA GLU B 1109 -10.67 12.11 -15.50
C GLU B 1109 -9.43 12.79 -16.08
N GLY B 1110 -8.44 13.01 -15.23
CA GLY B 1110 -7.14 13.40 -15.71
C GLY B 1110 -6.79 14.87 -15.53
N ARG B 1111 -5.56 15.14 -15.10
CA ARG B 1111 -5.06 16.51 -15.05
C ARG B 1111 -5.00 17.11 -16.44
N SER B 1112 -4.52 16.35 -17.42
CA SER B 1112 -4.29 16.89 -18.75
C SER B 1112 -5.58 17.35 -19.41
N ARG B 1113 -6.71 16.77 -19.03
CA ARG B 1113 -7.98 17.06 -19.68
C ARG B 1113 -8.92 17.87 -18.79
N ASP B 1114 -8.38 18.51 -17.75
CA ASP B 1114 -9.14 19.42 -16.91
C ASP B 1114 -10.18 18.67 -16.07
N GLY B 1115 -9.79 17.52 -15.55
CA GLY B 1115 -10.73 16.66 -14.86
C GLY B 1115 -10.76 16.85 -13.36
N GLY B 1116 -11.84 16.37 -12.76
CA GLY B 1116 -11.99 16.46 -11.32
C GLY B 1116 -11.26 15.34 -10.59
N LEU B 1117 -11.25 15.47 -9.27
CA LEU B 1117 -10.61 14.50 -8.39
C LEU B 1117 -11.66 13.56 -7.83
N ARG B 1118 -11.29 12.31 -7.64
CA ARG B 1118 -12.24 11.29 -7.22
C ARG B 1118 -12.51 11.41 -5.73
N PHE B 1119 -13.77 11.58 -5.36
CA PHE B 1119 -14.24 11.49 -3.98
C PHE B 1119 -14.74 10.07 -3.80
N GLY B 1120 -13.88 9.20 -3.26
CA GLY B 1120 -14.10 7.77 -3.29
C GLY B 1120 -14.94 7.25 -2.16
N GLU B 1121 -14.83 5.93 -1.95
CA GLU B 1121 -15.58 5.28 -0.88
C GLU B 1121 -15.00 5.60 0.48
N MET B 1122 -13.67 5.61 0.58
CA MET B 1122 -13.02 5.86 1.87
C MET B 1122 -13.24 7.30 2.31
N GLU B 1123 -13.22 8.25 1.37
CA GLU B 1123 -13.51 9.64 1.72
C GLU B 1123 -14.96 9.81 2.18
N ARG B 1124 -15.88 9.12 1.51
CA ARG B 1124 -17.27 9.14 1.95
C ARG B 1124 -17.41 8.56 3.35
N ASP B 1125 -16.68 7.48 3.64
CA ASP B 1125 -16.71 6.90 4.98
C ASP B 1125 -16.17 7.89 6.00
N CYS B 1126 -15.07 8.58 5.67
CA CYS B 1126 -14.49 9.55 6.58
C CYS B 1126 -15.47 10.66 6.89
N GLN B 1127 -16.19 11.15 5.87
CA GLN B 1127 -17.17 12.20 6.10
C GLN B 1127 -18.40 11.67 6.83
N ILE B 1128 -18.69 10.38 6.70
CA ILE B 1128 -19.78 9.80 7.48
C ILE B 1128 -19.40 9.75 8.95
N SER B 1129 -18.20 9.26 9.26
CA SER B 1129 -17.78 9.19 10.65
C SER B 1129 -17.69 10.58 11.27
N HIS B 1130 -17.42 11.60 10.43
CA HIS B 1130 -17.45 12.97 10.92
C HIS B 1130 -18.86 13.43 11.24
N GLY B 1131 -19.86 12.90 10.53
CA GLY B 1131 -21.23 13.33 10.72
C GLY B 1131 -21.63 14.51 9.88
N CYS B 1132 -20.91 14.80 8.81
CA CYS B 1132 -21.13 15.99 7.98
C CYS B 1132 -22.02 15.60 6.80
N SER B 1133 -23.34 15.57 7.05
CA SER B 1133 -24.28 15.16 6.01
C SER B 1133 -24.26 16.12 4.83
N SER B 1134 -24.24 17.43 5.10
CA SER B 1134 -24.26 18.40 4.03
C SER B 1134 -22.96 18.38 3.22
N VAL B 1135 -21.84 18.05 3.85
CA VAL B 1135 -20.59 17.93 3.09
C VAL B 1135 -20.72 16.82 2.05
N LEU B 1136 -21.26 15.67 2.45
CA LEU B 1136 -21.49 14.59 1.51
C LEU B 1136 -22.47 15.00 0.42
N ARG B 1137 -23.56 15.66 0.80
CA ARG B 1137 -24.54 16.08 -0.20
C ARG B 1137 -23.91 17.02 -1.22
N GLU B 1138 -23.07 17.95 -0.75
CA GLU B 1138 -22.42 18.87 -1.67
C GLU B 1138 -21.43 18.15 -2.57
N ARG B 1139 -20.54 17.35 -1.99
CA ARG B 1139 -19.49 16.72 -2.79
C ARG B 1139 -20.07 15.77 -3.82
N LEU B 1140 -21.09 14.99 -3.43
CA LEU B 1140 -21.60 13.95 -4.31
C LEU B 1140 -22.77 14.39 -5.17
N PHE B 1141 -23.45 15.49 -4.84
CA PHE B 1141 -24.54 15.97 -5.67
C PHE B 1141 -24.26 17.35 -6.26
N ASP B 1142 -24.00 18.36 -5.43
CA ASP B 1142 -23.96 19.72 -5.94
C ASP B 1142 -22.70 20.00 -6.74
N CYS B 1143 -21.62 19.26 -6.48
CA CYS B 1143 -20.34 19.52 -7.11
C CYS B 1143 -19.98 18.50 -8.19
N SER B 1144 -20.75 17.43 -8.37
CA SER B 1144 -20.39 16.44 -9.37
C SER B 1144 -21.40 16.32 -10.51
N ASP B 1145 -22.63 15.89 -10.23
CA ASP B 1145 -23.58 15.58 -11.31
C ASP B 1145 -25.01 15.94 -10.91
N ALA B 1146 -25.22 17.12 -10.34
CA ALA B 1146 -26.56 17.54 -9.96
C ALA B 1146 -27.48 17.46 -11.18
N TYR B 1147 -28.68 16.93 -10.96
CA TYR B 1147 -29.66 16.80 -12.04
C TYR B 1147 -31.05 16.81 -11.43
N ARG B 1148 -32.03 17.12 -12.26
CA ARG B 1148 -33.42 17.20 -11.83
C ARG B 1148 -34.30 16.41 -12.77
N VAL B 1149 -35.27 15.69 -12.20
CA VAL B 1149 -36.26 14.96 -12.99
C VAL B 1149 -37.63 15.23 -12.40
N ILE B 1150 -38.66 14.91 -13.19
CA ILE B 1150 -40.05 14.96 -12.76
C ILE B 1150 -40.58 13.54 -12.75
N VAL B 1151 -41.12 13.13 -11.61
CA VAL B 1151 -41.64 11.78 -11.43
C VAL B 1151 -43.15 11.85 -11.31
N CYS B 1152 -43.81 10.79 -11.77
CA CYS B 1152 -45.25 10.68 -11.65
C CYS B 1152 -45.60 10.15 -10.27
N ASP B 1153 -46.48 10.87 -9.57
CA ASP B 1153 -46.88 10.47 -8.22
C ASP B 1153 -47.72 9.21 -8.22
N ILE B 1154 -48.21 8.76 -9.36
CA ILE B 1154 -49.04 7.56 -9.45
C ILE B 1154 -48.19 6.32 -9.67
N CYS B 1155 -47.34 6.33 -10.68
CA CYS B 1155 -46.52 5.18 -11.03
C CYS B 1155 -45.06 5.31 -10.60
N GLY B 1156 -44.63 6.49 -10.18
CA GLY B 1156 -43.28 6.65 -9.67
C GLY B 1156 -42.19 6.61 -10.71
N LEU B 1157 -42.52 6.82 -11.98
CA LEU B 1157 -41.55 6.80 -13.06
C LEU B 1157 -41.33 8.21 -13.60
N ILE B 1158 -40.14 8.45 -14.13
CA ILE B 1158 -39.81 9.77 -14.66
C ILE B 1158 -40.80 10.14 -15.75
N ALA B 1159 -41.34 11.36 -15.68
CA ALA B 1159 -42.39 11.82 -16.54
C ALA B 1159 -41.84 12.63 -17.72
N ILE B 1160 -42.73 12.97 -18.64
CA ILE B 1160 -42.41 13.85 -19.75
C ILE B 1160 -42.65 15.28 -19.29
N ALA B 1161 -41.58 16.03 -19.11
CA ALA B 1161 -41.65 17.37 -18.54
C ALA B 1161 -41.18 18.38 -19.58
N SER B 1162 -42.00 19.40 -19.82
CA SER B 1162 -41.63 20.54 -20.64
C SER B 1162 -41.66 21.76 -19.73
N TYR B 1163 -40.46 22.21 -19.33
CA TYR B 1163 -40.37 23.37 -18.45
C TYR B 1163 -40.66 24.68 -19.18
N LYS B 1164 -40.41 24.72 -20.49
CA LYS B 1164 -40.76 25.91 -21.26
C LYS B 1164 -42.26 26.20 -21.18
N LYS B 1165 -43.08 25.18 -21.47
CA LYS B 1165 -44.53 25.34 -21.36
C LYS B 1165 -45.04 25.04 -19.96
N ASP B 1166 -44.19 24.56 -19.07
CA ASP B 1166 -44.61 24.19 -17.71
C ASP B 1166 -45.74 23.17 -17.76
N SER B 1167 -45.54 22.14 -18.59
CA SER B 1167 -46.53 21.07 -18.77
C SER B 1167 -45.85 19.73 -18.56
N TYR B 1168 -46.45 18.90 -17.71
CA TYR B 1168 -45.89 17.59 -17.39
C TYR B 1168 -46.94 16.53 -17.64
N GLU B 1169 -46.50 15.37 -18.14
CA GLU B 1169 -47.42 14.35 -18.59
C GLU B 1169 -46.83 12.97 -18.33
N CYS B 1170 -47.70 12.02 -17.98
CA CYS B 1170 -47.36 10.61 -17.87
C CYS B 1170 -48.35 9.85 -18.73
N ARG B 1171 -47.93 9.46 -19.94
CA ARG B 1171 -48.84 8.80 -20.86
C ARG B 1171 -49.37 7.50 -20.29
N SER B 1172 -48.54 6.76 -19.56
CA SER B 1172 -48.97 5.47 -19.02
C SER B 1172 -50.18 5.65 -18.11
N CYS B 1173 -50.12 6.61 -17.20
CA CYS B 1173 -51.20 6.86 -16.25
C CYS B 1173 -52.15 7.94 -16.73
N GLN B 1174 -51.90 8.55 -17.89
CA GLN B 1174 -52.70 9.68 -18.34
C GLN B 1174 -52.72 10.77 -17.28
N ASN B 1175 -51.58 10.96 -16.63
CA ASN B 1175 -51.44 11.89 -15.52
C ASN B 1175 -50.89 13.22 -16.03
N ARG B 1176 -51.57 14.31 -15.70
CA ARG B 1176 -51.12 15.64 -16.07
C ARG B 1176 -51.13 16.61 -14.90
N THR B 1177 -51.46 16.16 -13.69
CA THR B 1177 -51.62 17.06 -12.55
C THR B 1177 -50.80 16.65 -11.34
N ARG B 1178 -50.66 15.36 -11.08
CA ARG B 1178 -49.97 14.86 -9.88
C ARG B 1178 -48.55 14.49 -10.25
N PHE B 1179 -47.61 15.38 -9.93
CA PHE B 1179 -46.21 15.18 -10.27
C PHE B 1179 -45.34 15.66 -9.12
N SER B 1180 -44.09 15.19 -9.11
CA SER B 1180 -43.13 15.60 -8.10
C SER B 1180 -41.81 15.92 -8.78
N GLN B 1181 -41.03 16.81 -8.16
CA GLN B 1181 -39.74 17.24 -8.67
C GLN B 1181 -38.65 16.65 -7.78
N VAL B 1182 -37.74 15.89 -8.37
CA VAL B 1182 -36.72 15.18 -7.62
C VAL B 1182 -35.36 15.66 -8.08
N TYR B 1183 -34.54 16.13 -7.14
CA TYR B 1183 -33.13 16.42 -7.38
C TYR B 1183 -32.33 15.17 -7.07
N LEU B 1184 -31.56 14.69 -8.05
CA LEU B 1184 -30.79 13.48 -7.88
C LEU B 1184 -29.54 13.58 -8.74
N PRO B 1185 -28.53 12.75 -8.48
CA PRO B 1185 -27.38 12.70 -9.39
C PRO B 1185 -27.82 12.25 -10.77
N TYR B 1186 -27.12 12.75 -11.79
CA TYR B 1186 -27.39 12.25 -13.13
C TYR B 1186 -27.06 10.77 -13.24
N ALA B 1187 -26.04 10.31 -12.52
CA ALA B 1187 -25.72 8.89 -12.52
C ALA B 1187 -26.85 8.06 -11.94
N ALA B 1188 -27.59 8.60 -10.98
CA ALA B 1188 -28.73 7.87 -10.42
C ALA B 1188 -29.84 7.71 -11.45
N LYS B 1189 -30.14 8.78 -12.19
CA LYS B 1189 -31.13 8.69 -13.26
C LYS B 1189 -30.65 7.73 -14.35
N LEU B 1190 -29.35 7.74 -14.65
CA LEU B 1190 -28.81 6.80 -15.61
C LEU B 1190 -28.97 5.36 -15.12
N LEU B 1191 -28.71 5.11 -13.84
CA LEU B 1191 -28.88 3.78 -13.28
C LEU B 1191 -30.34 3.35 -13.35
N PHE B 1192 -31.26 4.27 -13.06
CA PHE B 1192 -32.67 3.92 -13.10
C PHE B 1192 -33.12 3.61 -14.52
N GLN B 1193 -32.63 4.37 -15.50
CA GLN B 1193 -32.97 4.06 -16.89
C GLN B 1193 -32.36 2.74 -17.33
N GLU B 1194 -31.13 2.45 -16.88
CA GLU B 1194 -30.51 1.17 -17.21
C GLU B 1194 -31.29 0.02 -16.61
N LEU B 1195 -31.85 0.21 -15.40
CA LEU B 1195 -32.71 -0.81 -14.82
C LEU B 1195 -34.00 -0.96 -15.62
N MET B 1196 -34.65 0.16 -15.95
CA MET B 1196 -35.86 0.08 -16.75
C MET B 1196 -35.63 -0.64 -18.06
N SER B 1197 -34.41 -0.53 -18.61
CA SER B 1197 -34.08 -1.26 -19.82
C SER B 1197 -34.02 -2.77 -19.61
N MET B 1198 -33.99 -3.24 -18.36
CA MET B 1198 -34.04 -4.66 -18.05
C MET B 1198 -35.39 -5.08 -17.48
N ASN B 1199 -36.45 -4.30 -17.73
CA ASN B 1199 -37.80 -4.55 -17.26
C ASN B 1199 -37.93 -4.39 -15.75
N ILE B 1200 -36.89 -3.91 -15.06
CA ILE B 1200 -36.98 -3.58 -13.65
C ILE B 1200 -37.52 -2.17 -13.51
N ALA B 1201 -38.56 -2.00 -12.70
CA ALA B 1201 -39.19 -0.70 -12.49
C ALA B 1201 -38.77 -0.16 -11.14
N PRO B 1202 -37.67 0.60 -11.05
CA PRO B 1202 -37.36 1.32 -9.81
C PRO B 1202 -38.20 2.59 -9.72
N ARG B 1203 -39.19 2.57 -8.84
CA ARG B 1203 -40.18 3.63 -8.75
C ARG B 1203 -39.88 4.52 -7.56
N LEU B 1204 -39.88 5.83 -7.79
CA LEU B 1204 -39.61 6.82 -6.76
C LEU B 1204 -40.93 7.44 -6.33
N PHE B 1205 -41.31 7.21 -5.07
CA PHE B 1205 -42.52 7.78 -4.50
C PHE B 1205 -42.11 8.78 -3.43
N THR B 1206 -42.60 10.02 -3.57
CA THR B 1206 -42.21 11.09 -2.68
C THR B 1206 -43.12 11.25 -1.47
N LYS B 1207 -44.24 10.54 -1.44
CA LYS B 1207 -45.14 10.54 -0.29
C LYS B 1207 -45.32 9.11 0.20
N ASN B 1208 -45.30 8.93 1.52
CA ASN B 1208 -45.42 7.61 2.11
C ASN B 1208 -46.72 6.96 1.67
N HIS B 1209 -46.62 5.90 0.86
CA HIS B 1209 -47.80 5.20 0.35
C HIS B 1209 -48.21 4.12 1.35
N LYS B 1210 -48.58 4.59 2.54
CA LYS B 1210 -48.99 3.72 3.63
C LYS B 1210 -50.35 3.10 3.35
N THR C 5 38.10 50.94 16.46
CA THR C 5 38.20 49.67 15.76
C THR C 5 39.59 49.51 15.15
N HIS C 6 39.80 48.41 14.43
CA HIS C 6 41.07 48.20 13.76
C HIS C 6 40.93 47.11 12.72
N ILE C 7 41.85 47.13 11.76
CA ILE C 7 41.96 46.11 10.74
C ILE C 7 43.43 45.81 10.50
N THR C 8 43.76 44.53 10.40
CA THR C 8 45.09 44.07 10.05
C THR C 8 44.97 43.26 8.77
N ILE C 9 45.62 43.72 7.71
CA ILE C 9 45.64 42.97 6.46
C ILE C 9 46.80 41.98 6.51
N ARG C 10 46.47 40.69 6.47
CA ARG C 10 47.48 39.65 6.53
C ARG C 10 48.00 39.25 5.16
N ASN C 11 47.17 39.39 4.13
CA ASN C 11 47.60 38.99 2.80
C ASN C 11 46.74 39.67 1.76
N ILE C 12 47.35 40.05 0.64
CA ILE C 12 46.63 40.58 -0.51
C ILE C 12 47.01 39.77 -1.73
N SER C 13 46.01 39.24 -2.42
CA SER C 13 46.19 38.55 -3.69
C SER C 13 45.52 39.37 -4.79
N LYS C 14 45.71 38.94 -6.03
CA LYS C 14 45.01 39.59 -7.13
C LYS C 14 43.51 39.44 -7.02
N ASN C 15 43.03 38.42 -6.30
CA ASN C 15 41.63 38.09 -6.27
C ASN C 15 41.00 38.10 -4.88
N SER C 16 41.79 38.23 -3.82
CA SER C 16 41.26 38.15 -2.46
C SER C 16 42.08 39.01 -1.52
N VAL C 17 41.47 39.35 -0.38
CA VAL C 17 42.12 40.04 0.70
C VAL C 17 41.85 39.28 2.00
N ASP C 18 42.91 39.00 2.75
CA ASP C 18 42.85 38.23 3.99
C ASP C 18 43.26 39.15 5.13
N PHE C 19 42.32 39.45 6.02
CA PHE C 19 42.52 40.44 7.07
C PHE C 19 41.93 39.97 8.39
N VAL C 20 42.20 40.74 9.44
CA VAL C 20 41.70 40.49 10.78
C VAL C 20 40.93 41.73 11.23
N LEU C 21 39.68 41.54 11.62
CA LEU C 21 38.81 42.62 12.09
C LEU C 21 38.74 42.53 13.61
N THR C 22 39.18 43.58 14.30
CA THR C 22 39.24 43.62 15.74
C THR C 22 38.36 44.73 16.29
N ASN C 23 38.13 44.68 17.59
CA ASN C 23 37.36 45.70 18.30
C ASN C 23 36.00 45.91 17.64
N THR C 24 35.38 44.82 17.23
CA THR C 24 34.07 44.86 16.60
C THR C 24 33.21 43.76 17.19
N SER C 25 31.90 43.97 17.16
CA SER C 25 30.98 42.93 17.58
C SER C 25 30.84 41.88 16.47
N LEU C 26 30.44 40.68 16.88
CA LEU C 26 30.21 39.61 15.92
C LEU C 26 29.07 39.96 14.97
N ALA C 27 28.09 40.73 15.45
CA ALA C 27 26.97 41.12 14.59
C ALA C 27 27.44 41.97 13.43
N VAL C 28 28.35 42.90 13.68
CA VAL C 28 28.83 43.79 12.62
C VAL C 28 29.68 43.01 11.62
N ALA C 29 30.55 42.13 12.10
CA ALA C 29 31.33 41.30 11.20
C ALA C 29 30.44 40.42 10.33
N ASN C 30 29.40 39.83 10.92
CA ASN C 30 28.50 39.00 10.15
C ASN C 30 27.70 39.83 9.14
N SER C 31 27.31 41.05 9.52
CA SER C 31 26.60 41.91 8.57
C SER C 31 27.50 42.31 7.42
N LEU C 32 28.78 42.55 7.69
CA LEU C 32 29.73 42.82 6.61
C LEU C 32 29.82 41.62 5.68
N ARG C 33 29.91 40.42 6.24
CA ARG C 33 29.97 39.21 5.42
C ARG C 33 28.71 39.07 4.57
N ARG C 34 27.54 39.24 5.19
CA ARG C 34 26.28 39.07 4.46
C ARG C 34 26.12 40.12 3.36
N VAL C 35 26.46 41.37 3.64
CA VAL C 35 26.30 42.41 2.63
C VAL C 35 27.28 42.20 1.49
N VAL C 36 28.49 41.75 1.81
CA VAL C 36 29.47 41.48 0.76
C VAL C 36 28.99 40.33 -0.12
N LEU C 37 28.31 39.35 0.46
CA LEU C 37 27.80 38.23 -0.34
C LEU C 37 26.46 38.51 -0.99
N ALA C 38 25.76 39.60 -0.65
CA ALA C 38 24.36 39.72 -1.06
C ALA C 38 23.97 41.02 -1.75
N GLU C 39 24.64 42.14 -1.48
CA GLU C 39 24.05 43.44 -1.77
C GLU C 39 24.99 44.43 -2.45
N ILE C 40 26.13 43.99 -2.97
CA ILE C 40 27.07 44.88 -3.64
C ILE C 40 26.71 44.93 -5.12
N PRO C 41 26.40 46.10 -5.67
CA PRO C 41 25.98 46.15 -7.07
C PRO C 41 27.09 45.74 -8.04
N THR C 42 26.67 45.14 -9.15
CA THR C 42 27.57 44.64 -10.17
C THR C 42 26.82 44.70 -11.49
N VAL C 43 27.57 44.76 -12.59
CA VAL C 43 27.00 44.78 -13.93
C VAL C 43 27.17 43.39 -14.54
N ALA C 44 26.08 42.84 -15.06
CA ALA C 44 26.09 41.51 -15.66
C ALA C 44 25.12 41.49 -16.82
N ILE C 45 25.40 40.63 -17.80
CA ILE C 45 24.51 40.47 -18.94
C ILE C 45 23.15 40.00 -18.45
N ASP C 46 22.10 40.74 -18.80
CA ASP C 46 20.75 40.42 -18.34
C ASP C 46 19.86 39.98 -19.49
N LEU C 47 19.69 40.79 -20.53
CA LEU C 47 18.77 40.47 -21.62
C LEU C 47 19.56 40.07 -22.86
N VAL C 48 19.23 38.93 -23.44
CA VAL C 48 19.91 38.44 -24.64
C VAL C 48 18.91 38.38 -25.78
N GLU C 49 19.21 39.09 -26.86
CA GLU C 49 18.42 39.03 -28.09
C GLU C 49 19.21 38.22 -29.11
N ILE C 50 18.64 37.10 -29.56
CA ILE C 50 19.33 36.14 -30.38
C ILE C 50 18.78 36.22 -31.79
N ASN C 51 19.66 36.50 -32.76
CA ASN C 51 19.29 36.53 -34.17
C ASN C 51 19.58 35.20 -34.85
N VAL C 52 20.78 34.67 -34.68
CA VAL C 52 21.19 33.40 -35.25
C VAL C 52 21.83 32.56 -34.14
N ASN C 53 21.37 31.32 -34.00
CA ASN C 53 22.00 30.38 -33.09
C ASN C 53 21.83 28.98 -33.69
N THR C 54 22.84 28.55 -34.44
CA THR C 54 22.86 27.21 -35.00
C THR C 54 23.85 26.31 -34.28
N SER C 55 24.15 26.61 -33.02
CA SER C 55 25.01 25.77 -32.21
C SER C 55 24.19 24.66 -31.55
N VAL C 56 24.91 23.70 -30.96
CA VAL C 56 24.26 22.64 -30.19
C VAL C 56 23.73 23.14 -28.86
N MET C 57 24.08 24.36 -28.47
CA MET C 57 23.67 24.93 -27.20
C MET C 57 22.27 25.52 -27.33
N PRO C 58 21.30 25.13 -26.49
CA PRO C 58 20.00 25.80 -26.53
C PRO C 58 20.14 27.28 -26.22
N ASP C 59 19.13 28.05 -26.62
CA ASP C 59 19.21 29.50 -26.50
C ASP C 59 19.30 29.94 -25.04
N GLU C 60 18.44 29.39 -24.19
CA GLU C 60 18.45 29.82 -22.78
C GLU C 60 19.64 29.24 -22.03
N PHE C 61 20.15 28.09 -22.47
CA PHE C 61 21.44 27.61 -21.97
C PHE C 61 22.52 28.66 -22.20
N LEU C 62 22.59 29.18 -23.43
CA LEU C 62 23.56 30.20 -23.79
C LEU C 62 23.34 31.48 -23.00
N ALA C 63 22.08 31.90 -22.87
CA ALA C 63 21.76 33.12 -22.14
C ALA C 63 22.22 33.01 -20.69
N HIS C 64 21.91 31.89 -20.04
CA HIS C 64 22.33 31.68 -18.67
C HIS C 64 23.84 31.70 -18.55
N ARG C 65 24.55 31.05 -19.48
CA ARG C 65 26.01 31.07 -19.44
C ARG C 65 26.54 32.50 -19.57
N LEU C 66 25.97 33.28 -20.50
CA LEU C 66 26.43 34.65 -20.69
C LEU C 66 26.20 35.50 -19.45
N GLY C 67 25.04 35.34 -18.81
CA GLY C 67 24.78 36.11 -17.60
C GLY C 67 25.77 35.81 -16.49
N MET C 68 26.35 34.60 -16.49
CA MET C 68 27.31 34.24 -15.47
C MET C 68 28.65 34.91 -15.65
N ILE C 69 28.96 35.40 -16.85
CA ILE C 69 30.27 35.97 -17.15
C ILE C 69 30.47 37.25 -16.34
N PRO C 70 31.55 37.36 -15.56
CA PRO C 70 31.76 38.58 -14.77
C PRO C 70 32.26 39.74 -15.63
N LEU C 71 31.59 40.88 -15.50
CA LEU C 71 31.96 42.10 -16.21
C LEU C 71 32.52 43.11 -15.22
N ASP C 72 33.48 43.90 -15.68
CA ASP C 72 34.05 44.96 -14.86
C ASP C 72 32.95 45.86 -14.32
N SER C 73 32.85 45.93 -12.99
CA SER C 73 31.82 46.71 -12.32
C SER C 73 32.39 47.76 -11.40
N SER C 74 33.69 48.05 -11.49
CA SER C 74 34.30 49.03 -10.61
C SER C 74 33.66 50.39 -10.82
N ASN C 75 33.43 51.11 -9.70
CA ASN C 75 32.87 52.45 -9.72
C ASN C 75 31.48 52.49 -10.36
N ILE C 76 30.70 51.42 -10.21
CA ILE C 76 29.37 51.35 -10.81
C ILE C 76 28.39 52.21 -10.03
N ASP C 77 28.80 52.70 -8.86
CA ASP C 77 27.94 53.54 -8.04
C ASP C 77 28.17 55.04 -8.23
N GLU C 78 29.29 55.43 -8.84
CA GLU C 78 29.47 56.82 -9.20
C GLU C 78 28.39 57.23 -10.20
N PRO C 79 28.00 58.49 -10.21
CA PRO C 79 26.96 58.93 -11.15
C PRO C 79 27.41 58.75 -12.58
N PRO C 80 26.51 58.41 -13.49
CA PRO C 80 26.88 58.33 -14.91
C PRO C 80 27.47 59.64 -15.39
N PRO C 81 28.36 59.60 -16.38
CA PRO C 81 28.75 58.43 -17.17
C PRO C 81 29.83 57.57 -16.52
N VAL C 82 30.17 57.85 -15.26
CA VAL C 82 31.19 57.06 -14.59
C VAL C 82 30.64 55.74 -14.05
N GLY C 83 29.36 55.70 -13.71
CA GLY C 83 28.74 54.46 -13.24
C GLY C 83 27.48 54.15 -14.02
N LEU C 84 26.52 53.50 -13.37
CA LEU C 84 25.27 53.13 -14.01
C LEU C 84 24.12 53.37 -13.05
N GLU C 85 22.92 53.32 -13.59
CA GLU C 85 21.69 53.41 -12.82
C GLU C 85 20.86 52.17 -13.10
N TYR C 86 19.95 51.85 -12.20
CA TYR C 86 19.05 50.73 -12.42
C TYR C 86 18.05 51.11 -13.50
N THR C 87 17.94 50.25 -14.52
CA THR C 87 17.06 50.53 -15.64
C THR C 87 15.63 50.79 -15.20
N ARG C 88 15.20 50.16 -14.10
CA ARG C 88 13.88 50.46 -13.55
C ARG C 88 13.78 51.91 -13.09
N ASN C 89 14.87 52.44 -12.52
CA ASN C 89 14.89 53.82 -12.08
C ASN C 89 15.15 54.81 -13.20
N CYS C 90 15.88 54.40 -14.24
CA CYS C 90 16.25 55.30 -15.31
C CYS C 90 15.03 55.70 -16.14
N ASP C 91 15.16 56.81 -16.85
CA ASP C 91 14.07 57.37 -17.63
C ASP C 91 14.05 56.90 -19.08
N CYS C 92 15.04 56.10 -19.50
CA CYS C 92 15.10 55.64 -20.87
C CYS C 92 13.90 54.77 -21.20
N ASP C 93 13.55 54.73 -22.49
CA ASP C 93 12.40 53.94 -22.93
C ASP C 93 12.59 52.46 -22.61
N GLN C 94 13.72 51.89 -23.02
CA GLN C 94 14.02 50.49 -22.71
C GLN C 94 15.39 50.37 -22.09
N TYR C 95 16.35 51.14 -22.57
CA TYR C 95 17.71 51.11 -22.06
C TYR C 95 18.52 52.19 -22.76
N CYS C 96 19.67 52.50 -22.19
CA CYS C 96 20.52 53.56 -22.71
C CYS C 96 21.88 53.47 -22.04
N PRO C 97 22.86 54.28 -22.45
CA PRO C 97 24.19 54.20 -21.85
C PRO C 97 24.23 54.50 -20.37
N LYS C 98 23.18 55.14 -19.85
CA LYS C 98 23.15 55.48 -18.43
C LYS C 98 22.84 54.28 -17.55
N CYS C 99 22.04 53.33 -18.05
CA CYS C 99 21.51 52.25 -17.25
C CYS C 99 21.74 50.89 -17.89
N SER C 100 22.75 50.78 -18.76
CA SER C 100 22.97 49.51 -19.44
C SER C 100 24.31 49.56 -20.16
N VAL C 101 24.72 48.38 -20.64
CA VAL C 101 25.88 48.23 -21.51
C VAL C 101 25.49 47.26 -22.62
N GLU C 102 25.95 47.52 -23.83
CA GLU C 102 25.67 46.63 -24.95
C GLU C 102 26.90 45.79 -25.25
N LEU C 103 26.69 44.49 -25.39
CA LEU C 103 27.71 43.56 -25.83
C LEU C 103 27.20 42.81 -27.04
N PHE C 104 28.11 42.34 -27.88
CA PHE C 104 27.75 41.64 -29.11
C PHE C 104 28.58 40.38 -29.21
N LEU C 105 27.94 39.29 -29.66
CA LEU C 105 28.63 38.04 -29.91
C LEU C 105 28.25 37.58 -31.31
N ASN C 106 29.19 37.68 -32.25
CA ASN C 106 29.01 37.23 -33.62
C ASN C 106 30.17 36.30 -33.96
N ALA C 107 29.90 35.01 -33.99
CA ALA C 107 30.91 34.00 -34.27
C ALA C 107 30.40 33.06 -35.33
N LYS C 108 31.30 32.60 -36.19
CA LYS C 108 30.96 31.64 -37.24
C LYS C 108 32.15 30.74 -37.48
N CYS C 109 31.90 29.44 -37.56
CA CYS C 109 32.95 28.46 -37.84
C CYS C 109 32.84 28.08 -39.31
N THR C 110 33.81 28.54 -40.11
CA THR C 110 33.91 28.16 -41.51
C THR C 110 34.99 27.12 -41.76
N GLY C 111 35.94 26.99 -40.85
CA GLY C 111 36.99 25.99 -40.98
C GLY C 111 36.49 24.61 -40.61
N GLU C 112 37.43 23.66 -40.60
CA GLU C 112 37.10 22.27 -40.35
C GLU C 112 37.06 21.92 -38.86
N GLY C 113 37.97 22.49 -38.07
CA GLY C 113 38.07 22.13 -36.67
C GLY C 113 36.90 22.62 -35.84
N THR C 114 37.12 22.84 -34.56
CA THR C 114 36.09 23.31 -33.64
C THR C 114 36.47 24.70 -33.14
N MET C 115 35.54 25.65 -33.28
CA MET C 115 35.77 27.03 -32.90
C MET C 115 35.29 27.25 -31.46
N GLU C 116 36.22 27.54 -30.57
CA GLU C 116 35.88 27.77 -29.17
C GLU C 116 35.61 29.26 -28.95
N ILE C 117 34.40 29.58 -28.51
CA ILE C 117 33.97 30.95 -28.27
C ILE C 117 34.18 31.25 -26.79
N TYR C 118 35.03 32.25 -26.52
CA TYR C 118 35.41 32.68 -25.18
C TYR C 118 34.79 34.04 -24.89
N ALA C 119 35.12 34.60 -23.72
CA ALA C 119 34.61 35.91 -23.35
C ALA C 119 35.29 37.03 -24.10
N ARG C 120 36.54 36.84 -24.54
CA ARG C 120 37.22 37.86 -25.32
C ARG C 120 36.55 38.09 -26.67
N ASP C 121 35.66 37.20 -27.09
CA ASP C 121 34.96 37.36 -28.35
C ASP C 121 33.76 38.30 -28.25
N LEU C 122 33.40 38.72 -27.05
CA LEU C 122 32.34 39.70 -26.88
C LEU C 122 32.85 41.09 -27.24
N VAL C 123 32.02 41.85 -27.95
CA VAL C 123 32.33 43.21 -28.35
C VAL C 123 31.45 44.14 -27.53
N VAL C 124 32.08 45.07 -26.81
CA VAL C 124 31.40 45.90 -25.83
C VAL C 124 31.21 47.31 -26.41
N SER C 125 30.01 47.84 -26.25
CA SER C 125 29.74 49.20 -26.71
C SER C 125 30.53 50.20 -25.86
N SER C 126 31.25 51.08 -26.55
CA SER C 126 32.25 51.95 -25.93
C SER C 126 31.57 53.18 -25.35
N ASN C 127 31.28 53.14 -24.05
CA ASN C 127 30.82 54.32 -23.31
C ASN C 127 31.55 54.44 -21.97
N SER C 128 32.32 53.42 -21.60
CA SER C 128 33.08 53.41 -20.34
C SER C 128 33.83 52.10 -20.25
N SER C 129 34.71 51.96 -19.25
CA SER C 129 35.37 50.68 -19.03
C SER C 129 34.46 49.74 -18.23
N LEU C 130 33.27 50.19 -17.87
CA LEU C 130 32.28 49.33 -17.27
C LEU C 130 31.74 48.33 -18.29
N GLY C 131 31.37 47.16 -17.80
CA GLY C 131 30.74 46.14 -18.61
C GLY C 131 31.68 45.32 -19.45
N HIS C 132 32.97 45.57 -19.37
CA HIS C 132 33.92 44.81 -20.17
C HIS C 132 34.22 43.47 -19.50
N PRO C 133 34.09 42.35 -20.20
CA PRO C 133 34.35 41.06 -19.56
C PRO C 133 35.75 41.00 -18.95
N ILE C 134 35.83 40.39 -17.78
CA ILE C 134 37.10 40.19 -17.10
C ILE C 134 37.83 39.02 -17.76
N LEU C 135 39.05 39.28 -18.20
CA LEU C 135 39.89 38.28 -18.85
C LEU C 135 41.06 38.02 -17.90
N ALA C 136 40.85 37.10 -16.95
CA ALA C 136 41.79 36.89 -15.87
C ALA C 136 42.74 35.73 -16.09
N ASP C 137 42.44 34.83 -17.03
CA ASP C 137 43.31 33.69 -17.25
C ASP C 137 44.60 34.14 -17.96
N PRO C 138 45.65 33.33 -17.91
CA PRO C 138 46.92 33.76 -18.50
C PRO C 138 46.84 34.09 -19.98
N LYS C 139 45.93 33.46 -20.72
CA LYS C 139 45.77 33.73 -22.14
C LYS C 139 44.76 34.83 -22.43
N SER C 140 44.19 35.44 -21.38
CA SER C 140 43.30 36.59 -21.53
C SER C 140 42.14 36.28 -22.48
N ARG C 141 41.49 35.15 -22.24
CA ARG C 141 40.28 34.77 -22.95
C ARG C 141 39.03 34.91 -22.09
N GLY C 142 39.11 34.54 -20.81
CA GLY C 142 37.97 34.56 -19.95
C GLY C 142 37.23 33.24 -19.98
N PRO C 143 36.00 33.22 -19.48
CA PRO C 143 35.21 31.99 -19.50
C PRO C 143 34.97 31.50 -20.91
N LEU C 144 34.99 30.19 -21.06
CA LEU C 144 34.64 29.56 -22.33
C LEU C 144 33.13 29.57 -22.48
N ILE C 145 32.62 30.30 -23.47
CA ILE C 145 31.18 30.40 -23.65
C ILE C 145 30.64 29.16 -24.35
N CYS C 146 31.19 28.83 -25.52
CA CYS C 146 30.60 27.78 -26.33
C CYS C 146 31.66 27.15 -27.23
N LYS C 147 31.22 26.19 -28.03
CA LYS C 147 32.03 25.55 -29.06
C LYS C 147 31.16 25.34 -30.29
N LEU C 148 31.76 25.55 -31.46
CA LEU C 148 31.08 25.45 -32.74
C LEU C 148 31.85 24.53 -33.67
N ARG C 149 31.16 24.07 -34.71
CA ARG C 149 31.78 23.33 -35.80
C ARG C 149 31.37 23.98 -37.11
N LYS C 150 32.02 23.56 -38.20
CA LYS C 150 31.80 24.17 -39.50
C LYS C 150 30.32 24.41 -39.76
N GLU C 151 30.02 25.61 -40.25
CA GLU C 151 28.69 26.08 -40.64
C GLU C 151 27.80 26.44 -39.45
N GLN C 152 28.32 26.41 -38.22
CA GLN C 152 27.55 26.77 -37.05
C GLN C 152 27.86 28.20 -36.65
N GLU C 153 26.81 28.96 -36.35
CA GLU C 153 26.93 30.40 -36.15
C GLU C 153 26.18 30.81 -34.89
N ILE C 154 26.69 31.87 -34.26
CA ILE C 154 26.02 32.55 -33.17
C ILE C 154 26.01 34.04 -33.50
N SER C 155 24.87 34.69 -33.32
CA SER C 155 24.77 36.13 -33.55
C SER C 155 23.75 36.68 -32.57
N LEU C 156 24.22 37.39 -31.55
CA LEU C 156 23.35 37.84 -30.48
C LEU C 156 23.85 39.15 -29.90
N ARG C 157 22.91 39.88 -29.28
CA ARG C 157 23.15 41.15 -28.63
C ARG C 157 22.73 41.06 -27.18
N CYS C 158 23.63 41.43 -26.26
CA CYS C 158 23.39 41.36 -24.83
C CYS C 158 23.26 42.76 -24.25
N ILE C 159 22.29 42.92 -23.36
CA ILE C 159 22.08 44.12 -22.58
C ILE C 159 22.43 43.78 -21.14
N ALA C 160 23.49 44.39 -20.63
CA ALA C 160 23.96 44.19 -19.26
C ALA C 160 23.46 45.31 -18.39
N LYS C 161 22.89 44.96 -17.24
CA LYS C 161 22.28 45.90 -16.33
C LYS C 161 22.96 45.81 -14.96
N LYS C 162 22.45 46.59 -14.02
CA LYS C 162 22.97 46.67 -12.66
C LYS C 162 22.09 45.85 -11.73
N GLY C 163 22.71 45.22 -10.74
CA GLY C 163 21.95 44.40 -9.82
C GLY C 163 22.82 43.88 -8.72
N ILE C 164 22.20 43.09 -7.84
CA ILE C 164 22.84 42.54 -6.65
C ILE C 164 22.55 41.05 -6.59
N ALA C 165 23.32 40.34 -5.76
CA ALA C 165 23.20 38.89 -5.68
C ALA C 165 21.88 38.43 -5.06
N LYS C 166 21.11 39.33 -4.46
CA LYS C 166 19.80 38.93 -3.95
C LYS C 166 18.85 38.62 -5.09
N GLU C 167 18.91 39.38 -6.18
CA GLU C 167 18.05 39.13 -7.32
C GLU C 167 18.53 37.95 -8.15
N HIS C 168 19.83 37.74 -8.24
CA HIS C 168 20.38 36.59 -8.94
C HIS C 168 21.86 36.51 -8.64
N ALA C 169 22.34 35.30 -8.36
CA ALA C 169 23.73 35.08 -7.97
C ALA C 169 24.72 35.50 -9.04
N LYS C 170 24.26 35.90 -10.24
CA LYS C 170 25.17 36.35 -11.27
C LYS C 170 25.73 37.73 -10.97
N TRP C 171 25.02 38.51 -10.16
CA TRP C 171 25.44 39.86 -9.79
C TRP C 171 26.34 39.87 -8.56
N SER C 172 26.83 38.71 -8.14
CA SER C 172 27.67 38.63 -6.95
C SER C 172 29.12 38.89 -7.32
N PRO C 173 29.80 39.84 -6.68
CA PRO C 173 31.23 40.04 -6.95
C PRO C 173 32.16 39.15 -6.15
N THR C 174 31.69 38.50 -5.10
CA THR C 174 32.53 37.67 -4.23
C THR C 174 32.16 36.20 -4.39
N SER C 175 33.18 35.35 -4.36
CA SER C 175 32.93 33.92 -4.44
C SER C 175 32.54 33.37 -3.07
N ALA C 176 33.44 33.46 -2.08
CA ALA C 176 33.11 33.04 -0.74
C ALA C 176 33.94 33.83 0.26
N VAL C 177 33.37 34.06 1.42
CA VAL C 177 34.03 34.78 2.50
C VAL C 177 34.42 33.76 3.56
N ALA C 178 35.72 33.50 3.69
CA ALA C 178 36.19 32.75 4.84
C ALA C 178 36.04 33.60 6.07
N PHE C 179 35.64 32.98 7.18
CA PHE C 179 35.20 33.73 8.35
C PHE C 179 35.37 32.83 9.56
N GLU C 180 36.29 33.19 10.45
CA GLU C 180 36.53 32.41 11.65
C GLU C 180 36.71 33.34 12.84
N TYR C 181 36.45 32.83 14.03
CA TYR C 181 36.79 33.52 15.25
C TYR C 181 37.01 32.50 16.35
N ASP C 182 37.74 32.90 17.38
CA ASP C 182 37.98 32.06 18.54
C ASP C 182 38.55 30.70 18.12
N PRO C 183 39.71 30.68 17.46
CA PRO C 183 40.25 29.40 16.99
C PRO C 183 40.54 28.39 18.09
N TRP C 184 40.73 28.84 19.33
CA TRP C 184 41.00 27.94 20.45
C TRP C 184 39.74 27.58 21.23
N ASN C 185 38.59 28.09 20.83
CA ASN C 185 37.35 27.88 21.56
C ASN C 185 37.51 28.24 23.04
N LYS C 186 38.18 29.35 23.30
CA LYS C 186 38.27 29.86 24.66
C LYS C 186 36.90 30.29 25.18
N LEU C 187 35.99 30.65 24.29
CA LEU C 187 34.64 31.04 24.66
C LEU C 187 33.68 29.87 24.72
N GLN C 188 34.11 28.68 24.30
CA GLN C 188 33.22 27.51 24.21
C GLN C 188 31.90 27.88 23.54
N HIS C 189 31.99 28.49 22.36
CA HIS C 189 30.82 28.72 21.53
C HIS C 189 30.38 27.47 20.79
N THR C 190 31.18 26.40 20.83
CA THR C 190 30.82 25.13 20.22
C THR C 190 31.32 24.01 21.11
N ASP C 191 30.51 22.96 21.24
CA ASP C 191 30.87 21.78 22.03
C ASP C 191 31.46 20.75 21.09
N TYR C 192 32.79 20.67 21.06
CA TYR C 192 33.45 19.81 20.08
C TYR C 192 33.02 18.36 20.24
N TRP C 193 32.65 17.75 19.13
CA TRP C 193 32.29 16.35 19.09
C TRP C 193 33.57 15.52 19.03
N PHE C 194 33.61 14.45 19.83
CA PHE C 194 34.81 13.63 19.89
C PHE C 194 34.46 12.23 20.30
N GLU C 195 35.42 11.33 20.11
CA GLU C 195 35.31 9.94 20.54
C GLU C 195 36.17 9.62 21.75
N ASN C 196 37.40 10.08 21.77
CA ASN C 196 38.31 9.87 22.88
C ASN C 196 38.94 11.16 23.38
N ASP C 197 39.25 12.10 22.49
CA ASP C 197 39.94 13.32 22.87
C ASP C 197 39.61 14.38 21.83
N ALA C 198 38.82 15.38 22.21
CA ALA C 198 38.42 16.42 21.27
C ALA C 198 39.63 17.21 20.77
N ASP C 199 40.57 17.48 21.67
CA ASP C 199 41.74 18.28 21.28
C ASP C 199 42.55 17.58 20.20
N ALA C 200 42.75 16.27 20.34
CA ALA C 200 43.55 15.53 19.38
C ALA C 200 42.80 15.24 18.08
N GLU C 201 41.47 15.15 18.14
CA GLU C 201 40.68 14.74 17.00
C GLU C 201 40.20 15.90 16.14
N TRP C 202 40.44 17.14 16.54
CA TRP C 202 40.07 18.31 15.77
C TRP C 202 41.32 19.04 15.32
N PRO C 203 41.60 19.15 14.03
CA PRO C 203 42.81 19.86 13.60
C PRO C 203 42.74 21.34 13.97
N LYS C 204 43.90 21.89 14.32
CA LYS C 204 43.99 23.29 14.66
C LYS C 204 44.04 24.15 13.40
N SER C 205 43.37 25.29 13.45
CA SER C 205 43.31 26.17 12.29
C SER C 205 44.60 26.96 12.15
N LYS C 206 44.73 27.64 11.00
CA LYS C 206 45.91 28.47 10.78
C LYS C 206 45.85 29.74 11.62
N ASN C 207 44.65 30.24 11.91
CA ASN C 207 44.48 31.43 12.73
C ASN C 207 44.78 31.17 14.20
N ALA C 208 44.96 29.92 14.60
CA ALA C 208 45.27 29.63 16.00
C ALA C 208 46.60 30.23 16.41
N ASP C 209 47.48 30.50 15.45
CA ASP C 209 48.77 31.10 15.75
C ASP C 209 48.70 32.62 15.91
N TRP C 210 47.56 33.22 15.60
CA TRP C 210 47.36 34.65 15.78
C TRP C 210 46.73 35.00 17.12
N GLU C 211 46.50 34.01 17.97
CA GLU C 211 45.93 34.21 19.29
C GLU C 211 46.72 33.39 20.31
N GLU C 212 46.72 33.85 21.54
CA GLU C 212 47.41 33.13 22.59
C GLU C 212 46.61 31.90 22.99
N PRO C 213 47.22 30.73 23.11
CA PRO C 213 46.47 29.53 23.47
C PRO C 213 45.94 29.62 24.89
N PRO C 214 44.93 28.83 25.23
CA PRO C 214 44.39 28.89 26.58
C PRO C 214 45.44 28.54 27.63
N ARG C 215 45.39 29.24 28.76
CA ARG C 215 46.29 28.98 29.87
C ARG C 215 45.69 27.92 30.78
N GLU C 216 46.51 26.96 31.17
CA GLU C 216 46.04 25.92 32.08
C GLU C 216 45.79 26.51 33.46
N GLY C 217 44.59 26.27 34.00
CA GLY C 217 44.20 26.81 35.27
C GLY C 217 43.40 28.10 35.19
N GLU C 218 43.33 28.74 34.03
CA GLU C 218 42.53 29.94 33.91
C GLU C 218 41.05 29.59 34.04
N PRO C 219 40.28 30.35 34.81
CA PRO C 219 38.84 30.11 34.87
C PRO C 219 38.14 30.51 33.58
N PHE C 220 37.01 29.87 33.33
CA PHE C 220 36.20 30.20 32.17
C PHE C 220 35.71 31.64 32.25
N ASN C 221 35.94 32.40 31.18
CA ASN C 221 35.57 33.81 31.12
C ASN C 221 34.18 33.91 30.51
N PHE C 222 33.18 34.13 31.35
CA PHE C 222 31.78 34.11 30.93
C PHE C 222 31.25 35.49 30.55
N GLN C 223 32.04 36.54 30.72
CA GLN C 223 31.64 37.88 30.27
C GLN C 223 32.25 38.26 28.93
N GLU C 224 33.24 37.51 28.46
CA GLU C 224 33.92 37.86 27.22
C GLU C 224 33.05 37.53 26.02
N GLU C 225 33.27 38.27 24.94
CA GLU C 225 32.56 38.10 23.68
C GLU C 225 33.59 38.02 22.56
N PRO C 226 33.21 37.46 21.41
CA PRO C 226 34.13 37.46 20.26
C PRO C 226 34.32 38.87 19.72
N ARG C 227 35.58 39.32 19.73
CA ARG C 227 35.93 40.64 19.23
C ARG C 227 37.06 40.62 18.22
N ARG C 228 37.51 39.43 17.79
CA ARG C 228 38.57 39.30 16.80
C ARG C 228 38.14 38.26 15.78
N PHE C 229 38.00 38.68 14.52
CA PHE C 229 37.45 37.84 13.47
C PHE C 229 38.42 37.80 12.30
N TYR C 230 38.83 36.61 11.90
CA TYR C 230 39.72 36.42 10.77
C TYR C 230 38.87 36.22 9.52
N MET C 231 38.89 37.19 8.62
CA MET C 231 38.06 37.17 7.43
C MET C 231 38.93 37.14 6.19
N ASP C 232 38.37 36.58 5.12
CA ASP C 232 39.03 36.49 3.83
C ASP C 232 37.96 36.69 2.77
N VAL C 233 38.03 37.80 2.05
CA VAL C 233 37.06 38.11 1.00
C VAL C 233 37.72 37.82 -0.34
N GLU C 234 37.12 36.89 -1.09
CA GLU C 234 37.60 36.51 -2.41
C GLU C 234 36.66 37.07 -3.45
N SER C 235 37.23 37.74 -4.45
CA SER C 235 36.46 38.38 -5.51
C SER C 235 36.33 37.44 -6.70
N VAL C 236 35.26 37.67 -7.48
CA VAL C 236 35.07 36.92 -8.72
C VAL C 236 35.95 37.49 -9.83
N GLY C 237 36.22 38.79 -9.79
CA GLY C 237 37.04 39.43 -10.79
C GLY C 237 36.44 40.77 -11.20
N SER C 238 35.12 40.87 -11.08
CA SER C 238 34.45 42.09 -11.51
C SER C 238 34.87 43.29 -10.67
N ILE C 239 35.02 43.10 -9.36
CA ILE C 239 35.38 44.20 -8.46
C ILE C 239 36.59 43.77 -7.63
N PRO C 240 37.57 44.65 -7.40
CA PRO C 240 38.68 44.28 -6.54
C PRO C 240 38.23 44.05 -5.11
N PRO C 241 38.93 43.19 -4.37
CA PRO C 241 38.46 42.89 -3.00
C PRO C 241 38.40 44.11 -2.08
N ASN C 242 39.34 45.04 -2.20
CA ASN C 242 39.29 46.23 -1.35
C ASN C 242 38.08 47.08 -1.66
N GLU C 243 37.75 47.23 -2.95
CA GLU C 243 36.55 47.97 -3.30
C GLU C 243 35.30 47.24 -2.84
N ILE C 244 35.34 45.90 -2.84
CA ILE C 244 34.22 45.13 -2.30
C ILE C 244 34.02 45.45 -0.82
N MET C 245 35.12 45.47 -0.06
CA MET C 245 35.04 45.77 1.36
C MET C 245 34.49 47.18 1.60
N VAL C 246 35.04 48.16 0.88
CA VAL C 246 34.62 49.54 1.07
C VAL C 246 33.15 49.70 0.70
N GLN C 247 32.73 49.08 -0.40
CA GLN C 247 31.33 49.14 -0.81
C GLN C 247 30.38 48.46 0.16
N GLY C 248 30.78 47.34 0.75
CA GLY C 248 29.95 46.71 1.76
C GLY C 248 29.78 47.62 2.95
N LEU C 249 30.88 48.23 3.39
CA LEU C 249 30.80 49.16 4.51
C LEU C 249 29.97 50.39 4.19
N ARG C 250 29.99 50.86 2.93
CA ARG C 250 29.10 51.95 2.52
C ARG C 250 27.65 51.53 2.50
N ILE C 251 27.36 50.31 2.03
CA ILE C 251 25.97 49.86 1.91
C ILE C 251 25.35 49.67 3.29
N LEU C 252 26.10 49.10 4.23
CA LEU C 252 25.58 48.98 5.60
C LEU C 252 25.28 50.34 6.19
N GLN C 253 26.22 51.28 6.02
CA GLN C 253 26.02 52.64 6.49
C GLN C 253 24.76 53.25 5.89
N GLU C 254 24.55 53.04 4.59
CA GLU C 254 23.39 53.65 3.94
C GLU C 254 22.08 53.02 4.39
N LYS C 255 22.09 51.71 4.67
CA LYS C 255 20.89 51.10 5.25
C LYS C 255 20.56 51.73 6.60
N LEU C 256 21.57 51.87 7.46
CA LEU C 256 21.34 52.50 8.75
C LEU C 256 20.90 53.94 8.59
N ALA C 257 21.46 54.66 7.62
CA ALA C 257 21.10 56.06 7.41
C ALA C 257 19.67 56.19 6.92
N VAL C 258 19.23 55.29 6.05
CA VAL C 258 17.83 55.30 5.64
C VAL C 258 16.94 55.06 6.84
N LEU C 259 17.32 54.11 7.70
CA LEU C 259 16.55 53.87 8.92
C LEU C 259 16.44 55.16 9.75
N VAL C 260 17.57 55.83 9.97
CA VAL C 260 17.59 57.03 10.79
C VAL C 260 16.70 58.12 10.16
N ARG C 261 16.85 58.33 8.86
CA ARG C 261 16.07 59.37 8.19
C ARG C 261 14.58 59.08 8.30
N ASP C 262 14.19 57.82 8.13
CA ASP C 262 12.76 57.49 8.17
C ASP C 262 12.21 57.63 9.58
N LEU C 263 12.97 57.23 10.60
CA LEU C 263 12.48 57.35 11.96
C LEU C 263 12.47 58.81 12.42
N ASP C 264 13.55 59.53 12.18
CA ASP C 264 13.61 60.94 12.54
C ASP C 264 12.58 61.73 11.73
N GLU D 4 -18.12 -48.99 32.84
CA GLU D 4 -19.28 -49.25 33.69
C GLU D 4 -19.46 -48.12 34.70
N GLU D 5 -18.43 -47.89 35.52
CA GLU D 5 -18.48 -46.80 36.49
C GLU D 5 -18.58 -45.45 35.78
N LYS D 6 -17.96 -45.34 34.61
CA LYS D 6 -17.98 -44.10 33.86
C LYS D 6 -19.40 -43.72 33.46
N ASN D 7 -20.18 -44.69 32.99
CA ASN D 7 -21.56 -44.40 32.63
C ASN D 7 -22.35 -43.97 33.86
N ILE D 8 -22.12 -44.62 35.00
CA ILE D 8 -22.84 -44.26 36.22
C ILE D 8 -22.53 -42.83 36.62
N VAL D 9 -21.26 -42.44 36.60
CA VAL D 9 -20.93 -41.09 37.01
C VAL D 9 -21.47 -40.07 36.00
N ARG D 10 -21.44 -40.41 34.71
CA ARG D 10 -22.00 -39.51 33.71
C ARG D 10 -23.49 -39.30 33.92
N VAL D 11 -24.23 -40.39 34.17
CA VAL D 11 -25.67 -40.24 34.38
C VAL D 11 -25.94 -39.48 35.68
N PHE D 12 -25.12 -39.67 36.70
CA PHE D 12 -25.30 -38.90 37.93
C PHE D 12 -25.10 -37.41 37.67
N ARG D 13 -24.05 -37.06 36.92
CA ARG D 13 -23.81 -35.66 36.61
C ARG D 13 -24.97 -35.07 35.81
N ALA D 14 -25.45 -35.80 34.81
CA ALA D 14 -26.58 -35.32 34.01
C ALA D 14 -27.82 -35.18 34.87
N TRP D 15 -28.02 -36.09 35.82
CA TRP D 15 -29.23 -36.06 36.65
C TRP D 15 -29.21 -34.86 37.59
N LYS D 16 -28.05 -34.59 38.21
CA LYS D 16 -27.91 -33.41 39.04
C LYS D 16 -28.07 -32.13 38.22
N THR D 17 -27.52 -32.11 37.00
CA THR D 17 -27.70 -30.94 36.15
C THR D 17 -29.16 -30.74 35.80
N ALA D 18 -29.90 -31.83 35.56
CA ALA D 18 -31.33 -31.69 35.27
C ALA D 18 -32.07 -31.15 36.48
N HIS D 19 -31.67 -31.57 37.68
CA HIS D 19 -32.30 -31.02 38.88
C HIS D 19 -32.03 -29.53 39.01
N GLN D 20 -30.79 -29.11 38.75
CA GLN D 20 -30.48 -27.69 38.77
C GLN D 20 -31.27 -26.94 37.71
N LEU D 21 -31.41 -27.54 36.53
CA LEU D 21 -32.19 -26.94 35.45
C LEU D 21 -33.63 -26.72 35.88
N VAL D 22 -34.22 -27.73 36.54
CA VAL D 22 -35.60 -27.59 37.01
C VAL D 22 -35.70 -26.48 38.04
N HIS D 23 -34.76 -26.45 38.99
CA HIS D 23 -34.80 -25.43 40.03
C HIS D 23 -34.68 -24.03 39.44
N ASP D 24 -33.89 -23.89 38.37
CA ASP D 24 -33.67 -22.58 37.78
C ASP D 24 -34.92 -22.06 37.08
N ARG D 25 -35.69 -22.95 36.45
CA ARG D 25 -36.87 -22.53 35.71
C ARG D 25 -38.01 -22.06 36.62
N GLY D 26 -37.89 -22.25 37.93
CA GLY D 26 -38.93 -21.85 38.85
C GLY D 26 -39.76 -22.98 39.43
N TYR D 27 -39.37 -24.23 39.21
CA TYR D 27 -40.05 -25.39 39.78
C TYR D 27 -39.43 -25.74 41.13
N GLY D 28 -40.15 -26.57 41.88
CA GLY D 28 -39.71 -26.94 43.21
C GLY D 28 -38.81 -28.18 43.23
N VAL D 29 -37.60 -28.01 43.74
CA VAL D 29 -36.66 -29.12 43.94
C VAL D 29 -36.09 -28.97 45.34
N SER D 30 -36.24 -30.00 46.16
CA SER D 30 -35.80 -29.91 47.55
C SER D 30 -34.28 -29.82 47.61
N GLN D 31 -33.78 -29.03 48.55
CA GLN D 31 -32.35 -28.80 48.65
C GLN D 31 -31.58 -30.10 48.85
N ALA D 32 -32.24 -31.12 49.41
CA ALA D 32 -31.61 -32.43 49.50
C ALA D 32 -31.33 -33.00 48.12
N GLU D 33 -32.28 -32.85 47.19
CA GLU D 33 -32.06 -33.32 45.83
C GLU D 33 -30.90 -32.59 45.17
N LEU D 34 -30.83 -31.27 45.34
CA LEU D 34 -29.77 -30.50 44.72
C LEU D 34 -28.39 -30.90 45.26
N ASP D 35 -28.29 -31.13 46.56
CA ASP D 35 -27.01 -31.28 47.25
C ASP D 35 -26.74 -32.76 47.55
N LEU D 36 -26.99 -33.65 46.60
CA LEU D 36 -26.65 -35.04 46.81
C LEU D 36 -25.19 -35.30 46.47
N THR D 37 -24.84 -36.58 46.41
CA THR D 37 -23.49 -37.04 46.10
C THR D 37 -23.58 -38.26 45.17
N LEU D 38 -22.46 -38.58 44.54
CA LEU D 38 -22.45 -39.72 43.63
C LEU D 38 -22.84 -41.00 44.34
N ASP D 39 -22.33 -41.21 45.56
CA ASP D 39 -22.64 -42.44 46.29
C ASP D 39 -24.12 -42.53 46.61
N GLN D 40 -24.75 -41.41 46.98
CA GLN D 40 -26.18 -41.43 47.24
C GLN D 40 -26.96 -41.79 45.98
N PHE D 41 -26.55 -41.26 44.84
CA PHE D 41 -27.19 -41.63 43.58
C PHE D 41 -27.02 -43.12 43.30
N LYS D 42 -25.82 -43.66 43.54
CA LYS D 42 -25.61 -45.09 43.33
C LYS D 42 -26.51 -45.91 44.23
N ALA D 43 -26.62 -45.51 45.50
CA ALA D 43 -27.48 -46.23 46.43
C ALA D 43 -28.94 -46.18 46.00
N MET D 44 -29.39 -45.02 45.53
CA MET D 44 -30.79 -44.77 45.27
C MET D 44 -31.23 -45.17 43.86
N HIS D 45 -30.31 -45.52 42.97
CA HIS D 45 -30.65 -45.83 41.58
C HIS D 45 -29.99 -47.08 41.04
N CYS D 46 -28.99 -47.64 41.70
CA CYS D 46 -28.30 -48.84 41.24
C CYS D 46 -28.77 -50.04 42.04
N GLY D 47 -28.85 -51.20 41.38
CA GLY D 47 -29.22 -52.44 42.02
C GLY D 47 -28.06 -53.06 42.78
N MET D 48 -28.28 -54.31 43.20
CA MET D 48 -27.24 -55.03 43.93
C MET D 48 -25.98 -55.20 43.09
N GLY D 49 -26.15 -55.51 41.80
CA GLY D 49 -25.03 -55.66 40.91
C GLY D 49 -24.43 -54.37 40.40
N ARG D 50 -24.93 -53.24 40.88
CA ARG D 50 -24.49 -51.90 40.50
C ARG D 50 -24.96 -51.51 39.11
N ASN D 51 -25.69 -52.37 38.42
CA ASN D 51 -26.20 -52.02 37.09
C ASN D 51 -27.22 -50.90 37.21
N LEU D 52 -26.97 -49.80 36.51
CA LEU D 52 -27.88 -48.67 36.55
C LEU D 52 -29.26 -49.10 36.08
N ASP D 53 -30.28 -48.74 36.86
CA ASP D 53 -31.66 -49.07 36.54
C ASP D 53 -32.31 -47.81 35.95
N ARG D 54 -32.46 -47.81 34.63
CA ARG D 54 -32.96 -46.63 33.93
C ARG D 54 -34.45 -46.38 34.17
N THR D 55 -35.16 -47.32 34.80
CA THR D 55 -36.56 -47.10 35.09
C THR D 55 -36.75 -46.04 36.17
N THR D 56 -35.81 -45.95 37.12
CA THR D 56 -35.94 -45.04 38.25
C THR D 56 -35.30 -43.69 38.02
N LEU D 57 -34.81 -43.41 36.82
CA LEU D 57 -34.14 -42.15 36.53
C LEU D 57 -35.10 -40.99 36.31
N SER D 58 -36.40 -41.25 36.25
CA SER D 58 -37.38 -40.21 35.95
C SER D 58 -37.90 -39.59 37.24
N PHE D 59 -38.14 -38.28 37.19
CA PHE D 59 -38.72 -37.56 38.32
C PHE D 59 -39.63 -36.45 37.77
N TYR D 60 -40.14 -35.61 38.67
CA TYR D 60 -41.02 -34.53 38.28
C TYR D 60 -40.97 -33.46 39.35
N ALA D 61 -41.48 -32.27 39.00
CA ALA D 61 -41.45 -31.13 39.90
C ALA D 61 -42.65 -30.24 39.66
N LYS D 62 -43.03 -29.50 40.72
CA LYS D 62 -44.15 -28.58 40.72
C LYS D 62 -43.66 -27.14 40.65
N PRO D 63 -44.44 -26.22 40.08
CA PRO D 63 -44.05 -24.81 40.09
C PRO D 63 -43.96 -24.27 41.51
N SER D 64 -43.05 -23.32 41.72
CA SER D 64 -42.78 -22.79 43.04
C SER D 64 -43.60 -21.53 43.32
N ASN D 65 -43.56 -20.56 42.41
CA ASN D 65 -44.21 -19.28 42.63
C ASN D 65 -45.24 -18.91 41.56
N ASP D 66 -45.44 -19.76 40.55
CA ASP D 66 -46.38 -19.49 39.47
C ASP D 66 -47.26 -20.72 39.31
N SER D 67 -48.39 -20.74 40.03
CA SER D 67 -49.29 -21.88 40.00
C SER D 67 -49.91 -22.08 38.62
N ASN D 68 -49.84 -21.07 37.74
CA ASN D 68 -50.36 -21.23 36.39
C ASN D 68 -49.59 -22.30 35.63
N LYS D 69 -48.28 -22.35 35.83
CA LYS D 69 -47.47 -23.37 35.17
C LYS D 69 -47.92 -24.77 35.59
N GLY D 70 -47.93 -25.69 34.63
CA GLY D 70 -48.22 -27.06 34.95
C GLY D 70 -47.01 -27.78 35.51
N THR D 71 -47.26 -29.00 35.98
CA THR D 71 -46.17 -29.83 36.50
C THR D 71 -45.22 -30.19 35.38
N ILE D 72 -43.94 -30.34 35.73
CA ILE D 72 -42.89 -30.72 34.79
C ILE D 72 -42.49 -32.16 35.07
N TYR D 73 -42.26 -32.93 34.02
CA TYR D 73 -41.88 -34.33 34.11
C TYR D 73 -40.61 -34.55 33.31
N ILE D 74 -39.63 -35.22 33.92
CA ILE D 74 -38.33 -35.46 33.30
C ILE D 74 -38.06 -36.96 33.31
N GLU D 75 -37.73 -37.51 32.16
CA GLU D 75 -37.47 -38.92 32.01
C GLU D 75 -36.20 -39.12 31.18
N PHE D 76 -35.38 -40.08 31.59
CA PHE D 76 -34.20 -40.47 30.84
C PHE D 76 -34.54 -41.68 29.99
N ALA D 77 -34.26 -41.60 28.70
CA ALA D 77 -34.61 -42.68 27.80
C ALA D 77 -33.98 -43.99 28.24
N LYS D 78 -34.78 -45.05 28.30
CA LYS D 78 -34.25 -46.35 28.66
C LYS D 78 -33.33 -46.88 27.57
N GLU D 79 -33.78 -46.84 26.32
CA GLU D 79 -32.94 -47.26 25.22
C GLU D 79 -31.91 -46.18 24.90
N PRO D 80 -30.69 -46.55 24.52
CA PRO D 80 -29.68 -45.51 24.22
C PRO D 80 -30.12 -44.52 23.17
N SER D 81 -30.83 -44.99 22.14
CA SER D 81 -31.35 -44.13 21.09
C SER D 81 -32.87 -44.14 21.14
N VAL D 82 -33.47 -42.96 21.18
CA VAL D 82 -34.92 -42.83 21.27
C VAL D 82 -35.50 -43.00 19.87
N GLY D 83 -36.64 -43.69 19.81
CA GLY D 83 -37.35 -43.90 18.57
C GLY D 83 -38.80 -43.46 18.70
N ILE D 84 -39.57 -43.71 17.64
CA ILE D 84 -40.96 -43.28 17.62
C ILE D 84 -41.76 -44.02 18.68
N LYS D 85 -41.45 -45.30 18.89
CA LYS D 85 -42.14 -46.07 19.93
C LYS D 85 -41.99 -45.40 21.29
N GLU D 86 -40.75 -45.08 21.67
CA GLU D 86 -40.50 -44.45 22.96
C GLU D 86 -41.07 -43.05 23.03
N MET D 87 -41.11 -42.33 21.91
CA MET D 87 -41.72 -41.00 21.90
C MET D 87 -43.21 -41.09 22.19
N ARG D 88 -43.90 -42.05 21.55
CA ARG D 88 -45.32 -42.25 21.83
C ARG D 88 -45.51 -42.67 23.29
N THR D 89 -44.64 -43.54 23.79
CA THR D 89 -44.74 -43.95 25.20
C THR D 89 -44.60 -42.76 26.13
N PHE D 90 -43.64 -41.86 25.84
CA PHE D 90 -43.43 -40.69 26.68
C PHE D 90 -44.63 -39.75 26.62
N VAL D 91 -45.19 -39.55 25.43
CA VAL D 91 -46.38 -38.71 25.34
C VAL D 91 -47.53 -39.33 26.13
N HIS D 92 -47.68 -40.64 26.07
CA HIS D 92 -48.70 -41.31 26.87
C HIS D 92 -48.48 -41.07 28.35
N THR D 93 -47.23 -41.21 28.80
CA THR D 93 -46.92 -40.98 30.21
C THR D 93 -47.26 -39.55 30.62
N LEU D 94 -46.93 -38.59 29.76
CA LEU D 94 -47.27 -37.20 30.06
C LEU D 94 -48.78 -37.02 30.18
N GLY D 95 -49.53 -37.60 29.25
CA GLY D 95 -50.98 -37.46 29.29
C GLY D 95 -51.61 -38.12 30.51
N ASP D 96 -51.04 -39.25 30.94
CA ASP D 96 -51.66 -40.01 32.02
C ASP D 96 -51.73 -39.19 33.31
N HIS D 97 -50.62 -38.55 33.67
CA HIS D 97 -50.54 -37.81 34.93
C HIS D 97 -50.81 -36.32 34.78
N ASN D 98 -51.16 -35.87 33.57
CA ASN D 98 -51.54 -34.48 33.34
C ASN D 98 -50.35 -33.54 33.49
N HIS D 99 -49.16 -34.01 33.09
CA HIS D 99 -47.95 -33.20 33.13
C HIS D 99 -47.95 -32.26 31.93
N LYS D 100 -47.90 -30.95 32.20
CA LYS D 100 -47.93 -29.97 31.11
C LYS D 100 -46.61 -29.92 30.36
N THR D 101 -45.49 -30.01 31.08
CA THR D 101 -44.16 -29.92 30.48
C THR D 101 -43.44 -31.25 30.64
N GLY D 102 -42.71 -31.64 29.62
CA GLY D 102 -41.99 -32.90 29.64
C GLY D 102 -40.64 -32.84 28.96
N ILE D 103 -39.59 -33.25 29.66
CA ILE D 103 -38.23 -33.28 29.13
C ILE D 103 -37.81 -34.74 29.00
N LEU D 104 -37.36 -35.11 27.81
CA LEU D 104 -36.87 -36.45 27.54
C LEU D 104 -35.38 -36.39 27.25
N ILE D 105 -34.59 -37.09 28.04
CA ILE D 105 -33.14 -37.06 27.95
C ILE D 105 -32.67 -38.39 27.37
N TYR D 106 -32.05 -38.34 26.19
CA TYR D 106 -31.55 -39.53 25.52
C TYR D 106 -30.03 -39.52 25.51
N ALA D 107 -29.45 -40.65 25.10
CA ALA D 107 -28.01 -40.86 25.22
C ALA D 107 -27.27 -40.61 23.90
N ASN D 108 -27.70 -41.27 22.82
CA ASN D 108 -26.92 -41.26 21.58
C ASN D 108 -27.58 -40.45 20.48
N SER D 109 -28.84 -40.75 20.12
CA SER D 109 -29.45 -40.10 18.98
C SER D 109 -30.96 -40.22 19.08
N MET D 110 -31.64 -39.40 18.27
CA MET D 110 -33.09 -39.39 18.19
C MET D 110 -33.48 -39.29 16.72
N THR D 111 -34.51 -40.04 16.34
CA THR D 111 -34.92 -40.11 14.94
C THR D 111 -35.75 -38.89 14.55
N PRO D 112 -35.80 -38.58 13.26
CA PRO D 112 -36.53 -37.37 12.84
C PRO D 112 -38.04 -37.54 12.90
N SER D 113 -38.55 -38.68 12.45
CA SER D 113 -40.00 -38.92 12.55
C SER D 113 -40.45 -38.94 14.00
N ALA D 114 -39.57 -39.35 14.91
CA ALA D 114 -39.86 -39.20 16.34
C ALA D 114 -39.97 -37.74 16.72
N ALA D 115 -39.08 -36.90 16.19
CA ALA D 115 -39.16 -35.47 16.44
C ALA D 115 -40.47 -34.90 15.93
N LYS D 116 -40.98 -35.42 14.82
CA LYS D 116 -42.25 -34.95 14.28
C LYS D 116 -43.36 -35.03 15.32
N ILE D 117 -43.30 -36.04 16.20
CA ILE D 117 -44.33 -36.19 17.21
C ILE D 117 -44.37 -34.99 18.15
N ILE D 118 -43.22 -34.36 18.39
CA ILE D 118 -43.17 -33.19 19.27
C ILE D 118 -44.05 -32.08 18.69
N ALA D 119 -43.92 -31.81 17.39
CA ALA D 119 -44.80 -30.84 16.75
C ALA D 119 -46.23 -31.35 16.67
N THR D 120 -46.41 -32.68 16.61
CA THR D 120 -47.75 -33.23 16.52
C THR D 120 -48.57 -32.90 17.76
N VAL D 121 -47.95 -32.95 18.93
CA VAL D 121 -48.64 -32.78 20.20
C VAL D 121 -48.28 -31.45 20.86
N THR D 122 -47.71 -30.51 20.09
CA THR D 122 -47.29 -29.24 20.68
C THR D 122 -48.46 -28.50 21.31
N GLY D 123 -49.66 -28.61 20.73
CA GLY D 123 -50.81 -27.91 21.26
C GLY D 123 -51.29 -28.45 22.59
N GLN D 124 -50.98 -29.69 22.92
CA GLN D 124 -51.41 -30.32 24.16
C GLN D 124 -50.30 -30.35 25.21
N PHE D 125 -49.11 -30.81 24.84
CA PHE D 125 -47.98 -30.86 25.75
C PHE D 125 -46.77 -30.19 25.10
N THR D 126 -45.90 -29.63 25.94
CA THR D 126 -44.63 -29.07 25.49
C THR D 126 -43.53 -30.06 25.84
N ILE D 127 -42.88 -30.61 24.82
CA ILE D 127 -41.85 -31.64 24.99
C ILE D 127 -40.52 -31.07 24.55
N GLU D 128 -39.50 -31.25 25.40
CA GLU D 128 -38.16 -30.77 25.13
C GLU D 128 -37.18 -31.93 25.26
N THR D 129 -36.26 -32.02 24.31
CA THR D 129 -35.34 -33.15 24.24
C THR D 129 -33.92 -32.69 24.53
N PHE D 130 -33.19 -33.50 25.29
CA PHE D 130 -31.80 -33.24 25.62
C PHE D 130 -30.98 -34.49 25.38
N GLN D 131 -29.72 -34.30 25.00
CA GLN D 131 -28.76 -35.37 24.98
C GLN D 131 -27.99 -35.39 26.29
N GLU D 132 -27.59 -36.59 26.72
CA GLU D 132 -26.89 -36.70 27.99
C GLU D 132 -25.69 -35.77 28.02
N SER D 133 -24.92 -35.73 26.94
CA SER D 133 -23.74 -34.87 26.91
C SER D 133 -24.10 -33.40 27.08
N ASP D 134 -25.29 -33.00 26.64
CA ASP D 134 -25.73 -31.61 26.80
C ASP D 134 -26.04 -31.25 28.23
N LEU D 135 -26.08 -32.22 29.15
CA LEU D 135 -26.40 -31.95 30.54
C LEU D 135 -25.34 -32.44 31.51
N ILE D 136 -24.22 -33.01 31.03
CA ILE D 136 -23.16 -33.42 31.95
C ILE D 136 -22.63 -32.21 32.70
N VAL D 137 -22.38 -31.13 31.98
CA VAL D 137 -21.88 -29.88 32.54
C VAL D 137 -22.99 -28.85 32.44
N ASN D 138 -23.22 -28.12 33.52
CA ASN D 138 -24.18 -27.01 33.51
C ASN D 138 -23.48 -25.79 32.90
N ILE D 139 -23.95 -25.37 31.73
CA ILE D 139 -23.30 -24.27 31.03
C ILE D 139 -23.56 -22.95 31.74
N THR D 140 -24.73 -22.79 32.36
CA THR D 140 -25.04 -21.52 33.03
C THR D 140 -24.08 -21.24 34.18
N HIS D 141 -23.34 -22.25 34.64
CA HIS D 141 -22.31 -22.05 35.65
C HIS D 141 -20.98 -21.62 35.05
N HIS D 142 -20.89 -21.49 33.73
CA HIS D 142 -19.66 -21.06 33.10
C HIS D 142 -19.42 -19.58 33.34
N GLU D 143 -18.14 -19.19 33.37
CA GLU D 143 -17.80 -17.78 33.59
C GLU D 143 -18.29 -16.92 32.43
N LEU D 144 -18.16 -17.40 31.20
CA LEU D 144 -18.53 -16.61 30.03
C LEU D 144 -20.03 -16.36 29.94
N VAL D 145 -20.84 -17.24 30.53
CA VAL D 145 -22.29 -17.12 30.42
C VAL D 145 -22.78 -16.10 31.43
N PRO D 146 -23.34 -14.96 30.99
CA PRO D 146 -23.89 -13.99 31.94
C PRO D 146 -25.23 -14.46 32.49
N LYS D 147 -25.83 -13.65 33.34
CA LYS D 147 -27.03 -14.07 34.07
C LYS D 147 -28.26 -13.82 33.20
N HIS D 148 -28.85 -14.91 32.69
CA HIS D 148 -30.09 -14.83 31.93
C HIS D 148 -31.28 -14.95 32.87
N ILE D 149 -32.25 -14.06 32.72
CA ILE D 149 -33.44 -14.04 33.56
C ILE D 149 -34.66 -13.90 32.66
N LEU D 150 -35.57 -14.87 32.72
CA LEU D 150 -36.80 -14.77 31.95
C LEU D 150 -37.64 -13.60 32.46
N LEU D 151 -38.18 -12.81 31.56
CA LEU D 151 -39.06 -11.70 31.91
C LEU D 151 -40.52 -12.14 31.76
N SER D 152 -41.34 -11.73 32.72
CA SER D 152 -42.76 -12.00 32.65
C SER D 152 -43.38 -11.14 31.54
N PRO D 153 -44.58 -11.51 31.06
CA PRO D 153 -45.18 -10.72 29.98
C PRO D 153 -45.37 -9.25 30.34
N ASP D 154 -45.67 -8.95 31.60
CA ASP D 154 -45.81 -7.56 32.01
C ASP D 154 -44.49 -6.81 31.87
N GLU D 155 -43.39 -7.44 32.27
CA GLU D 155 -42.09 -6.78 32.19
C GLU D 155 -41.63 -6.64 30.73
N LYS D 156 -41.91 -7.64 29.91
CA LYS D 156 -41.63 -7.52 28.48
C LYS D 156 -42.42 -6.37 27.87
N LYS D 157 -43.70 -6.27 28.21
CA LYS D 157 -44.52 -5.16 27.70
C LYS D 157 -43.97 -3.83 28.18
N GLU D 158 -43.54 -3.76 29.44
CA GLU D 158 -42.95 -2.52 29.95
C GLU D 158 -41.72 -2.12 29.16
N LEU D 159 -40.83 -3.08 28.93
CA LEU D 159 -39.61 -2.79 28.16
C LEU D 159 -39.96 -2.29 26.76
N LEU D 160 -40.82 -3.03 26.06
CA LEU D 160 -41.15 -2.65 24.68
C LEU D 160 -41.80 -1.28 24.64
N ASP D 161 -42.73 -1.00 25.55
CA ASP D 161 -43.39 0.30 25.55
C ASP D 161 -42.42 1.42 25.89
N ARG D 162 -41.51 1.19 26.83
CA ARG D 162 -40.54 2.22 27.18
C ARG D 162 -39.66 2.56 25.99
N TYR D 163 -39.20 1.56 25.26
CA TYR D 163 -38.39 1.82 24.07
C TYR D 163 -39.22 1.99 22.80
N LYS D 164 -40.55 1.93 22.91
CA LYS D 164 -41.45 2.08 21.77
C LYS D 164 -41.06 1.09 20.66
N LEU D 165 -40.74 -0.13 21.07
CA LEU D 165 -40.15 -1.12 20.19
C LEU D 165 -41.22 -2.05 19.61
N ARG D 166 -40.81 -2.78 18.59
CA ARG D 166 -41.52 -3.95 18.10
C ARG D 166 -40.66 -5.17 18.42
N GLU D 167 -41.32 -6.31 18.61
CA GLU D 167 -40.59 -7.51 19.03
C GLU D 167 -39.45 -7.83 18.08
N THR D 168 -39.61 -7.50 16.80
CA THR D 168 -38.56 -7.78 15.83
C THR D 168 -37.37 -6.85 15.97
N GLN D 169 -37.50 -5.75 16.71
CA GLN D 169 -36.42 -4.78 16.83
C GLN D 169 -35.52 -5.03 18.04
N LEU D 170 -35.82 -6.03 18.85
CA LEU D 170 -34.93 -6.40 19.94
C LEU D 170 -33.82 -7.30 19.43
N PRO D 171 -32.69 -7.37 20.13
CA PRO D 171 -31.71 -8.42 19.84
C PRO D 171 -32.35 -9.79 20.01
N ARG D 172 -31.86 -10.76 19.26
CA ARG D 172 -32.49 -12.07 19.15
C ARG D 172 -31.64 -13.14 19.82
N ILE D 173 -32.31 -14.16 20.34
CA ILE D 173 -31.67 -15.37 20.83
C ILE D 173 -32.36 -16.56 20.19
N GLN D 174 -31.56 -17.50 19.67
CA GLN D 174 -32.13 -18.63 18.94
C GLN D 174 -32.80 -19.61 19.89
N LEU D 175 -33.89 -20.21 19.42
CA LEU D 175 -34.55 -21.25 20.20
C LEU D 175 -33.60 -22.40 20.48
N ALA D 176 -32.74 -22.74 19.53
CA ALA D 176 -31.74 -23.79 19.73
C ALA D 176 -30.56 -23.32 20.56
N ASP D 177 -30.60 -22.11 21.08
CA ASP D 177 -29.51 -21.62 21.92
C ASP D 177 -29.39 -22.51 23.16
N PRO D 178 -28.18 -22.90 23.56
CA PRO D 178 -28.04 -23.75 24.75
C PRO D 178 -28.71 -23.18 25.99
N VAL D 179 -28.57 -21.88 26.23
CA VAL D 179 -29.20 -21.29 27.41
C VAL D 179 -30.70 -21.16 27.22
N ALA D 180 -31.15 -20.91 25.99
CA ALA D 180 -32.58 -20.88 25.73
C ALA D 180 -33.21 -22.24 26.01
N ARG D 181 -32.53 -23.32 25.63
CA ARG D 181 -33.04 -24.66 25.91
C ARG D 181 -32.93 -24.98 27.40
N TYR D 182 -31.88 -24.51 28.06
CA TYR D 182 -31.74 -24.71 29.49
C TYR D 182 -32.87 -24.05 30.25
N LEU D 183 -33.25 -22.83 29.85
CA LEU D 183 -34.32 -22.09 30.50
C LEU D 183 -35.70 -22.43 29.95
N GLY D 184 -35.79 -23.24 28.90
CA GLY D 184 -37.08 -23.55 28.33
C GLY D 184 -37.77 -22.34 27.73
N LEU D 185 -37.03 -21.54 26.96
CA LEU D 185 -37.62 -20.37 26.34
C LEU D 185 -38.40 -20.76 25.10
N LYS D 186 -39.59 -20.18 24.96
CA LYS D 186 -40.40 -20.32 23.76
C LYS D 186 -40.34 -19.03 22.94
N ARG D 187 -40.83 -19.11 21.72
CA ARG D 187 -40.80 -17.95 20.84
C ARG D 187 -41.64 -16.82 21.42
N GLY D 188 -41.08 -15.61 21.42
CA GLY D 188 -41.73 -14.45 21.93
C GLY D 188 -41.33 -14.07 23.35
N GLU D 189 -40.68 -14.96 24.08
CA GLU D 189 -40.25 -14.66 25.43
C GLU D 189 -38.92 -13.91 25.41
N VAL D 190 -38.81 -12.93 26.29
CA VAL D 190 -37.64 -12.05 26.37
C VAL D 190 -36.84 -12.41 27.61
N VAL D 191 -35.52 -12.48 27.45
CA VAL D 191 -34.60 -12.71 28.56
C VAL D 191 -33.80 -11.45 28.80
N LYS D 192 -33.76 -11.03 30.06
CA LYS D 192 -32.92 -9.94 30.52
C LYS D 192 -31.59 -10.54 30.96
N ILE D 193 -30.52 -10.12 30.31
CA ILE D 193 -29.19 -10.68 30.54
C ILE D 193 -28.36 -9.63 31.24
N VAL D 194 -27.89 -9.96 32.44
CA VAL D 194 -27.07 -9.08 33.25
C VAL D 194 -25.62 -9.49 33.07
N ARG D 195 -24.78 -8.51 32.73
CA ARG D 195 -23.39 -8.73 32.38
C ARG D 195 -22.51 -7.73 33.13
N ARG D 196 -21.26 -8.11 33.33
CA ARG D 196 -20.27 -7.14 33.73
C ARG D 196 -19.92 -6.23 32.56
N SER D 197 -19.23 -5.14 32.86
CA SER D 197 -18.88 -4.16 31.83
C SER D 197 -17.65 -3.40 32.27
N GLU D 198 -16.63 -3.36 31.41
CA GLU D 198 -15.44 -2.57 31.68
C GLU D 198 -15.76 -1.10 31.79
N THR D 199 -16.79 -0.64 31.08
CA THR D 199 -17.11 0.78 31.00
C THR D 199 -18.08 1.21 32.08
N SER D 200 -19.26 0.60 32.13
CA SER D 200 -20.31 1.00 33.06
C SER D 200 -20.38 0.11 34.29
N GLY D 201 -19.51 -0.88 34.42
CA GLY D 201 -19.58 -1.79 35.54
C GLY D 201 -20.58 -2.90 35.33
N ARG D 202 -21.84 -2.55 35.12
CA ARG D 202 -22.90 -3.51 34.89
C ARG D 202 -23.73 -3.09 33.69
N TYR D 203 -24.22 -4.08 32.95
CA TYR D 203 -25.03 -3.81 31.77
C TYR D 203 -26.19 -4.79 31.69
N ASN D 204 -27.33 -4.30 31.20
CA ASN D 204 -28.54 -5.09 31.03
C ASN D 204 -28.88 -5.13 29.54
N SER D 205 -28.70 -6.29 28.92
CA SER D 205 -29.17 -6.49 27.56
C SER D 205 -30.48 -7.27 27.59
N TYR D 206 -31.21 -7.22 26.49
CA TYR D 206 -32.51 -7.88 26.40
C TYR D 206 -32.59 -8.60 25.06
N ARG D 207 -32.84 -9.90 25.09
CA ARG D 207 -32.90 -10.71 23.88
C ARG D 207 -34.24 -11.42 23.82
N ILE D 208 -34.93 -11.28 22.71
CA ILE D 208 -36.18 -11.98 22.49
C ILE D 208 -35.89 -13.33 21.85
N CYS D 209 -36.59 -14.36 22.29
CA CYS D 209 -36.46 -15.66 21.65
C CYS D 209 -37.08 -15.61 20.26
N ALA D 210 -36.31 -16.03 19.26
CA ALA D 210 -36.76 -15.97 17.88
C ALA D 210 -36.12 -17.06 17.04
N GLY E 61 -46.69 10.94 12.87
CA GLY E 61 -45.80 11.43 13.89
C GLY E 61 -46.48 12.32 14.89
N LYS E 62 -46.32 12.02 16.17
CA LYS E 62 -46.96 12.77 17.24
C LYS E 62 -45.93 13.65 17.94
N ALA E 63 -46.27 14.93 18.12
CA ALA E 63 -45.40 15.86 18.82
C ALA E 63 -45.47 15.60 20.32
N VAL E 64 -44.33 15.53 20.97
CA VAL E 64 -44.26 15.33 22.41
C VAL E 64 -44.47 16.66 23.11
N ALA E 65 -45.13 16.61 24.27
CA ALA E 65 -45.37 17.82 25.05
C ALA E 65 -44.05 18.39 25.57
N LYS E 66 -44.05 19.69 25.83
CA LYS E 66 -42.82 20.34 26.31
C LYS E 66 -42.40 19.77 27.65
N GLU E 67 -43.35 19.40 28.51
CA GLU E 67 -43.02 18.85 29.81
C GLU E 67 -42.57 17.40 29.73
N ASP E 68 -43.01 16.65 28.73
CA ASP E 68 -42.70 15.23 28.60
C ASP E 68 -41.38 14.98 27.89
N ARG E 69 -40.72 16.02 27.37
CA ARG E 69 -39.51 15.83 26.60
C ARG E 69 -38.46 15.08 27.40
N THR E 70 -37.84 14.09 26.78
CA THR E 70 -36.85 13.25 27.44
C THR E 70 -35.45 13.35 26.83
N THR E 71 -35.29 14.07 25.73
CA THR E 71 -33.98 14.18 25.11
C THR E 71 -33.10 15.13 25.90
N THR E 72 -31.83 15.18 25.52
CA THR E 72 -30.87 15.98 26.27
C THR E 72 -31.23 17.46 26.16
N PRO E 73 -31.03 18.25 27.21
CA PRO E 73 -31.31 19.69 27.13
C PRO E 73 -30.17 20.51 26.56
N TYR E 74 -29.10 19.86 26.13
CA TYR E 74 -27.93 20.53 25.57
C TYR E 74 -27.96 20.47 24.05
N MET E 75 -27.36 21.47 23.42
CA MET E 75 -27.20 21.47 21.98
C MET E 75 -26.08 20.52 21.61
N THR E 76 -26.38 19.54 20.74
CA THR E 76 -25.36 18.62 20.29
C THR E 76 -24.43 19.33 19.31
N LYS E 77 -23.23 18.78 19.15
CA LYS E 77 -22.27 19.40 18.24
C LYS E 77 -22.79 19.37 16.81
N TYR E 78 -23.44 18.28 16.42
CA TYR E 78 -24.09 18.23 15.12
C TYR E 78 -25.21 19.25 15.02
N GLU E 79 -25.99 19.40 16.08
CA GLU E 79 -27.04 20.42 16.08
C GLU E 79 -26.45 21.81 15.97
N ARG E 80 -25.35 22.07 16.68
CA ARG E 80 -24.71 23.37 16.61
C ARG E 80 -24.19 23.65 15.21
N ALA E 81 -23.54 22.67 14.58
CA ALA E 81 -23.04 22.86 13.22
C ALA E 81 -24.20 23.13 12.26
N ARG E 82 -25.26 22.32 12.33
CA ARG E 82 -26.39 22.50 11.44
C ARG E 82 -27.08 23.84 11.67
N ILE E 83 -27.25 24.25 12.92
CA ILE E 83 -27.91 25.51 13.22
C ILE E 83 -27.10 26.68 12.70
N LEU E 84 -25.79 26.67 12.95
CA LEU E 84 -24.95 27.76 12.48
C LEU E 84 -24.95 27.81 10.96
N GLY E 85 -24.83 26.66 10.29
CA GLY E 85 -24.84 26.66 8.85
C GLY E 85 -26.14 27.16 8.27
N THR E 86 -27.27 26.71 8.82
CA THR E 86 -28.57 27.12 8.31
C THR E 86 -28.80 28.62 8.53
N ARG E 87 -28.46 29.13 9.72
CA ARG E 87 -28.66 30.54 9.97
C ARG E 87 -27.74 31.39 9.10
N ALA E 88 -26.48 30.95 8.92
CA ALA E 88 -25.58 31.67 8.05
C ALA E 88 -26.08 31.69 6.61
N LEU E 89 -26.61 30.56 6.14
CA LEU E 89 -27.16 30.51 4.79
C LEU E 89 -28.35 31.45 4.66
N GLN E 90 -29.21 31.50 5.68
CA GLN E 90 -30.35 32.41 5.61
C GLN E 90 -29.91 33.87 5.63
N ILE E 91 -28.89 34.19 6.43
CA ILE E 91 -28.38 35.55 6.49
C ILE E 91 -27.78 35.95 5.15
N SER E 92 -27.02 35.04 4.53
CA SER E 92 -26.44 35.34 3.23
C SER E 92 -27.50 35.66 2.20
N MET E 93 -28.70 35.10 2.35
CA MET E 93 -29.83 35.41 1.49
C MET E 93 -30.72 36.51 2.07
N ASN E 94 -30.14 37.44 2.83
CA ASN E 94 -30.80 38.67 3.23
C ASN E 94 -31.87 38.47 4.29
N ALA E 95 -31.71 37.45 5.13
CA ALA E 95 -32.61 37.29 6.25
C ALA E 95 -32.31 38.37 7.30
N PRO E 96 -33.33 39.00 7.88
CA PRO E 96 -33.07 40.05 8.86
C PRO E 96 -32.24 39.52 10.01
N VAL E 97 -31.26 40.32 10.43
CA VAL E 97 -30.34 39.94 11.48
C VAL E 97 -30.93 40.38 12.82
N LEU E 98 -30.99 39.46 13.78
CA LEU E 98 -31.57 39.72 15.09
C LEU E 98 -30.51 40.04 16.13
N VAL E 99 -29.44 40.73 15.73
CA VAL E 99 -28.37 41.12 16.64
C VAL E 99 -27.69 42.34 16.07
N ASP E 100 -27.11 43.15 16.95
CA ASP E 100 -26.40 44.34 16.50
C ASP E 100 -25.07 43.97 15.87
N LEU E 101 -24.81 44.55 14.70
CA LEU E 101 -23.60 44.24 13.94
C LEU E 101 -22.54 45.31 14.21
N GLU E 102 -21.32 44.87 14.48
CA GLU E 102 -20.17 45.75 14.63
C GLU E 102 -19.28 45.72 13.39
N GLY E 103 -19.88 45.65 12.21
CA GLY E 103 -19.13 45.66 10.98
C GLY E 103 -18.72 44.30 10.45
N GLU E 104 -19.31 43.22 10.96
CA GLU E 104 -19.00 41.90 10.45
C GLU E 104 -19.56 41.73 9.05
N THR E 105 -18.78 41.05 8.19
CA THR E 105 -19.17 40.82 6.81
C THR E 105 -19.41 39.35 6.48
N ASP E 106 -18.90 38.43 7.28
CA ASP E 106 -19.09 37.01 7.02
C ASP E 106 -20.40 36.55 7.63
N PRO E 107 -21.33 35.98 6.86
CA PRO E 107 -22.58 35.52 7.46
C PRO E 107 -22.38 34.49 8.55
N LEU E 108 -21.33 33.67 8.46
CA LEU E 108 -21.10 32.67 9.50
C LEU E 108 -20.75 33.31 10.83
N GLN E 109 -19.94 34.37 10.81
CA GLN E 109 -19.61 35.07 12.04
C GLN E 109 -20.83 35.77 12.61
N ILE E 110 -21.70 36.30 11.74
CA ILE E 110 -22.93 36.92 12.21
C ILE E 110 -23.80 35.88 12.89
N ALA E 111 -23.91 34.69 12.30
CA ALA E 111 -24.68 33.62 12.92
C ALA E 111 -24.06 33.18 14.24
N MET E 112 -22.73 33.14 14.32
CA MET E 112 -22.08 32.77 15.57
C MET E 112 -22.41 33.77 16.67
N LYS E 113 -22.35 35.07 16.35
CA LYS E 113 -22.65 36.07 17.37
C LYS E 113 -24.13 36.09 17.72
N GLU E 114 -25.00 35.76 16.77
CA GLU E 114 -26.40 35.55 17.10
C GLU E 114 -26.58 34.39 18.06
N LEU E 115 -25.83 33.30 17.82
CA LEU E 115 -25.94 32.14 18.71
C LEU E 115 -25.46 32.48 20.11
N ALA E 116 -24.36 33.22 20.23
CA ALA E 116 -23.85 33.56 21.55
C ALA E 116 -24.90 34.29 22.37
N GLN E 117 -25.74 35.08 21.73
CA GLN E 117 -26.84 35.77 22.39
C GLN E 117 -28.15 35.02 22.30
N LYS E 118 -28.13 33.78 21.78
CA LYS E 118 -29.32 32.97 21.65
C LYS E 118 -30.41 33.69 20.84
N LYS E 119 -29.99 34.36 19.77
CA LYS E 119 -30.88 35.15 18.94
C LYS E 119 -31.16 34.49 17.59
N ILE E 120 -30.87 33.19 17.45
CA ILE E 120 -31.17 32.48 16.22
C ILE E 120 -32.62 32.00 16.27
N PRO E 121 -33.49 32.43 15.37
CA PRO E 121 -34.89 31.99 15.40
C PRO E 121 -35.11 30.66 14.69
N LEU E 122 -34.62 29.58 15.31
CA LEU E 122 -34.71 28.26 14.72
C LEU E 122 -35.09 27.25 15.79
N LEU E 123 -35.70 26.15 15.34
CA LEU E 123 -36.02 25.01 16.17
C LEU E 123 -35.25 23.80 15.68
N VAL E 124 -35.13 22.82 16.56
CA VAL E 124 -34.60 21.50 16.23
C VAL E 124 -35.72 20.51 16.48
N ARG E 125 -36.12 19.79 15.44
CA ARG E 125 -37.14 18.75 15.54
C ARG E 125 -36.42 17.42 15.68
N ARG E 126 -36.12 17.04 16.92
CA ARG E 126 -35.44 15.79 17.21
C ARG E 126 -36.44 14.65 17.07
N TYR E 127 -36.11 13.68 16.24
CA TYR E 127 -37.00 12.56 15.98
C TYR E 127 -36.59 11.36 16.82
N LEU E 128 -37.55 10.76 17.50
CA LEU E 128 -37.31 9.52 18.20
C LEU E 128 -37.44 8.35 17.22
N PRO E 129 -36.82 7.22 17.52
CA PRO E 129 -36.81 6.12 16.53
C PRO E 129 -38.19 5.68 16.09
N ASP E 130 -39.21 5.82 16.94
CA ASP E 130 -40.56 5.41 16.57
C ASP E 130 -41.27 6.42 15.70
N GLY E 131 -40.75 7.63 15.57
CA GLY E 131 -41.36 8.67 14.76
C GLY E 131 -41.87 9.85 15.54
N SER E 132 -42.06 9.72 16.85
CA SER E 132 -42.42 10.86 17.68
C SER E 132 -41.23 11.81 17.78
N TYR E 133 -41.53 13.10 17.91
CA TYR E 133 -40.50 14.12 17.84
C TYR E 133 -40.70 15.17 18.92
N GLU E 134 -39.61 15.87 19.23
CA GLU E 134 -39.60 16.96 20.19
C GLU E 134 -39.01 18.19 19.53
N ASP E 135 -39.68 19.33 19.69
CA ASP E 135 -39.19 20.60 19.16
C ASP E 135 -38.47 21.36 20.27
N TRP E 136 -37.21 21.69 20.04
CA TRP E 136 -36.39 22.43 20.98
C TRP E 136 -35.99 23.76 20.36
N SER E 137 -36.19 24.85 21.09
CA SER E 137 -35.74 26.15 20.61
C SER E 137 -34.23 26.26 20.73
N VAL E 138 -33.61 26.92 19.76
CA VAL E 138 -32.18 27.17 19.84
C VAL E 138 -31.86 28.03 21.06
N ALA E 139 -32.83 28.85 21.49
CA ALA E 139 -32.62 29.70 22.65
C ALA E 139 -32.59 28.90 23.95
N GLU E 140 -33.53 27.97 24.11
CA GLU E 140 -33.61 27.19 25.34
C GLU E 140 -32.57 26.10 25.43
N LEU E 141 -31.98 25.69 24.31
CA LEU E 141 -30.93 24.68 24.35
C LEU E 141 -29.69 25.23 25.04
N ILE E 142 -29.04 24.37 25.81
CA ILE E 142 -27.88 24.78 26.59
C ILE E 142 -26.61 24.54 25.79
N MET F 1 -77.11 24.78 -8.32
CA MET F 1 -75.71 25.29 -8.19
C MET F 1 -75.01 24.70 -6.95
N PRO F 2 -74.48 23.48 -7.09
CA PRO F 2 -73.85 22.83 -5.94
C PRO F 2 -72.51 23.43 -5.56
N PHE F 3 -72.46 24.09 -4.40
CA PHE F 3 -71.23 24.67 -3.87
C PHE F 3 -70.77 23.84 -2.68
N PHE F 4 -69.48 23.51 -2.66
CA PHE F 4 -68.91 22.62 -1.66
C PHE F 4 -67.91 23.37 -0.79
N LEU F 5 -68.08 23.24 0.53
CA LEU F 5 -67.14 23.81 1.51
C LEU F 5 -66.17 22.71 1.90
N LYS F 6 -64.91 22.88 1.51
CA LYS F 6 -63.89 21.85 1.68
C LYS F 6 -62.65 22.44 2.31
N GLU F 7 -61.92 21.59 3.04
CA GLU F 7 -60.63 21.96 3.62
C GLU F 7 -59.52 21.48 2.71
N LEU F 8 -58.63 22.39 2.33
CA LEU F 8 -57.56 22.09 1.39
C LEU F 8 -56.22 22.51 1.99
N SER F 9 -55.14 21.98 1.42
CA SER F 9 -53.79 22.23 1.90
C SER F 9 -52.90 22.65 0.74
N LEU F 10 -51.89 23.45 1.07
CA LEU F 10 -50.90 23.89 0.10
C LEU F 10 -49.56 24.02 0.81
N THR F 11 -48.48 23.85 0.03
CA THR F 11 -47.12 23.89 0.56
C THR F 11 -46.43 25.14 0.01
N ILE F 12 -46.27 26.15 0.87
CA ILE F 12 -45.73 27.44 0.48
C ILE F 12 -44.24 27.48 0.83
N SER F 13 -43.42 27.86 -0.14
CA SER F 13 -42.00 28.09 0.07
C SER F 13 -41.77 29.59 0.21
N LEU F 14 -41.02 29.97 1.24
CA LEU F 14 -40.81 31.37 1.58
C LEU F 14 -39.32 31.68 1.63
N HIS F 15 -38.95 32.82 1.05
CA HIS F 15 -37.56 33.24 1.00
C HIS F 15 -37.10 33.74 2.37
N PRO F 16 -35.83 33.53 2.72
CA PRO F 16 -35.34 34.01 4.02
C PRO F 16 -35.50 35.51 4.22
N SER F 17 -35.53 36.29 3.14
CA SER F 17 -35.66 37.74 3.29
C SER F 17 -36.97 38.10 3.98
N TYR F 18 -37.99 37.27 3.84
CA TYR F 18 -39.30 37.55 4.43
C TYR F 18 -39.43 37.06 5.87
N PHE F 19 -38.38 36.46 6.43
CA PHE F 19 -38.47 35.86 7.75
C PHE F 19 -38.48 36.92 8.84
N GLY F 20 -39.61 37.60 9.01
CA GLY F 20 -39.78 38.61 10.02
C GLY F 20 -41.16 38.56 10.65
N PRO F 21 -41.53 39.61 11.37
CA PRO F 21 -42.85 39.62 12.02
C PRO F 21 -44.01 39.49 11.03
N ARG F 22 -43.89 40.05 9.83
CA ARG F 22 -44.96 40.04 8.85
C ARG F 22 -44.94 38.77 7.99
N MET F 23 -44.30 37.70 8.46
CA MET F 23 -44.21 36.49 7.66
C MET F 23 -45.60 35.93 7.36
N GLN F 24 -46.50 35.94 8.35
CA GLN F 24 -47.78 35.26 8.20
C GLN F 24 -48.74 36.05 7.32
N ASP F 25 -48.67 37.39 7.34
CA ASP F 25 -49.47 38.17 6.40
C ASP F 25 -49.06 37.85 4.96
N TYR F 26 -47.75 37.72 4.71
CA TYR F 26 -47.29 37.41 3.37
C TYR F 26 -47.80 36.06 2.90
N LEU F 27 -47.76 35.05 3.77
CA LEU F 27 -48.21 33.72 3.38
C LEU F 27 -49.69 33.72 3.03
N LYS F 28 -50.52 34.38 3.84
CA LYS F 28 -51.95 34.40 3.59
C LYS F 28 -52.26 35.06 2.25
N ALA F 29 -51.62 36.19 1.95
CA ALA F 29 -51.83 36.84 0.67
C ALA F 29 -51.40 35.94 -0.48
N LYS F 30 -50.24 35.29 -0.33
CA LYS F 30 -49.78 34.37 -1.37
C LYS F 30 -50.76 33.22 -1.55
N LEU F 31 -51.31 32.69 -0.46
CA LEU F 31 -52.31 31.64 -0.55
C LEU F 31 -53.56 32.15 -1.27
N LEU F 32 -54.01 33.35 -0.91
CA LEU F 32 -55.17 33.92 -1.59
C LEU F 32 -54.86 34.18 -3.06
N ALA F 33 -53.69 34.74 -3.35
CA ALA F 33 -53.33 35.01 -4.74
C ALA F 33 -53.22 33.72 -5.54
N ASP F 34 -52.63 32.68 -4.95
CA ASP F 34 -52.48 31.41 -5.63
C ASP F 34 -53.70 30.54 -5.44
N ILE F 57 -51.73 27.84 9.44
CA ILE F 57 -50.36 27.81 8.95
C ILE F 57 -49.50 26.90 9.83
N ASP F 58 -48.79 25.98 9.20
CA ASP F 58 -47.96 25.03 9.92
C ASP F 58 -46.58 25.62 10.18
N LYS F 59 -45.80 24.93 11.01
CA LYS F 59 -44.43 25.36 11.27
C LYS F 59 -43.60 25.31 9.99
N GLY F 60 -42.66 26.23 9.88
CA GLY F 60 -41.87 26.34 8.67
C GLY F 60 -40.65 25.45 8.67
N ARG F 61 -40.63 24.46 7.77
CA ARG F 61 -39.52 23.53 7.65
C ARG F 61 -38.43 24.14 6.78
N VAL F 62 -37.25 24.36 7.36
CA VAL F 62 -36.14 24.96 6.62
C VAL F 62 -35.53 23.89 5.71
N VAL F 63 -35.65 24.09 4.41
CA VAL F 63 -35.18 23.13 3.41
C VAL F 63 -33.66 23.04 3.48
N PRO F 64 -33.08 21.85 3.68
CA PRO F 64 -31.61 21.75 3.67
C PRO F 64 -31.03 22.16 2.33
N GLY F 65 -29.92 22.90 2.39
CA GLY F 65 -29.19 23.27 1.20
C GLY F 65 -29.78 24.44 0.43
N GLN F 66 -30.95 24.94 0.81
CA GLN F 66 -31.59 26.03 0.11
C GLN F 66 -31.95 27.22 0.99
N GLY F 67 -32.40 26.97 2.23
CA GLY F 67 -32.70 28.04 3.15
C GLY F 67 -34.15 28.44 3.20
N PHE F 68 -34.94 28.09 2.19
CA PHE F 68 -36.36 28.40 2.21
C PHE F 68 -37.03 27.69 3.39
N ALA F 69 -38.29 28.05 3.62
CA ALA F 69 -39.09 27.46 4.68
C ALA F 69 -40.40 26.97 4.07
N GLU F 70 -40.70 25.69 4.26
CA GLU F 70 -41.91 25.08 3.72
C GLU F 70 -43.03 25.16 4.76
N PHE F 71 -44.13 25.79 4.39
CA PHE F 71 -45.30 25.91 5.25
C PHE F 71 -46.46 25.16 4.62
N GLU F 72 -47.11 24.33 5.41
CA GLU F 72 -48.23 23.52 4.92
C GLU F 72 -49.55 24.27 5.01
N MET G 1 16.86 43.14 61.39
CA MET G 1 16.27 43.85 60.21
C MET G 1 16.33 42.99 58.96
N SER G 2 16.48 41.68 59.17
CA SER G 2 16.62 40.73 58.07
C SER G 2 15.48 39.73 58.10
N GLU G 3 14.25 40.22 58.26
CA GLU G 3 13.09 39.34 58.31
C GLU G 3 12.95 38.51 57.05
N SER G 4 13.50 38.97 55.92
CA SER G 4 13.39 38.25 54.66
C SER G 4 14.38 37.09 54.54
N VAL G 5 15.36 36.98 55.44
CA VAL G 5 16.35 35.90 55.37
C VAL G 5 15.69 34.65 55.95
N LEU G 6 15.13 33.82 55.08
CA LEU G 6 14.48 32.59 55.54
C LEU G 6 15.49 31.60 56.10
N LEU G 7 16.74 31.66 55.66
CA LEU G 7 17.76 30.75 56.15
C LEU G 7 19.13 31.37 55.93
N ASP G 8 20.06 31.07 56.83
CA ASP G 8 21.43 31.55 56.70
C ASP G 8 22.35 30.59 57.44
N GLU G 9 23.28 29.97 56.72
CA GLU G 9 24.15 28.96 57.30
C GLU G 9 25.48 28.95 56.57
N ILE G 10 26.41 28.14 57.08
CA ILE G 10 27.68 27.85 56.43
C ILE G 10 27.65 26.39 56.02
N PHE G 11 28.15 26.10 54.82
CA PHE G 11 28.19 24.74 54.29
C PHE G 11 29.57 24.42 53.77
N THR G 12 30.04 23.21 54.06
CA THR G 12 31.28 22.67 53.52
C THR G 12 30.93 21.59 52.49
N VAL G 13 31.54 21.68 51.32
CA VAL G 13 31.24 20.74 50.24
C VAL G 13 32.00 19.44 50.47
N THR G 14 31.27 18.33 50.47
CA THR G 14 31.85 17.01 50.67
C THR G 14 32.04 16.24 49.37
N SER G 15 31.14 16.39 48.41
CA SER G 15 31.26 15.73 47.13
C SER G 15 30.70 16.64 46.05
N VAL G 16 31.19 16.44 44.82
CA VAL G 16 30.69 17.15 43.65
C VAL G 16 30.60 16.15 42.50
N ASP G 17 29.47 16.17 41.79
CA ASP G 17 29.23 15.26 40.68
C ASP G 17 29.11 16.07 39.40
N LYS G 18 30.05 15.87 38.47
CA LYS G 18 30.07 16.56 37.19
C LYS G 18 30.17 15.58 36.04
N GLN G 19 29.50 14.43 36.15
CA GLN G 19 29.59 13.39 35.14
C GLN G 19 28.50 13.50 34.09
N LYS G 20 27.33 14.02 34.45
CA LYS G 20 26.20 14.04 33.53
C LYS G 20 26.23 15.23 32.59
N TYR G 21 26.53 16.42 33.10
CA TYR G 21 26.47 17.65 32.33
C TYR G 21 27.84 18.31 32.28
N GLN G 22 28.00 19.18 31.29
CA GLN G 22 29.25 19.93 31.15
C GLN G 22 29.18 21.30 31.82
N ARG G 23 27.98 21.86 31.98
CA ARG G 23 27.82 23.20 32.53
C ARG G 23 27.15 23.23 33.90
N VAL G 24 26.61 22.11 34.37
CA VAL G 24 25.92 22.03 35.65
C VAL G 24 26.58 20.93 36.48
N SER G 25 26.71 21.19 37.79
CA SER G 25 27.25 20.21 38.71
C SER G 25 26.41 20.15 39.97
N ARG G 26 26.32 18.95 40.54
CA ARG G 26 25.58 18.73 41.78
C ARG G 26 26.58 18.64 42.92
N ILE G 27 26.47 19.55 43.88
CA ILE G 27 27.34 19.57 45.05
C ILE G 27 26.57 19.06 46.26
N THR G 28 27.17 18.14 46.99
CA THR G 28 26.71 17.72 48.30
C THR G 28 27.49 18.49 49.35
N ALA G 29 26.80 18.99 50.37
CA ALA G 29 27.41 19.80 51.39
C ALA G 29 26.77 19.52 52.75
N VAL G 30 27.55 19.77 53.80
CA VAL G 30 27.10 19.57 55.17
C VAL G 30 27.39 20.83 55.95
N SER G 31 26.49 21.21 56.84
CA SER G 31 26.65 22.42 57.62
C SER G 31 27.83 22.26 58.58
N GLY G 32 28.12 23.34 59.31
CA GLY G 32 29.24 23.32 60.24
C GLY G 32 29.05 22.32 61.37
N GLN G 33 27.81 22.15 61.84
CA GLN G 33 27.50 21.29 62.98
C GLN G 33 26.81 20.00 62.58
N ASN G 34 26.96 19.59 61.31
CA ASN G 34 26.46 18.29 60.84
C ASN G 34 24.98 18.12 61.14
N ASP G 35 24.23 19.22 61.04
CA ASP G 35 22.79 19.20 61.29
C ASP G 35 21.96 19.52 60.06
N MET G 36 22.59 19.80 58.93
CA MET G 36 21.90 19.91 57.65
C MET G 36 22.64 19.13 56.58
N ASN G 37 21.90 18.68 55.58
CA ASN G 37 22.44 18.09 54.38
C ASN G 37 21.89 18.86 53.18
N LEU G 38 22.76 19.26 52.27
CA LEU G 38 22.37 20.01 51.09
C LEU G 38 22.86 19.31 49.85
N THR G 39 21.99 19.19 48.86
CA THR G 39 22.37 18.76 47.51
C THR G 39 21.86 19.81 46.55
N LEU G 40 22.77 20.55 45.93
CA LEU G 40 22.41 21.72 45.13
C LEU G 40 22.98 21.59 43.72
N ASP G 41 22.14 21.83 42.72
CA ASP G 41 22.58 21.91 41.33
C ASP G 41 22.97 23.35 41.03
N ILE G 42 24.24 23.54 40.62
CA ILE G 42 24.76 24.87 40.34
C ILE G 42 25.32 24.89 38.93
N ASN G 43 25.38 26.09 38.36
CA ASN G 43 26.05 26.32 37.07
C ASN G 43 27.54 26.38 37.35
N SER G 44 28.18 25.21 37.32
CA SER G 44 29.59 25.11 37.68
C SER G 44 30.50 25.84 36.70
N GLN G 45 30.01 26.15 35.50
CA GLN G 45 30.84 26.84 34.53
C GLN G 45 31.14 28.27 34.96
N ILE G 46 30.12 28.99 35.42
CA ILE G 46 30.30 30.38 35.83
C ILE G 46 30.66 30.53 37.30
N TYR G 47 30.41 29.50 38.12
CA TYR G 47 30.68 29.56 39.55
C TYR G 47 31.07 28.17 40.05
N PRO G 48 32.29 27.73 39.78
CA PRO G 48 32.71 26.42 40.27
C PRO G 48 32.78 26.38 41.78
N LEU G 49 32.51 25.20 42.34
CA LEU G 49 32.65 24.94 43.77
C LEU G 49 33.34 23.61 43.94
N GLU G 50 34.60 23.63 44.35
CA GLU G 50 35.39 22.43 44.51
C GLU G 50 35.01 21.70 45.79
N LYS G 51 35.49 20.47 45.91
CA LYS G 51 35.28 19.69 47.13
C LYS G 51 35.97 20.37 48.31
N ASP G 52 35.38 20.20 49.50
CA ASP G 52 35.92 20.74 50.74
C ASP G 52 36.00 22.25 50.73
N ALA G 53 35.08 22.92 50.05
CA ALA G 53 35.04 24.38 50.01
C ALA G 53 33.92 24.89 50.89
N THR G 54 34.23 25.87 51.72
CA THR G 54 33.26 26.47 52.63
C THR G 54 32.58 27.65 51.96
N PHE G 55 31.28 27.76 52.14
CA PHE G 55 30.52 28.86 51.57
C PHE G 55 29.31 29.18 52.43
N SER G 56 28.99 30.45 52.54
CA SER G 56 27.78 30.88 53.23
C SER G 56 26.60 30.78 52.28
N LEU G 57 25.57 30.04 52.71
CA LEU G 57 24.34 29.85 51.96
C LEU G 57 23.22 30.60 52.65
N GLN G 58 22.47 31.39 51.90
CA GLN G 58 21.33 32.11 52.42
C GLN G 58 20.13 31.89 51.51
N ILE G 59 18.96 31.77 52.12
CA ILE G 59 17.70 31.71 51.39
C ILE G 59 16.85 32.87 51.87
N THR G 60 16.40 33.70 50.94
CA THR G 60 15.65 34.90 51.25
C THR G 60 14.36 34.91 50.46
N SER G 61 13.43 35.75 50.90
CA SER G 61 12.16 35.92 50.19
C SER G 61 12.18 37.05 49.19
N ASN G 62 13.27 37.79 49.09
CA ASN G 62 13.40 38.87 48.11
C ASN G 62 14.82 39.43 48.20
N LEU G 63 15.14 40.29 47.24
CA LEU G 63 16.45 40.93 47.16
C LEU G 63 16.33 42.44 47.36
N ASN G 64 15.36 42.87 48.19
CA ASN G 64 15.18 44.30 48.40
C ASN G 64 16.41 44.93 49.05
N SER G 65 17.00 44.24 50.02
CA SER G 65 18.18 44.77 50.67
C SER G 65 19.35 44.82 49.67
N PRO G 66 20.11 45.93 49.64
CA PRO G 66 21.24 46.00 48.70
C PRO G 66 22.47 45.25 49.20
N ASP G 67 22.64 45.18 50.51
CA ASP G 67 23.85 44.56 51.06
C ASP G 67 23.83 43.05 50.87
N LEU G 68 22.66 42.42 51.02
CA LEU G 68 22.57 40.99 50.77
C LEU G 68 22.92 40.66 49.32
N LYS G 69 22.37 41.43 48.37
CA LYS G 69 22.65 41.16 46.96
C LYS G 69 24.10 41.44 46.62
N GLU G 70 24.67 42.54 47.15
CA GLU G 70 26.02 42.93 46.76
C GLU G 70 27.06 41.95 47.26
N ALA G 71 26.89 41.43 48.48
CA ALA G 71 27.90 40.54 49.04
C ALA G 71 27.85 39.15 48.41
N ALA G 72 26.68 38.71 47.94
CA ALA G 72 26.55 37.38 47.39
C ALA G 72 27.39 37.22 46.14
N ASP G 73 28.09 36.09 46.05
CA ASP G 73 28.89 35.75 44.87
C ASP G 73 28.12 34.96 43.84
N TYR G 74 26.90 34.50 44.15
CA TYR G 74 26.13 33.69 43.24
C TYR G 74 24.68 33.76 43.69
N ILE G 75 23.77 34.09 42.77
CA ILE G 75 22.37 34.28 43.13
C ILE G 75 21.50 33.52 42.13
N MET G 76 20.55 32.75 42.66
CA MET G 76 19.56 32.04 41.86
C MET G 76 18.18 32.36 42.39
N TYR G 77 17.18 32.25 41.52
CA TYR G 77 15.79 32.54 41.87
C TYR G 77 14.97 31.29 41.56
N GLY G 78 14.48 30.63 42.61
CA GLY G 78 13.74 29.39 42.42
C GLY G 78 12.42 29.36 43.13
N LYS G 79 11.76 28.20 43.14
CA LYS G 79 10.50 28.01 43.82
C LYS G 79 10.62 26.79 44.74
N VAL G 80 10.17 26.94 45.98
CA VAL G 80 10.09 25.81 46.89
C VAL G 80 8.87 25.00 46.50
N TYR G 81 9.09 23.83 45.90
CA TYR G 81 8.00 23.03 45.38
C TYR G 81 7.68 21.82 46.23
N ARG G 82 8.50 21.48 47.23
CA ARG G 82 8.18 20.31 48.04
C ARG G 82 8.67 20.55 49.45
N VAL G 83 7.85 20.21 50.44
CA VAL G 83 8.25 20.23 51.84
C VAL G 83 7.66 19.01 52.51
N GLU G 84 8.44 18.31 53.32
CA GLU G 84 7.89 17.26 54.15
C GLU G 84 8.52 17.30 55.54
N GLU G 85 7.72 16.99 56.55
CA GLU G 85 8.16 16.88 57.93
C GLU G 85 8.32 15.41 58.26
N ALA G 86 9.51 15.02 58.71
CA ALA G 86 9.77 13.64 59.05
C ALA G 86 9.20 13.33 60.43
N LYS G 87 9.03 12.03 60.69
CA LYS G 87 8.52 11.56 61.97
C LYS G 87 9.52 11.74 63.11
N ASP G 88 10.76 12.11 62.79
CA ASP G 88 11.82 12.31 63.79
C ASP G 88 12.24 13.78 63.85
N GLU G 89 11.29 14.68 63.65
CA GLU G 89 11.46 16.13 63.80
C GLU G 89 12.18 16.77 62.61
N LYS G 90 12.68 15.97 61.68
CA LYS G 90 13.45 16.47 60.54
C LYS G 90 12.52 16.94 59.43
N VAL G 91 12.93 17.99 58.74
CA VAL G 91 12.18 18.56 57.62
C VAL G 91 13.08 18.61 56.40
N SER G 92 12.55 18.16 55.27
CA SER G 92 13.27 18.23 53.99
C SER G 92 12.51 19.13 53.03
N VAL G 93 13.24 20.06 52.42
CA VAL G 93 12.69 21.06 51.53
C VAL G 93 13.36 20.92 50.17
N TYR G 94 12.55 20.79 49.13
CA TYR G 94 13.01 20.66 47.76
C TYR G 94 12.59 21.88 46.96
N VAL G 95 13.58 22.56 46.38
CA VAL G 95 13.45 23.80 45.63
C VAL G 95 13.93 23.55 44.21
N SER G 96 13.38 24.29 43.26
CA SER G 96 13.72 24.14 41.85
C SER G 96 13.99 25.52 41.26
N PHE G 97 15.25 25.79 40.92
CA PHE G 97 15.64 27.01 40.22
C PHE G 97 15.58 26.70 38.73
N GLY G 98 14.39 26.84 38.15
CA GLY G 98 14.19 26.65 36.73
C GLY G 98 14.76 25.35 36.21
N GLY G 99 14.81 24.32 37.04
CA GLY G 99 15.30 23.02 36.62
C GLY G 99 16.47 22.52 37.44
N LEU G 100 17.23 23.43 38.04
CA LEU G 100 18.33 23.05 38.91
C LEU G 100 17.78 22.81 40.30
N LEU G 101 17.97 21.60 40.82
CA LEU G 101 17.27 21.19 42.02
C LEU G 101 18.13 21.36 43.26
N MET G 102 17.51 21.79 44.35
CA MET G 102 18.13 21.89 45.66
C MET G 102 17.32 21.07 46.65
N ALA G 103 17.99 20.26 47.45
CA ALA G 103 17.38 19.52 48.53
C ALA G 103 18.12 19.86 49.82
N ILE G 104 17.42 20.50 50.75
CA ILE G 104 17.99 20.88 52.04
C ILE G 104 17.22 20.16 53.13
N GLU G 105 17.94 19.40 53.95
CA GLU G 105 17.34 18.55 54.96
C GLU G 105 17.92 18.91 56.33
N GLY G 106 17.06 19.28 57.26
CA GLY G 106 17.54 19.75 58.54
C GLY G 106 16.47 19.75 59.61
N SER G 107 16.66 20.62 60.60
CA SER G 107 15.77 20.68 61.74
C SER G 107 14.58 21.58 61.45
N HIS G 108 13.42 21.19 61.97
CA HIS G 108 12.21 21.96 61.74
C HIS G 108 12.32 23.38 62.28
N ARG G 109 13.08 23.57 63.37
CA ARG G 109 13.14 24.88 64.00
C ARG G 109 13.58 25.95 63.02
N LYS G 110 14.64 25.67 62.25
CA LYS G 110 15.23 26.64 61.34
C LYS G 110 14.76 26.49 59.89
N LEU G 111 14.14 25.37 59.53
CA LEU G 111 13.51 25.22 58.23
C LEU G 111 12.03 25.58 58.25
N TYR G 112 11.50 26.02 59.39
CA TYR G 112 10.09 26.37 59.48
C TYR G 112 9.72 27.58 58.62
N ARG G 113 10.69 28.40 58.24
CA ARG G 113 10.44 29.61 57.47
C ARG G 113 10.43 29.37 55.98
N LEU G 114 10.75 28.15 55.52
CA LEU G 114 10.77 27.82 54.10
C LEU G 114 9.43 27.20 53.74
N SER G 115 8.57 27.99 53.11
CA SER G 115 7.27 27.55 52.65
C SER G 115 7.25 27.44 51.13
N LEU G 116 6.16 26.87 50.61
CA LEU G 116 6.03 26.63 49.17
C LEU G 116 5.78 27.96 48.48
N ASP G 117 6.87 28.64 48.13
CA ASP G 117 6.78 29.94 47.48
C ASP G 117 8.13 30.24 46.82
N HIS G 118 8.14 31.26 45.98
CA HIS G 118 9.38 31.66 45.32
C HIS G 118 10.39 32.21 46.32
N VAL G 119 11.66 31.83 46.14
CA VAL G 119 12.73 32.22 47.03
C VAL G 119 13.98 32.55 46.22
N TYR G 120 14.91 33.24 46.87
CA TYR G 120 16.21 33.56 46.31
C TYR G 120 17.28 32.80 47.09
N LEU G 121 18.22 32.21 46.37
CA LEU G 121 19.37 31.53 46.96
C LEU G 121 20.61 32.38 46.70
N LEU G 122 21.34 32.69 47.77
CA LEU G 122 22.55 33.51 47.69
C LEU G 122 23.70 32.69 48.27
N LEU G 123 24.67 32.36 47.43
CA LEU G 123 25.90 31.72 47.85
C LEU G 123 27.03 32.75 47.86
N ARG G 124 27.88 32.66 48.86
CA ARG G 124 29.04 33.54 48.98
C ARG G 124 30.22 32.72 49.48
N ARG G 125 31.27 32.61 48.68
CA ARG G 125 32.45 31.86 49.07
C ARG G 125 33.46 32.76 49.77
N PHE H 4 6.29 -62.70 -1.97
CA PHE H 4 5.91 -62.00 -3.19
C PHE H 4 6.41 -62.82 -4.39
N GLN H 5 5.49 -63.34 -5.20
CA GLN H 5 5.86 -64.25 -6.26
C GLN H 5 4.99 -64.00 -7.49
N TYR H 6 5.44 -64.52 -8.62
CA TYR H 6 4.76 -64.38 -9.90
C TYR H 6 4.51 -65.77 -10.49
N CYS H 7 3.47 -65.84 -11.32
CA CYS H 7 3.16 -67.09 -12.01
C CYS H 7 4.30 -67.47 -12.94
N ILE H 8 4.66 -68.75 -12.95
CA ILE H 8 5.69 -69.24 -13.86
C ILE H 8 5.18 -69.44 -15.28
N GLU H 9 3.87 -69.36 -15.49
CA GLU H 9 3.30 -69.56 -16.82
C GLU H 9 3.17 -68.24 -17.57
N CYS H 10 2.40 -67.29 -17.03
CA CYS H 10 2.16 -66.01 -17.68
C CYS H 10 2.85 -64.85 -16.99
N ASN H 11 3.59 -65.10 -15.91
CA ASN H 11 4.38 -64.08 -15.22
C ASN H 11 3.51 -62.97 -14.60
N ASN H 12 2.27 -63.30 -14.22
CA ASN H 12 1.41 -62.36 -13.53
C ASN H 12 1.58 -62.56 -12.02
N MET H 13 0.78 -61.87 -11.22
CA MET H 13 0.91 -61.91 -9.76
C MET H 13 0.19 -63.13 -9.20
N LEU H 14 0.84 -63.80 -8.24
CA LEU H 14 0.26 -64.93 -7.54
C LEU H 14 -0.41 -64.44 -6.27
N TYR H 15 -1.68 -64.73 -6.11
CA TYR H 15 -2.38 -64.25 -4.94
C TYR H 15 -2.44 -65.33 -3.87
N PRO H 16 -2.48 -64.93 -2.59
CA PRO H 16 -2.54 -65.92 -1.52
C PRO H 16 -3.87 -66.65 -1.49
N ARG H 17 -3.84 -67.88 -0.99
CA ARG H 17 -5.04 -68.71 -0.95
C ARG H 17 -4.89 -69.75 0.15
N GLU H 18 -6.04 -70.17 0.69
CA GLU H 18 -6.11 -71.20 1.72
C GLU H 18 -6.53 -72.50 1.06
N ASP H 19 -5.72 -73.55 1.25
CA ASP H 19 -6.07 -74.90 0.81
C ASP H 19 -6.61 -75.62 2.04
N LYS H 20 -7.94 -75.71 2.13
CA LYS H 20 -8.58 -76.22 3.34
C LYS H 20 -8.35 -77.72 3.51
N VAL H 21 -8.38 -78.47 2.42
CA VAL H 21 -8.27 -79.92 2.52
C VAL H 21 -6.97 -80.31 3.21
N ASP H 22 -5.86 -79.69 2.82
CA ASP H 22 -4.59 -79.87 3.51
C ASP H 22 -4.32 -78.78 4.53
N ARG H 23 -5.16 -77.75 4.59
CA ARG H 23 -4.96 -76.61 5.50
C ARG H 23 -3.54 -76.07 5.35
N VAL H 24 -3.24 -75.57 4.15
CA VAL H 24 -1.94 -74.98 3.85
C VAL H 24 -2.13 -73.65 3.15
N LEU H 25 -1.04 -72.89 3.09
CA LEU H 25 -1.02 -71.60 2.42
C LEU H 25 -0.42 -71.77 1.04
N ARG H 26 -1.13 -71.29 0.01
CA ARG H 26 -0.69 -71.43 -1.36
C ARG H 26 -0.65 -70.07 -2.04
N LEU H 27 0.20 -69.97 -3.05
CA LEU H 27 0.23 -68.83 -3.95
C LEU H 27 -0.29 -69.30 -5.29
N ALA H 28 -1.45 -68.81 -5.69
CA ALA H 28 -2.14 -69.27 -6.90
C ALA H 28 -2.37 -68.11 -7.84
N CYS H 29 -2.06 -68.31 -9.12
CA CYS H 29 -2.32 -67.29 -10.11
C CYS H 29 -3.82 -67.19 -10.36
N ARG H 30 -4.32 -65.95 -10.41
CA ARG H 30 -5.73 -65.69 -10.65
C ARG H 30 -6.02 -65.49 -12.13
N ASN H 31 -5.03 -65.68 -13.00
CA ASN H 31 -5.22 -65.71 -14.44
C ASN H 31 -5.28 -67.13 -14.99
N CYS H 32 -4.35 -67.99 -14.56
CA CYS H 32 -4.32 -69.39 -14.96
C CYS H 32 -4.49 -70.27 -13.72
N ASP H 33 -4.32 -71.57 -13.90
CA ASP H 33 -4.56 -72.55 -12.85
C ASP H 33 -3.31 -72.86 -12.03
N TYR H 34 -2.19 -72.19 -12.28
CA TYR H 34 -0.97 -72.51 -11.57
C TYR H 34 -1.12 -72.20 -10.07
N SER H 35 -0.42 -72.99 -9.26
CA SER H 35 -0.43 -72.79 -7.82
C SER H 35 0.82 -73.45 -7.23
N GLU H 36 1.36 -72.84 -6.18
CA GLU H 36 2.57 -73.32 -5.54
C GLU H 36 2.43 -73.20 -4.03
N ILE H 37 3.30 -73.92 -3.31
CA ILE H 37 3.27 -73.95 -1.86
C ILE H 37 4.16 -72.83 -1.33
N ALA H 38 3.65 -72.09 -0.34
CA ALA H 38 4.39 -70.98 0.23
C ALA H 38 5.55 -71.48 1.10
N ALA H 39 6.71 -70.83 0.95
CA ALA H 39 7.81 -71.06 1.88
C ALA H 39 7.40 -70.61 3.27
N THR H 40 7.20 -69.31 3.44
CA THR H 40 6.49 -68.75 4.59
C THR H 40 5.39 -67.78 4.17
N SER H 41 5.65 -66.98 3.14
CA SER H 41 4.66 -66.06 2.56
C SER H 41 3.88 -65.33 3.64
N LYS H 42 4.62 -64.55 4.45
CA LYS H 42 4.00 -63.65 5.39
C LYS H 42 3.19 -62.64 4.59
N VAL H 43 1.86 -62.74 4.65
CA VAL H 43 1.03 -62.09 3.64
C VAL H 43 1.22 -60.58 3.66
N TYR H 44 1.27 -59.97 4.85
CA TYR H 44 1.14 -58.53 4.95
C TYR H 44 2.10 -57.98 6.00
N ARG H 45 2.77 -56.89 5.66
CA ARG H 45 3.77 -56.24 6.51
C ARG H 45 3.48 -54.73 6.49
N HIS H 46 3.12 -54.18 7.65
CA HIS H 46 2.79 -52.76 7.77
C HIS H 46 3.68 -52.13 8.85
N GLU H 47 4.79 -51.56 8.42
CA GLU H 47 5.66 -50.80 9.31
C GLU H 47 5.11 -49.39 9.48
N LEU H 48 4.85 -48.99 10.72
CA LEU H 48 4.29 -47.68 11.00
C LEU H 48 5.40 -46.66 11.18
N ASP H 61 27.64 -44.59 -4.05
CA ASP H 61 28.99 -44.09 -3.83
C ASP H 61 28.99 -42.60 -3.51
N ALA H 62 29.12 -42.28 -2.21
CA ALA H 62 29.08 -40.91 -1.75
C ALA H 62 30.46 -40.28 -1.59
N SER H 63 31.52 -41.09 -1.55
CA SER H 63 32.86 -40.52 -1.43
C SER H 63 33.25 -39.70 -2.64
N THR H 64 32.52 -39.82 -3.75
CA THR H 64 32.82 -39.08 -4.97
C THR H 64 32.20 -37.70 -4.99
N ASP H 65 31.27 -37.42 -4.10
CA ASP H 65 30.60 -36.11 -4.09
C ASP H 65 31.54 -35.06 -3.53
N PRO H 66 31.83 -33.98 -4.26
CA PRO H 66 32.74 -32.96 -3.74
C PRO H 66 32.06 -31.91 -2.87
N THR H 67 30.73 -31.88 -2.83
CA THR H 67 29.99 -30.94 -2.02
C THR H 67 29.69 -31.48 -0.63
N LEU H 68 30.01 -32.73 -0.35
CA LEU H 68 29.73 -33.29 0.96
C LEU H 68 30.81 -32.88 1.95
N PRO H 69 30.44 -32.52 3.18
CA PRO H 69 31.46 -32.21 4.18
C PRO H 69 32.29 -33.44 4.51
N ARG H 70 33.55 -33.21 4.86
CA ARG H 70 34.48 -34.28 5.17
C ARG H 70 34.87 -34.25 6.63
N SER H 71 35.36 -35.38 7.12
CA SER H 71 35.89 -35.50 8.47
C SER H 71 37.19 -36.27 8.44
N ASP H 72 37.94 -36.18 9.54
CA ASP H 72 39.18 -36.94 9.73
C ASP H 72 38.96 -38.16 10.62
N LYS H 73 37.78 -38.76 10.55
CA LYS H 73 37.43 -39.88 11.42
C LYS H 73 38.13 -41.15 10.98
N GLU H 74 38.19 -42.12 11.89
CA GLU H 74 38.90 -43.37 11.66
C GLU H 74 37.99 -44.38 10.99
N CYS H 75 38.53 -45.08 9.99
CA CYS H 75 37.78 -46.11 9.29
C CYS H 75 38.07 -47.48 9.90
N PRO H 76 37.09 -48.18 10.46
CA PRO H 76 37.39 -49.49 11.06
C PRO H 76 38.03 -50.48 10.08
N ARG H 77 37.49 -50.56 8.87
CA ARG H 77 37.96 -51.56 7.92
C ARG H 77 39.42 -51.34 7.54
N CYS H 78 39.70 -50.23 6.87
CA CYS H 78 41.03 -49.96 6.33
C CYS H 78 41.85 -49.01 7.18
N HIS H 79 41.35 -48.58 8.33
CA HIS H 79 42.11 -47.77 9.28
C HIS H 79 42.72 -46.54 8.61
N GLN H 80 41.95 -45.92 7.72
CA GLN H 80 42.30 -44.63 7.16
C GLN H 80 41.65 -43.53 8.00
N HIS H 81 41.70 -42.29 7.50
CA HIS H 81 41.23 -41.15 8.28
C HIS H 81 40.27 -40.23 7.54
N GLU H 82 40.23 -40.27 6.20
CA GLU H 82 39.34 -39.42 5.43
C GLU H 82 37.96 -40.04 5.34
N ALA H 83 36.93 -39.21 5.45
CA ALA H 83 35.56 -39.72 5.44
C ALA H 83 34.60 -38.57 5.20
N VAL H 84 33.67 -38.76 4.26
CA VAL H 84 32.57 -37.83 4.06
C VAL H 84 31.51 -38.16 5.09
N PHE H 85 30.51 -37.29 5.25
CA PHE H 85 29.37 -37.62 6.09
C PHE H 85 28.15 -36.83 5.64
N TYR H 86 26.98 -37.34 6.00
CA TYR H 86 25.73 -36.70 5.62
C TYR H 86 24.65 -37.08 6.61
N GLN H 87 23.64 -36.22 6.73
CA GLN H 87 22.54 -36.47 7.64
C GLN H 87 21.53 -37.43 7.02
N THR H 88 20.59 -37.88 7.84
CA THR H 88 19.58 -38.83 7.39
C THR H 88 18.50 -38.12 6.57
N HIS H 89 17.78 -38.92 5.79
CA HIS H 89 16.71 -38.41 4.94
C HIS H 89 15.52 -39.36 4.94
N MET H 96 15.64 -37.15 13.01
CA MET H 96 16.91 -37.38 13.66
C MET H 96 18.06 -36.93 12.76
N MET H 97 18.77 -35.90 13.20
CA MET H 97 19.90 -35.35 12.44
C MET H 97 21.19 -36.10 12.75
N THR H 98 21.15 -37.42 12.65
CA THR H 98 22.32 -38.25 12.89
C THR H 98 23.15 -38.39 11.62
N LEU H 99 24.46 -38.51 11.80
CA LEU H 99 25.40 -38.53 10.68
C LEU H 99 25.73 -39.95 10.28
N ILE H 100 25.63 -40.23 8.98
CA ILE H 100 26.22 -41.41 8.38
C ILE H 100 27.53 -40.99 7.73
N TYR H 101 28.62 -41.61 8.14
CA TYR H 101 29.93 -41.37 7.55
C TYR H 101 30.19 -42.39 6.47
N VAL H 102 31.07 -42.04 5.54
CA VAL H 102 31.46 -42.94 4.47
C VAL H 102 32.94 -42.74 4.18
N CYS H 103 33.71 -43.82 4.24
CA CYS H 103 35.13 -43.72 3.96
C CYS H 103 35.38 -43.31 2.52
N VAL H 104 36.46 -42.58 2.30
CA VAL H 104 36.82 -42.14 0.95
C VAL H 104 37.82 -43.08 0.30
N HIS H 105 38.41 -44.01 1.04
CA HIS H 105 39.35 -44.98 0.49
C HIS H 105 38.73 -46.34 0.20
N CYS H 106 37.83 -46.82 1.06
CA CYS H 106 37.19 -48.12 0.89
C CYS H 106 35.69 -48.04 0.67
N GLY H 107 35.07 -46.88 0.89
CA GLY H 107 33.65 -46.72 0.65
C GLY H 107 32.75 -47.30 1.72
N PHE H 108 33.29 -47.68 2.87
CA PHE H 108 32.48 -48.27 3.91
C PHE H 108 31.67 -47.20 4.64
N ALA H 109 30.41 -47.53 4.94
CA ALA H 109 29.53 -46.63 5.67
C ALA H 109 29.57 -46.95 7.15
N PHE H 110 29.73 -45.92 7.97
CA PHE H 110 29.93 -46.04 9.40
C PHE H 110 28.65 -45.70 10.14
N GLU H 111 28.76 -45.56 11.46
CA GLU H 111 27.74 -44.94 12.28
C GLU H 111 28.47 -44.23 13.42
N GLU H 112 27.78 -43.30 14.07
CA GLU H 112 28.43 -42.48 15.09
C GLU H 112 28.91 -43.28 16.30
N GLN H 113 28.42 -44.50 16.48
CA GLN H 113 28.82 -45.34 17.61
C GLN H 113 28.66 -44.59 18.94
N MET I 1 27.94 18.46 -20.42
CA MET I 1 27.83 19.36 -21.61
C MET I 1 29.13 20.15 -21.72
N ILE I 2 29.12 21.38 -21.23
CA ILE I 2 30.28 22.25 -21.26
C ILE I 2 30.53 22.75 -19.85
N ILE I 3 31.79 23.04 -19.54
CA ILE I 3 32.13 23.31 -18.14
C ILE I 3 31.37 24.53 -17.66
N PRO I 4 30.75 24.50 -16.48
CA PRO I 4 29.99 25.67 -16.02
C PRO I 4 30.90 26.87 -15.81
N ILE I 5 30.32 28.05 -15.99
CA ILE I 5 31.10 29.28 -15.89
C ILE I 5 31.60 29.48 -14.46
N ARG I 6 30.71 29.35 -13.48
CA ARG I 6 31.04 29.52 -12.07
C ARG I 6 30.75 28.24 -11.32
N CYS I 7 31.39 28.10 -10.17
CA CYS I 7 31.09 26.96 -9.31
C CYS I 7 29.68 27.08 -8.75
N PHE I 8 29.08 25.92 -8.47
CA PHE I 8 27.70 25.92 -7.98
C PHE I 8 27.63 26.43 -6.54
N SER I 9 28.61 26.07 -5.71
CA SER I 9 28.62 26.48 -4.31
C SER I 9 29.41 27.77 -4.10
N CYS I 10 30.70 27.76 -4.44
CA CYS I 10 31.56 28.90 -4.15
C CYS I 10 31.35 30.08 -5.09
N GLY I 11 30.72 29.87 -6.25
CA GLY I 11 30.56 30.97 -7.18
C GLY I 11 31.84 31.42 -7.83
N LYS I 12 32.94 30.72 -7.61
CA LYS I 12 34.21 31.03 -8.25
C LYS I 12 34.14 30.69 -9.73
N VAL I 13 34.76 31.53 -10.55
CA VAL I 13 34.74 31.31 -12.00
C VAL I 13 35.69 30.16 -12.33
N ILE I 14 35.12 29.06 -12.82
CA ILE I 14 35.91 27.92 -13.27
C ILE I 14 35.86 27.75 -14.79
N GLY I 15 35.03 28.52 -15.48
CA GLY I 15 34.88 28.39 -16.92
C GLY I 15 36.06 28.85 -17.73
N ASP I 16 37.08 29.43 -17.08
CA ASP I 16 38.30 29.85 -17.75
C ASP I 16 39.51 29.00 -17.35
N LYS I 17 39.27 27.78 -16.85
CA LYS I 17 40.34 26.91 -16.39
C LYS I 17 40.26 25.50 -16.95
N TRP I 18 39.22 25.17 -17.71
CA TRP I 18 39.07 23.80 -18.20
C TRP I 18 40.21 23.45 -19.17
N ASP I 19 40.50 24.35 -20.11
CA ASP I 19 41.62 24.11 -21.03
C ASP I 19 42.93 24.01 -20.26
N THR I 20 43.14 24.90 -19.29
CA THR I 20 44.35 24.84 -18.49
C THR I 20 44.42 23.53 -17.71
N TYR I 21 43.29 23.08 -17.18
CA TYR I 21 43.26 21.82 -16.44
C TYR I 21 43.68 20.66 -17.33
N LEU I 22 43.08 20.57 -18.53
CA LEU I 22 43.43 19.49 -19.45
C LEU I 22 44.90 19.57 -19.85
N THR I 23 45.40 20.77 -20.13
CA THR I 23 46.80 20.91 -20.51
C THR I 23 47.72 20.47 -19.38
N LEU I 24 47.38 20.82 -18.14
CA LEU I 24 48.16 20.36 -17.01
C LEU I 24 48.15 18.84 -16.93
N LEU I 25 46.98 18.22 -17.15
CA LEU I 25 46.91 16.78 -17.10
C LEU I 25 47.79 16.14 -18.18
N GLN I 26 47.83 16.75 -19.36
CA GLN I 26 48.68 16.22 -20.43
C GLN I 26 50.16 16.24 -20.06
N GLU I 27 50.57 17.08 -19.11
CA GLU I 27 51.97 17.25 -18.75
C GLU I 27 52.37 16.37 -17.56
N ASP I 28 51.74 15.21 -17.42
CA ASP I 28 52.05 14.28 -16.35
C ASP I 28 51.84 14.94 -14.98
N ASN I 29 50.63 15.44 -14.78
CA ASN I 29 50.21 15.98 -13.50
C ASN I 29 48.97 15.23 -13.05
N THR I 30 48.97 14.77 -11.80
CA THR I 30 47.77 14.16 -11.26
C THR I 30 46.65 15.20 -11.21
N GLU I 31 45.42 14.72 -11.13
CA GLU I 31 44.29 15.64 -11.06
C GLU I 31 44.38 16.51 -9.82
N GLY I 32 44.81 15.94 -8.69
CA GLY I 32 45.01 16.73 -7.50
C GLY I 32 46.09 17.79 -7.65
N GLU I 33 47.23 17.40 -8.22
CA GLU I 33 48.30 18.36 -8.46
C GLU I 33 47.85 19.45 -9.42
N ALA I 34 47.15 19.08 -10.49
CA ALA I 34 46.67 20.06 -11.45
C ALA I 34 45.70 21.03 -10.80
N LEU I 35 44.78 20.52 -9.97
CA LEU I 35 43.85 21.40 -9.28
C LEU I 35 44.58 22.32 -8.31
N ASP I 36 45.65 21.82 -7.69
CA ASP I 36 46.45 22.67 -6.82
C ASP I 36 47.10 23.80 -7.61
N LYS I 37 47.66 23.47 -8.78
CA LYS I 37 48.27 24.49 -9.62
C LYS I 37 47.26 25.50 -10.17
N LEU I 38 45.99 25.10 -10.26
CA LEU I 38 44.94 26.03 -10.67
C LEU I 38 44.44 26.89 -9.53
N GLY I 39 44.95 26.71 -8.33
CA GLY I 39 44.50 27.48 -7.19
C GLY I 39 43.07 27.18 -6.78
N LEU I 40 42.65 25.93 -6.88
CA LEU I 40 41.33 25.50 -6.44
C LEU I 40 41.52 24.83 -5.09
N GLN I 41 41.31 25.59 -4.01
CA GLN I 41 41.55 25.10 -2.67
C GLN I 41 40.31 24.50 -2.03
N ARG I 42 39.15 25.10 -2.25
CA ARG I 42 37.91 24.59 -1.70
C ARG I 42 37.49 23.35 -2.47
N TYR I 43 37.17 22.27 -1.74
CA TYR I 43 36.82 21.03 -2.42
C TYR I 43 35.52 21.17 -3.19
N CYS I 44 34.66 22.11 -2.79
CA CYS I 44 33.46 22.38 -3.57
C CYS I 44 33.81 22.92 -4.95
N CYS I 45 34.85 23.75 -5.03
CA CYS I 45 35.25 24.30 -6.32
C CYS I 45 36.03 23.25 -7.11
N ARG I 46 36.69 22.32 -6.41
CA ARG I 46 37.47 21.26 -7.03
C ARG I 46 36.60 20.18 -7.66
N ARG I 47 35.50 19.85 -7.01
CA ARG I 47 34.66 18.76 -7.49
C ARG I 47 34.15 19.01 -8.90
N MET I 48 33.95 20.28 -9.26
CA MET I 48 33.33 20.58 -10.55
C MET I 48 34.31 20.45 -11.70
N ILE I 49 35.59 20.74 -11.48
CA ILE I 49 36.61 20.40 -12.47
C ILE I 49 36.81 18.89 -12.49
N LEU I 50 36.86 18.27 -11.31
CA LEU I 50 37.15 16.84 -11.22
C LEU I 50 36.08 16.01 -11.93
N THR I 51 34.81 16.36 -11.73
CA THR I 51 33.69 15.52 -12.12
C THR I 51 32.97 16.01 -13.36
N HIS I 52 33.55 16.95 -14.10
CA HIS I 52 32.90 17.45 -15.29
C HIS I 52 33.06 16.46 -16.44
N VAL I 53 31.98 16.26 -17.18
CA VAL I 53 31.96 15.41 -18.37
C VAL I 53 31.59 16.27 -19.55
N ASP I 54 32.42 16.22 -20.60
CA ASP I 54 32.33 17.16 -21.72
C ASP I 54 31.49 16.52 -22.84
N LEU I 55 30.18 16.64 -22.70
CA LEU I 55 29.27 16.11 -23.71
C LEU I 55 29.14 17.02 -24.92
N ILE I 56 29.60 18.28 -24.80
CA ILE I 56 29.55 19.20 -25.95
C ILE I 56 30.32 18.60 -27.12
N GLU I 57 31.48 18.01 -26.84
CA GLU I 57 32.31 17.46 -27.90
C GLU I 57 31.61 16.32 -28.62
N LYS I 58 30.92 15.46 -27.87
CA LYS I 58 30.20 14.35 -28.49
C LYS I 58 28.97 14.87 -29.25
N LEU I 59 28.32 15.90 -28.74
CA LEU I 59 27.19 16.52 -29.43
C LEU I 59 27.60 17.23 -30.71
N LEU I 60 28.87 17.62 -30.84
CA LEU I 60 29.35 18.29 -32.03
C LEU I 60 29.66 17.33 -33.17
N CYS I 61 29.67 16.02 -32.90
CA CYS I 61 29.94 15.02 -33.92
C CYS I 61 28.75 14.78 -34.84
N TYR I 62 27.56 15.20 -34.45
CA TYR I 62 26.37 15.06 -35.30
C TYR I 62 26.16 16.32 -36.13
N ASN I 63 27.21 16.73 -36.80
CA ASN I 63 27.11 17.91 -37.64
C ASN I 63 26.41 17.54 -38.96
N PRO I 64 25.35 18.24 -39.34
CA PRO I 64 24.73 17.93 -40.64
C PRO I 64 25.72 17.99 -41.80
N LEU I 65 26.75 18.82 -41.67
CA LEU I 65 27.80 18.91 -42.66
C LEU I 65 29.01 18.11 -42.19
N SER I 66 30.06 18.10 -43.01
CA SER I 66 31.28 17.38 -42.68
C SER I 66 32.36 18.35 -42.21
N MET J 1 6.03 28.42 -11.99
CA MET J 1 4.78 29.16 -12.38
C MET J 1 4.27 30.00 -11.21
N ASN J 2 4.42 29.47 -10.00
CA ASN J 2 4.09 30.19 -8.78
C ASN J 2 5.30 30.85 -8.16
N GLN J 3 6.37 31.01 -8.92
CA GLN J 3 7.56 31.68 -8.42
C GLN J 3 7.25 33.14 -8.15
N PRO J 4 7.82 33.73 -7.10
CA PRO J 4 7.80 35.17 -6.97
C PRO J 4 8.97 35.80 -7.71
N GLU J 5 8.75 37.01 -8.20
CA GLU J 5 9.81 37.71 -8.91
C GLU J 5 10.88 38.18 -7.92
N ARG J 6 12.15 37.89 -8.24
CA ARG J 6 13.22 38.17 -7.29
C ARG J 6 13.34 39.65 -7.00
N TYR J 7 12.90 40.52 -7.92
CA TYR J 7 12.93 41.94 -7.65
C TYR J 7 12.04 42.31 -6.48
N GLU J 8 11.12 41.43 -6.09
CA GLU J 8 10.29 41.67 -4.92
C GLU J 8 11.09 41.62 -3.63
N LEU J 9 12.35 41.19 -3.68
CA LEU J 9 13.23 41.29 -2.53
C LEU J 9 13.82 42.67 -2.36
N ILE J 10 13.62 43.57 -3.31
CA ILE J 10 14.29 44.87 -3.30
C ILE J 10 13.31 46.01 -3.57
N GLU J 11 12.12 45.69 -4.06
CA GLU J 11 11.14 46.69 -4.43
C GLU J 11 10.03 46.74 -3.39
N LEU J 12 9.64 47.96 -3.00
CA LEU J 12 8.65 48.12 -1.95
C LEU J 12 7.23 47.93 -2.45
N MET J 13 6.98 48.16 -3.74
CA MET J 13 5.65 48.03 -4.32
C MET J 13 4.64 48.88 -3.55
N GLY J 14 5.08 50.07 -3.15
CA GLY J 14 4.23 50.99 -2.43
C GLY J 14 4.20 50.81 -0.93
N LEU J 15 4.88 49.79 -0.39
CA LEU J 15 4.95 49.64 1.05
C LEU J 15 5.90 50.66 1.66
N PRO J 16 5.69 51.03 2.93
CA PRO J 16 6.65 51.93 3.59
C PRO J 16 7.89 51.18 4.05
N LYS J 17 9.04 51.82 3.89
CA LYS J 17 10.30 51.19 4.28
C LYS J 17 10.35 50.91 5.77
N VAL J 18 9.95 51.89 6.58
CA VAL J 18 9.96 51.77 8.04
C VAL J 18 8.55 52.03 8.54
N THR J 19 8.08 51.16 9.42
CA THR J 19 6.82 51.36 10.14
C THR J 19 7.13 51.32 11.62
N TYR J 20 6.60 52.28 12.37
CA TYR J 20 6.85 52.40 13.80
C TYR J 20 5.52 52.44 14.51
N GLU J 21 5.31 51.54 15.46
CA GLU J 21 4.08 51.49 16.23
C GLU J 21 4.41 51.34 17.71
N LEU J 22 3.53 51.86 18.55
CA LEU J 22 3.70 51.76 19.99
C LEU J 22 3.06 50.48 20.49
N ASP J 23 3.83 49.67 21.21
CA ASP J 23 3.32 48.44 21.80
C ASP J 23 2.45 48.80 23.00
N SER J 24 1.15 48.54 22.89
CA SER J 24 0.23 48.90 23.96
C SER J 24 0.32 47.93 25.13
N LYS J 25 0.61 46.66 24.87
CA LYS J 25 0.66 45.68 25.96
C LYS J 25 1.71 46.06 27.00
N SER J 26 2.79 46.72 26.58
CA SER J 26 3.90 47.03 27.46
C SER J 26 4.18 48.51 27.44
N PRO J 27 4.71 49.07 28.54
CA PRO J 27 5.04 50.49 28.57
C PRO J 27 6.38 50.78 27.95
N ASN J 28 6.45 51.90 27.22
CA ASN J 28 7.70 52.33 26.58
C ASN J 28 8.24 51.26 25.64
N ALA J 29 7.33 50.54 24.98
CA ALA J 29 7.68 49.48 24.06
C ALA J 29 7.13 49.79 22.69
N ALA J 30 7.96 49.60 21.66
CA ALA J 30 7.58 49.87 20.29
C ALA J 30 8.01 48.72 19.40
N VAL J 31 7.28 48.58 18.30
CA VAL J 31 7.57 47.59 17.26
C VAL J 31 7.87 48.35 15.98
N VAL J 32 9.04 48.06 15.39
CA VAL J 32 9.49 48.68 14.15
C VAL J 32 9.56 47.58 13.11
N THR J 33 8.75 47.72 12.06
CA THR J 33 8.76 46.79 10.95
C THR J 33 9.57 47.39 9.81
N LEU J 34 10.59 46.66 9.37
CA LEU J 34 11.43 47.09 8.26
C LEU J 34 11.19 46.15 7.08
N GLU J 35 10.73 46.72 5.98
CA GLU J 35 10.41 45.96 4.78
C GLU J 35 11.63 45.83 3.89
N LYS J 36 11.70 44.70 3.18
CA LYS J 36 12.83 44.41 2.30
C LYS J 36 14.15 44.56 3.04
N GLU J 37 14.16 44.09 4.29
CA GLU J 37 15.36 44.04 5.10
C GLU J 37 15.40 42.70 5.82
N ASP J 38 16.59 42.30 6.22
CA ASP J 38 16.81 40.95 6.75
C ASP J 38 17.83 41.04 7.88
N HIS J 39 18.40 39.89 8.23
CA HIS J 39 19.28 39.77 9.39
C HIS J 39 20.49 40.68 9.31
N THR J 40 20.89 41.12 8.11
CA THR J 40 22.06 41.98 7.99
C THR J 40 21.91 43.23 8.84
N LEU J 41 20.80 43.94 8.68
CA LEU J 41 20.56 45.13 9.49
C LEU J 41 20.08 44.76 10.89
N ALA J 42 19.18 43.79 10.99
CA ALA J 42 18.50 43.51 12.25
C ALA J 42 19.48 43.02 13.32
N ASN J 43 20.40 42.14 12.95
CA ASN J 43 21.31 41.58 13.94
C ASN J 43 22.18 42.67 14.57
N MET J 44 22.82 43.48 13.72
CA MET J 44 23.70 44.51 14.26
C MET J 44 22.91 45.58 15.01
N LEU J 45 21.71 45.91 14.53
CA LEU J 45 20.90 46.91 15.21
C LEU J 45 20.51 46.44 16.60
N ALA J 46 20.07 45.18 16.72
CA ALA J 46 19.69 44.65 18.02
C ALA J 46 20.89 44.53 18.95
N ASN J 47 22.03 44.09 18.44
CA ASN J 47 23.22 44.00 19.29
C ASN J 47 23.64 45.37 19.81
N GLN J 48 23.65 46.38 18.93
CA GLN J 48 24.00 47.73 19.35
C GLN J 48 23.00 48.24 20.38
N LEU J 49 21.71 47.96 20.17
CA LEU J 49 20.71 48.38 21.15
C LEU J 49 20.98 47.75 22.50
N LEU J 50 21.39 46.48 22.51
CA LEU J 50 21.63 45.82 23.79
C LEU J 50 22.94 46.23 24.43
N SER J 51 23.83 46.89 23.69
CA SER J 51 24.94 47.55 24.35
C SER J 51 24.50 48.77 25.17
N ASP J 52 23.24 49.18 25.06
CA ASP J 52 22.74 50.40 25.68
C ASP J 52 22.02 50.09 26.98
N GLU J 53 22.25 50.92 28.00
CA GLU J 53 21.65 50.71 29.30
C GLU J 53 20.19 51.12 29.34
N ARG J 54 19.80 52.11 28.54
CA ARG J 54 18.40 52.56 28.52
C ARG J 54 17.47 51.55 27.87
N VAL J 55 18.01 50.49 27.27
CA VAL J 55 17.22 49.51 26.53
C VAL J 55 16.98 48.32 27.44
N LEU J 56 15.74 48.17 27.90
CA LEU J 56 15.37 46.99 28.68
C LEU J 56 15.21 45.76 27.79
N PHE J 57 14.56 45.93 26.64
CA PHE J 57 14.27 44.84 25.72
C PHE J 57 14.67 45.26 24.31
N ALA J 58 15.26 44.34 23.57
CA ALA J 58 15.56 44.55 22.15
C ALA J 58 15.67 43.18 21.50
N GLY J 59 14.70 42.87 20.64
CA GLY J 59 14.73 41.62 19.92
C GLY J 59 14.18 41.83 18.53
N TYR J 60 14.42 40.86 17.65
CA TYR J 60 13.92 40.93 16.29
C TYR J 60 13.55 39.52 15.82
N LYS J 61 12.65 39.49 14.83
CA LYS J 61 12.25 38.23 14.23
C LYS J 61 11.92 38.44 12.76
N VAL J 62 12.09 37.37 11.99
CA VAL J 62 11.64 37.32 10.60
C VAL J 62 10.45 36.36 10.56
N PRO J 63 9.21 36.87 10.49
CA PRO J 63 8.06 35.97 10.63
C PRO J 63 8.04 34.82 9.63
N HIS J 64 8.48 35.04 8.40
CA HIS J 64 8.49 33.99 7.39
C HIS J 64 9.65 34.22 6.44
N PRO J 65 10.38 33.17 6.07
CA PRO J 65 11.45 33.35 5.07
C PRO J 65 10.95 33.77 3.70
N LEU J 66 9.68 33.55 3.40
CA LEU J 66 9.12 33.91 2.10
C LEU J 66 8.62 35.35 2.04
N ASN J 67 8.71 36.09 3.14
CA ASN J 67 8.48 37.53 3.15
C ASN J 67 9.77 38.20 3.58
N HIS J 68 10.22 39.16 2.77
CA HIS J 68 11.47 39.87 3.06
C HIS J 68 11.15 41.10 3.90
N ASN J 69 11.33 40.96 5.22
CA ASN J 69 11.13 42.04 6.17
C ASN J 69 11.50 41.48 7.53
N PHE J 70 11.53 42.34 8.53
CA PHE J 70 11.75 41.88 9.89
C PHE J 70 11.16 42.85 10.88
N ILE J 71 10.71 42.32 12.01
CA ILE J 71 10.12 43.08 13.09
C ILE J 71 11.15 43.21 14.20
N LEU J 72 11.19 44.39 14.82
CA LEU J 72 12.13 44.68 15.89
C LEU J 72 11.34 45.31 17.04
N ARG J 73 11.29 44.62 18.18
CA ARG J 73 10.61 45.13 19.35
C ARG J 73 11.65 45.65 20.34
N VAL J 74 11.49 46.92 20.75
CA VAL J 74 12.40 47.57 21.67
C VAL J 74 11.60 48.19 22.80
N GLN J 75 12.03 47.97 24.03
CA GLN J 75 11.45 48.58 25.21
C GLN J 75 12.54 49.28 26.01
N THR J 76 12.30 50.53 26.39
CA THR J 76 13.27 51.37 27.07
C THR J 76 12.77 51.72 28.47
N VAL J 77 13.66 52.35 29.23
CA VAL J 77 13.32 52.87 30.55
C VAL J 77 12.30 53.99 30.40
N GLU J 78 11.66 54.39 31.51
CA GLU J 78 10.58 55.36 31.43
C GLU J 78 11.07 56.73 30.99
N ASP J 79 12.35 57.04 31.17
CA ASP J 79 12.87 58.36 30.86
C ASP J 79 13.27 58.54 29.40
N CYS J 80 13.13 57.50 28.57
CA CYS J 80 13.55 57.57 27.18
C CYS J 80 12.50 56.90 26.31
N SER J 81 12.67 57.05 24.99
CA SER J 81 11.73 56.50 24.03
C SER J 81 12.40 55.44 23.16
N PRO J 82 11.66 54.43 22.69
CA PRO J 82 12.28 53.45 21.78
C PRO J 82 12.85 54.07 20.52
N LYS J 83 12.18 55.08 19.98
CA LYS J 83 12.63 55.70 18.74
C LYS J 83 13.98 56.37 18.93
N GLN J 84 14.16 57.06 20.05
CA GLN J 84 15.44 57.74 20.30
C GLN J 84 16.58 56.75 20.46
N VAL J 85 16.37 55.65 21.18
CA VAL J 85 17.43 54.67 21.34
C VAL J 85 17.74 54.00 20.00
N ILE J 86 16.72 53.73 19.20
CA ILE J 86 16.96 53.13 17.89
C ILE J 86 17.80 54.06 17.03
N VAL J 87 17.45 55.35 17.01
CA VAL J 87 18.19 56.32 16.20
C VAL J 87 19.62 56.45 16.71
N ASP J 88 19.80 56.48 18.03
CA ASP J 88 21.15 56.60 18.59
C ASP J 88 22.00 55.38 18.25
N ALA J 89 21.42 54.19 18.34
CA ALA J 89 22.16 52.98 17.95
C ALA J 89 22.52 53.01 16.48
N ALA J 90 21.59 53.46 15.62
CA ALA J 90 21.87 53.54 14.20
C ALA J 90 23.00 54.52 13.90
N LYS J 91 22.97 55.69 14.55
CA LYS J 91 24.04 56.66 14.37
C LYS J 91 25.38 56.11 14.86
N SER J 92 25.37 55.41 15.99
CA SER J 92 26.59 54.83 16.52
C SER J 92 27.15 53.78 15.56
N LEU J 93 26.27 52.97 14.97
CA LEU J 93 26.71 51.97 14.01
C LEU J 93 27.28 52.65 12.76
N ILE J 94 26.66 53.75 12.32
CA ILE J 94 27.18 54.45 11.16
C ILE J 94 28.59 54.94 11.43
N THR J 95 28.81 55.54 12.60
CA THR J 95 30.15 56.00 12.97
C THR J 95 31.13 54.83 13.04
N HIS J 96 30.71 53.73 13.67
CA HIS J 96 31.59 52.57 13.79
C HIS J 96 32.02 52.05 12.42
N LEU J 97 31.05 51.87 11.53
CA LEU J 97 31.37 51.42 10.18
C LEU J 97 32.29 52.41 9.50
N GLU J 98 32.16 53.70 9.82
CA GLU J 98 33.04 54.69 9.21
C GLU J 98 34.49 54.51 9.67
N GLU J 99 34.73 54.26 10.96
CA GLU J 99 36.11 53.93 11.34
C GLU J 99 36.58 52.63 10.70
N ILE J 100 35.71 51.62 10.63
CA ILE J 100 36.11 50.38 9.94
C ILE J 100 36.60 50.71 8.54
N LYS J 101 35.83 51.53 7.83
CA LYS J 101 36.16 51.89 6.46
C LYS J 101 37.48 52.63 6.38
N VAL J 102 37.64 53.67 7.19
CA VAL J 102 38.83 54.51 7.12
C VAL J 102 40.06 53.68 7.43
N ASN J 103 40.00 52.86 8.48
CA ASN J 103 41.17 52.09 8.87
C ASN J 103 41.47 51.01 7.85
N PHE J 104 40.44 50.41 7.24
CA PHE J 104 40.68 49.45 6.17
C PHE J 104 41.40 50.11 5.00
N MET J 105 40.94 51.28 4.59
CA MET J 105 41.56 51.95 3.45
C MET J 105 43.00 52.33 3.76
N ARG J 106 43.25 52.84 4.97
CA ARG J 106 44.62 53.18 5.34
C ARG J 106 45.52 51.95 5.33
N GLU J 107 45.05 50.85 5.93
CA GLU J 107 45.88 49.64 5.98
C GLU J 107 46.09 49.07 4.58
N TRP J 108 45.08 49.15 3.73
CA TRP J 108 45.22 48.67 2.36
C TRP J 108 46.26 49.47 1.60
N GLU J 109 46.24 50.80 1.75
CA GLU J 109 47.25 51.62 1.10
C GLU J 109 48.64 51.28 1.61
N LEU J 110 48.79 51.12 2.93
CA LEU J 110 50.10 50.76 3.47
C LEU J 110 50.56 49.42 2.92
N LYS J 111 49.68 48.43 2.90
CA LYS J 111 50.06 47.10 2.43
C LYS J 111 50.45 47.12 0.96
N MET J 112 49.69 47.85 0.13
CA MET J 112 50.04 47.95 -1.28
C MET J 112 51.38 48.66 -1.48
N ILE J 113 51.63 49.72 -0.72
CA ILE J 113 52.94 50.37 -0.79
C ILE J 113 54.04 49.38 -0.42
N SER J 114 53.77 48.53 0.58
CA SER J 114 54.74 47.50 0.96
C SER J 114 54.97 46.52 -0.19
N VAL J 115 53.91 46.16 -0.91
CA VAL J 115 54.06 45.25 -2.05
C VAL J 115 55.04 45.82 -3.06
N GLU J 116 54.87 47.10 -3.41
CA GLU J 116 55.78 47.75 -4.34
C GLU J 116 57.17 47.91 -3.72
N THR K 19 8.51 30.27 -51.61
CA THR K 19 7.54 30.30 -50.53
C THR K 19 8.20 29.86 -49.21
N MET K 20 8.01 28.59 -48.84
CA MET K 20 8.57 28.05 -47.61
C MET K 20 9.89 27.35 -47.92
N ILE K 21 10.90 27.63 -47.12
CA ILE K 21 12.23 27.05 -47.28
C ILE K 21 12.47 26.08 -46.14
N TYR K 22 12.93 24.88 -46.47
CA TYR K 22 13.29 23.87 -45.50
C TYR K 22 14.76 23.49 -45.68
N LEU K 23 15.29 22.74 -44.73
CA LEU K 23 16.69 22.35 -44.74
C LEU K 23 16.81 20.84 -44.85
N CYS K 24 17.60 20.38 -45.82
CA CYS K 24 17.79 18.95 -46.02
C CYS K 24 18.45 18.40 -44.77
N ALA K 25 17.80 17.43 -44.12
CA ALA K 25 18.31 16.97 -42.83
C ALA K 25 19.72 16.40 -42.94
N ASP K 26 20.16 16.06 -44.14
CA ASP K 26 21.55 15.67 -44.39
C ASP K 26 22.40 16.83 -44.87
N CYS K 27 22.01 17.48 -45.97
CA CYS K 27 22.78 18.64 -46.45
C CYS K 27 22.69 19.79 -45.47
N GLY K 28 21.48 20.10 -45.01
CA GLY K 28 21.18 21.43 -44.52
C GLY K 28 20.92 22.42 -45.62
N ALA K 29 20.72 21.96 -46.84
CA ALA K 29 20.55 22.83 -47.99
C ALA K 29 19.12 23.37 -48.06
N ARG K 30 19.01 24.62 -48.49
CA ARG K 30 17.73 25.32 -48.53
C ARG K 30 16.92 24.79 -49.71
N ASN K 31 15.74 24.24 -49.43
CA ASN K 31 14.85 23.71 -50.45
C ASN K 31 13.55 24.49 -50.42
N THR K 32 13.13 25.00 -51.58
CA THR K 32 11.93 25.83 -51.69
C THR K 32 10.78 24.94 -52.17
N ILE K 33 10.22 24.16 -51.25
CA ILE K 33 9.07 23.34 -51.57
C ILE K 33 7.87 24.21 -51.86
N GLN K 34 7.01 23.75 -52.76
CA GLN K 34 5.81 24.47 -53.17
C GLN K 34 4.58 23.66 -52.78
N ALA K 35 3.41 24.14 -53.21
CA ALA K 35 2.15 23.51 -52.86
C ALA K 35 2.07 22.09 -53.43
N LYS K 36 1.88 21.12 -52.54
CA LYS K 36 1.71 19.72 -52.91
C LYS K 36 2.86 19.24 -53.79
N GLU K 37 4.05 19.24 -53.22
CA GLU K 37 5.24 18.67 -53.83
C GLU K 37 5.88 17.68 -52.88
N VAL K 38 6.40 16.58 -53.44
CA VAL K 38 7.07 15.59 -52.61
C VAL K 38 8.16 16.24 -51.81
N ILE K 39 8.27 15.87 -50.53
CA ILE K 39 9.30 16.39 -49.65
C ILE K 39 10.57 15.60 -49.94
N ARG K 40 11.50 16.20 -50.68
CA ARG K 40 12.74 15.52 -51.05
C ARG K 40 13.84 16.54 -51.21
N CYS K 41 15.09 16.09 -51.06
CA CYS K 41 16.25 16.97 -51.09
C CYS K 41 16.83 16.91 -52.50
N ARG K 42 17.16 18.05 -53.07
CA ARG K 42 17.52 18.08 -54.49
C ARG K 42 19.02 17.90 -54.72
N GLU K 43 19.84 17.90 -53.68
CA GLU K 43 21.21 17.41 -53.75
C GLU K 43 21.41 16.15 -52.94
N CYS K 44 20.42 15.77 -52.15
CA CYS K 44 20.51 14.71 -51.15
C CYS K 44 19.26 13.87 -50.96
N GLY K 45 18.24 14.02 -51.80
CA GLY K 45 17.18 13.03 -51.89
C GLY K 45 16.51 12.70 -50.57
N HIS K 46 16.94 13.35 -49.50
CA HIS K 46 16.44 13.05 -48.17
C HIS K 46 14.99 13.49 -48.07
N ARG K 47 14.15 12.65 -47.52
CA ARG K 47 12.73 12.93 -47.42
C ARG K 47 12.37 13.56 -46.08
N VAL K 48 13.35 13.93 -45.28
CA VAL K 48 13.15 14.62 -44.00
C VAL K 48 13.82 15.98 -44.10
N MET K 49 13.04 17.05 -43.88
CA MET K 49 13.58 18.39 -43.82
C MET K 49 13.03 19.10 -42.60
N TYR K 50 13.69 20.21 -42.24
CA TYR K 50 13.34 20.98 -41.06
C TYR K 50 12.96 22.39 -41.45
N LYS K 51 12.05 22.99 -40.67
CA LYS K 51 11.73 24.40 -40.85
C LYS K 51 12.90 25.26 -40.40
N MET K 52 12.85 26.53 -40.79
CA MET K 52 13.89 27.49 -40.46
C MET K 52 13.45 28.38 -39.31
N ARG K 53 14.44 28.90 -38.59
CA ARG K 53 14.19 29.73 -37.43
C ARG K 53 13.27 30.89 -37.78
N THR K 54 12.27 31.12 -36.94
CA THR K 54 11.31 32.18 -37.17
C THR K 54 12.02 33.53 -37.33
N LYS K 55 11.31 34.47 -37.94
CA LYS K 55 11.79 35.84 -38.07
C LYS K 55 11.42 36.71 -36.88
N ARG K 56 10.57 36.22 -36.00
CA ARG K 56 10.17 36.99 -34.81
C ARG K 56 11.38 37.28 -33.93
N MET K 57 11.21 38.27 -33.06
CA MET K 57 12.27 38.64 -32.14
C MET K 57 12.37 37.60 -31.03
N VAL K 58 13.60 37.24 -30.70
CA VAL K 58 13.89 36.23 -29.67
C VAL K 58 14.70 36.90 -28.58
N GLN K 59 14.13 37.01 -27.39
CA GLN K 59 14.80 37.62 -26.26
C GLN K 59 14.77 36.67 -25.07
N PHE K 60 15.93 36.47 -24.47
CA PHE K 60 16.06 35.65 -23.27
C PHE K 60 16.80 36.44 -22.20
N GLU K 61 16.27 36.40 -20.98
CA GLU K 61 16.97 36.98 -19.84
C GLU K 61 17.95 35.96 -19.28
N ALA K 62 19.11 36.45 -18.87
CA ALA K 62 20.26 35.58 -18.60
C ALA K 62 20.31 35.12 -17.16
N ARG K 63 19.14 34.98 -16.53
CA ARG K 63 19.06 34.54 -15.15
C ARG K 63 18.46 33.13 -15.08
N ARG L 858 -13.49 43.15 -30.55
CA ARG L 858 -12.23 42.54 -30.95
C ARG L 858 -11.10 43.57 -30.83
N ASP L 859 -10.33 43.46 -29.76
CA ASP L 859 -9.21 44.38 -29.55
C ASP L 859 -8.16 44.20 -30.63
N LYS L 860 -7.55 45.31 -31.05
CA LYS L 860 -6.49 45.26 -32.04
C LYS L 860 -5.12 45.01 -31.41
N ALA L 861 -5.01 45.12 -30.10
CA ALA L 861 -3.72 44.91 -29.44
C ALA L 861 -3.39 43.43 -29.33
N ILE L 862 -4.40 42.57 -29.16
CA ILE L 862 -4.13 41.15 -28.93
C ILE L 862 -3.35 40.58 -30.11
N GLY L 863 -2.32 39.79 -29.79
CA GLY L 863 -1.45 39.23 -30.78
C GLY L 863 -0.31 40.13 -31.20
N ALA L 864 -0.19 41.32 -30.63
CA ALA L 864 0.82 42.29 -31.02
C ALA L 864 2.04 42.15 -30.12
N THR L 865 3.22 42.10 -30.74
CA THR L 865 4.46 42.07 -29.97
C THR L 865 4.66 43.39 -29.24
N VAL L 866 5.13 43.31 -28.00
CA VAL L 866 5.25 44.47 -27.13
C VAL L 866 6.45 44.29 -26.23
N ARG L 867 7.02 45.41 -25.80
CA ARG L 867 8.03 45.45 -24.75
C ARG L 867 7.49 46.28 -23.59
N ILE L 868 7.99 45.99 -22.40
CA ILE L 868 7.51 46.66 -21.19
C ILE L 868 8.26 47.99 -21.05
N ARG L 869 7.50 49.09 -20.97
CA ARG L 869 8.10 50.42 -20.92
C ARG L 869 8.65 50.73 -19.54
N ARG L 870 7.78 50.74 -18.53
CA ARG L 870 8.14 51.18 -17.19
C ARG L 870 7.71 50.14 -16.17
N GLY L 871 8.44 50.10 -15.06
CA GLY L 871 8.18 49.13 -14.02
C GLY L 871 9.38 48.24 -13.79
N PRO L 872 9.28 47.33 -12.82
CA PRO L 872 10.41 46.43 -12.54
C PRO L 872 10.75 45.52 -13.69
N MET L 873 9.80 45.20 -14.55
CA MET L 873 10.01 44.31 -15.70
C MET L 873 10.18 45.08 -16.99
N LYS L 874 10.76 46.27 -16.92
CA LYS L 874 10.99 47.07 -18.13
C LYS L 874 12.06 46.42 -18.99
N GLY L 875 11.81 46.41 -20.30
CA GLY L 875 12.75 45.87 -21.26
C GLY L 875 12.50 44.45 -21.71
N LEU L 876 11.44 43.81 -21.22
CA LEU L 876 11.14 42.43 -21.56
C LEU L 876 10.17 42.37 -22.72
N LEU L 877 10.45 41.48 -23.66
CA LEU L 877 9.62 41.26 -24.84
C LEU L 877 8.48 40.31 -24.54
N GLY L 878 7.40 40.45 -25.29
CA GLY L 878 6.26 39.58 -25.09
C GLY L 878 5.20 39.86 -26.13
N VAL L 879 4.16 39.02 -26.09
CA VAL L 879 3.03 39.09 -27.02
C VAL L 879 1.76 39.16 -26.20
N ILE L 880 0.88 40.10 -26.56
CA ILE L 880 -0.36 40.30 -25.83
C ILE L 880 -1.31 39.16 -26.17
N LYS L 881 -1.48 38.21 -25.23
CA LYS L 881 -2.44 37.14 -25.44
C LYS L 881 -3.87 37.63 -25.26
N ASP L 882 -4.11 38.44 -24.22
CA ASP L 882 -5.46 38.91 -23.95
C ASP L 882 -5.41 40.38 -23.59
N THR L 883 -6.58 41.02 -23.58
CA THR L 883 -6.64 42.44 -23.27
C THR L 883 -7.99 42.78 -22.67
N THR L 884 -7.96 43.34 -21.47
CA THR L 884 -9.11 44.02 -20.89
C THR L 884 -9.02 45.50 -21.23
N ASP L 885 -10.03 46.26 -20.81
CA ASP L 885 -10.04 47.68 -21.11
C ASP L 885 -8.82 48.38 -20.53
N ALA L 886 -8.38 47.97 -19.34
CA ALA L 886 -7.30 48.64 -18.63
C ALA L 886 -5.94 47.96 -18.85
N ASN L 887 -5.86 46.67 -18.55
CA ASN L 887 -4.60 45.93 -18.60
C ASN L 887 -4.62 44.92 -19.75
N ALA L 888 -3.43 44.57 -20.21
CA ALA L 888 -3.22 43.54 -21.22
C ALA L 888 -2.47 42.38 -20.59
N ARG L 889 -2.98 41.16 -20.83
CA ARG L 889 -2.33 39.95 -20.36
C ARG L 889 -1.34 39.49 -21.42
N VAL L 890 -0.07 39.42 -21.04
CA VAL L 890 1.05 39.40 -21.97
C VAL L 890 1.90 38.17 -21.69
N GLU L 891 2.33 37.51 -22.76
CA GLU L 891 3.13 36.30 -22.71
C GLU L 891 4.59 36.66 -22.95
N LEU L 892 5.37 36.72 -21.88
CA LEU L 892 6.78 37.05 -22.01
C LEU L 892 7.55 35.91 -22.65
N HIS L 893 8.58 36.27 -23.40
CA HIS L 893 9.35 35.27 -24.15
C HIS L 893 10.28 34.46 -23.26
N THR L 894 10.56 34.94 -22.05
CA THR L 894 11.55 34.30 -21.20
C THR L 894 10.90 33.56 -20.04
N GLY L 895 11.51 32.44 -19.66
CA GLY L 895 11.10 31.75 -18.45
C GLY L 895 9.65 31.35 -18.41
N ASN L 896 9.05 31.14 -19.58
CA ASN L 896 7.64 30.76 -19.65
C ASN L 896 6.76 31.70 -18.85
N LYS L 897 7.22 32.93 -18.63
CA LYS L 897 6.54 33.87 -17.76
C LYS L 897 5.26 34.37 -18.42
N MET L 898 4.31 34.79 -17.58
CA MET L 898 3.04 35.32 -18.04
C MET L 898 2.65 36.42 -17.08
N VAL L 899 2.32 37.62 -17.59
CA VAL L 899 2.12 38.79 -16.75
C VAL L 899 0.85 39.51 -17.17
N THR L 900 0.43 40.45 -16.32
CA THR L 900 -0.60 41.43 -16.66
C THR L 900 0.03 42.80 -16.51
N ILE L 901 0.03 43.58 -17.59
CA ILE L 901 0.70 44.87 -17.62
C ILE L 901 -0.26 45.91 -18.15
N PRO L 902 -0.33 47.11 -17.58
CA PRO L 902 -1.23 48.13 -18.14
C PRO L 902 -0.83 48.45 -19.58
N LYS L 903 -1.85 48.65 -20.43
CA LYS L 903 -1.58 48.94 -21.83
C LYS L 903 -0.70 50.17 -21.98
N GLU L 904 -0.85 51.13 -21.08
CA GLU L 904 -0.05 52.36 -21.13
C GLU L 904 1.41 52.11 -20.79
N ASN L 905 1.75 50.94 -20.26
CA ASN L 905 3.10 50.62 -19.83
C ASN L 905 3.88 49.85 -20.88
N LEU L 906 3.37 49.73 -22.09
CA LEU L 906 3.95 48.87 -23.12
C LEU L 906 4.27 49.66 -24.38
N LEU L 907 5.52 49.56 -24.83
CA LEU L 907 5.89 49.97 -26.16
C LEU L 907 5.47 48.90 -27.15
N TYR L 908 4.90 49.30 -28.27
CA TYR L 908 4.42 48.35 -29.27
C TYR L 908 5.35 48.31 -30.47
N THR L 909 5.59 47.12 -30.99
CA THR L 909 6.50 46.91 -32.11
C THR L 909 5.71 46.91 -33.41
N THR L 910 6.17 47.71 -34.38
CA THR L 910 5.51 47.83 -35.66
C THR L 910 6.20 46.93 -36.69
N LYS L 911 5.74 47.02 -37.94
CA LYS L 911 6.30 46.18 -39.00
C LYS L 911 7.71 46.59 -39.39
N THR L 912 8.08 47.86 -39.16
CA THR L 912 9.38 48.37 -39.56
C THR L 912 10.42 48.30 -38.44
N GLY L 913 10.09 47.69 -37.31
CA GLY L 913 10.99 47.60 -36.20
C GLY L 913 10.94 48.75 -35.22
N GLU L 914 10.01 49.68 -35.39
CA GLU L 914 9.88 50.81 -34.48
C GLU L 914 9.10 50.41 -33.23
N LEU L 915 9.34 51.14 -32.15
CA LEU L 915 8.58 51.01 -30.91
C LEU L 915 7.75 52.27 -30.71
N ILE L 916 6.44 52.09 -30.53
CA ILE L 916 5.52 53.21 -30.43
C ILE L 916 4.78 53.13 -29.11
N SER L 917 4.28 54.28 -28.67
CA SER L 917 3.54 54.36 -27.42
C SER L 917 2.13 53.81 -27.62
N TYR L 918 1.40 53.71 -26.51
CA TYR L 918 0.03 53.22 -26.58
C TYR L 918 -0.87 54.19 -27.34
N THR L 919 -0.83 55.47 -26.96
CA THR L 919 -1.67 56.45 -27.65
C THR L 919 -1.32 56.51 -29.13
N GLU L 920 -0.03 56.42 -29.45
CA GLU L 920 0.37 56.32 -30.85
C GLU L 920 -0.25 55.10 -31.50
N PHE L 921 -0.36 53.99 -30.76
CA PHE L 921 -0.95 52.78 -31.32
C PHE L 921 -2.44 52.99 -31.64
N ILE L 922 -3.18 53.62 -30.73
CA ILE L 922 -4.59 53.90 -31.03
C ILE L 922 -4.70 54.86 -32.21
N GLU L 923 -3.87 55.91 -32.23
CA GLU L 923 -3.94 56.86 -33.34
C GLU L 923 -3.61 56.19 -34.67
N ARG L 924 -2.74 55.17 -34.65
CA ARG L 924 -2.44 54.42 -35.86
C ARG L 924 -3.58 53.49 -36.24
N SER L 925 -4.25 52.90 -35.24
CA SER L 925 -5.30 51.93 -35.52
C SER L 925 -6.57 52.60 -36.02
N ARG L 926 -6.85 53.82 -35.56
CA ARG L 926 -8.06 54.51 -36.00
C ARG L 926 -8.12 54.64 -37.51
N GLY L 927 -6.97 54.81 -38.16
CA GLY L 927 -6.92 54.90 -39.60
C GLY L 927 -7.30 56.26 -40.17
N ILE L 928 -7.54 57.26 -39.33
CA ILE L 928 -7.86 58.59 -39.82
C ILE L 928 -6.61 59.23 -40.40
N ARG L 929 -6.75 59.79 -41.61
CA ARG L 929 -5.62 60.44 -42.27
C ARG L 929 -6.11 61.24 -43.48
N LEU P 481 30.25 -8.15 -44.24
CA LEU P 481 29.03 -7.41 -43.98
C LEU P 481 29.35 -5.99 -43.54
N GLY P 482 30.36 -5.85 -42.69
CA GLY P 482 30.77 -4.52 -42.25
C GLY P 482 31.16 -3.63 -43.42
N ALA P 483 31.94 -4.16 -44.36
CA ALA P 483 32.32 -3.38 -45.53
C ALA P 483 31.11 -3.02 -46.37
N THR P 484 30.19 -3.96 -46.54
CA THR P 484 28.98 -3.67 -47.31
C THR P 484 28.14 -2.61 -46.62
N ASN P 485 28.01 -2.69 -45.30
CA ASN P 485 27.27 -1.67 -44.56
C ASN P 485 27.94 -0.31 -44.70
N ARG P 486 29.27 -0.26 -44.62
CA ARG P 486 29.98 0.99 -44.83
C ARG P 486 29.70 1.55 -46.21
N GLU P 487 29.75 0.69 -47.23
CA GLU P 487 29.50 1.14 -48.59
C GLU P 487 28.08 1.70 -48.73
N LEU P 488 27.11 1.02 -48.14
CA LEU P 488 25.72 1.48 -48.24
C LEU P 488 25.50 2.78 -47.48
N ILE P 489 26.19 2.97 -46.36
CA ILE P 489 25.99 4.19 -45.56
C ILE P 489 26.59 5.38 -46.27
N ASN P 490 27.83 5.27 -46.73
CA ASN P 490 28.54 6.40 -47.30
C ASN P 490 27.88 6.92 -48.57
N ASN P 491 27.38 6.02 -49.43
CA ASN P 491 26.83 6.40 -50.72
C ASN P 491 25.31 6.55 -50.68
N ARG P 492 24.75 6.77 -49.50
CA ARG P 492 23.29 6.89 -49.40
C ARG P 492 22.79 8.06 -50.23
N ALA P 493 23.60 9.10 -50.41
CA ALA P 493 23.21 10.20 -51.29
C ALA P 493 23.23 9.77 -52.75
N ALA P 494 24.31 9.12 -53.18
CA ALA P 494 24.39 8.64 -54.55
C ALA P 494 23.33 7.58 -54.83
N ASN P 495 23.17 6.62 -53.92
CA ASN P 495 22.16 5.58 -54.06
C ASN P 495 20.81 6.06 -53.58
N ARG P 496 20.35 7.19 -54.13
CA ARG P 496 19.09 7.78 -53.73
C ARG P 496 18.70 8.91 -54.68
#